data_7Z6E
#
_entry.id   7Z6E
#
_cell.length_a   69.142
_cell.length_b   97.467
_cell.length_c   131.413
_cell.angle_alpha   81.380
_cell.angle_beta   77.766
_cell.angle_gamma   80.394
#
_symmetry.space_group_name_H-M   'P 1'
#
loop_
_entity.id
_entity.type
_entity.pdbx_description
1 polymer 'Serine/threonine-protein kinase mrck-1'
2 non-polymer 'ZINC ION'
3 water water
#
_entity_poly.entity_id   1
_entity_poly.type   'polypeptide(L)'
_entity_poly.pdbx_seq_one_letter_code
;ARERGHNFERMKIKTPTKCGHCTSILIGLDRQGLFCQSCQYACHVSCAERVSQSCPVPEEERRPLGIDPTRGVGTAYEGL
VKTPRAGGVRKGWQTAYVVVCDFKLYLYDCTVDRQNKMQDVKNEIRLVLDMRDPDFTVCGVSEADVIHAQKGDIPKIFRV
TTTQILNSSSEYSSSSKFYTLFMAETEEEKRKWVVALSELKTLLRRSKLADRKAFLVKEVFDVTTLPSIRVAQCCAIIDR
SKIVIGFSDHGLYCIEISRQLLIPVGGEKENKQRCVETVEYDEAEQLLMMIVGPAKDRHVRIVPSAALDGRDLKWIKVND
TKGCHLLAVGTNNPGGRAGFFAVAFKKSVTIFQIDRSEKRHKKWKDLAMPGTPQSIAIFNGRLYVGFSHSFRSWSLVGVD
SSPVGSGDASGAVLQHISLVNMEDTSLQFLNQQTSYEAKLIVNVPGSPDEYLLVFNMIGLYVNEMGRRSRLPEVMFPTQA
KYFAYHEPYLCVFSENEVDIFNVTLAEWVQTINLRSAKPLSGDGILSTCLCNDSPIFVLLQNVLQDQDSIEVPVNLASGS
TDGRKVTRRKFTFRTIGKDDRS
;
_entity_poly.pdbx_strand_id   A,B,C,D,E
#
# COMPACT_ATOMS: atom_id res chain seq x y z
N GLY A 5 28.19 45.09 -24.86
CA GLY A 5 28.39 43.80 -24.21
C GLY A 5 28.69 43.87 -22.73
N HIS A 6 28.69 42.72 -22.05
CA HIS A 6 28.85 42.69 -20.59
C HIS A 6 30.12 43.39 -20.13
N ASN A 7 30.08 43.90 -18.91
CA ASN A 7 31.24 44.50 -18.25
C ASN A 7 31.58 43.63 -17.05
N PHE A 8 32.15 42.47 -17.33
CA PHE A 8 32.46 41.53 -16.28
C PHE A 8 33.57 42.05 -15.39
N GLU A 9 33.49 41.69 -14.11
CA GLU A 9 34.53 41.98 -13.13
C GLU A 9 34.61 40.79 -12.18
N ARG A 10 35.84 40.43 -11.77
CA ARG A 10 36.02 39.40 -10.77
C ARG A 10 35.38 39.84 -9.47
N MET A 11 34.63 38.94 -8.85
CA MET A 11 33.77 39.31 -7.74
C MET A 11 33.93 38.33 -6.58
N LYS A 12 34.00 38.87 -5.38
CA LYS A 12 33.87 38.06 -4.17
C LYS A 12 32.38 37.83 -3.94
N ILE A 13 31.94 36.59 -4.12
CA ILE A 13 30.55 36.23 -3.87
C ILE A 13 30.35 36.03 -2.38
N LYS A 14 29.33 36.69 -1.81
CA LYS A 14 29.12 36.74 -0.37
C LYS A 14 28.16 35.68 0.13
N THR A 15 27.39 35.07 -0.75
CA THR A 15 26.32 34.18 -0.35
C THR A 15 26.24 33.07 -1.39
N PRO A 16 25.77 31.87 -1.03
CA PRO A 16 25.69 30.79 -2.03
C PRO A 16 24.84 31.21 -3.22
N THR A 17 25.43 31.15 -4.43
CA THR A 17 24.88 31.80 -5.62
C THR A 17 25.04 30.91 -6.84
N LYS A 18 23.96 30.70 -7.58
CA LYS A 18 24.01 29.88 -8.78
C LYS A 18 24.63 30.61 -9.96
N CYS A 19 25.49 29.92 -10.70
CA CYS A 19 25.96 30.44 -11.98
C CYS A 19 24.76 30.70 -12.88
N GLY A 20 24.69 31.90 -13.44
CA GLY A 20 23.59 32.17 -14.34
C GLY A 20 23.63 31.36 -15.62
N HIS A 21 24.79 30.80 -15.95
CA HIS A 21 24.84 30.02 -17.18
C HIS A 21 24.64 28.53 -16.94
N CYS A 22 25.22 27.94 -15.90
CA CYS A 22 25.11 26.51 -15.70
C CYS A 22 24.33 26.12 -14.46
N THR A 23 24.00 27.09 -13.60
CA THR A 23 23.21 26.98 -12.36
C THR A 23 23.98 26.35 -11.20
N SER A 24 25.21 25.91 -11.39
CA SER A 24 26.00 25.42 -10.27
C SER A 24 26.37 26.57 -9.33
N ILE A 25 26.42 26.24 -8.03
CA ILE A 25 26.87 27.22 -7.04
C ILE A 25 28.28 27.66 -7.38
N LEU A 26 28.54 28.97 -7.25
CA LEU A 26 29.87 29.55 -7.41
C LEU A 26 30.63 29.35 -6.10
N ILE A 27 31.23 28.17 -5.95
CA ILE A 27 31.95 27.87 -4.70
C ILE A 27 33.26 28.63 -4.64
N GLY A 28 33.78 28.77 -3.43
CA GLY A 28 35.12 29.32 -3.26
C GLY A 28 35.20 30.31 -2.12
N LEU A 29 36.41 30.78 -1.82
CA LEU A 29 36.65 31.72 -0.73
C LEU A 29 36.88 33.14 -1.22
N ASP A 30 37.14 33.33 -2.50
CA ASP A 30 37.42 34.65 -3.07
C ASP A 30 37.35 34.52 -4.58
N ARG A 31 37.06 35.64 -5.23
CA ARG A 31 36.97 35.74 -6.68
C ARG A 31 36.28 34.52 -7.31
N GLN A 32 35.05 34.22 -6.83
CA GLN A 32 34.42 32.95 -7.17
C GLN A 32 33.78 32.95 -8.56
N GLY A 33 33.48 34.12 -9.09
CA GLY A 33 32.96 34.19 -10.43
C GLY A 33 33.10 35.58 -10.97
N LEU A 34 32.51 35.77 -12.14
CA LEU A 34 32.43 37.07 -12.78
C LEU A 34 31.03 37.64 -12.55
N PHE A 35 30.96 38.97 -12.44
CA PHE A 35 29.73 39.70 -12.18
C PHE A 35 29.67 40.88 -13.13
N CYS A 36 28.50 41.11 -13.72
CA CYS A 36 28.41 42.10 -14.79
C CYS A 36 28.11 43.51 -14.30
N GLN A 37 27.21 43.68 -13.35
CA GLN A 37 26.92 45.02 -12.82
C GLN A 37 26.07 45.86 -13.78
N SER A 38 26.26 45.70 -15.10
CA SER A 38 25.35 46.32 -16.04
C SER A 38 23.98 45.64 -16.05
N CYS A 39 23.95 44.33 -15.83
CA CYS A 39 22.72 43.55 -15.84
C CYS A 39 22.62 42.61 -14.65
N GLN A 40 23.61 42.59 -13.74
CA GLN A 40 23.61 41.81 -12.50
C GLN A 40 23.88 40.33 -12.73
N TYR A 41 24.40 39.94 -13.89
CA TYR A 41 24.64 38.54 -14.18
C TYR A 41 25.89 38.05 -13.44
N ALA A 42 25.80 36.88 -12.80
CA ALA A 42 26.95 36.26 -12.13
C ALA A 42 27.20 34.89 -12.73
N CYS A 43 28.48 34.53 -12.94
CA CYS A 43 28.78 33.25 -13.58
C CYS A 43 30.23 32.84 -13.35
N HIS A 44 30.47 31.53 -13.49
CA HIS A 44 31.82 30.99 -13.47
C HIS A 44 32.65 31.65 -14.56
N VAL A 45 33.92 31.90 -14.26
CA VAL A 45 34.87 32.39 -15.25
C VAL A 45 34.88 31.49 -16.48
N SER A 46 34.88 30.18 -16.27
CA SER A 46 34.89 29.28 -17.41
C SER A 46 33.55 29.27 -18.14
N CYS A 47 32.46 29.68 -17.49
CA CYS A 47 31.16 29.73 -18.15
C CYS A 47 30.97 31.01 -18.96
N ALA A 48 31.65 32.09 -18.56
CA ALA A 48 31.50 33.37 -19.24
C ALA A 48 31.73 33.26 -20.74
N GLU A 49 32.67 32.41 -21.15
CA GLU A 49 33.02 32.34 -22.57
C GLU A 49 31.88 31.86 -23.45
N ARG A 50 30.85 31.24 -22.86
CA ARG A 50 29.71 30.75 -23.61
C ARG A 50 28.42 31.49 -23.29
N VAL A 51 28.47 32.51 -22.42
CA VAL A 51 27.30 33.34 -22.20
C VAL A 51 27.07 34.25 -23.40
N SER A 52 25.80 34.49 -23.70
CA SER A 52 25.43 35.44 -24.75
C SER A 52 26.11 36.78 -24.49
N GLN A 53 26.54 37.43 -25.57
CA GLN A 53 27.24 38.70 -25.43
C GLN A 53 26.31 39.89 -25.33
N SER A 54 25.13 39.81 -25.94
CA SER A 54 24.09 40.80 -25.70
C SER A 54 23.78 40.88 -24.22
N CYS A 55 23.84 42.11 -23.66
CA CYS A 55 24.09 42.20 -22.23
C CYS A 55 22.82 41.88 -21.43
N PRO A 56 21.75 42.69 -21.47
CA PRO A 56 20.53 42.24 -20.80
C PRO A 56 19.96 41.04 -21.53
N VAL A 57 20.35 39.83 -21.11
CA VAL A 57 19.99 38.62 -21.87
C VAL A 57 18.47 38.44 -21.82
N PRO A 58 17.82 37.94 -22.89
CA PRO A 58 16.38 37.64 -22.91
C PRO A 58 15.96 36.67 -21.80
N ILE A 67 20.03 19.04 -12.16
CA ILE A 67 21.39 18.59 -12.46
C ILE A 67 21.50 17.98 -13.86
N ASP A 68 22.31 18.61 -14.71
CA ASP A 68 22.60 18.07 -16.05
C ASP A 68 23.24 16.70 -15.89
N PRO A 69 22.54 15.62 -16.23
CA PRO A 69 23.03 14.28 -15.89
C PRO A 69 24.32 13.88 -16.62
N THR A 70 24.63 14.47 -17.76
CA THR A 70 25.89 14.25 -18.45
C THR A 70 26.72 15.52 -18.34
N ARG A 71 27.96 15.36 -17.84
CA ARG A 71 28.88 16.40 -17.34
C ARG A 71 28.64 16.59 -15.85
N GLY A 72 27.45 16.25 -15.38
CA GLY A 72 27.12 16.26 -13.95
C GLY A 72 27.10 17.63 -13.29
N VAL A 73 26.33 18.57 -13.84
CA VAL A 73 26.38 19.97 -13.46
C VAL A 73 24.97 20.49 -13.24
N GLY A 74 24.77 21.23 -12.15
CA GLY A 74 23.53 21.94 -11.91
C GLY A 74 23.04 21.86 -10.48
N THR A 75 22.41 22.95 -10.01
CA THR A 75 21.77 22.93 -8.70
C THR A 75 20.39 22.31 -8.80
N ALA A 76 20.11 21.35 -7.90
CA ALA A 76 18.86 20.60 -7.87
C ALA A 76 17.93 21.00 -6.72
N TYR A 77 18.45 21.20 -5.51
CA TYR A 77 17.62 21.59 -4.38
C TYR A 77 18.38 22.61 -3.55
N GLU A 78 17.63 23.45 -2.83
CA GLU A 78 18.17 24.49 -1.95
C GLU A 78 17.20 24.60 -0.77
N GLY A 79 17.58 24.07 0.38
CA GLY A 79 16.64 23.97 1.48
C GLY A 79 17.31 24.10 2.84
N LEU A 80 16.48 24.09 3.87
CA LEU A 80 16.90 24.16 5.27
C LEU A 80 16.70 22.81 5.94
N VAL A 81 17.68 22.38 6.73
CA VAL A 81 17.59 21.17 7.54
C VAL A 81 18.29 21.44 8.87
N LYS A 82 18.11 20.53 9.81
CA LYS A 82 18.85 20.55 11.06
C LYS A 82 19.91 19.46 11.01
N THR A 83 20.97 19.66 11.76
CA THR A 83 22.12 18.77 11.72
C THR A 83 22.83 18.92 13.06
N PRO A 84 23.43 17.86 13.59
CA PRO A 84 24.01 17.94 14.93
C PRO A 84 25.15 18.96 14.97
N ARG A 85 25.27 19.61 16.11
CA ARG A 85 26.43 20.43 16.39
C ARG A 85 27.69 19.57 16.40
N ALA A 86 28.84 20.22 16.21
CA ALA A 86 30.13 19.54 16.34
C ALA A 86 30.21 18.82 17.68
N GLY A 87 30.14 17.48 17.65
CA GLY A 87 30.19 16.70 18.87
C GLY A 87 29.11 15.64 19.03
N GLY A 88 27.96 15.83 18.39
CA GLY A 88 26.93 14.81 18.42
C GLY A 88 25.49 15.26 18.68
N VAL A 89 24.57 14.31 18.58
CA VAL A 89 23.15 14.59 18.74
C VAL A 89 22.81 14.94 20.18
N ARG A 90 23.56 14.41 21.14
CA ARG A 90 23.26 14.62 22.55
C ARG A 90 23.26 16.09 22.92
N LYS A 91 24.03 16.92 22.20
CA LYS A 91 24.13 18.35 22.51
C LYS A 91 23.14 19.20 21.72
N GLY A 92 22.41 18.61 20.77
CA GLY A 92 21.36 19.34 20.10
C GLY A 92 21.59 19.53 18.61
N TRP A 93 20.51 19.85 17.91
CA TRP A 93 20.55 20.13 16.49
C TRP A 93 20.59 21.63 16.24
N GLN A 94 21.13 22.01 15.09
CA GLN A 94 21.21 23.40 14.69
C GLN A 94 20.77 23.51 13.24
N THR A 95 20.12 24.61 12.89
CA THR A 95 19.63 24.77 11.54
C THR A 95 20.79 25.08 10.61
N ALA A 96 20.87 24.33 9.52
CA ALA A 96 21.88 24.56 8.50
C ALA A 96 21.18 24.65 7.14
N TYR A 97 21.92 25.17 6.17
CA TYR A 97 21.45 25.38 4.81
C TYR A 97 22.13 24.37 3.90
N VAL A 98 21.34 23.56 3.18
CA VAL A 98 21.84 22.51 2.32
C VAL A 98 21.55 22.85 0.87
N VAL A 99 22.54 22.68 0.00
CA VAL A 99 22.37 22.82 -1.44
C VAL A 99 22.79 21.52 -2.10
N VAL A 100 21.94 20.96 -2.96
CA VAL A 100 22.32 19.80 -3.76
C VAL A 100 22.72 20.31 -5.13
N CYS A 101 23.98 20.05 -5.50
CA CYS A 101 24.55 20.65 -6.69
C CYS A 101 25.65 19.75 -7.25
N ASP A 102 25.64 19.52 -8.57
CA ASP A 102 26.71 18.76 -9.22
C ASP A 102 26.80 17.34 -8.65
N PHE A 103 25.67 16.79 -8.23
CA PHE A 103 25.61 15.48 -7.58
C PHE A 103 26.39 15.49 -6.26
N LYS A 104 26.38 16.63 -5.57
CA LYS A 104 27.00 16.78 -4.26
C LYS A 104 26.02 17.45 -3.30
N LEU A 105 26.16 17.16 -2.02
CA LEU A 105 25.49 17.93 -0.97
C LEU A 105 26.46 18.96 -0.41
N TYR A 106 26.06 20.23 -0.46
CA TYR A 106 26.82 21.33 0.15
C TYR A 106 26.13 21.72 1.44
N LEU A 107 26.81 21.55 2.57
CA LEU A 107 26.29 21.97 3.86
C LEU A 107 26.86 23.34 4.21
N TYR A 108 25.99 24.30 4.55
CA TYR A 108 26.37 25.65 4.97
C TYR A 108 25.87 25.96 6.36
N ASP A 109 26.66 26.69 7.13
CA ASP A 109 26.20 27.25 8.40
C ASP A 109 25.32 28.46 8.11
N CYS A 110 24.28 28.65 8.92
CA CYS A 110 23.43 29.83 8.82
C CYS A 110 22.92 30.18 10.20
N THR A 111 22.11 31.24 10.28
CA THR A 111 21.75 31.79 11.58
C THR A 111 20.25 31.87 11.86
N VAL A 112 19.37 31.65 10.88
CA VAL A 112 17.94 31.42 11.15
C VAL A 112 17.25 30.86 9.92
N GLN A 119 18.73 35.15 8.96
CA GLN A 119 19.04 34.34 7.78
C GLN A 119 20.22 34.93 7.02
N ASP A 120 21.44 34.65 7.48
CA ASP A 120 22.66 35.12 6.83
C ASP A 120 23.54 33.91 6.55
N VAL A 121 23.67 33.54 5.27
CA VAL A 121 24.48 32.39 4.87
C VAL A 121 25.73 32.89 4.14
N LYS A 122 26.90 32.54 4.66
CA LYS A 122 28.15 32.88 4.01
C LYS A 122 28.46 31.86 2.91
N ASN A 123 29.32 32.28 1.98
CA ASN A 123 29.66 31.43 0.85
C ASN A 123 30.77 30.45 1.16
N GLU A 124 30.90 30.02 2.42
CA GLU A 124 31.86 29.00 2.81
C GLU A 124 31.11 27.72 3.14
N ILE A 125 31.45 26.64 2.48
CA ILE A 125 30.82 25.35 2.75
C ILE A 125 31.51 24.74 3.96
N ARG A 126 30.75 24.16 4.87
CA ARG A 126 31.43 23.49 5.97
C ARG A 126 31.61 22.00 5.73
N LEU A 127 30.79 21.40 4.86
CA LEU A 127 30.85 19.97 4.58
C LEU A 127 30.38 19.70 3.15
N VAL A 128 31.14 18.90 2.41
CA VAL A 128 30.74 18.42 1.09
C VAL A 128 30.60 16.90 1.14
N LEU A 129 29.46 16.40 0.65
CA LEU A 129 29.18 14.98 0.56
C LEU A 129 28.95 14.65 -0.91
N ASP A 130 29.85 13.88 -1.50
CA ASP A 130 29.88 13.65 -2.94
C ASP A 130 29.19 12.32 -3.27
N MET A 131 28.15 12.37 -4.10
CA MET A 131 27.53 11.08 -4.44
C MET A 131 28.37 10.26 -5.39
N ARG A 132 29.45 10.80 -5.96
CA ARG A 132 30.40 9.98 -6.71
C ARG A 132 31.21 9.03 -5.82
N ASP A 133 31.06 9.12 -4.51
CA ASP A 133 31.80 8.25 -3.61
C ASP A 133 31.32 6.81 -3.77
N PRO A 134 32.22 5.85 -3.80
CA PRO A 134 31.78 4.45 -3.98
C PRO A 134 30.79 4.03 -2.91
N ASP A 135 30.85 4.61 -1.72
CA ASP A 135 29.99 4.13 -0.65
C ASP A 135 28.85 5.10 -0.31
N PHE A 136 28.54 6.03 -1.22
CA PHE A 136 27.41 6.93 -0.94
C PHE A 136 26.13 6.16 -0.77
N THR A 137 25.47 6.37 0.37
CA THR A 137 24.10 5.92 0.58
C THR A 137 23.38 6.95 1.44
N VAL A 138 22.07 6.95 1.35
CA VAL A 138 21.23 7.79 2.20
C VAL A 138 20.04 6.95 2.61
N CYS A 139 19.67 7.02 3.89
CA CYS A 139 18.53 6.26 4.39
C CYS A 139 18.03 6.89 5.69
N GLY A 140 16.87 6.40 6.15
CA GLY A 140 16.39 6.73 7.49
C GLY A 140 17.15 5.95 8.54
N VAL A 141 16.79 6.20 9.81
CA VAL A 141 17.53 5.63 10.93
C VAL A 141 16.58 4.97 11.91
N SER A 142 17.05 3.92 12.56
CA SER A 142 16.34 3.36 13.70
C SER A 142 16.85 3.99 14.98
N GLU A 143 16.12 3.75 16.07
CA GLU A 143 16.52 4.33 17.35
C GLU A 143 17.89 3.84 17.82
N ALA A 144 18.33 2.68 17.34
CA ALA A 144 19.64 2.16 17.74
C ALA A 144 20.78 2.87 17.02
N ASP A 145 20.53 3.40 15.82
CA ASP A 145 21.55 4.14 15.12
C ASP A 145 21.75 5.54 15.70
N VAL A 146 20.69 6.12 16.27
CA VAL A 146 20.77 7.43 16.89
C VAL A 146 20.20 7.29 18.30
N ILE A 147 21.00 6.70 19.19
CA ILE A 147 20.61 6.40 20.55
C ILE A 147 20.21 7.64 21.35
N HIS A 148 20.62 8.82 20.90
CA HIS A 148 20.38 10.05 21.65
C HIS A 148 19.27 10.92 21.09
N ALA A 149 18.81 10.65 19.87
CA ALA A 149 17.72 11.46 19.35
C ALA A 149 16.47 11.24 20.19
N GLN A 150 15.67 12.30 20.29
CA GLN A 150 14.35 12.18 20.88
C GLN A 150 13.51 11.19 20.08
N LYS A 151 12.67 10.43 20.80
CA LYS A 151 11.87 9.39 20.15
C LYS A 151 11.06 9.97 19.01
N GLY A 152 10.40 11.11 19.23
CA GLY A 152 9.57 11.72 18.22
C GLY A 152 10.34 12.30 17.05
N ASP A 153 11.67 12.22 17.10
CA ASP A 153 12.52 12.79 16.06
C ASP A 153 13.11 11.76 15.11
N ILE A 154 13.25 10.51 15.55
CA ILE A 154 13.77 9.39 14.76
C ILE A 154 13.19 9.35 13.35
N PRO A 155 11.87 9.44 13.15
CA PRO A 155 11.34 9.39 11.77
C PRO A 155 11.65 10.63 10.94
N LYS A 156 12.14 11.71 11.54
CA LYS A 156 12.52 12.89 10.77
C LYS A 156 13.99 12.91 10.36
N ILE A 157 14.83 12.03 10.93
CA ILE A 157 16.27 12.04 10.68
C ILE A 157 16.56 11.15 9.48
N PHE A 158 17.48 11.59 8.62
CA PHE A 158 18.09 10.70 7.64
C PHE A 158 19.62 10.76 7.73
N ARG A 159 20.25 9.69 7.27
CA ARG A 159 21.69 9.52 7.39
C ARG A 159 22.33 9.36 6.02
N VAL A 160 23.32 10.19 5.73
CA VAL A 160 24.11 10.05 4.51
C VAL A 160 25.47 9.43 4.86
N THR A 161 25.85 8.41 4.10
CA THR A 161 27.15 7.73 4.25
C THR A 161 28.05 8.12 3.09
N THR A 162 29.34 8.36 3.36
CA THR A 162 30.25 8.48 2.23
C THR A 162 31.53 7.65 2.42
N THR A 163 32.65 8.32 2.67
CA THR A 163 33.97 7.73 2.48
C THR A 163 34.23 6.56 3.42
N GLN A 164 34.59 5.41 2.86
CA GLN A 164 35.02 4.28 3.69
C GLN A 164 36.54 4.26 3.84
N ILE A 165 36.97 4.00 5.06
CA ILE A 165 38.37 3.73 5.34
C ILE A 165 38.57 2.23 5.18
N LEU A 166 39.26 1.84 4.12
CA LEU A 166 39.59 0.46 3.85
C LEU A 166 40.53 -0.07 4.93
N ASN A 167 40.56 -1.41 5.05
CA ASN A 167 41.55 -2.11 5.88
C ASN A 167 41.43 -1.69 7.35
N SER A 168 40.23 -1.32 7.80
CA SER A 168 40.09 -0.78 9.14
C SER A 168 39.84 -1.85 10.19
N SER A 169 40.20 -1.52 11.43
CA SER A 169 39.95 -2.36 12.60
C SER A 169 38.72 -1.87 13.36
N SER A 175 31.42 3.34 11.85
CA SER A 175 32.73 2.85 12.30
C SER A 175 33.83 3.12 11.26
N SER A 176 33.79 2.37 10.16
CA SER A 176 34.76 2.54 9.08
C SER A 176 34.35 3.62 8.06
N LYS A 177 33.11 4.11 8.11
CA LYS A 177 32.54 4.99 7.10
C LYS A 177 32.20 6.35 7.69
N PHE A 178 32.39 7.41 6.91
CA PHE A 178 31.95 8.74 7.32
C PHE A 178 30.42 8.84 7.22
N TYR A 179 29.76 9.14 8.34
CA TYR A 179 28.30 9.28 8.39
C TYR A 179 27.92 10.71 8.78
N THR A 180 26.86 11.25 8.18
CA THR A 180 26.30 12.57 8.54
C THR A 180 24.80 12.44 8.73
N LEU A 181 24.30 12.90 9.88
CA LEU A 181 22.87 12.88 10.18
C LEU A 181 22.23 14.22 9.83
N PHE A 182 21.07 14.16 9.18
CA PHE A 182 20.22 15.34 8.95
C PHE A 182 18.84 15.07 9.52
N MET A 183 18.26 16.08 10.18
CA MET A 183 16.87 16.01 10.64
C MET A 183 16.01 16.96 9.81
N ALA A 184 15.00 16.42 9.15
CA ALA A 184 14.06 17.22 8.40
C ALA A 184 12.97 17.76 9.34
N GLU A 185 12.16 18.69 8.82
CA GLU A 185 11.16 19.27 9.71
C GLU A 185 9.99 18.33 9.94
N THR A 186 9.68 17.45 8.97
CA THR A 186 8.62 16.46 9.15
C THR A 186 9.10 15.12 8.62
N GLU A 187 8.43 14.06 9.08
CA GLU A 187 8.64 12.74 8.51
C GLU A 187 8.36 12.74 7.00
N GLU A 188 7.34 13.49 6.58
CA GLU A 188 7.04 13.61 5.16
C GLU A 188 8.19 14.26 4.40
N GLU A 189 8.78 15.33 4.94
CA GLU A 189 9.95 15.93 4.30
C GLU A 189 11.17 15.02 4.38
N LYS A 190 11.31 14.22 5.45
CA LYS A 190 12.40 13.25 5.52
C LYS A 190 12.36 12.30 4.34
N ARG A 191 11.20 11.65 4.12
CA ARG A 191 11.07 10.71 3.02
C ARG A 191 11.32 11.40 1.68
N LYS A 192 10.87 12.65 1.54
CA LYS A 192 11.19 13.41 0.33
C LYS A 192 12.70 13.51 0.12
N TRP A 193 13.43 13.91 1.18
CA TRP A 193 14.89 14.03 1.08
C TRP A 193 15.53 12.71 0.66
N VAL A 194 15.18 11.63 1.34
CA VAL A 194 15.79 10.34 1.04
C VAL A 194 15.51 9.96 -0.41
N VAL A 195 14.25 10.09 -0.85
CA VAL A 195 13.87 9.72 -2.21
C VAL A 195 14.59 10.60 -3.22
N ALA A 196 14.67 11.91 -2.96
CA ALA A 196 15.23 12.84 -3.94
C ALA A 196 16.74 12.65 -4.10
N LEU A 197 17.45 12.41 -2.99
CA LEU A 197 18.88 12.13 -3.09
C LEU A 197 19.13 10.77 -3.74
N SER A 198 18.28 9.78 -3.47
CA SER A 198 18.47 8.47 -4.10
C SER A 198 18.30 8.55 -5.61
N GLU A 199 17.25 9.23 -6.07
CA GLU A 199 17.02 9.36 -7.51
C GLU A 199 18.20 10.05 -8.20
N LEU A 200 18.84 11.02 -7.52
CA LEU A 200 20.02 11.67 -8.09
C LEU A 200 21.19 10.70 -8.14
N LYS A 201 21.42 9.96 -7.06
CA LYS A 201 22.46 8.93 -7.08
C LYS A 201 22.21 7.93 -8.20
N THR A 202 20.95 7.54 -8.38
CA THR A 202 20.62 6.58 -9.42
C THR A 202 20.79 7.19 -10.80
N LEU A 203 20.32 8.44 -10.98
CA LEU A 203 20.62 9.17 -12.20
C LEU A 203 22.13 9.22 -12.46
N LEU A 204 22.93 9.54 -11.43
CA LEU A 204 24.37 9.61 -11.62
C LEU A 204 24.95 8.27 -12.03
N ARG A 205 24.59 7.19 -11.32
CA ARG A 205 25.08 5.86 -11.70
C ARG A 205 24.74 5.53 -13.15
N ARG A 206 23.52 5.84 -13.58
CA ARG A 206 23.13 5.55 -14.95
C ARG A 206 23.88 6.42 -15.96
N SER A 207 24.40 7.57 -15.53
CA SER A 207 25.05 8.49 -16.45
C SER A 207 26.40 7.98 -16.91
N LYS A 208 26.95 6.99 -16.21
CA LYS A 208 28.19 6.33 -16.62
C LYS A 208 29.32 7.35 -16.79
N LEU A 209 29.34 8.36 -15.93
CA LEU A 209 30.44 9.33 -15.94
C LEU A 209 31.74 8.62 -15.62
N ALA A 210 32.82 9.05 -16.27
CA ALA A 210 34.14 8.49 -15.98
C ALA A 210 34.49 8.67 -14.51
N ASP A 211 35.23 7.72 -13.97
CA ASP A 211 35.67 7.82 -12.58
C ASP A 211 36.90 8.72 -12.50
N ARG A 212 36.78 9.82 -11.78
CA ARG A 212 37.86 10.79 -11.69
C ARG A 212 38.47 10.82 -10.30
N LYS A 213 38.07 9.92 -9.41
CA LYS A 213 38.60 9.91 -8.06
C LYS A 213 40.13 9.67 -8.09
N ALA A 214 40.80 10.25 -7.11
CA ALA A 214 42.25 10.18 -7.07
C ALA A 214 42.75 9.12 -6.12
N PHE A 215 42.10 8.95 -4.96
CA PHE A 215 42.65 8.23 -3.82
C PHE A 215 41.65 7.27 -3.23
N LEU A 216 42.15 6.10 -2.80
CA LEU A 216 41.53 5.29 -1.79
C LEU A 216 42.18 5.60 -0.45
N VAL A 217 41.43 5.44 0.64
CA VAL A 217 41.95 5.61 2.00
C VAL A 217 42.12 4.23 2.62
N LYS A 218 43.32 3.94 3.12
CA LYS A 218 43.64 2.65 3.73
C LYS A 218 44.26 2.88 5.11
N GLU A 219 43.67 2.27 6.13
CA GLU A 219 44.24 2.35 7.47
C GLU A 219 45.52 1.53 7.54
N VAL A 220 46.58 2.12 8.06
CA VAL A 220 47.87 1.47 8.20
C VAL A 220 48.13 1.06 9.64
N PHE A 221 47.96 1.98 10.57
CA PHE A 221 48.15 1.71 11.99
C PHE A 221 46.99 2.31 12.77
N ASP A 222 46.67 1.71 13.89
CA ASP A 222 45.75 2.30 14.85
C ASP A 222 46.49 2.43 16.18
N VAL A 223 45.73 2.74 17.24
CA VAL A 223 46.39 3.00 18.52
C VAL A 223 46.81 1.73 19.24
N THR A 224 46.35 0.56 18.80
CA THR A 224 46.88 -0.68 19.35
C THR A 224 48.14 -1.14 18.61
N THR A 225 48.16 -1.02 17.28
CA THR A 225 49.36 -1.43 16.55
C THR A 225 50.46 -0.37 16.56
N LEU A 226 50.13 0.90 16.77
CA LEU A 226 51.14 1.96 16.92
C LEU A 226 50.74 2.87 18.06
N PRO A 227 50.92 2.44 19.31
CA PRO A 227 50.46 3.25 20.45
C PRO A 227 51.08 4.63 20.49
N SER A 228 52.29 4.80 19.94
CA SER A 228 52.93 6.11 19.86
C SER A 228 52.25 7.06 18.87
N ILE A 229 51.07 6.72 18.35
CA ILE A 229 50.50 7.51 17.26
C ILE A 229 50.07 8.87 17.77
N ARG A 230 49.70 8.97 19.05
CA ARG A 230 49.19 10.23 19.57
C ARG A 230 50.26 11.30 19.69
N VAL A 231 51.55 10.94 19.66
CA VAL A 231 52.61 11.95 19.73
C VAL A 231 53.46 11.98 18.46
N ALA A 232 52.95 11.41 17.35
CA ALA A 232 53.59 11.54 16.06
C ALA A 232 53.35 12.92 15.48
N GLN A 233 54.40 13.51 14.89
CA GLN A 233 54.34 14.85 14.33
C GLN A 233 54.66 14.91 12.84
N CYS A 234 55.39 13.93 12.30
CA CYS A 234 55.80 13.97 10.90
C CYS A 234 56.25 12.58 10.49
N CYS A 235 56.42 12.41 9.19
CA CYS A 235 56.91 11.13 8.74
C CYS A 235 57.41 11.29 7.31
N ALA A 236 58.21 10.32 6.86
CA ALA A 236 58.64 10.30 5.47
C ALA A 236 58.84 8.85 5.06
N ILE A 237 58.60 8.59 3.77
CA ILE A 237 58.76 7.27 3.20
C ILE A 237 60.22 7.06 2.81
N ILE A 238 60.81 5.97 3.30
CA ILE A 238 62.15 5.56 2.88
C ILE A 238 62.02 4.69 1.64
N ASP A 239 61.27 3.60 1.76
CA ASP A 239 60.84 2.87 0.59
C ASP A 239 59.56 2.16 0.97
N ARG A 240 59.12 1.23 0.12
CA ARG A 240 57.86 0.54 0.33
C ARG A 240 57.80 -0.14 1.69
N SER A 241 58.93 -0.61 2.20
CA SER A 241 58.91 -1.46 3.37
C SER A 241 59.13 -0.70 4.68
N LYS A 242 59.54 0.56 4.62
CA LYS A 242 59.85 1.28 5.85
C LYS A 242 59.60 2.79 5.73
N ILE A 243 59.16 3.38 6.84
CA ILE A 243 59.00 4.82 6.96
C ILE A 243 59.77 5.25 8.20
N VAL A 244 59.99 6.57 8.32
CA VAL A 244 60.42 7.16 9.56
C VAL A 244 59.28 8.02 10.08
N ILE A 245 59.17 8.08 11.42
CA ILE A 245 58.20 8.93 12.07
C ILE A 245 58.91 9.75 13.12
N GLY A 246 58.70 11.07 13.11
CA GLY A 246 59.21 11.93 14.15
C GLY A 246 58.16 12.15 15.23
N PHE A 247 58.59 12.08 16.48
CA PHE A 247 57.72 12.22 17.64
C PHE A 247 58.05 13.48 18.42
N SER A 248 57.12 13.87 19.29
CA SER A 248 57.26 15.13 20.01
C SER A 248 58.29 15.05 21.14
N ASP A 249 58.61 13.86 21.62
CA ASP A 249 59.56 13.78 22.72
C ASP A 249 60.52 12.62 22.59
N HIS A 250 60.44 11.83 21.52
CA HIS A 250 61.18 10.58 21.41
C HIS A 250 61.96 10.47 20.11
N GLY A 251 62.13 11.57 19.37
CA GLY A 251 63.05 11.55 18.26
C GLY A 251 62.46 10.98 16.98
N LEU A 252 63.34 10.34 16.22
CA LEU A 252 63.01 9.78 14.92
C LEU A 252 63.21 8.28 14.98
N TYR A 253 62.17 7.54 14.58
CA TYR A 253 62.19 6.08 14.58
C TYR A 253 61.92 5.56 13.17
N CYS A 254 62.60 4.48 12.81
CA CYS A 254 62.40 3.84 11.52
C CYS A 254 61.53 2.62 11.75
N ILE A 255 60.37 2.59 11.11
CA ILE A 255 59.45 1.46 11.22
C ILE A 255 59.64 0.59 9.99
N GLU A 256 60.13 -0.63 10.20
CA GLU A 256 60.03 -1.67 9.18
C GLU A 256 58.67 -2.34 9.36
N ILE A 257 57.76 -2.00 8.44
CA ILE A 257 56.35 -2.34 8.61
C ILE A 257 56.15 -3.85 8.67
N SER A 258 56.63 -4.57 7.65
CA SER A 258 56.39 -6.01 7.61
C SER A 258 57.09 -6.73 8.75
N ARG A 259 58.31 -6.31 9.09
CA ARG A 259 59.02 -6.86 10.24
C ARG A 259 58.39 -6.43 11.57
N GLN A 260 57.54 -5.40 11.56
CA GLN A 260 56.93 -4.83 12.75
C GLN A 260 57.99 -4.47 13.80
N LEU A 261 58.93 -3.63 13.38
CA LEU A 261 60.07 -3.25 14.20
C LEU A 261 60.17 -1.73 14.30
N LEU A 262 60.60 -1.25 15.46
CA LEU A 262 60.69 0.17 15.76
C LEU A 262 62.12 0.51 16.19
N ILE A 263 62.82 1.27 15.37
CA ILE A 263 64.27 1.39 15.43
C ILE A 263 64.64 2.86 15.60
N PRO A 264 65.28 3.25 16.71
CA PRO A 264 65.71 4.65 16.88
C PRO A 264 66.77 5.03 15.87
N VAL A 265 66.48 6.04 15.04
CA VAL A 265 67.42 6.42 13.99
C VAL A 265 68.66 7.06 14.63
N GLY A 266 69.82 6.46 14.37
CA GLY A 266 71.04 6.93 14.98
C GLY A 266 71.24 6.45 16.39
N GLY A 267 70.43 5.50 16.84
CA GLY A 267 70.59 4.91 18.15
C GLY A 267 69.77 5.63 19.20
N GLU A 268 69.60 4.94 20.33
CA GLU A 268 68.68 5.41 21.36
C GLU A 268 69.19 6.69 22.05
N LYS A 269 70.51 6.82 22.24
CA LYS A 269 71.02 8.01 22.90
C LYS A 269 70.62 9.27 22.15
N GLU A 270 70.65 9.21 20.82
CA GLU A 270 70.31 10.35 19.98
C GLU A 270 68.84 10.74 20.06
N ASN A 271 67.96 9.86 20.52
CA ASN A 271 66.53 10.11 20.43
C ASN A 271 65.86 10.29 21.79
N LYS A 272 66.65 10.40 22.85
CA LYS A 272 66.12 10.70 24.18
C LYS A 272 65.71 12.17 24.27
N GLN A 273 64.45 12.43 24.62
CA GLN A 273 63.88 13.79 24.75
C GLN A 273 64.26 14.67 23.56
N ARG A 274 64.00 14.17 22.36
CA ARG A 274 64.23 14.88 21.13
C ARG A 274 62.88 15.12 20.47
N CYS A 275 62.63 16.37 20.08
CA CYS A 275 61.37 16.76 19.46
C CYS A 275 61.61 16.92 17.96
N VAL A 276 61.05 16.03 17.16
CA VAL A 276 61.25 16.10 15.72
C VAL A 276 59.95 16.59 15.08
N GLU A 277 59.99 17.78 14.47
CA GLU A 277 58.80 18.42 13.93
C GLU A 277 58.60 18.17 12.44
N THR A 278 59.66 18.11 11.63
CA THR A 278 59.52 17.71 10.23
C THR A 278 60.67 16.77 9.86
N VAL A 279 60.46 15.98 8.81
CA VAL A 279 61.53 15.11 8.34
C VAL A 279 61.43 14.97 6.83
N GLU A 280 62.55 15.14 6.14
CA GLU A 280 62.64 14.86 4.72
C GLU A 280 63.78 13.88 4.45
N TYR A 281 63.56 13.03 3.46
CA TYR A 281 64.51 12.00 3.06
C TYR A 281 65.02 12.34 1.67
N ASP A 282 66.32 12.51 1.52
CA ASP A 282 66.95 12.69 0.22
C ASP A 282 67.61 11.35 -0.17
N GLU A 283 67.00 10.65 -1.14
CA GLU A 283 67.42 9.29 -1.46
C GLU A 283 68.75 9.26 -2.23
N ALA A 284 68.96 10.17 -3.18
CA ALA A 284 70.21 10.13 -3.94
C ALA A 284 71.43 10.38 -3.05
N GLU A 285 71.29 11.26 -2.07
CA GLU A 285 72.39 11.60 -1.18
C GLU A 285 72.38 10.79 0.11
N GLN A 286 71.32 10.04 0.39
CA GLN A 286 71.25 9.23 1.61
C GLN A 286 71.34 10.10 2.86
N LEU A 287 70.46 11.08 2.94
CA LEU A 287 70.48 12.07 4.01
C LEU A 287 69.08 12.24 4.56
N LEU A 288 68.97 12.38 5.87
CA LEU A 288 67.72 12.73 6.51
C LEU A 288 67.87 14.14 7.08
N MET A 289 66.91 15.01 6.81
CA MET A 289 67.01 16.41 7.19
C MET A 289 65.79 16.79 8.00
N MET A 290 66.03 17.42 9.15
CA MET A 290 64.98 17.57 10.13
C MET A 290 64.95 18.97 10.70
N ILE A 291 63.75 19.47 10.92
CA ILE A 291 63.54 20.57 11.85
C ILE A 291 63.34 19.93 13.21
N VAL A 292 64.21 20.26 14.13
CA VAL A 292 64.19 19.71 15.47
C VAL A 292 63.82 20.80 16.44
N GLY A 293 63.04 20.44 17.45
CA GLY A 293 63.22 21.02 18.76
C GLY A 293 61.94 21.59 19.26
N PRO A 294 61.87 21.84 20.56
CA PRO A 294 60.81 22.71 21.07
C PRO A 294 61.00 24.10 20.46
N ALA A 295 59.93 24.90 20.49
CA ALA A 295 59.96 26.19 19.83
C ALA A 295 61.15 27.04 20.24
N LYS A 296 61.53 27.00 21.53
CA LYS A 296 62.61 27.88 21.99
C LYS A 296 63.99 27.47 21.50
N ASP A 297 64.17 26.27 20.96
CA ASP A 297 65.45 25.92 20.33
C ASP A 297 65.18 25.09 19.08
N ARG A 298 64.45 25.70 18.16
CA ARG A 298 64.18 25.11 16.86
C ARG A 298 65.40 25.32 15.97
N HIS A 299 65.83 24.26 15.30
CA HIS A 299 67.01 24.31 14.45
C HIS A 299 66.96 23.09 13.56
N VAL A 300 67.93 22.98 12.66
CA VAL A 300 67.96 21.92 11.68
C VAL A 300 69.07 20.93 12.03
N ARG A 301 68.76 19.65 11.89
CA ARG A 301 69.75 18.58 12.06
C ARG A 301 69.60 17.64 10.88
N ILE A 302 70.73 17.09 10.44
CA ILE A 302 70.74 16.16 9.33
C ILE A 302 71.55 14.94 9.74
N VAL A 303 71.24 13.78 9.14
CA VAL A 303 71.93 12.57 9.53
C VAL A 303 72.00 11.61 8.34
N PRO A 304 73.11 10.91 8.15
CA PRO A 304 73.18 9.89 7.10
C PRO A 304 72.14 8.80 7.34
N SER A 305 71.50 8.37 6.25
CA SER A 305 70.44 7.40 6.43
C SER A 305 70.98 6.01 6.72
N ALA A 306 72.31 5.84 6.72
CA ALA A 306 72.88 4.64 7.32
C ALA A 306 72.36 4.44 8.75
N ALA A 307 71.98 5.53 9.41
CA ALA A 307 71.49 5.50 10.79
C ALA A 307 70.13 4.83 10.92
N LEU A 308 69.44 4.56 9.81
CA LEU A 308 68.14 3.90 9.86
C LEU A 308 68.20 2.55 10.56
N ASP A 309 69.37 1.89 10.61
CA ASP A 309 69.41 0.56 11.20
C ASP A 309 69.64 0.57 12.69
N GLY A 310 69.64 1.74 13.32
CA GLY A 310 69.72 1.81 14.76
C GLY A 310 71.12 1.88 15.32
N ARG A 311 72.15 1.90 14.47
CA ARG A 311 73.52 2.08 14.93
C ARG A 311 73.66 3.45 15.60
N ASP A 312 74.60 3.55 16.54
CA ASP A 312 74.85 4.81 17.20
C ASP A 312 75.51 5.78 16.21
N LEU A 313 74.84 6.89 15.89
CA LEU A 313 75.41 7.85 14.95
C LEU A 313 74.83 9.23 15.22
N LYS A 314 75.70 10.18 15.56
CA LYS A 314 75.25 11.45 16.08
C LYS A 314 74.61 12.28 14.96
N TRP A 315 73.43 12.83 15.23
CA TRP A 315 72.83 13.75 14.26
C TRP A 315 73.67 15.01 14.18
N ILE A 316 73.91 15.47 12.95
CA ILE A 316 74.80 16.60 12.68
C ILE A 316 74.01 17.90 12.78
N LYS A 317 74.48 18.81 13.64
CA LYS A 317 73.83 20.11 13.81
C LYS A 317 74.18 21.02 12.63
N VAL A 318 73.16 21.62 12.01
CA VAL A 318 73.39 22.64 10.99
C VAL A 318 73.54 23.97 11.72
N ASN A 319 74.73 24.55 11.66
CA ASN A 319 75.02 25.72 12.47
C ASN A 319 74.22 26.94 12.03
N ASP A 320 73.79 27.72 13.02
CA ASP A 320 73.06 28.97 12.82
C ASP A 320 71.76 28.74 12.06
N THR A 321 70.96 27.80 12.55
CA THR A 321 69.59 27.60 12.07
C THR A 321 68.60 27.71 13.23
N LYS A 322 69.02 28.25 14.36
CA LYS A 322 68.10 28.48 15.45
C LYS A 322 66.97 29.43 15.00
N GLY A 323 65.78 29.22 15.57
CA GLY A 323 64.62 30.07 15.29
C GLY A 323 64.05 29.92 13.89
N CYS A 324 64.46 28.91 13.14
CA CYS A 324 63.95 28.70 11.81
C CYS A 324 62.47 28.33 11.86
N HIS A 325 61.75 28.58 10.78
CA HIS A 325 60.37 28.09 10.75
C HIS A 325 60.04 27.21 9.55
N LEU A 326 60.86 27.18 8.50
CA LEU A 326 60.66 26.26 7.41
C LEU A 326 62.01 25.68 6.99
N LEU A 327 61.94 24.48 6.40
CA LEU A 327 63.07 23.76 5.83
C LEU A 327 62.63 23.23 4.48
N ALA A 328 63.46 23.38 3.45
CA ALA A 328 63.17 22.79 2.14
C ALA A 328 64.39 22.05 1.64
N VAL A 329 64.23 20.79 1.21
CA VAL A 329 65.29 20.07 0.52
C VAL A 329 64.99 20.09 -0.97
N GLY A 330 66.00 20.39 -1.78
CA GLY A 330 65.77 20.50 -3.21
C GLY A 330 65.49 19.16 -3.88
N THR A 331 64.55 19.16 -4.82
CA THR A 331 64.22 18.01 -5.64
C THR A 331 64.43 18.35 -7.12
N ASN A 332 64.41 17.30 -7.94
CA ASN A 332 64.71 17.42 -9.37
C ASN A 332 65.95 18.31 -9.60
N ASN A 333 67.00 18.03 -8.85
CA ASN A 333 68.23 18.75 -9.01
C ASN A 333 68.75 18.55 -10.43
N PRO A 334 69.27 19.60 -11.07
CA PRO A 334 69.80 19.47 -12.44
C PRO A 334 70.87 18.40 -12.55
N GLY A 335 70.64 17.44 -13.43
CA GLY A 335 71.58 16.37 -13.62
C GLY A 335 71.67 15.38 -12.49
N GLY A 336 70.79 15.49 -11.50
CA GLY A 336 70.91 14.64 -10.34
C GLY A 336 72.04 15.04 -9.40
N ARG A 337 72.52 16.28 -9.46
CA ARG A 337 73.58 16.72 -8.56
C ARG A 337 73.09 16.75 -7.12
N ALA A 338 74.05 16.71 -6.19
CA ALA A 338 73.71 16.72 -4.76
C ALA A 338 72.84 17.92 -4.37
N GLY A 339 73.15 19.11 -4.87
CA GLY A 339 72.17 20.19 -4.66
C GLY A 339 72.12 20.78 -3.26
N PHE A 340 70.95 21.37 -2.93
CA PHE A 340 70.84 22.27 -1.79
C PHE A 340 69.70 21.88 -0.86
N PHE A 341 69.73 22.48 0.35
CA PHE A 341 68.54 22.68 1.16
C PHE A 341 68.58 24.10 1.70
N ALA A 342 67.41 24.65 2.03
CA ALA A 342 67.33 26.04 2.47
C ALA A 342 66.54 26.10 3.77
N VAL A 343 66.95 26.99 4.65
CA VAL A 343 66.30 27.18 5.94
C VAL A 343 65.76 28.61 5.98
N ALA A 344 64.50 28.76 6.39
CA ALA A 344 63.84 30.07 6.40
C ALA A 344 63.81 30.64 7.81
N PHE A 345 64.11 31.93 7.91
CA PHE A 345 64.02 32.72 9.13
C PHE A 345 63.00 33.85 8.88
N LYS A 346 62.85 34.73 9.88
CA LYS A 346 61.74 35.67 9.86
C LYS A 346 61.83 36.63 8.67
N LYS A 347 63.05 37.04 8.29
CA LYS A 347 63.20 37.96 7.16
C LYS A 347 64.35 37.56 6.25
N SER A 348 64.76 36.27 6.28
CA SER A 348 65.88 35.84 5.44
C SER A 348 65.83 34.33 5.28
N VAL A 349 66.67 33.84 4.38
CA VAL A 349 66.84 32.42 4.12
C VAL A 349 68.33 32.11 4.04
N THR A 350 68.76 30.96 4.59
CA THR A 350 70.10 30.48 4.33
C THR A 350 70.06 29.22 3.47
N ILE A 351 70.84 29.23 2.39
CA ILE A 351 71.00 28.10 1.50
C ILE A 351 72.27 27.35 1.88
N PHE A 352 72.16 26.03 2.01
CA PHE A 352 73.25 25.11 2.34
C PHE A 352 73.44 24.12 1.20
N GLN A 353 74.68 23.95 0.79
CA GLN A 353 75.04 22.98 -0.23
C GLN A 353 75.31 21.63 0.41
N ILE A 354 74.68 20.57 -0.11
CA ILE A 354 74.95 19.21 0.34
C ILE A 354 76.29 18.77 -0.24
N ASP A 355 77.11 18.11 0.57
CA ASP A 355 78.38 17.66 0.03
C ASP A 355 78.81 16.39 0.74
N ARG A 356 80.05 15.97 0.49
CA ARG A 356 80.54 14.68 0.94
C ARG A 356 81.60 14.79 2.02
N SER A 357 81.78 15.98 2.58
CA SER A 357 82.61 16.19 3.76
C SER A 357 81.97 15.52 4.97
N GLU A 358 82.66 15.62 6.11
CA GLU A 358 82.22 14.94 7.33
C GLU A 358 80.85 15.44 7.77
N LYS A 359 80.64 16.76 7.74
CA LYS A 359 79.35 17.38 8.07
C LYS A 359 78.28 17.15 7.01
N ARG A 360 78.66 16.72 5.80
CA ARG A 360 77.78 16.49 4.65
C ARG A 360 77.06 17.76 4.16
N HIS A 361 77.39 18.94 4.65
CA HIS A 361 76.82 20.17 4.12
C HIS A 361 77.77 21.32 4.40
N LYS A 362 77.47 22.45 3.75
CA LYS A 362 78.24 23.67 3.87
C LYS A 362 77.32 24.87 3.57
N LYS A 363 77.43 25.92 4.38
CA LYS A 363 76.76 27.16 4.05
C LYS A 363 77.16 27.62 2.66
N TRP A 364 76.17 27.94 1.84
CA TRP A 364 76.37 28.46 0.51
C TRP A 364 76.05 29.96 0.40
N LYS A 365 74.86 30.40 0.82
CA LYS A 365 74.54 31.83 0.64
C LYS A 365 73.43 32.26 1.60
N ASP A 366 73.55 33.47 2.13
CA ASP A 366 72.49 34.12 2.88
C ASP A 366 71.68 34.99 1.92
N LEU A 367 70.35 34.92 1.99
CA LEU A 367 69.47 35.76 1.16
C LEU A 367 68.58 36.62 2.04
N ALA A 368 68.65 37.94 1.86
CA ALA A 368 67.66 38.82 2.47
C ALA A 368 66.29 38.57 1.85
N MET A 369 65.21 38.61 2.70
CA MET A 369 63.88 38.43 2.12
C MET A 369 63.04 39.71 2.20
N PRO A 370 62.25 40.01 1.17
CA PRO A 370 61.41 41.23 1.23
C PRO A 370 60.40 41.19 2.36
N GLY A 371 59.89 40.03 2.71
CA GLY A 371 58.98 39.90 3.83
C GLY A 371 59.19 38.54 4.45
N THR A 372 58.28 38.13 5.34
CA THR A 372 58.45 36.88 6.06
C THR A 372 58.07 35.69 5.18
N PRO A 373 58.99 34.75 4.91
CA PRO A 373 58.65 33.55 4.12
C PRO A 373 57.46 32.82 4.71
N GLN A 374 56.51 32.50 3.84
CA GLN A 374 55.38 31.70 4.28
C GLN A 374 55.42 30.32 3.67
N SER A 375 56.17 30.14 2.60
CA SER A 375 56.42 28.85 1.97
C SER A 375 57.81 28.88 1.34
N ILE A 376 58.43 27.71 1.26
CA ILE A 376 59.77 27.64 0.66
C ILE A 376 59.91 26.28 -0.03
N ALA A 377 60.58 26.29 -1.16
CA ALA A 377 60.80 25.05 -1.89
C ALA A 377 62.00 25.27 -2.80
N ILE A 378 62.70 24.17 -3.12
CA ILE A 378 63.74 24.18 -4.14
C ILE A 378 63.40 23.06 -5.13
N PHE A 379 63.30 23.40 -6.41
CA PHE A 379 63.19 22.38 -7.44
C PHE A 379 63.66 22.96 -8.77
N ASN A 380 64.15 22.08 -9.66
CA ASN A 380 64.64 22.43 -10.99
C ASN A 380 65.86 23.34 -10.95
N GLY A 381 66.56 23.42 -9.82
CA GLY A 381 67.69 24.31 -9.69
C GLY A 381 67.32 25.71 -9.28
N ARG A 382 66.14 25.92 -8.71
CA ARG A 382 65.63 27.24 -8.36
C ARG A 382 65.04 27.20 -6.95
N LEU A 383 65.25 28.28 -6.19
CA LEU A 383 64.62 28.46 -4.88
C LEU A 383 63.30 29.20 -5.07
N TYR A 384 62.23 28.71 -4.44
CA TYR A 384 60.93 29.38 -4.47
C TYR A 384 60.49 29.77 -3.07
N VAL A 385 60.16 31.03 -2.89
CA VAL A 385 59.65 31.53 -1.61
C VAL A 385 58.32 32.25 -1.84
N GLY A 386 57.30 31.86 -1.10
CA GLY A 386 56.03 32.55 -1.10
C GLY A 386 55.90 33.39 0.16
N PHE A 387 55.17 34.51 0.01
CA PHE A 387 54.93 35.49 1.06
C PHE A 387 53.44 35.61 1.37
N SER A 388 52.87 36.81 1.30
CA SER A 388 51.43 36.89 1.47
C SER A 388 50.73 36.86 0.10
N HIS A 389 51.04 37.82 -0.78
CA HIS A 389 50.43 37.84 -2.11
C HIS A 389 51.42 37.70 -3.27
N SER A 390 52.61 37.15 -3.05
CA SER A 390 53.48 36.84 -4.17
C SER A 390 54.35 35.64 -3.86
N PHE A 391 54.92 35.08 -4.93
CA PHE A 391 56.03 34.14 -4.90
C PHE A 391 57.17 34.77 -5.65
N ARG A 392 58.39 34.42 -5.25
CA ARG A 392 59.60 34.83 -5.94
C ARG A 392 60.53 33.64 -6.06
N SER A 393 61.37 33.68 -7.10
CA SER A 393 62.31 32.60 -7.32
C SER A 393 63.71 33.16 -7.55
N TRP A 394 64.68 32.38 -7.10
CA TRP A 394 66.09 32.68 -7.31
C TRP A 394 66.69 31.47 -8.00
N SER A 395 67.34 31.70 -9.14
CA SER A 395 68.05 30.63 -9.81
C SER A 395 69.28 30.25 -9.00
N LEU A 396 69.43 28.96 -8.70
CA LEU A 396 70.62 28.48 -8.03
C LEU A 396 71.64 27.86 -8.99
N VAL A 397 71.35 27.81 -10.30
CA VAL A 397 72.24 27.26 -11.32
C VAL A 397 72.86 28.41 -12.11
N GLY A 398 74.12 28.26 -12.47
CA GLY A 398 74.86 29.32 -13.13
C GLY A 398 75.47 30.34 -12.19
N VAL A 399 75.20 30.23 -10.89
CA VAL A 399 75.78 31.12 -9.89
C VAL A 399 77.02 30.45 -9.26
N LEU A 414 71.56 34.58 -7.15
CA LEU A 414 71.72 36.04 -7.12
C LEU A 414 70.56 36.73 -7.85
N GLN A 415 69.97 36.06 -8.85
CA GLN A 415 68.97 36.65 -9.74
C GLN A 415 67.56 36.32 -9.26
N HIS A 416 66.86 37.33 -8.75
CA HIS A 416 65.51 37.20 -8.20
C HIS A 416 64.48 37.60 -9.25
N ILE A 417 63.44 36.77 -9.39
CA ILE A 417 62.39 36.90 -10.41
C ILE A 417 61.06 36.73 -9.70
N SER A 418 60.19 37.75 -9.78
CA SER A 418 58.84 37.54 -9.27
C SER A 418 58.07 36.60 -10.18
N LEU A 419 57.23 35.75 -9.60
CA LEU A 419 56.36 34.94 -10.43
C LEU A 419 55.10 35.66 -10.86
N VAL A 420 54.86 36.88 -10.38
CA VAL A 420 53.75 37.68 -10.88
C VAL A 420 54.31 38.98 -11.45
N ASN A 421 54.21 39.11 -12.77
CA ASN A 421 54.64 40.29 -13.49
C ASN A 421 53.56 41.36 -13.32
N MET A 422 53.92 42.50 -12.71
CA MET A 422 52.87 43.50 -12.44
C MET A 422 52.52 44.33 -13.67
N GLU A 423 53.01 43.98 -14.84
CA GLU A 423 52.53 44.52 -16.11
C GLU A 423 51.34 43.74 -16.66
N ASP A 424 50.95 42.63 -16.01
CA ASP A 424 49.73 41.89 -16.33
C ASP A 424 48.59 42.50 -15.52
N THR A 425 47.72 43.29 -16.18
CA THR A 425 46.64 43.96 -15.47
C THR A 425 45.75 42.97 -14.73
N SER A 426 45.62 41.74 -15.24
CA SER A 426 44.77 40.73 -14.61
C SER A 426 45.37 40.12 -13.36
N LEU A 427 46.58 40.50 -12.98
CA LEU A 427 47.21 39.99 -11.77
C LEU A 427 47.45 41.08 -10.73
N GLN A 428 47.18 42.35 -11.07
CA GLN A 428 47.48 43.44 -10.15
C GLN A 428 46.62 43.37 -8.88
N PHE A 429 45.52 42.60 -8.91
CA PHE A 429 44.71 42.44 -7.71
C PHE A 429 45.52 41.89 -6.53
N LEU A 430 46.62 41.18 -6.79
CA LEU A 430 47.38 40.58 -5.68
C LEU A 430 47.96 41.64 -4.74
N ASN A 431 48.51 42.74 -5.28
CA ASN A 431 49.02 43.81 -4.40
C ASN A 431 47.95 44.39 -3.49
N GLN A 432 46.69 44.33 -3.91
CA GLN A 432 45.58 44.93 -3.18
C GLN A 432 44.97 43.97 -2.16
N GLN A 433 45.57 42.80 -1.99
CA GLN A 433 45.10 41.81 -1.04
C GLN A 433 45.83 42.00 0.29
N THR A 434 45.07 41.89 1.39
CA THR A 434 45.64 41.89 2.72
C THR A 434 45.52 40.54 3.41
N SER A 435 44.65 39.65 2.91
CA SER A 435 44.35 38.41 3.62
C SER A 435 44.98 37.18 3.01
N TYR A 436 45.64 37.29 1.86
CA TYR A 436 46.23 36.15 1.19
C TYR A 436 47.47 35.66 1.91
N GLU A 437 47.72 34.35 1.79
CA GLU A 437 48.87 33.66 2.37
C GLU A 437 49.40 32.66 1.36
N ALA A 438 50.69 32.74 1.04
CA ALA A 438 51.25 31.73 0.14
C ALA A 438 51.30 30.36 0.84
N LYS A 439 50.93 29.29 0.13
CA LYS A 439 51.03 27.95 0.71
C LYS A 439 52.07 27.08 0.04
N LEU A 440 52.09 27.03 -1.30
CA LEU A 440 53.00 26.17 -2.04
C LEU A 440 52.91 26.52 -3.52
N ILE A 441 53.96 26.16 -4.27
CA ILE A 441 53.96 26.36 -5.72
C ILE A 441 54.18 25.02 -6.41
N VAL A 442 53.43 24.77 -7.48
CA VAL A 442 53.56 23.54 -8.27
C VAL A 442 53.97 23.93 -9.68
N ASN A 443 55.03 23.30 -10.18
CA ASN A 443 55.34 23.22 -11.60
C ASN A 443 54.35 22.24 -12.21
N VAL A 444 53.47 22.72 -13.09
CA VAL A 444 52.33 21.92 -13.55
C VAL A 444 52.78 20.68 -14.34
N PRO A 445 52.39 19.48 -13.93
CA PRO A 445 52.74 18.29 -14.73
C PRO A 445 52.18 18.39 -16.13
N GLY A 446 53.06 18.20 -17.11
CA GLY A 446 52.69 18.28 -18.51
C GLY A 446 52.77 19.66 -19.12
N SER A 447 53.03 20.69 -18.31
CA SER A 447 53.09 22.08 -18.77
C SER A 447 54.33 22.70 -18.13
N PRO A 448 55.51 22.35 -18.62
CA PRO A 448 56.74 22.67 -17.87
C PRO A 448 56.92 24.15 -17.63
N ASP A 449 56.44 25.01 -18.54
CA ASP A 449 56.58 26.45 -18.39
C ASP A 449 55.41 27.07 -17.65
N GLU A 450 54.71 26.30 -16.83
CA GLU A 450 53.54 26.81 -16.14
C GLU A 450 53.64 26.47 -14.67
N TYR A 451 53.15 27.38 -13.83
CA TYR A 451 53.18 27.23 -12.38
C TYR A 451 51.79 27.48 -11.82
N LEU A 452 51.42 26.68 -10.81
CA LEU A 452 50.25 26.93 -9.99
C LEU A 452 50.72 27.53 -8.65
N LEU A 453 50.32 28.78 -8.40
CA LEU A 453 50.54 29.43 -7.12
C LEU A 453 49.36 29.16 -6.21
N VAL A 454 49.60 28.52 -5.07
CA VAL A 454 48.50 28.12 -4.19
C VAL A 454 48.52 29.03 -2.98
N PHE A 455 47.48 29.87 -2.85
CA PHE A 455 47.32 30.67 -1.66
C PHE A 455 46.25 30.04 -0.79
N ASN A 456 46.10 30.59 0.43
CA ASN A 456 44.98 30.15 1.26
C ASN A 456 43.64 30.32 0.55
N MET A 457 43.52 31.30 -0.34
CA MET A 457 42.21 31.65 -0.92
C MET A 457 41.98 31.09 -2.32
N ILE A 458 43.02 30.99 -3.15
CA ILE A 458 42.86 30.64 -4.56
C ILE A 458 44.08 29.89 -5.04
N GLY A 459 43.93 29.19 -6.16
CA GLY A 459 45.05 28.75 -6.95
C GLY A 459 45.12 29.45 -8.28
N LEU A 460 46.24 30.10 -8.58
CA LEU A 460 46.40 30.92 -9.77
C LEU A 460 47.50 30.39 -10.67
N TYR A 461 47.25 30.34 -11.97
CA TYR A 461 48.19 29.79 -12.94
C TYR A 461 48.92 30.92 -13.66
N VAL A 462 50.26 30.86 -13.63
CA VAL A 462 51.13 31.79 -14.32
C VAL A 462 52.11 31.00 -15.16
N ASN A 463 52.68 31.66 -16.17
CA ASN A 463 53.76 31.08 -16.97
C ASN A 463 55.09 31.64 -16.49
N GLU A 464 56.15 31.43 -17.29
CA GLU A 464 57.50 31.68 -16.80
C GLU A 464 57.83 33.17 -16.80
N MET A 465 57.16 33.94 -17.65
CA MET A 465 57.19 35.40 -17.69
C MET A 465 56.39 36.03 -16.56
N GLY A 466 55.76 35.24 -15.70
CA GLY A 466 54.98 35.80 -14.61
C GLY A 466 53.60 36.30 -14.99
N ARG A 467 53.19 36.13 -16.23
CA ARG A 467 51.86 36.54 -16.67
C ARG A 467 50.86 35.41 -16.46
N ARG A 468 49.58 35.80 -16.34
CA ARG A 468 48.51 34.82 -16.14
C ARG A 468 48.49 33.85 -17.29
N SER A 469 48.30 32.57 -16.98
CA SER A 469 48.30 31.58 -18.03
C SER A 469 46.98 30.87 -18.21
N ARG A 470 46.11 30.83 -17.19
CA ARG A 470 44.73 30.38 -17.34
C ARG A 470 43.79 31.38 -16.68
N LEU A 471 42.65 31.63 -17.35
CA LEU A 471 41.68 32.60 -16.82
C LEU A 471 40.99 32.13 -15.54
N PRO A 472 40.44 30.93 -15.44
CA PRO A 472 39.84 30.51 -14.16
C PRO A 472 40.89 30.23 -13.11
N GLU A 473 40.44 30.32 -11.87
CA GLU A 473 41.27 30.09 -10.71
C GLU A 473 40.69 28.92 -9.93
N VAL A 474 41.57 28.11 -9.34
CA VAL A 474 41.13 26.99 -8.52
C VAL A 474 40.42 27.54 -7.29
N MET A 475 39.19 27.07 -7.07
CA MET A 475 38.42 27.42 -5.89
C MET A 475 38.45 26.29 -4.89
N PHE A 476 38.45 26.65 -3.61
CA PHE A 476 38.40 25.72 -2.51
C PHE A 476 37.07 25.87 -1.81
N PRO A 477 36.34 24.78 -1.55
CA PRO A 477 35.00 24.95 -0.94
C PRO A 477 35.05 25.52 0.46
N THR A 478 36.11 25.24 1.21
CA THR A 478 36.21 25.60 2.63
C THR A 478 37.60 26.12 2.97
N GLN A 479 37.66 26.90 4.04
CA GLN A 479 38.92 27.36 4.57
C GLN A 479 39.78 26.15 4.92
N ALA A 480 41.01 26.14 4.41
CA ALA A 480 41.89 25.00 4.53
C ALA A 480 42.67 25.07 5.83
N LYS A 481 42.85 23.91 6.45
CA LYS A 481 43.78 23.81 7.57
C LYS A 481 45.17 23.35 7.14
N TYR A 482 45.27 22.55 6.07
CA TYR A 482 46.59 22.15 5.59
C TYR A 482 46.50 22.01 4.08
N PHE A 483 47.64 22.23 3.42
CA PHE A 483 47.82 21.96 2.01
C PHE A 483 48.98 20.98 1.85
N ALA A 484 48.80 19.99 0.97
CA ALA A 484 49.88 19.10 0.62
C ALA A 484 49.80 18.82 -0.87
N TYR A 485 50.92 18.48 -1.47
CA TYR A 485 50.93 18.18 -2.89
C TYR A 485 51.62 16.84 -3.16
N HIS A 486 50.95 15.98 -3.94
CA HIS A 486 51.49 14.69 -4.39
C HIS A 486 51.11 14.53 -5.86
N GLU A 487 52.09 14.74 -6.76
CA GLU A 487 51.89 14.86 -8.21
C GLU A 487 50.89 13.87 -8.78
N PRO A 488 49.86 14.32 -9.54
CA PRO A 488 49.50 15.71 -9.89
C PRO A 488 48.42 16.32 -9.01
N TYR A 489 48.31 15.86 -7.77
CA TYR A 489 47.14 16.13 -6.94
C TYR A 489 47.46 17.14 -5.86
N LEU A 490 46.74 18.29 -5.86
CA LEU A 490 46.73 19.19 -4.72
C LEU A 490 45.72 18.67 -3.70
N CYS A 491 46.11 18.59 -2.44
CA CYS A 491 45.28 18.06 -1.39
C CYS A 491 45.02 19.16 -0.36
N VAL A 492 43.76 19.55 -0.21
CA VAL A 492 43.39 20.66 0.64
C VAL A 492 42.61 20.10 1.83
N PHE A 493 43.19 20.18 3.01
CA PHE A 493 42.63 19.55 4.19
C PHE A 493 41.73 20.53 4.94
N SER A 494 40.50 20.13 5.26
CA SER A 494 39.73 20.93 6.19
C SER A 494 39.16 20.07 7.31
N GLU A 495 38.22 20.61 8.08
CA GLU A 495 37.76 19.92 9.29
C GLU A 495 37.17 18.56 8.97
N ASN A 496 36.37 18.47 7.93
CA ASN A 496 35.58 17.28 7.68
C ASN A 496 35.95 16.55 6.41
N GLU A 497 36.96 17.02 5.68
CA GLU A 497 37.30 16.34 4.43
C GLU A 497 38.66 16.80 3.93
N VAL A 498 39.20 16.05 2.98
CA VAL A 498 40.33 16.45 2.16
C VAL A 498 39.79 16.58 0.76
N ASP A 499 39.92 17.77 0.16
CA ASP A 499 39.50 17.93 -1.23
C ASP A 499 40.71 17.83 -2.14
N ILE A 500 40.52 17.20 -3.29
CA ILE A 500 41.60 16.80 -4.19
C ILE A 500 41.46 17.57 -5.50
N PHE A 501 42.57 18.13 -5.98
CA PHE A 501 42.53 18.92 -7.21
C PHE A 501 43.60 18.41 -8.16
N ASN A 502 43.21 18.06 -9.38
CA ASN A 502 44.18 17.72 -10.41
C ASN A 502 44.77 19.01 -10.96
N VAL A 503 46.02 19.27 -10.61
CA VAL A 503 46.68 20.51 -10.96
C VAL A 503 46.85 20.64 -12.48
N THR A 504 47.00 19.52 -13.18
CA THR A 504 47.12 19.57 -14.64
C THR A 504 45.81 20.01 -15.29
N LEU A 505 44.67 19.57 -14.74
CA LEU A 505 43.37 19.84 -15.34
C LEU A 505 42.66 21.00 -14.68
N ALA A 506 43.19 21.52 -13.57
CA ALA A 506 42.55 22.57 -12.79
C ALA A 506 41.14 22.15 -12.39
N GLU A 507 41.02 20.90 -11.95
CA GLU A 507 39.74 20.24 -11.73
C GLU A 507 39.67 19.72 -10.31
N TRP A 508 38.58 20.03 -9.63
CA TRP A 508 38.20 19.42 -8.36
C TRP A 508 37.76 17.98 -8.64
N VAL A 509 38.54 16.98 -8.25
CA VAL A 509 38.22 15.61 -8.66
C VAL A 509 37.68 14.75 -7.54
N GLN A 510 37.84 15.12 -6.27
CA GLN A 510 37.37 14.19 -5.25
C GLN A 510 37.21 14.90 -3.92
N THR A 511 36.25 14.45 -3.12
CA THR A 511 36.10 14.84 -1.73
C THR A 511 36.25 13.61 -0.87
N ILE A 512 37.23 13.61 0.03
CA ILE A 512 37.49 12.50 0.93
C ILE A 512 37.06 12.94 2.32
N ASN A 513 35.90 12.48 2.76
CA ASN A 513 35.45 12.82 4.10
C ASN A 513 36.23 12.04 5.16
N LEU A 514 36.93 12.77 6.02
CA LEU A 514 37.64 12.24 7.17
C LEU A 514 37.50 13.23 8.30
N ARG A 515 37.59 12.73 9.53
CA ARG A 515 37.46 13.60 10.70
C ARG A 515 38.84 14.10 11.12
N SER A 516 39.06 15.42 10.97
CA SER A 516 40.30 16.09 11.39
C SER A 516 41.55 15.45 10.79
N ALA A 517 41.54 15.24 9.48
CA ALA A 517 42.72 14.72 8.83
C ALA A 517 43.84 15.75 8.87
N LYS A 518 45.08 15.25 9.03
CA LYS A 518 46.26 16.08 9.12
C LYS A 518 47.40 15.35 8.43
N PRO A 519 48.05 15.96 7.43
CA PRO A 519 49.13 15.28 6.73
C PRO A 519 50.33 15.08 7.64
N LEU A 520 50.96 13.91 7.54
CA LEU A 520 52.19 13.64 8.28
C LEU A 520 53.43 13.75 7.39
N SER A 521 53.34 13.22 6.19
CA SER A 521 54.36 13.36 5.18
C SER A 521 54.24 14.71 4.51
N GLY A 522 55.34 15.17 3.93
CA GLY A 522 55.30 16.46 3.26
C GLY A 522 54.34 16.47 2.10
N ASP A 523 54.05 15.30 1.52
CA ASP A 523 53.17 15.24 0.38
C ASP A 523 51.78 14.72 0.73
N GLY A 524 51.45 14.62 2.02
CA GLY A 524 50.08 14.32 2.46
C GLY A 524 49.54 12.91 2.36
N ILE A 525 50.04 12.09 1.43
CA ILE A 525 49.46 10.75 1.27
C ILE A 525 49.62 9.87 2.50
N LEU A 526 50.51 10.21 3.43
CA LEU A 526 50.49 9.63 4.76
C LEU A 526 49.96 10.70 5.71
N SER A 527 48.87 10.37 6.40
CA SER A 527 48.14 11.34 7.19
C SER A 527 47.59 10.62 8.40
N THR A 528 47.07 11.41 9.32
CA THR A 528 46.37 10.91 10.48
C THR A 528 44.97 11.49 10.52
N CYS A 529 44.07 10.80 11.21
CA CYS A 529 42.69 11.25 11.30
C CYS A 529 42.04 10.47 12.42
N LEU A 530 40.84 10.87 12.78
CA LEU A 530 40.13 10.24 13.88
C LEU A 530 39.14 9.23 13.32
N CYS A 531 39.18 8.02 13.84
CA CYS A 531 38.28 6.95 13.45
C CYS A 531 37.65 6.42 14.73
N ASN A 532 36.35 6.67 14.91
CA ASN A 532 35.65 6.40 16.17
C ASN A 532 36.35 7.10 17.33
N ASP A 533 36.71 8.35 17.10
CA ASP A 533 37.37 9.25 18.07
C ASP A 533 38.72 8.71 18.56
N SER A 534 39.28 7.74 17.88
CA SER A 534 40.62 7.32 18.20
C SER A 534 41.54 7.59 17.01
N PRO A 535 42.78 8.02 17.23
CA PRO A 535 43.64 8.40 16.10
C PRO A 535 44.17 7.19 15.34
N ILE A 536 44.20 7.32 14.01
CA ILE A 536 44.71 6.29 13.13
C ILE A 536 45.61 6.95 12.10
N PHE A 537 46.38 6.11 11.42
CA PHE A 537 47.39 6.48 10.45
C PHE A 537 46.90 5.91 9.13
N VAL A 538 46.63 6.77 8.15
CA VAL A 538 46.04 6.33 6.89
C VAL A 538 46.99 6.66 5.77
N LEU A 539 46.88 5.87 4.70
CA LEU A 539 47.55 6.11 3.44
C LEU A 539 46.50 6.53 2.42
N LEU A 540 46.76 7.63 1.73
CA LEU A 540 45.95 8.04 0.60
C LEU A 540 46.60 7.43 -0.63
N GLN A 541 45.98 6.38 -1.16
CA GLN A 541 46.58 5.54 -2.19
C GLN A 541 46.07 5.97 -3.56
N ASN A 542 46.97 6.52 -4.37
CA ASN A 542 46.74 6.84 -5.76
C ASN A 542 46.17 5.62 -6.49
N VAL A 543 44.91 5.71 -6.94
CA VAL A 543 44.28 4.60 -7.64
C VAL A 543 44.90 4.32 -9.00
N LEU A 544 45.75 5.19 -9.52
CA LEU A 544 46.40 4.93 -10.81
C LEU A 544 47.63 4.01 -10.70
N GLN A 545 48.24 3.86 -9.52
CA GLN A 545 49.42 3.00 -9.35
C GLN A 545 49.00 1.53 -9.30
N ASP A 546 49.92 0.64 -9.68
CA ASP A 546 49.59 -0.80 -9.60
C ASP A 546 50.08 -1.45 -8.33
N GLN A 547 50.40 -0.67 -7.31
CA GLN A 547 50.87 -1.14 -6.00
C GLN A 547 50.82 0.03 -5.04
N ASP A 548 50.61 -0.27 -3.76
CA ASP A 548 50.52 0.78 -2.76
C ASP A 548 51.88 1.47 -2.54
N SER A 549 51.81 2.75 -2.16
CA SER A 549 53.01 3.55 -1.94
C SER A 549 53.86 3.00 -0.80
N ILE A 550 53.23 2.41 0.21
CA ILE A 550 53.93 1.61 1.22
C ILE A 550 53.20 0.28 1.33
N GLU A 551 53.94 -0.72 1.78
CA GLU A 551 53.33 -1.99 2.12
C GLU A 551 52.34 -1.76 3.26
N VAL A 552 51.09 -2.13 3.05
CA VAL A 552 50.03 -1.95 4.05
C VAL A 552 49.81 -3.29 4.73
N PRO A 553 49.89 -3.37 6.05
CA PRO A 553 49.57 -4.65 6.73
C PRO A 553 48.07 -4.88 6.73
N VAL A 554 47.69 -6.12 6.40
CA VAL A 554 46.30 -6.50 6.25
C VAL A 554 45.65 -6.69 7.61
N ASN A 555 44.54 -5.98 7.83
CA ASN A 555 43.90 -5.87 9.15
C ASN A 555 42.78 -6.89 9.27
N LEU A 556 43.07 -8.02 9.92
CA LEU A 556 42.06 -9.03 10.22
C LEU A 556 42.33 -9.62 11.60
N GLY B 5 -37.31 -5.42 -45.03
CA GLY B 5 -36.13 -5.18 -44.21
C GLY B 5 -34.94 -4.64 -44.97
N HIS B 6 -33.84 -4.36 -44.27
CA HIS B 6 -32.67 -3.74 -44.88
C HIS B 6 -31.98 -4.68 -45.87
N ASN B 7 -31.26 -4.08 -46.81
CA ASN B 7 -30.43 -4.79 -47.78
C ASN B 7 -28.97 -4.46 -47.52
N PHE B 8 -28.44 -5.03 -46.44
CA PHE B 8 -27.08 -4.71 -46.05
C PHE B 8 -26.09 -5.34 -47.02
N GLU B 9 -24.96 -4.66 -47.22
CA GLU B 9 -23.80 -5.29 -47.81
C GLU B 9 -22.55 -4.68 -47.19
N ARG B 10 -21.51 -5.51 -47.06
CA ARG B 10 -20.20 -5.08 -46.59
C ARG B 10 -19.67 -3.95 -47.47
N MET B 11 -19.21 -2.88 -46.84
CA MET B 11 -18.89 -1.64 -47.53
C MET B 11 -17.52 -1.14 -47.10
N LYS B 12 -16.74 -0.66 -48.06
CA LYS B 12 -15.53 0.11 -47.75
C LYS B 12 -15.90 1.56 -47.48
N ILE B 13 -15.78 1.99 -46.23
CA ILE B 13 -16.11 3.36 -45.82
C ILE B 13 -14.91 4.26 -46.11
N LYS B 14 -15.12 5.32 -46.90
CA LYS B 14 -14.03 6.12 -47.44
C LYS B 14 -13.72 7.37 -46.62
N THR B 15 -14.44 7.62 -45.53
CA THR B 15 -14.28 8.82 -44.74
C THR B 15 -14.76 8.49 -43.35
N PRO B 16 -14.22 9.12 -42.31
CA PRO B 16 -14.67 8.79 -40.94
C PRO B 16 -16.16 8.99 -40.80
N THR B 17 -16.89 7.92 -40.51
CA THR B 17 -18.35 7.90 -40.54
C THR B 17 -18.88 7.26 -39.26
N LYS B 18 -19.89 7.90 -38.66
CA LYS B 18 -20.50 7.40 -37.44
C LYS B 18 -21.45 6.25 -37.74
N CYS B 19 -21.38 5.18 -36.93
CA CYS B 19 -22.36 4.11 -37.02
C CYS B 19 -23.76 4.67 -36.77
N GLY B 20 -24.71 4.34 -37.65
CA GLY B 20 -26.06 4.86 -37.51
C GLY B 20 -26.77 4.39 -36.26
N HIS B 21 -26.27 3.32 -35.64
CA HIS B 21 -26.93 2.77 -34.45
C HIS B 21 -26.24 3.14 -33.15
N CYS B 22 -24.90 3.15 -33.11
CA CYS B 22 -24.23 3.48 -31.85
C CYS B 22 -23.40 4.76 -31.92
N THR B 23 -23.29 5.39 -33.09
CA THR B 23 -22.55 6.64 -33.36
C THR B 23 -21.02 6.52 -33.25
N SER B 24 -20.48 5.39 -32.79
CA SER B 24 -19.03 5.23 -32.86
C SER B 24 -18.57 5.28 -34.31
N ILE B 25 -17.34 5.77 -34.52
CA ILE B 25 -16.77 5.80 -35.87
C ILE B 25 -16.59 4.37 -36.38
N LEU B 26 -16.87 4.16 -37.67
CA LEU B 26 -16.65 2.85 -38.30
C LEU B 26 -15.16 2.74 -38.65
N ILE B 27 -14.34 2.37 -37.66
CA ILE B 27 -12.91 2.29 -37.93
C ILE B 27 -12.59 1.06 -38.78
N GLY B 28 -11.41 1.09 -39.40
CA GLY B 28 -10.87 -0.04 -40.15
C GLY B 28 -10.30 0.41 -41.47
N LEU B 29 -9.69 -0.54 -42.17
CA LEU B 29 -9.08 -0.26 -43.46
C LEU B 29 -9.88 -0.77 -44.63
N ASP B 30 -10.86 -1.65 -44.40
CA ASP B 30 -11.70 -2.21 -45.44
C ASP B 30 -12.91 -2.79 -44.73
N ARG B 31 -14.04 -2.88 -45.47
CA ARG B 31 -15.21 -3.59 -44.95
C ARG B 31 -15.55 -3.10 -43.55
N GLN B 32 -15.46 -1.79 -43.36
CA GLN B 32 -15.60 -1.24 -42.03
C GLN B 32 -17.03 -1.44 -41.49
N GLY B 33 -18.02 -1.59 -42.37
CA GLY B 33 -19.36 -1.82 -41.87
C GLY B 33 -20.30 -2.33 -42.96
N LEU B 34 -21.57 -2.36 -42.61
CA LEU B 34 -22.65 -2.70 -43.53
C LEU B 34 -23.36 -1.42 -43.98
N PHE B 35 -23.85 -1.43 -45.21
CA PHE B 35 -24.55 -0.29 -45.80
C PHE B 35 -25.84 -0.81 -46.43
N CYS B 36 -26.99 -0.18 -46.11
CA CYS B 36 -28.27 -0.75 -46.54
C CYS B 36 -28.59 -0.50 -48.00
N GLN B 37 -28.14 0.63 -48.55
CA GLN B 37 -28.32 0.88 -49.98
C GLN B 37 -29.74 1.37 -50.33
N SER B 38 -30.78 0.77 -49.74
CA SER B 38 -32.15 1.21 -49.97
C SER B 38 -32.63 2.26 -48.97
N CYS B 39 -31.82 2.62 -47.97
CA CYS B 39 -32.07 3.78 -47.13
C CYS B 39 -30.80 4.54 -46.78
N GLN B 40 -29.61 3.97 -47.06
CA GLN B 40 -28.31 4.57 -46.80
C GLN B 40 -27.91 4.51 -45.34
N TYR B 41 -28.50 3.60 -44.56
CA TYR B 41 -28.04 3.37 -43.19
C TYR B 41 -26.67 2.70 -43.22
N ALA B 42 -25.72 3.20 -42.44
CA ALA B 42 -24.42 2.56 -42.23
C ALA B 42 -24.25 2.19 -40.77
N CYS B 43 -23.73 1.00 -40.50
CA CYS B 43 -23.61 0.55 -39.12
C CYS B 43 -22.54 -0.53 -38.99
N HIS B 44 -22.11 -0.77 -37.76
CA HIS B 44 -21.18 -1.86 -37.51
C HIS B 44 -21.84 -3.18 -37.85
N VAL B 45 -21.03 -4.16 -38.27
CA VAL B 45 -21.57 -5.51 -38.46
C VAL B 45 -22.20 -6.00 -37.17
N SER B 46 -21.55 -5.77 -36.03
CA SER B 46 -22.10 -6.26 -34.78
C SER B 46 -23.36 -5.49 -34.39
N CYS B 47 -23.45 -4.21 -34.76
CA CYS B 47 -24.63 -3.43 -34.40
C CYS B 47 -25.84 -3.80 -35.24
N ALA B 48 -25.63 -4.23 -36.49
CA ALA B 48 -26.74 -4.42 -37.42
C ALA B 48 -27.82 -5.32 -36.84
N GLU B 49 -27.47 -6.23 -35.93
CA GLU B 49 -28.46 -7.19 -35.46
C GLU B 49 -29.43 -6.58 -34.47
N ARG B 50 -29.03 -5.56 -33.71
CA ARG B 50 -29.97 -4.86 -32.85
C ARG B 50 -30.55 -3.60 -33.51
N VAL B 51 -30.46 -3.51 -34.83
CA VAL B 51 -30.98 -2.36 -35.57
C VAL B 51 -32.36 -2.71 -36.11
N SER B 52 -33.26 -1.71 -36.14
CA SER B 52 -34.65 -1.92 -36.49
C SER B 52 -34.81 -2.58 -37.86
N GLN B 53 -35.61 -3.64 -37.92
CA GLN B 53 -35.85 -4.34 -39.18
C GLN B 53 -36.72 -3.54 -40.13
N SER B 54 -37.22 -2.37 -39.72
CA SER B 54 -38.03 -1.53 -40.59
C SER B 54 -37.12 -0.63 -41.43
N CYS B 55 -37.41 -0.55 -42.73
CA CYS B 55 -36.49 0.12 -43.64
C CYS B 55 -37.22 0.93 -44.70
N PRO B 56 -37.04 2.27 -44.74
CA PRO B 56 -36.07 3.03 -43.92
C PRO B 56 -36.44 3.11 -42.43
N VAL B 57 -35.48 3.47 -41.60
CA VAL B 57 -35.72 3.55 -40.15
C VAL B 57 -36.48 4.84 -39.86
N PRO B 58 -37.55 4.79 -39.05
CA PRO B 58 -38.43 5.96 -38.92
C PRO B 58 -37.90 7.06 -38.03
N GLU B 59 -36.57 7.16 -37.93
CA GLU B 59 -35.87 8.29 -37.30
C GLU B 59 -36.16 8.43 -35.81
N GLU B 60 -37.35 8.03 -35.35
CA GLU B 60 -37.68 8.17 -33.94
C GLU B 60 -36.82 7.28 -33.03
N GLU B 61 -36.24 6.20 -33.57
CA GLU B 61 -35.34 5.35 -32.80
C GLU B 61 -33.87 5.70 -33.01
N ARG B 62 -33.59 6.90 -33.52
CA ARG B 62 -32.20 7.32 -33.76
C ARG B 62 -31.48 7.53 -32.42
N ARG B 63 -30.37 6.83 -32.23
CA ARG B 63 -29.61 6.94 -30.99
C ARG B 63 -28.88 8.27 -30.95
N PRO B 64 -29.12 9.12 -29.96
CA PRO B 64 -28.49 10.44 -29.91
C PRO B 64 -26.96 10.35 -29.86
N LEU B 65 -26.33 11.51 -30.04
CA LEU B 65 -24.89 11.60 -30.18
C LEU B 65 -24.23 11.81 -28.82
N GLY B 66 -23.16 11.08 -28.57
CA GLY B 66 -22.41 11.23 -27.33
C GLY B 66 -21.75 9.92 -26.94
N ILE B 67 -20.99 9.97 -25.85
CA ILE B 67 -20.34 8.79 -25.30
C ILE B 67 -21.29 8.20 -24.26
N ASP B 68 -21.85 7.02 -24.57
CA ASP B 68 -22.69 6.25 -23.66
C ASP B 68 -21.91 5.97 -22.39
N PRO B 69 -22.30 6.58 -21.26
CA PRO B 69 -21.46 6.47 -20.05
C PRO B 69 -21.37 5.06 -19.48
N THR B 70 -22.15 4.10 -19.97
CA THR B 70 -22.12 2.73 -19.47
C THR B 70 -21.26 1.81 -20.33
N ARG B 71 -21.61 1.64 -21.61
CA ARG B 71 -20.92 0.71 -22.48
C ARG B 71 -19.59 1.24 -23.01
N GLY B 72 -19.27 2.51 -22.78
CA GLY B 72 -18.03 3.09 -23.26
C GLY B 72 -17.99 3.36 -24.75
N VAL B 73 -19.15 3.62 -25.35
CA VAL B 73 -19.33 3.71 -26.80
C VAL B 73 -19.86 5.09 -27.18
N GLY B 74 -19.42 5.59 -28.35
CA GLY B 74 -20.05 6.75 -28.96
C GLY B 74 -19.17 7.93 -29.30
N THR B 75 -19.49 8.62 -30.40
CA THR B 75 -18.77 9.83 -30.78
C THR B 75 -19.32 11.02 -30.02
N ALA B 76 -18.45 11.79 -29.38
CA ALA B 76 -18.88 12.96 -28.65
C ALA B 76 -18.38 14.28 -29.23
N TYR B 77 -17.47 14.25 -30.20
CA TYR B 77 -16.97 15.48 -30.81
C TYR B 77 -16.24 15.15 -32.10
N GLU B 78 -16.34 16.08 -33.06
CA GLU B 78 -15.61 16.06 -34.33
C GLU B 78 -15.22 17.49 -34.65
N GLY B 79 -13.95 17.75 -34.95
CA GLY B 79 -13.55 19.13 -35.18
C GLY B 79 -12.09 19.23 -35.59
N LEU B 80 -11.67 20.46 -35.85
CA LEU B 80 -10.32 20.75 -36.30
C LEU B 80 -9.46 21.29 -35.15
N VAL B 81 -8.23 20.77 -35.05
CA VAL B 81 -7.17 21.37 -34.22
C VAL B 81 -5.87 21.33 -34.99
N LYS B 82 -4.87 22.00 -34.45
CA LYS B 82 -3.51 21.90 -34.93
C LYS B 82 -2.72 20.89 -34.09
N THR B 83 -1.77 20.19 -34.74
CA THR B 83 -0.76 19.34 -34.12
C THR B 83 0.57 19.60 -34.80
N PRO B 84 1.68 19.28 -34.15
CA PRO B 84 2.99 19.39 -34.82
C PRO B 84 3.09 18.42 -35.98
N ARG B 85 3.91 18.78 -36.95
CA ARG B 85 4.23 17.88 -38.04
C ARG B 85 5.55 17.16 -37.70
N ALA B 86 6.27 16.69 -38.71
CA ALA B 86 7.57 16.01 -38.55
C ALA B 86 7.53 14.90 -37.51
N GLY B 88 8.29 17.12 -34.90
CA GLY B 88 7.76 17.86 -33.78
C GLY B 88 7.55 19.35 -34.00
N VAL B 89 7.31 20.08 -32.91
CA VAL B 89 6.94 21.48 -32.98
C VAL B 89 8.01 22.33 -33.63
N ARG B 90 9.25 21.85 -33.67
CA ARG B 90 10.31 22.60 -34.32
C ARG B 90 10.01 22.84 -35.79
N LYS B 91 9.27 21.92 -36.41
CA LYS B 91 8.97 22.00 -37.83
C LYS B 91 7.60 22.60 -38.12
N GLY B 92 6.93 23.14 -37.10
CA GLY B 92 5.68 23.85 -37.29
C GLY B 92 4.46 23.00 -36.97
N TRP B 93 3.30 23.61 -37.19
CA TRP B 93 2.02 23.01 -36.86
C TRP B 93 1.20 22.75 -38.11
N GLN B 94 0.41 21.68 -38.08
CA GLN B 94 -0.48 21.38 -39.19
C GLN B 94 -1.89 21.12 -38.66
N THR B 95 -2.87 21.45 -39.51
CA THR B 95 -4.26 21.20 -39.19
C THR B 95 -4.54 19.70 -39.23
N ALA B 96 -5.28 19.24 -38.23
CA ALA B 96 -5.71 17.85 -38.15
C ALA B 96 -7.17 17.81 -37.75
N TYR B 97 -7.80 16.68 -38.04
CA TYR B 97 -9.21 16.45 -37.72
C TYR B 97 -9.24 15.49 -36.56
N VAL B 98 -9.91 15.87 -35.46
CA VAL B 98 -9.96 15.06 -34.25
C VAL B 98 -11.39 14.62 -34.02
N VAL B 99 -11.58 13.31 -33.84
CA VAL B 99 -12.84 12.76 -33.37
C VAL B 99 -12.63 12.22 -31.97
N VAL B 100 -13.54 12.55 -31.06
CA VAL B 100 -13.53 12.02 -29.71
C VAL B 100 -14.64 10.98 -29.64
N CYS B 101 -14.25 9.72 -29.43
CA CYS B 101 -15.14 8.59 -29.64
C CYS B 101 -14.67 7.41 -28.79
N ASP B 102 -15.62 6.77 -28.10
CA ASP B 102 -15.35 5.62 -27.24
C ASP B 102 -14.27 5.92 -26.20
N PHE B 103 -14.33 7.12 -25.61
CA PHE B 103 -13.33 7.57 -24.65
C PHE B 103 -11.91 7.51 -25.24
N LYS B 104 -11.80 7.80 -26.53
CA LYS B 104 -10.51 7.86 -27.20
C LYS B 104 -10.48 9.08 -28.11
N LEU B 105 -9.28 9.55 -28.40
CA LEU B 105 -9.09 10.56 -29.43
C LEU B 105 -8.56 9.88 -30.67
N TYR B 106 -9.18 10.15 -31.81
CA TYR B 106 -8.68 9.73 -33.10
C TYR B 106 -8.15 10.94 -33.86
N LEU B 107 -6.94 10.82 -34.37
CA LEU B 107 -6.34 11.88 -35.15
C LEU B 107 -6.31 11.45 -36.61
N TYR B 108 -6.85 12.27 -37.49
CA TYR B 108 -6.79 12.02 -38.92
C TYR B 108 -6.08 13.18 -39.58
N ASP B 109 -5.32 12.88 -40.63
CA ASP B 109 -4.79 13.91 -41.49
C ASP B 109 -5.90 14.52 -42.33
N CYS B 110 -5.69 15.75 -42.80
CA CYS B 110 -6.59 16.31 -43.79
C CYS B 110 -5.83 17.31 -44.64
N THR B 111 -6.52 17.81 -45.67
CA THR B 111 -5.99 18.82 -46.57
C THR B 111 -6.68 20.15 -46.35
N GLN B 119 -10.29 18.13 -49.82
CA GLN B 119 -10.32 18.26 -48.37
C GLN B 119 -10.73 16.95 -47.70
N ASP B 120 -11.34 16.04 -48.47
CA ASP B 120 -11.99 14.86 -47.91
C ASP B 120 -11.02 14.01 -47.09
N VAL B 121 -11.38 13.76 -45.83
CA VAL B 121 -10.51 13.05 -44.88
C VAL B 121 -10.63 11.55 -45.12
N LYS B 122 -9.50 10.85 -45.16
CA LYS B 122 -9.52 9.42 -45.38
C LYS B 122 -9.84 8.68 -44.08
N ASN B 123 -10.32 7.44 -44.22
CA ASN B 123 -10.72 6.66 -43.05
C ASN B 123 -9.53 5.94 -42.42
N GLU B 124 -8.36 6.56 -42.45
CA GLU B 124 -7.18 6.04 -41.79
C GLU B 124 -6.81 6.95 -40.62
N ILE B 125 -6.74 6.36 -39.44
CA ILE B 125 -6.41 7.09 -38.22
C ILE B 125 -4.89 7.17 -38.12
N ARG B 126 -4.36 8.37 -37.89
CA ARG B 126 -2.92 8.57 -37.75
C ARG B 126 -2.43 8.27 -36.34
N LEU B 127 -3.31 8.42 -35.36
CA LEU B 127 -2.93 8.25 -33.97
C LEU B 127 -4.20 8.04 -33.15
N VAL B 128 -4.11 7.17 -32.16
CA VAL B 128 -5.19 6.89 -31.23
C VAL B 128 -4.65 7.17 -29.84
N LEU B 129 -5.37 7.98 -29.07
CA LEU B 129 -5.03 8.20 -27.68
C LEU B 129 -6.21 7.73 -26.83
N ASP B 130 -5.97 6.71 -26.01
CA ASP B 130 -7.04 6.06 -25.26
C ASP B 130 -7.07 6.60 -23.84
N MET B 131 -8.23 7.10 -23.40
CA MET B 131 -8.30 7.58 -22.02
C MET B 131 -8.33 6.45 -21.01
N ARG B 132 -8.42 5.18 -21.45
CA ARG B 132 -8.26 4.06 -20.52
C ARG B 132 -6.81 3.85 -20.10
N ASP B 133 -5.86 4.51 -20.74
CA ASP B 133 -4.46 4.39 -20.35
C ASP B 133 -4.29 4.80 -18.89
N PRO B 134 -3.56 4.01 -18.09
CA PRO B 134 -3.41 4.33 -16.65
C PRO B 134 -2.81 5.71 -16.40
N ASP B 135 -2.03 6.24 -17.33
CA ASP B 135 -1.42 7.53 -17.12
C ASP B 135 -2.02 8.61 -18.03
N PHE B 136 -3.22 8.39 -18.54
CA PHE B 136 -3.88 9.41 -19.34
C PHE B 136 -4.05 10.70 -18.53
N THR B 137 -3.56 11.80 -19.09
CA THR B 137 -3.90 13.12 -18.58
C THR B 137 -3.85 14.11 -19.73
N VAL B 138 -4.50 15.25 -19.51
CA VAL B 138 -4.52 16.38 -20.44
C VAL B 138 -4.49 17.66 -19.63
N CYS B 139 -3.74 18.65 -20.11
CA CYS B 139 -3.51 19.87 -19.36
C CYS B 139 -2.95 20.90 -20.32
N GLY B 140 -3.09 22.17 -19.97
CA GLY B 140 -2.28 23.21 -20.59
C GLY B 140 -0.82 23.02 -20.27
N VAL B 141 0.02 23.85 -20.90
CA VAL B 141 1.46 23.74 -20.76
C VAL B 141 2.04 25.10 -20.40
N SER B 142 3.20 25.06 -19.73
CA SER B 142 4.04 26.24 -19.53
C SER B 142 5.16 26.23 -20.56
N GLU B 143 5.89 27.35 -20.61
CA GLU B 143 7.03 27.43 -21.51
C GLU B 143 8.05 26.33 -21.22
N ALA B 144 8.19 25.95 -19.95
CA ALA B 144 9.10 24.87 -19.58
C ALA B 144 8.73 23.54 -20.23
N ASP B 145 7.48 23.39 -20.64
CA ASP B 145 7.02 22.11 -21.17
C ASP B 145 7.17 21.97 -22.67
N VAL B 146 7.30 23.06 -23.41
CA VAL B 146 7.42 22.98 -24.87
C VAL B 146 8.46 24.00 -25.31
N ILE B 147 9.75 23.68 -25.12
CA ILE B 147 10.80 24.70 -25.24
C ILE B 147 11.00 25.16 -26.69
N HIS B 148 10.54 24.40 -27.69
CA HIS B 148 10.76 24.80 -29.07
C HIS B 148 9.54 25.49 -29.70
N ALA B 149 8.52 25.77 -28.91
CA ALA B 149 7.33 26.48 -29.39
C ALA B 149 7.50 27.98 -29.25
N GLN B 150 6.82 28.74 -30.12
CA GLN B 150 6.78 30.19 -29.98
C GLN B 150 6.15 30.57 -28.65
N LYS B 151 6.75 31.59 -28.02
CA LYS B 151 6.23 32.17 -26.78
C LYS B 151 4.71 32.37 -26.86
N GLY B 152 4.25 33.08 -27.89
CA GLY B 152 2.86 33.41 -28.04
C GLY B 152 1.96 32.25 -28.38
N ASP B 153 2.52 31.07 -28.63
CA ASP B 153 1.70 29.90 -28.88
C ASP B 153 1.40 29.10 -27.62
N ILE B 154 2.20 29.26 -26.56
CA ILE B 154 2.05 28.43 -25.36
C ILE B 154 0.63 28.44 -24.79
N PRO B 155 -0.04 29.60 -24.64
CA PRO B 155 -1.37 29.57 -24.03
C PRO B 155 -2.41 28.81 -24.84
N LYS B 156 -2.14 28.54 -26.12
CA LYS B 156 -3.10 27.83 -26.96
C LYS B 156 -2.80 26.34 -27.05
N ILE B 157 -1.69 25.88 -26.49
CA ILE B 157 -1.28 24.49 -26.62
C ILE B 157 -1.85 23.68 -25.46
N PHE B 158 -2.35 22.47 -25.74
CA PHE B 158 -2.61 21.52 -24.67
C PHE B 158 -1.98 20.19 -25.01
N ARG B 159 -1.70 19.42 -23.98
CA ARG B 159 -0.89 18.21 -24.09
C ARG B 159 -1.64 17.02 -23.54
N VAL B 160 -1.70 15.95 -24.33
CA VAL B 160 -2.24 14.68 -23.88
C VAL B 160 -1.08 13.74 -23.55
N THR B 161 -1.15 13.11 -22.39
CA THR B 161 -0.17 12.12 -21.95
C THR B 161 -0.78 10.73 -22.02
N THR B 162 -0.11 9.79 -22.69
CA THR B 162 -0.55 8.40 -22.54
C THR B 162 0.59 7.48 -22.12
N THR B 163 0.90 6.47 -22.92
CA THR B 163 1.68 5.31 -22.51
C THR B 163 3.02 5.58 -21.83
N GLN B 164 3.06 5.27 -20.53
CA GLN B 164 4.29 5.39 -19.76
C GLN B 164 5.17 4.18 -20.00
N ILE B 165 6.47 4.42 -20.23
CA ILE B 165 7.44 3.34 -20.28
C ILE B 165 8.01 3.17 -18.88
N LEU B 166 7.73 2.03 -18.24
CA LEU B 166 8.18 1.77 -16.89
C LEU B 166 9.66 1.43 -16.88
N ASN B 167 10.27 1.56 -15.70
CA ASN B 167 11.67 1.17 -15.50
C ASN B 167 12.62 1.94 -16.41
N SER B 168 12.18 3.11 -16.89
CA SER B 168 12.92 3.81 -17.91
C SER B 168 14.05 4.65 -17.30
N SER B 169 15.21 4.59 -17.95
CA SER B 169 16.29 5.53 -17.66
C SER B 169 15.94 6.97 -17.99
N SER B 170 14.77 7.24 -18.57
CA SER B 170 14.41 8.55 -19.08
C SER B 170 13.39 9.31 -18.23
N GLU B 171 12.77 8.67 -17.24
CA GLU B 171 11.75 9.36 -16.45
C GLU B 171 12.32 10.45 -15.56
N TYR B 172 13.65 10.48 -15.38
CA TYR B 172 14.29 11.55 -14.62
C TYR B 172 13.92 12.92 -15.17
N SER B 173 14.03 13.09 -16.49
CA SER B 173 13.58 14.31 -17.16
C SER B 173 12.09 14.28 -17.49
N SER B 174 11.34 13.31 -16.94
CA SER B 174 9.91 13.11 -17.11
C SER B 174 9.54 12.74 -18.55
N SER B 175 10.52 12.38 -19.37
CA SER B 175 10.29 12.10 -20.78
C SER B 175 10.21 10.60 -21.07
N SER B 176 9.62 9.84 -20.14
CA SER B 176 9.34 8.42 -20.31
C SER B 176 7.87 8.15 -20.64
N LYS B 177 7.11 9.18 -21.02
CA LYS B 177 5.71 9.04 -21.38
C LYS B 177 5.47 9.57 -22.79
N PHE B 178 4.47 9.00 -23.46
CA PHE B 178 4.06 9.48 -24.78
C PHE B 178 3.25 10.77 -24.61
N TYR B 179 3.76 11.86 -25.18
CA TYR B 179 3.14 13.18 -25.14
C TYR B 179 2.65 13.53 -26.54
N THR B 180 1.41 14.02 -26.65
CA THR B 180 0.90 14.58 -27.91
C THR B 180 0.47 16.01 -27.68
N LEU B 181 0.90 16.89 -28.57
CA LEU B 181 0.62 18.32 -28.46
C LEU B 181 -0.48 18.73 -29.43
N PHE B 182 -1.39 19.58 -28.95
CA PHE B 182 -2.46 20.15 -29.75
C PHE B 182 -2.48 21.66 -29.56
N MET B 183 -2.89 22.38 -30.60
CA MET B 183 -3.04 23.82 -30.52
C MET B 183 -4.45 24.23 -30.93
N ALA B 184 -5.12 24.96 -30.05
CA ALA B 184 -6.41 25.55 -30.31
C ALA B 184 -6.21 26.94 -30.91
N GLU B 185 -7.32 27.59 -31.30
CA GLU B 185 -7.23 28.91 -31.90
C GLU B 185 -7.03 29.99 -30.84
N THR B 186 -7.56 29.79 -29.65
CA THR B 186 -7.48 30.78 -28.58
C THR B 186 -7.15 30.09 -27.25
N GLU B 187 -6.68 30.89 -26.30
CA GLU B 187 -6.46 30.38 -24.94
C GLU B 187 -7.75 29.87 -24.34
N GLU B 188 -8.87 30.55 -24.62
CA GLU B 188 -10.14 30.09 -24.08
C GLU B 188 -10.53 28.75 -24.69
N GLU B 189 -10.33 28.57 -26.00
CA GLU B 189 -10.59 27.27 -26.64
C GLU B 189 -9.67 26.19 -26.07
N LYS B 190 -8.37 26.50 -25.92
CA LYS B 190 -7.45 25.62 -25.20
C LYS B 190 -8.08 25.14 -23.89
N ARG B 191 -8.64 26.07 -23.13
CA ARG B 191 -9.19 25.70 -21.83
C ARG B 191 -10.43 24.80 -21.97
N LYS B 192 -11.26 25.04 -23.00
CA LYS B 192 -12.46 24.21 -23.19
C LYS B 192 -12.09 22.77 -23.51
N TRP B 193 -11.09 22.58 -24.37
CA TRP B 193 -10.58 21.26 -24.69
C TRP B 193 -10.13 20.52 -23.44
N VAL B 194 -9.41 21.22 -22.56
CA VAL B 194 -8.87 20.55 -21.38
C VAL B 194 -9.99 20.15 -20.43
N VAL B 195 -10.91 21.08 -20.17
CA VAL B 195 -12.05 20.79 -19.31
C VAL B 195 -12.90 19.66 -19.90
N ALA B 196 -13.16 19.71 -21.22
CA ALA B 196 -14.00 18.71 -21.87
C ALA B 196 -13.41 17.30 -21.75
N LEU B 197 -12.13 17.14 -22.15
CA LEU B 197 -11.51 15.82 -22.08
C LEU B 197 -11.37 15.34 -20.65
N SER B 198 -11.08 16.27 -19.72
CA SER B 198 -10.97 15.91 -18.31
C SER B 198 -12.27 15.34 -17.76
N GLU B 199 -13.41 15.96 -18.11
CA GLU B 199 -14.68 15.45 -17.60
C GLU B 199 -15.02 14.11 -18.23
N LEU B 200 -14.61 13.91 -19.49
CA LEU B 200 -14.83 12.61 -20.13
C LEU B 200 -14.00 11.53 -19.45
N LYS B 201 -12.78 11.85 -19.03
CA LYS B 201 -11.98 10.86 -18.31
C LYS B 201 -12.56 10.60 -16.93
N THR B 202 -13.04 11.65 -16.26
CA THR B 202 -13.74 11.46 -15.00
C THR B 202 -14.98 10.59 -15.19
N LEU B 203 -15.72 10.81 -16.28
CA LEU B 203 -16.86 9.95 -16.58
C LEU B 203 -16.42 8.49 -16.69
N LEU B 204 -15.30 8.24 -17.36
CA LEU B 204 -14.86 6.87 -17.60
C LEU B 204 -14.34 6.22 -16.32
N ARG B 205 -13.80 7.01 -15.39
CA ARG B 205 -13.34 6.42 -14.13
C ARG B 205 -14.52 6.02 -13.25
N ARG B 206 -15.55 6.85 -13.19
CA ARG B 206 -16.77 6.49 -12.48
C ARG B 206 -17.65 5.51 -13.25
N SER B 207 -17.15 4.96 -14.34
CA SER B 207 -17.93 4.09 -15.19
C SER B 207 -17.82 2.63 -14.79
N LYS B 208 -16.82 2.29 -13.98
CA LYS B 208 -16.60 0.91 -13.51
C LYS B 208 -16.49 -0.06 -14.69
N LEU B 209 -16.01 0.43 -15.83
CA LEU B 209 -15.60 -0.46 -16.91
C LEU B 209 -14.34 -1.21 -16.48
N ALA B 210 -14.23 -2.47 -16.90
CA ALA B 210 -13.09 -3.29 -16.51
C ALA B 210 -11.81 -2.82 -17.21
N ASP B 211 -10.67 -2.96 -16.52
CA ASP B 211 -9.37 -2.60 -17.07
C ASP B 211 -8.87 -3.78 -17.89
N ARG B 212 -9.06 -3.71 -19.19
CA ARG B 212 -8.78 -4.82 -20.09
C ARG B 212 -7.43 -4.69 -20.78
N LYS B 213 -6.53 -3.84 -20.27
CA LYS B 213 -5.23 -3.67 -20.90
C LYS B 213 -4.45 -4.97 -20.87
N ALA B 214 -3.72 -5.24 -21.96
CA ALA B 214 -2.95 -6.46 -22.12
C ALA B 214 -1.53 -6.35 -21.54
N PHE B 215 -0.75 -5.34 -21.94
CA PHE B 215 0.67 -5.23 -21.67
C PHE B 215 1.06 -3.98 -20.90
N LEU B 216 2.08 -4.13 -20.06
CA LEU B 216 2.93 -3.04 -19.59
C LEU B 216 4.16 -2.92 -20.48
N VAL B 217 4.69 -1.71 -20.57
CA VAL B 217 5.90 -1.45 -21.33
C VAL B 217 7.05 -1.26 -20.35
N LYS B 218 8.07 -2.10 -20.46
CA LYS B 218 9.22 -2.04 -19.56
C LYS B 218 10.48 -1.89 -20.40
N GLU B 219 11.20 -0.79 -20.18
CA GLU B 219 12.48 -0.62 -20.83
C GLU B 219 13.45 -1.68 -20.31
N VAL B 220 14.20 -2.28 -21.22
CA VAL B 220 15.23 -3.25 -20.89
C VAL B 220 16.62 -2.66 -21.06
N PHE B 221 16.91 -2.14 -22.26
CA PHE B 221 18.20 -1.52 -22.56
C PHE B 221 17.97 -0.18 -23.26
N ASP B 222 18.89 0.76 -23.00
CA ASP B 222 19.02 1.98 -23.80
C ASP B 222 20.35 1.96 -24.55
N VAL B 223 20.64 3.04 -25.27
CA VAL B 223 21.82 3.05 -26.12
C VAL B 223 23.11 3.06 -25.30
N THR B 224 23.04 3.46 -24.03
CA THR B 224 24.26 3.46 -23.23
C THR B 224 24.57 2.08 -22.67
N THR B 225 23.54 1.29 -22.31
CA THR B 225 23.79 -0.06 -21.81
C THR B 225 23.91 -1.08 -22.95
N LEU B 226 23.33 -0.81 -24.12
CA LEU B 226 23.46 -1.70 -25.28
C LEU B 226 23.79 -0.85 -26.50
N PRO B 227 25.05 -0.42 -26.66
CA PRO B 227 25.38 0.50 -27.76
C PRO B 227 24.99 -0.03 -29.14
N SER B 228 25.02 -1.35 -29.32
CA SER B 228 24.71 -1.98 -30.60
C SER B 228 23.22 -2.05 -30.91
N ILE B 229 22.36 -1.42 -30.12
CA ILE B 229 20.93 -1.57 -30.34
C ILE B 229 20.53 -1.08 -31.72
N ARG B 230 21.29 -0.14 -32.29
CA ARG B 230 20.88 0.44 -33.55
C ARG B 230 21.06 -0.52 -34.72
N VAL B 231 21.89 -1.55 -34.58
CA VAL B 231 22.08 -2.54 -35.64
C VAL B 231 21.45 -3.88 -35.29
N ALA B 232 20.79 -4.01 -34.14
CA ALA B 232 20.04 -5.22 -33.85
C ALA B 232 18.91 -5.41 -34.84
N GLN B 233 18.69 -6.66 -35.26
CA GLN B 233 17.68 -7.00 -36.25
C GLN B 233 16.64 -7.98 -35.74
N CYS B 234 16.99 -8.83 -34.80
CA CYS B 234 16.09 -9.88 -34.37
C CYS B 234 16.52 -10.33 -32.98
N CYS B 235 15.65 -11.06 -32.30
CA CYS B 235 16.03 -11.60 -31.01
C CYS B 235 15.09 -12.74 -30.62
N ALA B 236 15.56 -13.54 -29.66
CA ALA B 236 14.74 -14.64 -29.17
C ALA B 236 15.05 -14.85 -27.70
N ILE B 237 14.04 -15.27 -26.95
CA ILE B 237 14.23 -15.55 -25.54
C ILE B 237 14.77 -16.98 -25.40
N ILE B 238 15.93 -17.11 -24.74
CA ILE B 238 16.41 -18.44 -24.40
C ILE B 238 15.73 -18.93 -23.13
N ASP B 239 15.87 -18.17 -22.05
CA ASP B 239 15.05 -18.33 -20.87
C ASP B 239 14.89 -16.96 -20.23
N ARG B 240 14.31 -16.91 -19.04
CA ARG B 240 14.03 -15.63 -18.38
C ARG B 240 15.29 -14.79 -18.19
N SER B 241 16.46 -15.42 -18.08
CA SER B 241 17.69 -14.69 -17.77
C SER B 241 18.55 -14.37 -19.00
N LYS B 242 18.31 -15.03 -20.13
CA LYS B 242 19.16 -14.82 -21.30
C LYS B 242 18.32 -14.66 -22.55
N ILE B 243 18.79 -13.79 -23.45
CA ILE B 243 18.23 -13.66 -24.78
C ILE B 243 19.38 -13.74 -25.77
N VAL B 244 19.03 -13.97 -27.04
CA VAL B 244 19.99 -13.79 -28.13
C VAL B 244 19.54 -12.62 -28.98
N ILE B 245 20.50 -11.90 -29.54
CA ILE B 245 20.20 -10.83 -30.49
C ILE B 245 21.04 -11.04 -31.74
N GLY B 246 20.40 -10.94 -32.90
CA GLY B 246 21.09 -10.97 -34.19
C GLY B 246 21.28 -9.57 -34.75
N PHE B 247 22.41 -9.38 -35.44
CA PHE B 247 22.89 -8.08 -35.90
C PHE B 247 23.17 -8.14 -37.40
N SER B 248 23.22 -6.95 -38.02
CA SER B 248 23.44 -6.87 -39.46
C SER B 248 24.82 -7.37 -39.88
N ASP B 249 25.84 -7.16 -39.05
CA ASP B 249 27.18 -7.51 -39.49
C ASP B 249 28.01 -8.24 -38.44
N HIS B 250 27.49 -8.47 -37.25
CA HIS B 250 28.30 -9.04 -36.18
C HIS B 250 27.72 -10.33 -35.63
N GLY B 251 26.77 -10.94 -36.34
CA GLY B 251 26.29 -12.26 -36.02
C GLY B 251 25.23 -12.29 -34.93
N LEU B 252 25.28 -13.32 -34.10
CA LEU B 252 24.30 -13.59 -33.06
C LEU B 252 25.01 -13.60 -31.70
N TYR B 253 24.54 -12.78 -30.77
CA TYR B 253 25.15 -12.76 -29.44
C TYR B 253 24.13 -13.19 -28.39
N CYS B 254 24.61 -13.88 -27.37
CA CYS B 254 23.80 -14.25 -26.22
C CYS B 254 24.03 -13.23 -25.12
N ILE B 255 22.96 -12.80 -24.46
CA ILE B 255 23.01 -11.72 -23.48
C ILE B 255 22.43 -12.22 -22.19
N GLU B 256 23.27 -12.41 -21.19
CA GLU B 256 22.83 -12.85 -19.87
C GLU B 256 22.63 -11.58 -19.06
N ILE B 257 21.37 -11.22 -18.85
CA ILE B 257 21.01 -9.84 -18.50
C ILE B 257 21.47 -9.47 -17.10
N SER B 258 21.57 -10.43 -16.21
CA SER B 258 22.04 -10.18 -14.85
C SER B 258 23.56 -10.28 -14.72
N ARG B 259 24.28 -10.54 -15.82
CA ARG B 259 25.72 -10.44 -15.86
C ARG B 259 26.19 -9.47 -16.94
N GLN B 260 25.27 -8.81 -17.64
CA GLN B 260 25.58 -7.76 -18.62
C GLN B 260 26.24 -8.27 -19.90
N LEU B 261 26.97 -9.40 -19.82
CA LEU B 261 27.92 -9.79 -20.87
C LEU B 261 27.26 -10.22 -22.18
N LEU B 262 27.83 -9.75 -23.30
CA LEU B 262 27.52 -10.22 -24.64
C LEU B 262 28.45 -11.37 -25.02
N ILE B 263 27.89 -12.52 -25.36
CA ILE B 263 28.66 -13.71 -25.69
C ILE B 263 28.41 -14.09 -27.14
N PRO B 264 29.42 -14.16 -27.99
CA PRO B 264 29.21 -14.61 -29.38
C PRO B 264 28.82 -16.08 -29.45
N VAL B 265 27.66 -16.36 -30.04
CA VAL B 265 27.12 -17.73 -30.10
C VAL B 265 27.95 -18.55 -31.09
N GLY B 266 28.59 -19.62 -30.58
CA GLY B 266 29.50 -20.37 -31.42
C GLY B 266 30.85 -19.75 -31.62
N GLY B 267 31.18 -18.69 -30.87
CA GLY B 267 32.52 -18.14 -30.85
C GLY B 267 32.68 -16.97 -31.79
N GLU B 268 33.71 -16.17 -31.51
CA GLU B 268 34.00 -14.95 -32.28
C GLU B 268 34.08 -15.24 -33.76
N LYS B 269 34.95 -16.20 -34.12
CA LYS B 269 35.23 -16.53 -35.51
C LYS B 269 33.96 -16.83 -36.29
N GLU B 270 33.00 -17.47 -35.64
CA GLU B 270 31.78 -17.84 -36.33
C GLU B 270 30.88 -16.64 -36.61
N ASN B 271 31.10 -15.53 -35.91
CA ASN B 271 30.24 -14.36 -36.04
C ASN B 271 30.89 -13.20 -36.77
N LYS B 272 32.06 -13.41 -37.37
CA LYS B 272 32.67 -12.35 -38.15
C LYS B 272 31.88 -12.13 -39.43
N GLN B 273 31.47 -10.89 -39.65
CA GLN B 273 30.84 -10.46 -40.90
C GLN B 273 29.64 -11.33 -41.25
N ARG B 274 28.78 -11.55 -40.25
CA ARG B 274 27.63 -12.44 -40.37
C ARG B 274 26.36 -11.62 -40.16
N CYS B 275 25.43 -11.77 -41.10
CA CYS B 275 24.18 -11.00 -41.10
C CYS B 275 23.05 -11.93 -40.65
N VAL B 276 22.56 -11.74 -39.43
CA VAL B 276 21.50 -12.60 -38.89
C VAL B 276 20.20 -11.81 -38.94
N GLU B 277 19.26 -12.26 -39.77
CA GLU B 277 18.03 -11.50 -40.02
C GLU B 277 16.84 -11.96 -39.18
N THR B 278 16.65 -13.27 -38.96
CA THR B 278 15.67 -13.77 -38.01
C THR B 278 16.31 -14.83 -37.12
N VAL B 279 15.71 -15.07 -35.96
CA VAL B 279 16.21 -16.12 -35.07
C VAL B 279 15.06 -16.63 -34.23
N GLU B 280 14.94 -17.95 -34.14
CA GLU B 280 13.98 -18.61 -33.27
C GLU B 280 14.69 -19.69 -32.44
N TYR B 281 14.16 -19.95 -31.25
CA TYR B 281 14.75 -20.91 -30.33
C TYR B 281 13.77 -22.03 -30.07
N ASP B 282 14.19 -23.26 -30.38
CA ASP B 282 13.44 -24.47 -30.07
C ASP B 282 13.94 -25.00 -28.73
N GLU B 283 13.18 -24.77 -27.68
CA GLU B 283 13.66 -25.09 -26.35
C GLU B 283 13.71 -26.60 -26.12
N ALA B 284 12.78 -27.35 -26.72
CA ALA B 284 12.77 -28.79 -26.51
C ALA B 284 13.95 -29.47 -27.19
N GLU B 285 14.29 -29.03 -28.40
CA GLU B 285 15.40 -29.63 -29.12
C GLU B 285 16.73 -28.91 -28.87
N GLN B 286 16.69 -27.77 -28.16
CA GLN B 286 17.85 -26.92 -27.91
C GLN B 286 18.62 -26.65 -29.20
N LEU B 287 17.91 -26.06 -30.16
CA LEU B 287 18.43 -25.62 -31.44
C LEU B 287 18.03 -24.17 -31.68
N LEU B 288 18.93 -23.42 -32.33
CA LEU B 288 18.64 -22.07 -32.80
C LEU B 288 18.57 -22.12 -34.32
N MET B 289 17.54 -21.52 -34.90
CA MET B 289 17.36 -21.52 -36.34
C MET B 289 17.23 -20.09 -36.83
N MET B 290 17.98 -19.77 -37.88
CA MET B 290 18.19 -18.40 -38.32
C MET B 290 18.09 -18.34 -39.82
N ILE B 291 17.49 -17.26 -40.31
CA ILE B 291 17.73 -16.82 -41.67
C ILE B 291 18.95 -15.92 -41.61
N VAL B 292 19.91 -16.19 -42.48
CA VAL B 292 21.19 -15.51 -42.43
C VAL B 292 21.42 -14.84 -43.77
N GLY B 293 22.11 -13.71 -43.73
CA GLY B 293 22.99 -13.31 -44.80
C GLY B 293 22.41 -12.13 -45.49
N PRO B 294 23.24 -11.40 -46.24
CA PRO B 294 22.70 -10.35 -47.10
C PRO B 294 21.75 -10.99 -48.12
N ALA B 295 20.90 -10.14 -48.71
CA ALA B 295 19.92 -10.62 -49.68
C ALA B 295 20.56 -11.51 -50.72
N LYS B 296 21.76 -11.16 -51.21
CA LYS B 296 22.37 -11.92 -52.28
C LYS B 296 22.80 -13.33 -51.87
N ASP B 297 22.76 -13.67 -50.59
CA ASP B 297 23.04 -15.04 -50.18
C ASP B 297 22.25 -15.38 -48.91
N ARG B 298 20.96 -15.10 -48.93
CA ARG B 298 20.09 -15.48 -47.83
C ARG B 298 19.96 -17.01 -47.76
N HIS B 299 19.90 -17.55 -46.54
CA HIS B 299 19.78 -18.99 -46.36
C HIS B 299 19.59 -19.29 -44.87
N VAL B 300 19.46 -20.56 -44.53
CA VAL B 300 19.15 -20.95 -43.16
C VAL B 300 20.37 -21.63 -42.54
N ARG B 301 20.69 -21.24 -41.31
CA ARG B 301 21.68 -21.93 -40.51
C ARG B 301 21.02 -22.27 -39.20
N ILE B 302 21.50 -23.37 -38.59
CA ILE B 302 21.03 -23.78 -37.27
C ILE B 302 22.26 -24.08 -36.43
N VAL B 303 22.10 -23.94 -35.11
CA VAL B 303 23.22 -24.21 -34.22
C VAL B 303 22.69 -24.78 -32.91
N PRO B 304 23.28 -25.86 -32.41
CA PRO B 304 22.91 -26.38 -31.10
C PRO B 304 23.06 -25.33 -30.01
N SER B 305 22.18 -25.42 -29.01
CA SER B 305 22.13 -24.48 -27.91
C SER B 305 23.41 -24.41 -27.11
N ALA B 306 24.24 -25.46 -27.20
CA ALA B 306 25.52 -25.45 -26.51
C ALA B 306 26.35 -24.24 -26.90
N ALA B 307 26.11 -23.69 -28.10
CA ALA B 307 26.96 -22.60 -28.57
C ALA B 307 26.72 -21.30 -27.80
N LEU B 308 25.64 -21.23 -27.01
CA LEU B 308 25.30 -20.00 -26.30
C LEU B 308 26.34 -19.61 -25.26
N ASP B 309 27.26 -20.51 -24.88
CA ASP B 309 28.27 -20.16 -23.90
C ASP B 309 29.53 -19.56 -24.52
N GLY B 310 29.55 -19.38 -25.83
CA GLY B 310 30.68 -18.79 -26.50
C GLY B 310 31.76 -19.75 -26.95
N ARG B 311 31.62 -21.05 -26.68
CA ARG B 311 32.56 -22.03 -27.22
C ARG B 311 32.56 -21.94 -28.74
N ASP B 312 33.66 -22.37 -29.37
CA ASP B 312 33.66 -22.34 -30.83
C ASP B 312 32.85 -23.53 -31.35
N LEU B 313 31.87 -23.24 -32.21
CA LEU B 313 30.95 -24.26 -32.72
C LEU B 313 30.42 -23.75 -34.05
N LYS B 314 30.83 -24.40 -35.14
CA LYS B 314 30.45 -23.97 -36.47
C LYS B 314 28.95 -24.10 -36.68
N TRP B 315 28.34 -23.06 -37.23
CA TRP B 315 26.89 -23.11 -37.52
C TRP B 315 26.61 -24.08 -38.67
N ILE B 316 25.63 -24.95 -38.48
CA ILE B 316 25.26 -25.91 -39.51
C ILE B 316 24.46 -25.19 -40.60
N LYS B 317 24.94 -25.30 -41.83
CA LYS B 317 24.22 -24.80 -42.98
C LYS B 317 23.12 -25.78 -43.40
N VAL B 318 21.93 -25.26 -43.67
CA VAL B 318 20.87 -26.05 -44.26
C VAL B 318 21.00 -25.98 -45.76
N ASN B 319 21.28 -27.12 -46.40
CA ASN B 319 21.57 -27.10 -47.83
C ASN B 319 20.32 -26.72 -48.63
N ASP B 320 20.56 -26.07 -49.76
CA ASP B 320 19.50 -25.70 -50.71
C ASP B 320 18.41 -24.86 -50.04
N THR B 321 18.83 -23.87 -49.25
CA THR B 321 17.94 -22.85 -48.71
C THR B 321 18.33 -21.46 -49.19
N LYS B 322 19.08 -21.37 -50.28
CA LYS B 322 19.51 -20.07 -50.78
C LYS B 322 18.33 -19.34 -51.42
N GLY B 323 18.24 -18.03 -51.18
CA GLY B 323 17.15 -17.24 -51.73
C GLY B 323 15.83 -17.41 -51.03
N CYS B 324 15.79 -18.06 -49.87
CA CYS B 324 14.57 -18.15 -49.07
C CYS B 324 14.14 -16.76 -48.61
N HIS B 325 12.84 -16.61 -48.30
CA HIS B 325 12.40 -15.38 -47.66
C HIS B 325 11.61 -15.58 -46.37
N LEU B 326 11.26 -16.81 -45.98
CA LEU B 326 10.61 -17.08 -44.71
C LEU B 326 11.11 -18.40 -44.11
N LEU B 327 11.06 -18.48 -42.79
CA LEU B 327 11.40 -19.64 -42.02
C LEU B 327 10.39 -19.80 -40.91
N ALA B 328 9.93 -21.04 -40.69
CA ALA B 328 9.04 -21.35 -39.58
C ALA B 328 9.56 -22.58 -38.85
N VAL B 329 9.64 -22.50 -37.52
CA VAL B 329 9.88 -23.66 -36.71
C VAL B 329 8.56 -24.12 -36.10
N GLY B 330 8.35 -25.44 -36.09
CA GLY B 330 7.07 -25.97 -35.67
C GLY B 330 6.87 -25.85 -34.17
N THR B 331 5.63 -25.54 -33.77
CA THR B 331 5.28 -25.40 -32.37
C THR B 331 4.11 -26.32 -32.07
N ASN B 332 3.91 -26.62 -30.79
CA ASN B 332 2.89 -27.56 -30.34
C ASN B 332 2.88 -28.85 -31.20
N ASN B 333 4.07 -29.43 -31.39
CA ASN B 333 4.17 -30.66 -32.16
C ASN B 333 3.39 -31.77 -31.44
N PRO B 334 2.79 -32.70 -32.18
CA PRO B 334 2.01 -33.77 -31.53
C PRO B 334 2.88 -34.64 -30.65
N GLY B 335 2.43 -34.86 -29.42
CA GLY B 335 3.21 -35.65 -28.49
C GLY B 335 4.48 -35.00 -28.00
N GLY B 336 4.72 -33.73 -28.36
CA GLY B 336 5.99 -33.08 -28.13
C GLY B 336 7.13 -33.63 -28.96
N ARG B 337 6.85 -34.30 -30.08
CA ARG B 337 7.87 -34.94 -30.87
C ARG B 337 8.88 -33.91 -31.38
N ALA B 338 10.07 -34.39 -31.74
CA ALA B 338 10.98 -33.55 -32.51
C ALA B 338 10.28 -33.21 -33.82
N GLY B 339 10.16 -31.92 -34.12
CA GLY B 339 9.27 -31.57 -35.21
C GLY B 339 9.92 -31.25 -36.54
N PHE B 340 9.48 -30.14 -37.12
CA PHE B 340 9.89 -29.70 -38.45
C PHE B 340 10.22 -28.21 -38.38
N PHE B 341 10.95 -27.76 -39.38
CA PHE B 341 10.99 -26.36 -39.75
C PHE B 341 10.79 -26.30 -41.27
N ALA B 342 10.26 -25.17 -41.72
CA ALA B 342 9.91 -24.99 -43.13
C ALA B 342 10.59 -23.74 -43.63
N VAL B 343 11.01 -23.78 -44.88
CA VAL B 343 11.70 -22.66 -45.52
C VAL B 343 10.92 -22.36 -46.78
N ALA B 344 10.50 -21.11 -46.95
CA ALA B 344 9.68 -20.72 -48.08
C ALA B 344 10.53 -20.12 -49.19
N PHE B 345 10.25 -20.53 -50.42
CA PHE B 345 10.83 -19.91 -51.60
C PHE B 345 9.70 -19.26 -52.41
N LYS B 346 10.02 -18.85 -53.64
CA LYS B 346 9.10 -17.98 -54.36
C LYS B 346 7.82 -18.72 -54.71
N LYS B 347 7.92 -20.00 -55.11
CA LYS B 347 6.75 -20.80 -55.48
C LYS B 347 6.81 -22.21 -54.88
N SER B 348 7.44 -22.37 -53.71
CA SER B 348 7.63 -23.70 -53.14
C SER B 348 8.05 -23.55 -51.70
N VAL B 349 8.06 -24.68 -51.01
CA VAL B 349 8.47 -24.77 -49.62
C VAL B 349 9.23 -26.08 -49.46
N THR B 350 10.31 -26.04 -48.69
CA THR B 350 10.99 -27.26 -48.32
C THR B 350 10.77 -27.47 -46.83
N ILE B 351 10.40 -28.68 -46.46
CA ILE B 351 10.17 -29.04 -45.08
C ILE B 351 11.35 -29.88 -44.61
N PHE B 352 11.89 -29.56 -43.45
CA PHE B 352 13.02 -30.26 -42.86
C PHE B 352 12.61 -30.87 -41.52
N GLN B 353 13.00 -32.12 -41.30
CA GLN B 353 12.76 -32.78 -40.02
C GLN B 353 13.93 -32.54 -39.09
N ILE B 354 13.65 -32.18 -37.87
CA ILE B 354 14.70 -32.06 -36.86
C ILE B 354 15.00 -33.45 -36.36
N ASP B 355 16.29 -33.77 -36.19
CA ASP B 355 16.69 -35.09 -35.72
C ASP B 355 17.94 -34.92 -34.84
N ARG B 356 18.54 -36.05 -34.49
CA ARG B 356 19.67 -36.05 -33.57
C ARG B 356 20.95 -36.54 -34.25
N SER B 357 20.99 -36.46 -35.57
CA SER B 357 22.22 -36.69 -36.31
C SER B 357 23.18 -35.53 -36.09
N GLU B 358 24.36 -35.65 -36.71
CA GLU B 358 25.39 -34.62 -36.58
C GLU B 358 24.88 -33.27 -37.07
N LYS B 359 24.16 -33.27 -38.21
CA LYS B 359 23.62 -32.07 -38.83
C LYS B 359 22.35 -31.56 -38.16
N ARG B 360 21.74 -32.37 -37.29
CA ARG B 360 20.53 -32.07 -36.53
C ARG B 360 19.29 -31.91 -37.40
N HIS B 361 19.38 -32.22 -38.70
CA HIS B 361 18.20 -32.08 -39.55
C HIS B 361 18.41 -32.87 -40.83
N LYS B 362 17.31 -33.21 -41.50
CA LYS B 362 17.41 -33.72 -42.85
C LYS B 362 16.18 -33.28 -43.65
N LYS B 363 16.36 -33.22 -44.96
CA LYS B 363 15.29 -32.77 -45.83
C LYS B 363 14.17 -33.79 -45.79
N TRP B 364 12.95 -33.31 -45.58
CA TRP B 364 11.81 -34.20 -45.49
C TRP B 364 10.95 -34.19 -46.76
N LYS B 365 10.51 -33.03 -47.24
CA LYS B 365 9.71 -33.00 -48.46
C LYS B 365 9.81 -31.61 -49.09
N ASP B 366 9.89 -31.57 -50.43
CA ASP B 366 9.58 -30.37 -51.19
C ASP B 366 8.07 -30.28 -51.41
N LEU B 367 7.53 -29.07 -51.33
CA LEU B 367 6.10 -28.81 -51.47
C LEU B 367 5.88 -27.68 -52.48
N ALA B 368 5.26 -27.99 -53.61
CA ALA B 368 4.93 -26.97 -54.59
C ALA B 368 3.84 -26.05 -54.04
N MET B 369 3.98 -24.73 -54.32
CA MET B 369 3.01 -23.79 -53.79
C MET B 369 2.17 -23.19 -54.91
N PRO B 370 0.89 -22.87 -54.65
CA PRO B 370 0.07 -22.29 -55.71
C PRO B 370 0.44 -20.84 -56.03
N GLY B 371 0.89 -20.09 -55.05
CA GLY B 371 1.35 -18.72 -55.27
C GLY B 371 2.55 -18.46 -54.39
N THR B 372 2.95 -17.21 -54.25
CA THR B 372 4.14 -16.93 -53.47
C THR B 372 3.77 -16.86 -52.00
N PRO B 373 4.39 -17.66 -51.13
CA PRO B 373 4.09 -17.54 -49.69
C PRO B 373 4.33 -16.14 -49.17
N GLN B 374 3.41 -15.69 -48.32
CA GLN B 374 3.56 -14.43 -47.60
C GLN B 374 3.62 -14.65 -46.09
N SER B 375 3.14 -15.80 -45.63
CA SER B 375 3.31 -16.22 -44.25
C SER B 375 3.42 -17.74 -44.24
N ILE B 376 4.18 -18.24 -43.28
CA ILE B 376 4.35 -19.67 -43.11
C ILE B 376 4.44 -19.94 -41.61
N ALA B 377 3.76 -20.99 -41.17
CA ALA B 377 3.85 -21.43 -39.79
C ALA B 377 3.58 -22.93 -39.74
N ILE B 378 4.15 -23.59 -38.74
CA ILE B 378 3.88 -25.00 -38.47
C ILE B 378 3.40 -25.10 -37.03
N PHE B 379 2.21 -25.66 -36.84
CA PHE B 379 1.75 -25.89 -35.47
C PHE B 379 0.66 -26.95 -35.52
N ASN B 380 0.49 -27.64 -34.39
CA ASN B 380 -0.43 -28.76 -34.26
C ASN B 380 -0.15 -29.88 -35.27
N GLY B 381 1.04 -29.87 -35.89
CA GLY B 381 1.38 -30.88 -36.89
C GLY B 381 0.92 -30.54 -38.29
N ARG B 382 0.63 -29.27 -38.59
CA ARG B 382 0.21 -28.84 -39.92
C ARG B 382 1.05 -27.67 -40.39
N LEU B 383 1.30 -27.62 -41.68
CA LEU B 383 1.88 -26.45 -42.32
C LEU B 383 0.76 -25.51 -42.78
N TYR B 384 0.84 -24.24 -42.38
CA TYR B 384 -0.11 -23.21 -42.81
C TYR B 384 0.62 -22.15 -43.61
N VAL B 385 0.26 -21.98 -44.87
CA VAL B 385 0.86 -20.98 -45.72
C VAL B 385 -0.18 -19.92 -46.08
N GLY B 386 0.15 -18.65 -45.85
CA GLY B 386 -0.67 -17.55 -46.30
C GLY B 386 -0.22 -17.03 -47.67
N PHE B 387 -1.21 -16.70 -48.49
CA PHE B 387 -1.09 -16.11 -49.82
C PHE B 387 -1.94 -14.84 -49.88
N SER B 388 -1.90 -14.13 -51.02
CA SER B 388 -2.53 -12.80 -51.09
C SER B 388 -3.93 -12.81 -50.49
N HIS B 389 -4.80 -13.70 -50.95
CA HIS B 389 -6.14 -13.78 -50.39
C HIS B 389 -6.58 -15.22 -50.12
N SER B 390 -5.70 -16.02 -49.51
CA SER B 390 -6.17 -17.20 -48.79
C SER B 390 -5.02 -17.75 -47.95
N PHE B 391 -5.38 -18.61 -47.01
CA PHE B 391 -4.46 -19.51 -46.32
C PHE B 391 -4.84 -20.92 -46.71
N ARG B 392 -3.84 -21.78 -46.69
CA ARG B 392 -3.95 -23.20 -47.01
C ARG B 392 -3.13 -23.97 -45.99
N SER B 393 -3.55 -25.18 -45.67
CA SER B 393 -2.83 -26.02 -44.73
C SER B 393 -2.59 -27.40 -45.33
N TRP B 394 -1.48 -27.99 -44.93
CA TRP B 394 -1.10 -29.37 -45.27
C TRP B 394 -0.83 -30.09 -43.97
N SER B 395 -1.41 -31.27 -43.78
CA SER B 395 -1.09 -32.04 -42.59
C SER B 395 0.29 -32.65 -42.75
N LEU B 396 1.14 -32.46 -41.75
CA LEU B 396 2.46 -33.07 -41.70
C LEU B 396 2.49 -34.35 -40.87
N VAL B 397 1.65 -34.46 -39.85
CA VAL B 397 1.55 -35.68 -39.05
C VAL B 397 0.54 -36.59 -39.74
N GLY B 398 0.89 -37.86 -39.88
CA GLY B 398 0.04 -38.79 -40.60
C GLY B 398 0.47 -38.98 -42.04
N VAL B 399 0.71 -37.87 -42.74
CA VAL B 399 0.91 -37.90 -44.19
C VAL B 399 2.39 -37.69 -44.53
N GLN B 415 -4.21 -34.20 -48.87
CA GLN B 415 -3.11 -33.62 -48.11
C GLN B 415 -3.43 -32.14 -47.79
N HIS B 416 -3.68 -31.36 -48.85
CA HIS B 416 -3.89 -29.92 -48.80
C HIS B 416 -5.35 -29.59 -48.48
N ILE B 417 -5.56 -28.46 -47.80
CA ILE B 417 -6.90 -28.00 -47.40
C ILE B 417 -6.91 -26.47 -47.41
N SER B 418 -7.82 -25.86 -48.16
CA SER B 418 -7.94 -24.41 -48.09
C SER B 418 -8.62 -24.01 -46.79
N LEU B 419 -8.20 -22.89 -46.22
CA LEU B 419 -8.91 -22.42 -45.05
C LEU B 419 -10.08 -21.51 -45.43
N VAL B 420 -10.28 -21.23 -46.71
CA VAL B 420 -11.45 -20.50 -47.20
C VAL B 420 -12.24 -21.45 -48.10
N ASN B 421 -13.38 -21.92 -47.60
CA ASN B 421 -14.30 -22.72 -48.40
C ASN B 421 -15.02 -21.82 -49.39
N MET B 422 -14.72 -21.99 -50.68
CA MET B 422 -15.28 -21.12 -51.70
C MET B 422 -16.79 -21.33 -51.91
N GLU B 423 -17.43 -22.24 -51.19
CA GLU B 423 -18.88 -22.32 -51.18
C GLU B 423 -19.52 -21.47 -50.11
N ASP B 424 -18.75 -21.00 -49.13
CA ASP B 424 -19.27 -20.06 -48.14
C ASP B 424 -19.42 -18.69 -48.79
N THR B 425 -20.66 -18.34 -49.14
CA THR B 425 -20.91 -17.15 -49.96
C THR B 425 -20.29 -15.89 -49.35
N SER B 426 -20.41 -15.72 -48.03
CA SER B 426 -19.81 -14.60 -47.32
C SER B 426 -18.28 -14.51 -47.46
N LEU B 427 -17.64 -15.47 -48.13
CA LEU B 427 -16.20 -15.45 -48.25
C LEU B 427 -15.71 -15.21 -49.68
N GLN B 428 -16.61 -15.11 -50.67
CA GLN B 428 -16.19 -14.99 -52.06
C GLN B 428 -15.49 -13.66 -52.36
N PHE B 429 -15.78 -12.62 -51.57
CA PHE B 429 -15.10 -11.34 -51.77
C PHE B 429 -13.59 -11.50 -51.82
N LEU B 430 -13.05 -12.55 -51.16
CA LEU B 430 -11.60 -12.74 -51.09
C LEU B 430 -10.98 -12.98 -52.46
N ASN B 431 -11.65 -13.73 -53.33
CA ASN B 431 -11.04 -14.03 -54.61
C ASN B 431 -10.97 -12.83 -55.54
N GLN B 432 -11.80 -11.80 -55.30
CA GLN B 432 -11.78 -10.56 -56.07
C GLN B 432 -10.85 -9.50 -55.49
N GLN B 433 -10.39 -9.66 -54.25
CA GLN B 433 -9.43 -8.73 -53.67
C GLN B 433 -8.11 -8.80 -54.43
N THR B 434 -7.52 -7.64 -54.66
CA THR B 434 -6.22 -7.56 -55.28
C THR B 434 -5.18 -6.92 -54.37
N SER B 435 -5.60 -6.30 -53.28
CA SER B 435 -4.71 -5.58 -52.39
C SER B 435 -4.45 -6.30 -51.07
N TYR B 436 -5.01 -7.49 -50.87
CA TYR B 436 -4.82 -8.18 -49.61
C TYR B 436 -3.47 -8.89 -49.57
N GLU B 437 -2.95 -9.01 -48.35
CA GLU B 437 -1.71 -9.72 -48.06
C GLU B 437 -1.90 -10.52 -46.78
N ALA B 438 -1.61 -11.83 -46.84
CA ALA B 438 -1.65 -12.64 -45.64
C ALA B 438 -0.52 -12.24 -44.70
N LYS B 439 -0.82 -12.21 -43.41
CA LYS B 439 0.24 -11.89 -42.45
C LYS B 439 0.51 -13.02 -41.47
N LEU B 440 -0.54 -13.58 -40.87
CA LEU B 440 -0.37 -14.69 -39.95
C LEU B 440 -1.74 -15.32 -39.74
N ILE B 441 -1.71 -16.55 -39.23
CA ILE B 441 -2.92 -17.27 -38.84
C ILE B 441 -2.76 -17.66 -37.37
N VAL B 442 -3.86 -17.55 -36.61
CA VAL B 442 -3.90 -17.90 -35.19
C VAL B 442 -4.93 -18.99 -34.99
N ASN B 443 -4.54 -20.04 -34.26
CA ASN B 443 -5.52 -21.02 -33.79
C ASN B 443 -6.15 -20.42 -32.55
N VAL B 444 -7.41 -19.99 -32.66
CA VAL B 444 -8.08 -19.16 -31.66
C VAL B 444 -8.05 -19.85 -30.30
N PRO B 445 -7.49 -19.23 -29.27
CA PRO B 445 -7.46 -19.89 -27.95
C PRO B 445 -8.87 -20.03 -27.37
N GLY B 446 -9.10 -21.20 -26.77
CA GLY B 446 -10.41 -21.56 -26.26
C GLY B 446 -11.38 -22.03 -27.33
N SER B 447 -10.96 -22.04 -28.59
CA SER B 447 -11.84 -22.37 -29.71
C SER B 447 -11.01 -23.19 -30.70
N PRO B 448 -10.73 -24.45 -30.37
CA PRO B 448 -9.66 -25.16 -31.09
C PRO B 448 -10.01 -25.42 -32.55
N ASP B 449 -11.28 -25.34 -32.95
CA ASP B 449 -11.59 -25.54 -34.36
C ASP B 449 -11.78 -24.24 -35.11
N GLU B 450 -11.27 -23.13 -34.55
CA GLU B 450 -11.43 -21.80 -35.10
C GLU B 450 -10.08 -21.18 -35.35
N TYR B 451 -9.97 -20.48 -36.48
CA TYR B 451 -8.77 -19.77 -36.90
C TYR B 451 -9.08 -18.31 -37.16
N LEU B 452 -8.22 -17.41 -36.65
CA LEU B 452 -8.19 -16.02 -37.12
C LEU B 452 -7.20 -15.92 -38.27
N LEU B 453 -7.68 -15.54 -39.45
CA LEU B 453 -6.83 -15.24 -40.60
C LEU B 453 -6.52 -13.75 -40.62
N VAL B 454 -5.28 -13.38 -40.35
CA VAL B 454 -4.87 -11.99 -40.29
C VAL B 454 -4.26 -11.59 -41.63
N PHE B 455 -4.94 -10.72 -42.36
CA PHE B 455 -4.43 -10.05 -43.54
C PHE B 455 -4.02 -8.62 -43.17
N ASN B 456 -3.41 -7.91 -44.12
CA ASN B 456 -3.11 -6.50 -43.90
C ASN B 456 -4.39 -5.70 -43.65
N MET B 457 -5.48 -6.02 -44.34
CA MET B 457 -6.65 -5.15 -44.24
C MET B 457 -7.65 -5.53 -43.15
N ILE B 458 -7.79 -6.82 -42.81
CA ILE B 458 -8.82 -7.28 -41.88
C ILE B 458 -8.30 -8.53 -41.20
N GLY B 459 -8.93 -8.91 -40.08
CA GLY B 459 -8.84 -10.25 -39.54
C GLY B 459 -10.14 -11.01 -39.64
N LEU B 460 -10.12 -12.19 -40.29
CA LEU B 460 -11.31 -12.97 -40.63
C LEU B 460 -11.31 -14.30 -39.87
N TYR B 461 -12.45 -14.64 -39.27
CA TYR B 461 -12.59 -15.87 -38.49
C TYR B 461 -13.24 -16.97 -39.33
N VAL B 462 -12.62 -18.15 -39.35
CA VAL B 462 -13.15 -19.31 -40.03
C VAL B 462 -13.04 -20.52 -39.13
N ASN B 463 -13.84 -21.55 -39.42
CA ASN B 463 -13.73 -22.83 -38.73
C ASN B 463 -12.97 -23.84 -39.58
N GLU B 464 -12.88 -25.08 -39.07
CA GLU B 464 -12.14 -26.13 -39.77
C GLU B 464 -12.71 -26.42 -41.15
N MET B 465 -14.02 -26.30 -41.33
CA MET B 465 -14.56 -26.54 -42.67
C MET B 465 -14.29 -25.38 -43.61
N GLY B 466 -13.54 -24.38 -43.17
CA GLY B 466 -13.24 -23.24 -43.99
C GLY B 466 -14.41 -22.28 -44.19
N ARG B 467 -15.43 -22.38 -43.36
CA ARG B 467 -16.57 -21.48 -43.39
C ARG B 467 -16.39 -20.37 -42.37
N ARG B 468 -17.06 -19.24 -42.61
CA ARG B 468 -17.00 -18.13 -41.67
C ARG B 468 -17.63 -18.53 -40.33
N SER B 469 -16.96 -18.16 -39.23
CA SER B 469 -17.46 -18.52 -37.90
C SER B 469 -17.85 -17.35 -37.04
N ARG B 470 -17.49 -16.11 -37.43
CA ARG B 470 -18.07 -14.93 -36.83
C ARG B 470 -18.35 -13.90 -37.92
N LEU B 471 -19.48 -13.20 -37.78
CA LEU B 471 -19.84 -12.19 -38.77
C LEU B 471 -18.92 -10.96 -38.71
N PRO B 472 -18.67 -10.33 -37.56
CA PRO B 472 -17.75 -9.20 -37.55
C PRO B 472 -16.35 -9.64 -37.95
N GLU B 473 -15.58 -8.68 -38.45
CA GLU B 473 -14.18 -8.86 -38.77
C GLU B 473 -13.38 -7.89 -37.91
N VAL B 474 -12.17 -8.31 -37.56
CA VAL B 474 -11.30 -7.46 -36.75
C VAL B 474 -10.86 -6.27 -37.58
N MET B 475 -10.98 -5.09 -37.02
CA MET B 475 -10.74 -3.85 -37.74
C MET B 475 -9.45 -3.21 -37.25
N PHE B 476 -8.56 -2.85 -38.17
CA PHE B 476 -7.36 -2.17 -37.70
C PHE B 476 -7.49 -0.66 -37.94
N PRO B 477 -7.09 0.17 -36.97
CA PRO B 477 -7.28 1.62 -37.15
C PRO B 477 -6.39 2.25 -38.22
N THR B 478 -5.19 1.70 -38.46
CA THR B 478 -4.17 2.28 -39.34
C THR B 478 -3.44 1.20 -40.13
N GLN B 479 -2.87 1.59 -41.27
CA GLN B 479 -1.98 0.69 -42.01
C GLN B 479 -0.86 0.20 -41.08
N ALA B 480 -0.72 -1.13 -41.02
CA ALA B 480 0.26 -1.76 -40.17
C ALA B 480 1.60 -1.85 -40.88
N LYS B 481 2.66 -1.59 -40.12
CA LYS B 481 4.03 -1.87 -40.54
C LYS B 481 4.49 -3.27 -40.14
N TYR B 482 3.94 -3.84 -39.06
CA TYR B 482 4.28 -5.17 -38.60
C TYR B 482 3.12 -5.75 -37.82
N PHE B 483 3.03 -7.08 -37.84
CA PHE B 483 2.09 -7.87 -37.07
C PHE B 483 2.85 -8.88 -36.24
N ALA B 484 2.42 -9.13 -35.02
CA ALA B 484 2.99 -10.22 -34.25
C ALA B 484 1.89 -10.79 -33.35
N TYR B 485 2.13 -11.99 -32.85
CA TYR B 485 1.16 -12.66 -32.00
C TYR B 485 1.80 -13.20 -30.72
N HIS B 486 1.19 -12.87 -29.59
CA HIS B 486 1.56 -13.41 -28.29
C HIS B 486 0.26 -13.80 -27.61
N GLU B 487 0.07 -15.10 -27.41
CA GLU B 487 -1.25 -15.61 -27.09
C GLU B 487 -1.80 -14.98 -25.81
N PRO B 488 -3.05 -14.48 -25.82
CA PRO B 488 -4.01 -14.50 -26.93
C PRO B 488 -4.08 -13.18 -27.70
N TYR B 489 -3.00 -12.40 -27.70
CA TYR B 489 -3.06 -11.02 -28.19
C TYR B 489 -2.41 -10.90 -29.56
N LEU B 490 -3.18 -10.43 -30.54
CA LEU B 490 -2.59 -9.98 -31.79
C LEU B 490 -2.13 -8.53 -31.61
N CYS B 491 -0.94 -8.23 -32.12
CA CYS B 491 -0.24 -6.96 -31.94
C CYS B 491 0.00 -6.36 -33.31
N VAL B 492 -0.52 -5.15 -33.53
CA VAL B 492 -0.51 -4.51 -34.83
C VAL B 492 0.32 -3.23 -34.70
N PHE B 493 1.51 -3.23 -35.30
CA PHE B 493 2.47 -2.16 -35.13
C PHE B 493 2.24 -1.13 -36.22
N SER B 494 2.00 0.12 -35.83
CA SER B 494 2.04 1.20 -36.80
C SER B 494 2.94 2.31 -36.28
N GLU B 495 2.91 3.48 -36.92
CA GLU B 495 3.95 4.48 -36.69
C GLU B 495 3.91 5.05 -35.27
N ASN B 496 2.74 5.23 -34.68
CA ASN B 496 2.69 5.85 -33.37
C ASN B 496 2.11 4.96 -32.29
N GLU B 497 1.84 3.68 -32.59
CA GLU B 497 1.33 2.80 -31.54
C GLU B 497 1.38 1.35 -31.99
N VAL B 498 1.12 0.48 -31.03
CA VAL B 498 0.88 -0.93 -31.22
C VAL B 498 -0.53 -1.20 -30.71
N ASP B 499 -1.38 -1.70 -31.59
CA ASP B 499 -2.77 -1.95 -31.24
C ASP B 499 -2.95 -3.43 -30.91
N ILE B 500 -3.58 -3.70 -29.77
CA ILE B 500 -3.66 -5.04 -29.20
C ILE B 500 -5.09 -5.54 -29.32
N PHE B 501 -5.25 -6.75 -29.83
CA PHE B 501 -6.56 -7.35 -30.05
C PHE B 501 -6.58 -8.71 -29.38
N ASN B 502 -7.56 -8.93 -28.49
CA ASN B 502 -7.78 -10.24 -27.90
C ASN B 502 -8.45 -11.12 -28.95
N VAL B 503 -7.71 -12.13 -29.41
CA VAL B 503 -8.18 -12.99 -30.51
C VAL B 503 -9.37 -13.83 -30.07
N THR B 504 -9.30 -14.40 -28.86
CA THR B 504 -10.43 -15.14 -28.32
C THR B 504 -11.70 -14.29 -28.31
N LEU B 505 -11.57 -13.03 -27.89
CA LEU B 505 -12.73 -12.17 -27.70
C LEU B 505 -13.10 -11.35 -28.93
N ALA B 506 -12.19 -11.26 -29.91
CA ALA B 506 -12.38 -10.42 -31.09
C ALA B 506 -12.49 -8.95 -30.70
N GLU B 507 -11.63 -8.50 -29.78
CA GLU B 507 -11.79 -7.20 -29.15
C GLU B 507 -10.50 -6.40 -29.17
N TRP B 508 -10.61 -5.14 -29.59
CA TRP B 508 -9.53 -4.16 -29.48
C TRP B 508 -9.42 -3.75 -28.02
N VAL B 509 -8.36 -4.17 -27.33
CA VAL B 509 -8.32 -4.02 -25.88
C VAL B 509 -7.27 -3.03 -25.40
N GLN B 510 -6.36 -2.57 -26.27
CA GLN B 510 -5.33 -1.65 -25.81
C GLN B 510 -4.70 -0.94 -27.01
N THR B 511 -4.35 0.33 -26.79
CA THR B 511 -3.45 1.05 -27.67
C THR B 511 -2.19 1.37 -26.86
N ILE B 512 -1.03 0.93 -27.35
CA ILE B 512 0.26 1.20 -26.70
C ILE B 512 0.96 2.24 -27.56
N ASN B 513 0.97 3.51 -27.13
CA ASN B 513 1.61 4.56 -27.91
C ASN B 513 3.12 4.48 -27.70
N LEU B 514 3.86 4.29 -28.80
CA LEU B 514 5.31 4.25 -28.85
C LEU B 514 5.72 4.81 -30.20
N ARG B 515 6.89 5.44 -30.25
CA ARG B 515 7.36 6.04 -31.49
C ARG B 515 8.20 5.01 -32.25
N SER B 516 7.70 4.63 -33.43
CA SER B 516 8.36 3.73 -34.37
C SER B 516 8.71 2.37 -33.75
N ALA B 517 7.77 1.80 -33.02
CA ALA B 517 8.00 0.48 -32.45
C ALA B 517 8.17 -0.57 -33.56
N LYS B 518 9.03 -1.56 -33.28
CA LYS B 518 9.28 -2.57 -34.25
C LYS B 518 9.60 -3.87 -33.53
N PRO B 519 8.93 -4.97 -33.87
CA PRO B 519 9.20 -6.23 -33.16
C PRO B 519 10.56 -6.80 -33.51
N LEU B 520 11.26 -7.31 -32.48
CA LEU B 520 12.50 -8.05 -32.66
C LEU B 520 12.34 -9.55 -32.41
N SER B 521 11.56 -9.92 -31.40
CA SER B 521 11.16 -11.31 -31.20
C SER B 521 9.95 -11.65 -32.07
N GLY B 522 9.85 -12.92 -32.43
CA GLY B 522 8.80 -13.34 -33.36
C GLY B 522 7.41 -13.19 -32.83
N ASP B 523 7.25 -13.17 -31.51
CA ASP B 523 5.94 -12.93 -30.91
C ASP B 523 5.75 -11.49 -30.45
N GLY B 524 6.67 -10.58 -30.82
CA GLY B 524 6.48 -9.15 -30.67
C GLY B 524 6.87 -8.55 -29.33
N ILE B 525 6.86 -9.33 -28.26
CA ILE B 525 6.99 -8.73 -26.92
C ILE B 525 8.39 -8.23 -26.60
N LEU B 526 9.38 -8.47 -27.46
CA LEU B 526 10.65 -7.78 -27.37
C LEU B 526 10.78 -6.94 -28.63
N SER B 527 10.84 -5.62 -28.44
CA SER B 527 10.74 -4.66 -29.51
C SER B 527 11.73 -3.53 -29.26
N THR B 528 12.05 -2.80 -30.33
CA THR B 528 12.72 -1.51 -30.21
C THR B 528 11.75 -0.39 -30.53
N CYS B 529 12.01 0.76 -29.91
CA CYS B 529 11.26 1.97 -30.19
C CYS B 529 12.19 3.13 -29.87
N LEU B 530 11.71 4.35 -30.13
CA LEU B 530 12.50 5.55 -29.93
C LEU B 530 12.01 6.27 -28.69
N CYS B 531 12.92 6.47 -27.74
CA CYS B 531 12.64 7.21 -26.52
C CYS B 531 13.55 8.41 -26.51
N ASN B 532 12.96 9.61 -26.57
CA ASN B 532 13.72 10.85 -26.70
C ASN B 532 14.58 10.83 -27.95
N ASP B 533 14.03 10.30 -29.04
CA ASP B 533 14.76 10.15 -30.30
C ASP B 533 16.01 9.29 -30.13
N SER B 534 16.03 8.41 -29.12
CA SER B 534 17.12 7.47 -28.91
C SER B 534 16.55 6.05 -28.85
N PRO B 535 17.13 5.09 -29.56
CA PRO B 535 16.56 3.74 -29.57
C PRO B 535 16.67 3.09 -28.20
N ILE B 536 15.58 2.44 -27.78
CA ILE B 536 15.58 1.64 -26.58
C ILE B 536 14.99 0.28 -26.91
N PHE B 537 15.19 -0.64 -25.98
CA PHE B 537 14.77 -2.03 -26.11
C PHE B 537 13.75 -2.22 -25.01
N VAL B 538 12.55 -2.60 -25.39
CA VAL B 538 11.46 -2.72 -24.44
C VAL B 538 10.90 -4.13 -24.47
N LEU B 539 10.44 -4.56 -23.31
CA LEU B 539 9.60 -5.73 -23.14
C LEU B 539 8.14 -5.30 -23.05
N LEU B 540 7.28 -5.93 -23.86
CA LEU B 540 5.84 -5.85 -23.66
C LEU B 540 5.45 -6.94 -22.67
N GLN B 541 5.18 -6.57 -21.43
CA GLN B 541 4.99 -7.56 -20.37
C GLN B 541 3.51 -7.89 -20.24
N ASN B 542 3.17 -9.14 -20.55
CA ASN B 542 1.80 -9.65 -20.41
C ASN B 542 1.35 -9.60 -18.95
N VAL B 543 0.36 -8.75 -18.64
CA VAL B 543 -0.08 -8.61 -17.26
C VAL B 543 -0.74 -9.89 -16.73
N LEU B 544 -1.01 -10.88 -17.58
CA LEU B 544 -1.57 -12.16 -17.16
C LEU B 544 -0.50 -13.20 -16.83
N GLN B 545 0.68 -12.76 -16.40
CA GLN B 545 1.76 -13.65 -15.99
C GLN B 545 2.27 -13.20 -14.64
N ASP B 546 2.61 -14.17 -13.79
CA ASP B 546 3.11 -13.84 -12.46
C ASP B 546 4.46 -13.12 -12.53
N GLN B 547 5.39 -13.67 -13.31
CA GLN B 547 6.72 -13.09 -13.47
C GLN B 547 6.92 -12.60 -14.90
N ASP B 548 7.74 -11.55 -15.03
CA ASP B 548 8.08 -10.98 -16.32
C ASP B 548 8.58 -12.06 -17.26
N SER B 549 8.40 -11.84 -18.56
CA SER B 549 8.85 -12.82 -19.54
C SER B 549 10.36 -12.91 -19.57
N ILE B 550 11.07 -11.85 -19.19
CA ILE B 550 12.50 -11.89 -19.01
C ILE B 550 12.84 -11.09 -17.76
N GLU B 551 14.02 -11.37 -17.20
CA GLU B 551 14.54 -10.64 -16.04
C GLU B 551 14.88 -9.22 -16.44
N VAL B 552 14.17 -8.24 -15.90
CA VAL B 552 14.39 -6.86 -16.29
C VAL B 552 15.41 -6.26 -15.33
N PRO B 553 16.42 -5.56 -15.84
CA PRO B 553 17.42 -4.94 -14.94
C PRO B 553 16.87 -3.71 -14.26
N VAL B 554 17.22 -3.56 -12.99
CA VAL B 554 16.72 -2.51 -12.11
C VAL B 554 17.33 -1.16 -12.51
N ASN B 555 16.53 -0.31 -13.17
CA ASN B 555 17.01 1.01 -13.59
C ASN B 555 16.74 2.09 -12.56
N LEU B 556 15.61 2.01 -11.85
CA LEU B 556 15.18 3.05 -10.94
C LEU B 556 15.56 2.71 -9.50
N ALA B 557 15.12 3.55 -8.57
CA ALA B 557 15.35 3.33 -7.13
C ALA B 557 14.03 3.15 -6.38
N GLY C 5 -52.28 -32.62 -44.72
CA GLY C 5 -51.48 -32.99 -43.56
C GLY C 5 -50.70 -31.85 -42.92
N HIS C 6 -49.74 -32.20 -42.06
CA HIS C 6 -48.94 -31.20 -41.36
C HIS C 6 -47.63 -30.93 -42.09
N ASN C 7 -47.03 -29.78 -41.76
CA ASN C 7 -45.75 -29.36 -42.31
C ASN C 7 -44.73 -29.33 -41.16
N PHE C 8 -44.37 -30.52 -40.69
CA PHE C 8 -43.57 -30.66 -39.48
C PHE C 8 -42.12 -30.27 -39.71
N GLU C 9 -41.50 -29.73 -38.66
CA GLU C 9 -40.07 -29.47 -38.63
C GLU C 9 -39.58 -29.76 -37.22
N ARG C 10 -38.35 -30.28 -37.11
CA ARG C 10 -37.72 -30.41 -35.81
C ARG C 10 -37.52 -29.02 -35.24
N MET C 11 -37.81 -28.86 -33.95
CA MET C 11 -37.93 -27.56 -33.36
C MET C 11 -37.25 -27.55 -32.00
N LYS C 12 -36.51 -26.49 -31.72
CA LYS C 12 -36.01 -26.27 -30.36
C LYS C 12 -37.10 -25.59 -29.55
N ILE C 13 -37.62 -26.30 -28.56
CA ILE C 13 -38.70 -25.78 -27.73
C ILE C 13 -38.08 -25.00 -26.59
N LYS C 14 -38.60 -23.78 -26.35
CA LYS C 14 -37.94 -22.81 -25.50
C LYS C 14 -38.50 -22.73 -24.09
N THR C 15 -39.67 -23.29 -23.85
CA THR C 15 -40.35 -23.28 -22.56
C THR C 15 -40.96 -24.66 -22.39
N PRO C 16 -41.31 -25.05 -21.17
CA PRO C 16 -42.03 -26.31 -21.00
C PRO C 16 -43.32 -26.28 -21.81
N THR C 17 -43.50 -27.31 -22.64
CA THR C 17 -44.62 -27.36 -23.57
C THR C 17 -45.20 -28.76 -23.57
N LYS C 18 -46.51 -28.86 -23.35
CA LYS C 18 -47.20 -30.13 -23.48
C LYS C 18 -47.23 -30.59 -24.93
N CYS C 19 -46.97 -31.89 -25.14
CA CYS C 19 -47.17 -32.50 -26.45
C CYS C 19 -48.66 -32.47 -26.82
N GLY C 20 -48.95 -32.20 -28.09
CA GLY C 20 -50.33 -32.06 -28.52
C GLY C 20 -51.09 -33.37 -28.57
N HIS C 21 -50.38 -34.49 -28.56
CA HIS C 21 -50.99 -35.82 -28.67
C HIS C 21 -51.04 -36.59 -27.36
N CYS C 22 -49.94 -36.60 -26.59
CA CYS C 22 -49.93 -37.34 -25.33
C CYS C 22 -50.04 -36.46 -24.10
N THR C 23 -49.88 -35.14 -24.24
CA THR C 23 -49.89 -34.08 -23.21
C THR C 23 -48.62 -34.08 -22.37
N SER C 24 -47.70 -35.03 -22.57
CA SER C 24 -46.48 -35.06 -21.79
C SER C 24 -45.51 -33.98 -22.25
N ILE C 25 -44.75 -33.42 -21.31
CA ILE C 25 -43.84 -32.33 -21.62
C ILE C 25 -42.79 -32.77 -22.63
N LEU C 26 -42.38 -31.85 -23.50
CA LEU C 26 -41.35 -32.13 -24.50
C LEU C 26 -39.98 -31.79 -23.91
N ILE C 27 -39.48 -32.71 -23.08
CA ILE C 27 -38.20 -32.47 -22.40
C ILE C 27 -37.05 -32.55 -23.38
N GLY C 28 -35.90 -32.03 -22.97
CA GLY C 28 -34.69 -32.13 -23.73
C GLY C 28 -34.00 -30.80 -23.83
N LEU C 29 -32.87 -30.80 -24.50
CA LEU C 29 -32.04 -29.60 -24.60
C LEU C 29 -32.04 -29.02 -26.00
N ASP C 30 -32.45 -29.80 -27.00
CA ASP C 30 -32.54 -29.34 -28.38
C ASP C 30 -33.42 -30.33 -29.13
N ARG C 31 -34.08 -29.84 -30.18
CA ARG C 31 -34.88 -30.69 -31.06
C ARG C 31 -35.87 -31.53 -30.25
N GLN C 32 -36.51 -30.89 -29.27
CA GLN C 32 -37.33 -31.66 -28.33
C GLN C 32 -38.59 -32.21 -28.97
N GLY C 33 -39.05 -31.62 -30.07
CA GLY C 33 -40.20 -32.16 -30.74
C GLY C 33 -40.31 -31.68 -32.17
N LEU C 34 -41.45 -32.00 -32.79
CA LEU C 34 -41.79 -31.48 -34.09
C LEU C 34 -42.77 -30.33 -33.93
N PHE C 35 -42.76 -29.39 -34.86
CA PHE C 35 -43.66 -28.25 -34.83
C PHE C 35 -44.21 -28.02 -36.21
N CYS C 36 -45.54 -27.96 -36.33
CA CYS C 36 -46.18 -27.69 -37.61
C CYS C 36 -46.49 -26.20 -37.65
N GLN C 37 -45.83 -25.49 -38.56
CA GLN C 37 -46.04 -24.05 -38.67
C GLN C 37 -47.40 -23.71 -39.26
N SER C 38 -48.16 -24.68 -39.75
CA SER C 38 -49.47 -24.34 -40.31
C SER C 38 -50.58 -24.28 -39.26
N CYS C 39 -50.52 -25.09 -38.20
CA CYS C 39 -51.54 -25.09 -37.15
C CYS C 39 -50.94 -24.84 -35.76
N GLN C 40 -49.67 -24.50 -35.67
CA GLN C 40 -48.99 -24.36 -34.38
C GLN C 40 -48.92 -25.65 -33.57
N TYR C 41 -49.08 -26.82 -34.19
CA TYR C 41 -49.05 -28.08 -33.45
C TYR C 41 -47.61 -28.46 -33.07
N ALA C 42 -47.42 -28.88 -31.82
CA ALA C 42 -46.13 -29.34 -31.31
C ALA C 42 -46.31 -30.70 -30.66
N CYS C 43 -45.41 -31.65 -30.96
CA CYS C 43 -45.53 -32.99 -30.39
C CYS C 43 -44.19 -33.72 -30.41
N HIS C 44 -44.13 -34.82 -29.66
CA HIS C 44 -43.01 -35.75 -29.72
C HIS C 44 -42.83 -36.30 -31.13
N VAL C 45 -41.58 -36.53 -31.51
CA VAL C 45 -41.27 -37.17 -32.79
C VAL C 45 -41.99 -38.53 -32.88
N SER C 46 -41.98 -39.31 -31.80
CA SER C 46 -42.67 -40.60 -31.83
C SER C 46 -44.18 -40.45 -31.78
N CYS C 47 -44.68 -39.36 -31.23
CA CYS C 47 -46.13 -39.17 -31.22
C CYS C 47 -46.67 -38.77 -32.59
N ALA C 48 -45.83 -38.25 -33.48
CA ALA C 48 -46.30 -37.91 -34.81
C ALA C 48 -46.72 -39.14 -35.62
N GLU C 49 -46.25 -40.33 -35.25
CA GLU C 49 -46.70 -41.55 -35.92
C GLU C 49 -48.18 -41.80 -35.73
N ARG C 50 -48.78 -41.24 -34.67
CA ARG C 50 -50.16 -41.52 -34.34
C ARG C 50 -51.09 -40.32 -34.43
N VAL C 51 -50.60 -39.14 -34.75
CA VAL C 51 -51.47 -37.97 -34.81
C VAL C 51 -52.24 -37.99 -36.11
N SER C 52 -53.47 -37.47 -36.06
CA SER C 52 -54.32 -37.34 -37.24
C SER C 52 -53.61 -36.59 -38.37
N GLN C 53 -54.11 -36.72 -39.59
CA GLN C 53 -53.61 -35.94 -40.71
C GLN C 53 -54.32 -34.60 -40.84
N SER C 54 -55.45 -34.42 -40.13
CA SER C 54 -56.24 -33.19 -40.24
C SER C 54 -55.46 -32.01 -39.66
N CYS C 55 -55.04 -31.11 -40.53
CA CYS C 55 -54.37 -29.88 -40.13
C CYS C 55 -55.22 -28.71 -40.58
N PRO C 56 -55.80 -27.91 -39.68
CA PRO C 56 -55.60 -27.97 -38.23
C PRO C 56 -56.47 -28.99 -37.51
N VAL C 57 -56.05 -29.37 -36.30
CA VAL C 57 -56.75 -30.37 -35.48
C VAL C 57 -58.01 -29.76 -34.87
N PRO C 58 -59.20 -30.29 -35.18
CA PRO C 58 -60.40 -29.85 -34.46
C PRO C 58 -60.33 -30.23 -32.99
N GLU C 59 -60.89 -29.35 -32.15
CA GLU C 59 -60.80 -29.54 -30.70
C GLU C 59 -61.50 -30.80 -30.20
N GLU C 60 -62.33 -31.45 -31.02
CA GLU C 60 -62.88 -32.74 -30.62
C GLU C 60 -61.78 -33.80 -30.54
N GLU C 61 -60.89 -33.84 -31.53
CA GLU C 61 -59.73 -34.74 -31.50
C GLU C 61 -58.68 -34.14 -30.56
N ARG C 62 -58.97 -34.21 -29.26
CA ARG C 62 -58.09 -33.68 -28.24
C ARG C 62 -57.97 -34.67 -27.10
N ARG C 63 -56.75 -34.85 -26.60
CA ARG C 63 -56.53 -35.64 -25.39
C ARG C 63 -56.52 -34.72 -24.19
N PRO C 64 -57.47 -34.84 -23.26
CA PRO C 64 -57.49 -33.96 -22.09
C PRO C 64 -56.26 -34.17 -21.22
N LEU C 65 -56.09 -33.27 -20.24
CA LEU C 65 -54.95 -33.35 -19.35
C LEU C 65 -55.17 -34.39 -18.26
N GLY C 66 -54.07 -34.93 -17.76
CA GLY C 66 -54.08 -36.02 -16.81
C GLY C 66 -53.06 -37.06 -17.19
N ILE C 67 -52.75 -37.98 -16.29
CA ILE C 67 -51.80 -39.05 -16.59
C ILE C 67 -52.58 -40.29 -17.00
N ASP C 68 -52.09 -40.97 -18.02
CA ASP C 68 -52.66 -42.25 -18.42
C ASP C 68 -52.26 -43.31 -17.40
N PRO C 69 -53.21 -43.94 -16.70
CA PRO C 69 -52.81 -44.91 -15.66
C PRO C 69 -51.97 -46.07 -16.18
N THR C 70 -52.46 -46.79 -17.20
CA THR C 70 -51.84 -48.04 -17.60
C THR C 70 -50.57 -47.87 -18.42
N ARG C 71 -50.26 -46.66 -18.89
CA ARG C 71 -49.07 -46.46 -19.70
C ARG C 71 -48.10 -45.42 -19.15
N GLY C 72 -48.50 -44.64 -18.14
CA GLY C 72 -47.58 -43.79 -17.41
C GLY C 72 -47.28 -42.45 -18.02
N VAL C 73 -48.11 -41.96 -18.94
CA VAL C 73 -47.82 -40.74 -19.69
C VAL C 73 -48.93 -39.72 -19.43
N GLY C 74 -48.55 -38.44 -19.52
CA GLY C 74 -49.48 -37.33 -19.41
C GLY C 74 -49.04 -36.27 -18.43
N THR C 75 -49.28 -35.00 -18.74
CA THR C 75 -49.09 -33.93 -17.77
C THR C 75 -50.34 -33.80 -16.90
N ALA C 76 -50.17 -33.88 -15.58
CA ALA C 76 -51.29 -33.82 -14.66
C ALA C 76 -51.50 -32.45 -14.02
N TYR C 77 -50.44 -31.69 -13.81
CA TYR C 77 -50.52 -30.40 -13.14
C TYR C 77 -49.31 -29.58 -13.54
N GLU C 78 -49.51 -28.28 -13.75
CA GLU C 78 -48.37 -27.37 -13.77
C GLU C 78 -48.71 -26.08 -13.05
N GLY C 79 -47.86 -25.70 -12.11
CA GLY C 79 -48.07 -24.50 -11.33
C GLY C 79 -46.77 -24.00 -10.75
N LEU C 80 -46.89 -23.06 -9.82
CA LEU C 80 -45.74 -22.48 -9.15
C LEU C 80 -45.70 -22.89 -7.68
N VAL C 81 -44.49 -22.86 -7.13
CA VAL C 81 -44.22 -23.31 -5.77
C VAL C 81 -42.89 -22.70 -5.35
N LYS C 82 -42.64 -22.66 -4.04
CA LYS C 82 -41.39 -22.15 -3.53
C LYS C 82 -40.51 -23.29 -3.04
N THR C 83 -39.22 -23.22 -3.37
CA THR C 83 -38.25 -24.25 -3.07
C THR C 83 -36.98 -23.60 -2.54
N PRO C 84 -36.26 -24.25 -1.63
CA PRO C 84 -35.08 -23.62 -1.03
C PRO C 84 -34.06 -23.22 -2.08
N ARG C 85 -33.23 -22.25 -1.72
CA ARG C 85 -32.20 -21.75 -2.62
C ARG C 85 -31.06 -22.76 -2.69
N ALA C 86 -29.98 -22.39 -3.39
CA ALA C 86 -28.78 -23.20 -3.39
C ALA C 86 -28.12 -23.14 -2.02
N GLY C 87 -27.87 -24.31 -1.44
CA GLY C 87 -27.26 -24.39 -0.13
C GLY C 87 -28.18 -24.55 1.05
N GLY C 88 -29.47 -24.76 0.82
CA GLY C 88 -30.40 -25.09 1.88
C GLY C 88 -31.28 -23.92 2.30
N VAL C 89 -32.05 -24.17 3.36
CA VAL C 89 -33.02 -23.20 3.87
C VAL C 89 -32.35 -22.04 4.59
N ARG C 90 -31.12 -22.23 5.06
CA ARG C 90 -30.36 -21.10 5.62
C ARG C 90 -30.29 -19.96 4.62
N LYS C 91 -30.24 -20.28 3.32
CA LYS C 91 -30.15 -19.29 2.26
C LYS C 91 -31.50 -18.69 1.89
N GLY C 92 -32.59 -19.10 2.53
CA GLY C 92 -33.90 -18.58 2.17
C GLY C 92 -34.65 -19.45 1.17
N TRP C 93 -35.50 -18.84 0.35
CA TRP C 93 -36.32 -19.56 -0.61
C TRP C 93 -36.36 -18.80 -1.94
N GLN C 94 -36.48 -19.55 -3.02
CA GLN C 94 -36.76 -19.05 -4.36
C GLN C 94 -38.11 -19.61 -4.81
N THR C 95 -38.66 -19.03 -5.87
CA THR C 95 -39.90 -19.51 -6.46
C THR C 95 -39.59 -20.31 -7.71
N ALA C 96 -40.09 -21.54 -7.78
CA ALA C 96 -39.80 -22.44 -8.88
C ALA C 96 -41.09 -22.93 -9.53
N TYR C 97 -40.96 -23.35 -10.79
CA TYR C 97 -42.06 -23.85 -11.60
C TYR C 97 -42.08 -25.37 -11.55
N VAL C 98 -43.24 -25.96 -11.28
CA VAL C 98 -43.38 -27.39 -11.09
C VAL C 98 -44.33 -27.95 -12.13
N VAL C 99 -43.93 -29.05 -12.76
CA VAL C 99 -44.79 -29.82 -13.64
C VAL C 99 -44.83 -31.25 -13.12
N VAL C 100 -46.02 -31.75 -12.89
CA VAL C 100 -46.22 -33.14 -12.52
C VAL C 100 -46.67 -33.86 -13.77
N CYS C 101 -45.84 -34.82 -14.22
CA CYS C 101 -45.97 -35.40 -15.56
C CYS C 101 -45.35 -36.79 -15.55
N ASP C 102 -46.03 -37.75 -16.19
CA ASP C 102 -45.53 -39.13 -16.29
C ASP C 102 -45.19 -39.74 -14.93
N PHE C 103 -45.96 -39.39 -13.89
CA PHE C 103 -45.64 -39.77 -12.52
C PHE C 103 -44.25 -39.28 -12.11
N LYS C 104 -43.95 -38.03 -12.46
CA LYS C 104 -42.69 -37.40 -12.09
C LYS C 104 -42.94 -35.94 -11.78
N LEU C 105 -42.05 -35.35 -11.00
CA LEU C 105 -42.01 -33.91 -10.79
C LEU C 105 -40.83 -33.32 -11.56
N TYR C 106 -41.10 -32.30 -12.37
CA TYR C 106 -40.06 -31.54 -13.06
C TYR C 106 -39.98 -30.16 -12.43
N LEU C 107 -38.84 -29.85 -11.83
CA LEU C 107 -38.59 -28.56 -11.20
C LEU C 107 -37.81 -27.68 -12.19
N TYR C 108 -38.43 -26.61 -12.65
CA TYR C 108 -37.80 -25.63 -13.52
C TYR C 108 -37.47 -24.36 -12.74
N ASP C 109 -36.37 -23.73 -13.11
CA ASP C 109 -36.05 -22.39 -12.62
C ASP C 109 -36.88 -21.36 -13.39
N CYS C 110 -37.39 -20.36 -12.67
CA CYS C 110 -38.26 -19.38 -13.33
C CYS C 110 -38.13 -18.01 -12.67
N THR C 111 -38.36 -16.98 -13.48
CA THR C 111 -38.44 -15.62 -13.02
C THR C 111 -39.90 -15.17 -12.98
N VAL C 112 -40.27 -14.46 -11.92
CA VAL C 112 -41.63 -14.04 -11.68
C VAL C 112 -41.60 -12.55 -11.30
N ASP C 113 -42.78 -11.92 -11.30
CA ASP C 113 -42.87 -10.53 -10.87
C ASP C 113 -43.80 -10.37 -9.67
N ASN C 116 -46.04 -12.52 -9.45
CA ASN C 116 -46.88 -13.70 -9.63
C ASN C 116 -46.93 -14.12 -11.09
N LYS C 117 -46.61 -13.18 -11.99
CA LYS C 117 -46.65 -13.43 -13.43
C LYS C 117 -45.32 -14.04 -13.86
N MET C 118 -45.34 -15.35 -14.10
CA MET C 118 -44.18 -16.05 -14.63
C MET C 118 -43.86 -15.56 -16.04
N GLN C 119 -42.62 -15.11 -16.25
CA GLN C 119 -42.22 -14.61 -17.55
C GLN C 119 -41.27 -15.57 -18.27
N ASP C 120 -40.07 -15.81 -17.73
CA ASP C 120 -39.08 -16.65 -18.38
C ASP C 120 -39.02 -17.99 -17.66
N VAL C 121 -39.21 -19.07 -18.42
CA VAL C 121 -38.90 -20.43 -17.98
C VAL C 121 -38.22 -21.10 -19.16
N LYS C 122 -36.92 -21.31 -19.06
CA LYS C 122 -36.27 -22.05 -20.14
C LYS C 122 -36.64 -23.53 -20.05
N ASN C 123 -36.48 -24.24 -21.16
CA ASN C 123 -36.94 -25.63 -21.21
C ASN C 123 -35.93 -26.62 -20.64
N GLU C 124 -35.19 -26.25 -19.60
CA GLU C 124 -34.24 -27.15 -18.98
C GLU C 124 -34.68 -27.45 -17.56
N ILE C 125 -34.76 -28.73 -17.22
CA ILE C 125 -35.20 -29.15 -15.90
C ILE C 125 -34.07 -29.01 -14.91
N ARG C 126 -34.38 -28.47 -13.73
CA ARG C 126 -33.38 -28.38 -12.66
C ARG C 126 -33.35 -29.63 -11.78
N LEU C 127 -34.48 -30.34 -11.67
CA LEU C 127 -34.53 -31.52 -10.81
C LEU C 127 -35.73 -32.36 -11.22
N VAL C 128 -35.51 -33.68 -11.33
CA VAL C 128 -36.58 -34.64 -11.62
C VAL C 128 -36.78 -35.53 -10.41
N LEU C 129 -38.03 -35.61 -9.92
CA LEU C 129 -38.37 -36.47 -8.79
C LEU C 129 -39.36 -37.52 -9.27
N ASP C 130 -38.91 -38.77 -9.34
CA ASP C 130 -39.69 -39.87 -9.90
C ASP C 130 -40.47 -40.58 -8.80
N MET C 131 -41.72 -40.95 -9.10
CA MET C 131 -42.52 -41.71 -8.15
C MET C 131 -42.35 -43.21 -8.31
N ARG C 132 -41.81 -43.68 -9.44
CA ARG C 132 -41.44 -45.08 -9.55
C ARG C 132 -40.31 -45.45 -8.60
N ASP C 133 -39.56 -44.46 -8.12
CA ASP C 133 -38.53 -44.67 -7.11
C ASP C 133 -39.11 -45.45 -5.94
N PRO C 134 -38.45 -46.53 -5.48
CA PRO C 134 -39.03 -47.37 -4.42
C PRO C 134 -39.05 -46.72 -3.05
N ASP C 135 -38.41 -45.57 -2.87
CA ASP C 135 -38.52 -44.84 -1.60
C ASP C 135 -39.32 -43.54 -1.76
N PHE C 136 -40.01 -43.36 -2.88
CA PHE C 136 -40.80 -42.15 -3.02
C PHE C 136 -41.81 -42.05 -1.89
N THR C 137 -41.95 -40.84 -1.37
CA THR C 137 -42.99 -40.54 -0.39
C THR C 137 -43.17 -39.04 -0.37
N VAL C 138 -44.31 -38.60 0.17
CA VAL C 138 -44.60 -37.18 0.30
C VAL C 138 -45.36 -36.99 1.61
N CYS C 139 -44.97 -35.97 2.37
CA CYS C 139 -45.52 -35.75 3.71
C CYS C 139 -45.40 -34.28 4.07
N GLY C 140 -46.20 -33.87 5.06
CA GLY C 140 -46.06 -32.57 5.65
C GLY C 140 -44.96 -32.54 6.70
N VAL C 141 -44.55 -31.32 7.07
CA VAL C 141 -43.36 -31.15 7.89
C VAL C 141 -43.71 -30.41 9.16
N SER C 142 -42.80 -30.50 10.13
CA SER C 142 -42.92 -29.79 11.40
C SER C 142 -41.65 -28.99 11.68
N GLU C 143 -41.38 -28.73 12.96
CA GLU C 143 -40.13 -28.11 13.38
C GLU C 143 -39.09 -29.12 13.80
N ALA C 144 -39.48 -30.40 13.94
CA ALA C 144 -38.52 -31.49 14.13
C ALA C 144 -37.76 -31.81 12.84
N ASP C 145 -38.01 -31.08 11.76
CA ASP C 145 -37.31 -31.28 10.50
C ASP C 145 -36.72 -29.95 10.01
N VAL C 146 -37.45 -29.27 9.12
CA VAL C 146 -36.98 -27.99 8.59
C VAL C 146 -36.77 -26.99 9.72
N ILE C 147 -35.79 -26.10 9.53
CA ILE C 147 -35.42 -25.12 10.55
C ILE C 147 -35.01 -23.81 9.88
N GLN C 150 -38.69 -20.51 9.48
CA GLN C 150 -39.58 -19.77 10.36
C GLN C 150 -40.78 -20.61 10.75
N LYS C 151 -41.16 -20.55 12.03
CA LYS C 151 -42.21 -21.41 12.54
C LYS C 151 -43.54 -21.18 11.83
N GLY C 152 -43.76 -19.96 11.33
CA GLY C 152 -44.98 -19.69 10.58
C GLY C 152 -44.99 -20.33 9.20
N ASP C 153 -43.81 -20.52 8.62
CA ASP C 153 -43.70 -21.12 7.28
C ASP C 153 -43.83 -22.64 7.30
N ILE C 154 -43.76 -23.27 8.48
CA ILE C 154 -43.85 -24.73 8.55
C ILE C 154 -45.14 -25.27 7.93
N PRO C 155 -46.34 -24.74 8.24
CA PRO C 155 -47.55 -25.29 7.63
C PRO C 155 -47.63 -25.11 6.13
N LYS C 156 -46.69 -24.38 5.53
CA LYS C 156 -46.68 -24.18 4.09
C LYS C 156 -45.70 -25.12 3.38
N ILE C 157 -44.99 -25.97 4.10
CA ILE C 157 -43.90 -26.76 3.55
C ILE C 157 -44.24 -28.25 3.62
N PHE C 158 -43.90 -28.98 2.55
CA PHE C 158 -44.04 -30.43 2.50
C PHE C 158 -42.78 -31.01 1.88
N ARG C 159 -42.57 -32.31 2.11
CA ARG C 159 -41.32 -32.99 1.80
C ARG C 159 -41.54 -34.18 0.88
N VAL C 160 -40.71 -34.28 -0.15
CA VAL C 160 -40.75 -35.38 -1.11
C VAL C 160 -39.43 -36.14 -1.00
N THR C 161 -39.50 -37.43 -0.66
CA THR C 161 -38.34 -38.30 -0.62
C THR C 161 -38.26 -39.10 -1.92
N THR C 162 -37.04 -39.32 -2.41
CA THR C 162 -36.85 -40.21 -3.56
C THR C 162 -35.75 -41.24 -3.27
N THR C 163 -34.57 -41.07 -3.85
CA THR C 163 -33.60 -42.17 -3.91
C THR C 163 -32.86 -42.36 -2.58
N GLN C 164 -32.60 -43.62 -2.23
CA GLN C 164 -31.93 -43.96 -0.99
C GLN C 164 -30.56 -44.56 -1.27
N ILE C 165 -29.54 -44.04 -0.59
CA ILE C 165 -28.20 -44.63 -0.68
C ILE C 165 -28.16 -45.81 0.29
N LEU C 166 -28.15 -47.02 -0.25
CA LEU C 166 -28.10 -48.21 0.59
C LEU C 166 -26.72 -48.35 1.25
N ASN C 167 -26.69 -49.14 2.33
CA ASN C 167 -25.48 -49.45 3.08
C ASN C 167 -24.77 -48.20 3.59
N SER C 168 -25.50 -47.11 3.76
CA SER C 168 -24.92 -45.85 4.20
C SER C 168 -24.50 -45.92 5.66
N SER C 169 -23.66 -44.98 6.06
CA SER C 169 -23.23 -44.86 7.45
C SER C 169 -24.06 -43.83 8.20
N SER C 175 -29.07 -38.58 7.49
CA SER C 175 -29.89 -39.58 6.80
C SER C 175 -29.39 -39.85 5.38
N SER C 176 -29.85 -40.97 4.82
CA SER C 176 -29.27 -41.57 3.63
C SER C 176 -30.15 -41.45 2.39
N LYS C 177 -31.22 -40.67 2.45
CA LYS C 177 -32.15 -40.53 1.34
C LYS C 177 -32.11 -39.11 0.79
N PHE C 178 -32.47 -38.97 -0.48
CA PHE C 178 -32.62 -37.67 -1.10
C PHE C 178 -33.93 -37.02 -0.65
N TYR C 179 -33.84 -35.85 -0.04
CA TYR C 179 -34.99 -35.08 0.42
C TYR C 179 -35.13 -33.83 -0.45
N THR C 180 -36.37 -33.42 -0.71
CA THR C 180 -36.61 -32.16 -1.41
C THR C 180 -37.80 -31.45 -0.78
N LEU C 181 -37.66 -30.14 -0.60
CA LEU C 181 -38.62 -29.31 0.10
C LEU C 181 -39.37 -28.40 -0.87
N PHE C 182 -40.65 -28.19 -0.60
CA PHE C 182 -41.48 -27.29 -1.36
C PHE C 182 -42.33 -26.48 -0.40
N MET C 183 -42.49 -25.19 -0.70
CA MET C 183 -43.34 -24.33 0.11
C MET C 183 -44.59 -23.95 -0.67
N ALA C 184 -45.73 -24.05 0.00
CA ALA C 184 -47.02 -23.72 -0.58
C ALA C 184 -47.40 -22.28 -0.27
N GLU C 185 -48.37 -21.77 -1.03
CA GLU C 185 -48.88 -20.42 -0.80
C GLU C 185 -49.45 -20.30 0.60
N THR C 186 -50.40 -21.16 0.94
CA THR C 186 -50.91 -21.26 2.30
C THR C 186 -50.89 -22.72 2.72
N GLU C 187 -51.47 -23.04 3.87
CA GLU C 187 -51.67 -24.44 4.21
C GLU C 187 -52.66 -25.10 3.27
N GLU C 188 -53.61 -24.34 2.72
CA GLU C 188 -54.61 -24.90 1.81
C GLU C 188 -53.93 -25.60 0.64
N GLU C 189 -52.91 -24.96 0.05
CA GLU C 189 -52.12 -25.66 -0.97
C GLU C 189 -51.29 -26.79 -0.37
N LYS C 190 -50.85 -26.65 0.88
CA LYS C 190 -49.92 -27.61 1.45
C LYS C 190 -50.55 -29.01 1.53
N ARG C 191 -51.77 -29.10 2.06
CA ARG C 191 -52.40 -30.41 2.16
C ARG C 191 -52.84 -30.91 0.80
N LYS C 192 -53.39 -30.03 -0.04
CA LYS C 192 -53.78 -30.43 -1.39
C LYS C 192 -52.58 -30.94 -2.18
N TRP C 193 -51.39 -30.41 -1.91
CA TRP C 193 -50.19 -30.93 -2.56
C TRP C 193 -49.91 -32.35 -2.09
N VAL C 194 -49.90 -32.56 -0.77
CA VAL C 194 -49.68 -33.91 -0.24
C VAL C 194 -50.78 -34.85 -0.71
N VAL C 195 -52.00 -34.32 -0.90
CA VAL C 195 -53.11 -35.15 -1.34
C VAL C 195 -52.89 -35.62 -2.77
N ALA C 196 -52.75 -34.67 -3.71
CA ALA C 196 -52.69 -35.03 -5.12
C ALA C 196 -51.49 -35.92 -5.42
N LEU C 197 -50.33 -35.63 -4.83
CA LEU C 197 -49.15 -36.45 -5.11
C LEU C 197 -49.31 -37.87 -4.57
N SER C 198 -50.05 -38.03 -3.46
CA SER C 198 -50.23 -39.36 -2.89
C SER C 198 -51.18 -40.20 -3.73
N GLU C 199 -52.31 -39.63 -4.16
CA GLU C 199 -53.22 -40.38 -5.03
C GLU C 199 -52.54 -40.74 -6.35
N LEU C 200 -51.58 -39.92 -6.81
CA LEU C 200 -50.85 -40.28 -8.01
C LEU C 200 -49.99 -41.52 -7.79
N LYS C 201 -49.18 -41.52 -6.71
CA LYS C 201 -48.29 -42.65 -6.46
C LYS C 201 -49.08 -43.93 -6.28
N THR C 202 -50.20 -43.86 -5.56
CA THR C 202 -51.01 -45.05 -5.38
C THR C 202 -51.67 -45.46 -6.69
N LEU C 203 -52.06 -44.51 -7.52
CA LEU C 203 -52.52 -44.84 -8.86
C LEU C 203 -51.41 -45.52 -9.66
N LEU C 204 -50.21 -44.94 -9.63
CA LEU C 204 -49.07 -45.58 -10.29
C LEU C 204 -48.85 -46.98 -9.74
N ARG C 205 -49.08 -47.16 -8.43
CA ARG C 205 -48.96 -48.48 -7.83
C ARG C 205 -50.00 -49.44 -8.42
N ARG C 206 -51.24 -49.00 -8.50
CA ARG C 206 -52.34 -49.86 -8.94
C ARG C 206 -52.36 -50.09 -10.45
N SER C 207 -51.48 -49.45 -11.22
CA SER C 207 -51.43 -49.66 -12.67
C SER C 207 -50.57 -50.84 -13.07
N LYS C 208 -49.82 -51.43 -12.13
CA LYS C 208 -48.94 -52.57 -12.39
C LYS C 208 -48.03 -52.32 -13.58
N LEU C 209 -47.46 -51.11 -13.62
CA LEU C 209 -46.40 -50.82 -14.58
C LEU C 209 -45.10 -51.47 -14.12
N ALA C 210 -44.46 -52.21 -15.02
CA ALA C 210 -43.27 -52.97 -14.65
C ALA C 210 -42.15 -52.04 -14.22
N ASP C 211 -41.36 -52.49 -13.24
CA ASP C 211 -40.23 -51.71 -12.76
C ASP C 211 -39.12 -51.71 -13.80
N ARG C 212 -38.84 -50.52 -14.32
CA ARG C 212 -37.79 -50.27 -15.30
C ARG C 212 -36.45 -49.94 -14.65
N LYS C 213 -36.39 -49.96 -13.32
CA LYS C 213 -35.23 -49.48 -12.57
C LYS C 213 -33.97 -50.21 -13.01
N ALA C 214 -32.89 -49.44 -13.20
CA ALA C 214 -31.63 -49.97 -13.72
C ALA C 214 -30.62 -50.29 -12.62
N PHE C 215 -30.51 -49.42 -11.62
CA PHE C 215 -29.47 -49.51 -10.61
C PHE C 215 -30.04 -49.31 -9.22
N LEU C 216 -29.35 -49.89 -8.24
CA LEU C 216 -29.40 -49.45 -6.87
C LEU C 216 -28.09 -48.73 -6.55
N VAL C 217 -28.12 -47.85 -5.56
CA VAL C 217 -26.93 -47.14 -5.10
C VAL C 217 -26.49 -47.76 -3.78
N LYS C 218 -25.21 -48.11 -3.69
CA LYS C 218 -24.64 -48.64 -2.46
C LYS C 218 -23.39 -47.82 -2.13
N GLU C 219 -23.34 -47.31 -0.89
CA GLU C 219 -22.14 -46.64 -0.41
C GLU C 219 -21.05 -47.68 -0.16
N VAL C 220 -19.89 -47.49 -0.78
CA VAL C 220 -18.74 -48.37 -0.60
C VAL C 220 -17.79 -47.85 0.48
N PHE C 221 -17.33 -46.61 0.34
CA PHE C 221 -16.42 -45.98 1.28
C PHE C 221 -16.94 -44.59 1.62
N ASP C 222 -16.67 -44.14 2.84
CA ASP C 222 -16.87 -42.72 3.13
C ASP C 222 -15.54 -42.08 3.49
N VAL C 223 -15.58 -40.93 4.19
CA VAL C 223 -14.33 -40.26 4.51
C VAL C 223 -13.54 -41.02 5.56
N THR C 224 -14.24 -41.69 6.49
CA THR C 224 -13.56 -42.40 7.58
C THR C 224 -12.92 -43.71 7.11
N THR C 225 -13.34 -44.26 5.96
CA THR C 225 -12.77 -45.48 5.45
C THR C 225 -11.89 -45.28 4.21
N LEU C 226 -11.99 -44.15 3.53
CA LEU C 226 -11.10 -43.81 2.41
C LEU C 226 -10.79 -42.33 2.49
N PRO C 227 -9.99 -41.91 3.47
CA PRO C 227 -9.76 -40.47 3.68
C PRO C 227 -9.25 -39.73 2.45
N SER C 228 -8.56 -40.41 1.56
CA SER C 228 -8.04 -39.79 0.35
C SER C 228 -9.12 -39.57 -0.72
N ILE C 229 -10.39 -39.75 -0.38
CA ILE C 229 -11.45 -39.73 -1.39
C ILE C 229 -11.58 -38.35 -2.01
N ARG C 230 -11.28 -37.30 -1.25
CA ARG C 230 -11.39 -35.95 -1.80
C ARG C 230 -10.43 -35.74 -2.97
N VAL C 231 -9.26 -36.38 -2.95
CA VAL C 231 -8.27 -36.20 -4.03
C VAL C 231 -8.23 -37.41 -4.97
N ALA C 232 -9.26 -38.25 -4.96
CA ALA C 232 -9.38 -39.33 -5.93
C ALA C 232 -9.87 -38.78 -7.27
N GLN C 233 -9.23 -39.19 -8.36
CA GLN C 233 -9.51 -38.63 -9.67
C GLN C 233 -10.11 -39.61 -10.67
N CYS C 234 -9.83 -40.90 -10.53
CA CYS C 234 -10.19 -41.92 -11.50
C CYS C 234 -10.04 -43.28 -10.83
N CYS C 235 -10.60 -44.30 -11.44
CA CYS C 235 -10.48 -45.63 -10.84
C CYS C 235 -10.93 -46.67 -11.86
N ALA C 236 -10.61 -47.94 -11.57
CA ALA C 236 -10.95 -49.04 -12.48
C ALA C 236 -11.13 -50.33 -11.68
N ILE C 237 -11.95 -51.23 -12.21
CA ILE C 237 -12.18 -52.54 -11.61
C ILE C 237 -11.10 -53.46 -12.12
N ILE C 238 -10.41 -54.13 -11.21
CA ILE C 238 -9.55 -55.24 -11.59
C ILE C 238 -10.32 -56.54 -11.56
N ASP C 239 -10.92 -56.82 -10.40
CA ASP C 239 -11.86 -57.93 -10.28
C ASP C 239 -12.78 -57.58 -9.11
N ARG C 240 -13.72 -58.48 -8.83
CA ARG C 240 -14.76 -58.23 -7.83
C ARG C 240 -14.19 -57.79 -6.48
N SER C 241 -12.93 -58.18 -6.18
CA SER C 241 -12.34 -57.85 -4.90
C SER C 241 -11.38 -56.65 -4.95
N LYS C 242 -10.88 -56.30 -6.13
CA LYS C 242 -9.81 -55.30 -6.24
C LYS C 242 -10.24 -54.20 -7.19
N ILE C 243 -10.05 -52.96 -6.78
CA ILE C 243 -10.12 -51.80 -7.66
C ILE C 243 -8.81 -51.03 -7.53
N VAL C 244 -8.46 -50.29 -8.57
CA VAL C 244 -7.37 -49.32 -8.46
C VAL C 244 -7.96 -47.93 -8.51
N ILE C 245 -7.43 -47.05 -7.67
CA ILE C 245 -7.81 -45.64 -7.64
C ILE C 245 -6.55 -44.82 -7.91
N GLY C 246 -6.66 -43.81 -8.77
CA GLY C 246 -5.59 -42.86 -9.02
C GLY C 246 -5.93 -41.52 -8.41
N PHE C 247 -4.92 -40.85 -7.85
CA PHE C 247 -5.09 -39.65 -7.04
C PHE C 247 -4.34 -38.47 -7.65
N SER C 248 -4.71 -37.26 -7.19
CA SER C 248 -4.14 -36.07 -7.80
C SER C 248 -2.65 -35.93 -7.52
N ASP C 249 -2.14 -36.42 -6.39
CA ASP C 249 -0.69 -36.34 -6.19
C ASP C 249 -0.05 -37.60 -5.64
N HIS C 250 -0.76 -38.72 -5.53
CA HIS C 250 -0.19 -39.88 -4.86
C HIS C 250 -0.16 -41.12 -5.73
N GLY C 251 -0.41 -40.98 -7.01
CA GLY C 251 -0.26 -42.10 -7.93
C GLY C 251 -1.44 -43.05 -7.97
N LEU C 252 -1.15 -44.32 -8.23
CA LEU C 252 -2.16 -45.36 -8.39
C LEU C 252 -2.01 -46.37 -7.26
N TYR C 253 -3.07 -46.54 -6.50
CA TYR C 253 -3.13 -47.50 -5.41
C TYR C 253 -4.17 -48.55 -5.72
N CYS C 254 -3.92 -49.77 -5.25
CA CYS C 254 -4.85 -50.89 -5.38
C CYS C 254 -5.48 -51.15 -4.02
N ILE C 255 -6.78 -51.39 -4.01
CA ILE C 255 -7.57 -51.60 -2.80
C ILE C 255 -8.14 -53.01 -2.86
N GLU C 256 -7.56 -53.94 -2.12
CA GLU C 256 -8.22 -55.23 -1.90
C GLU C 256 -9.28 -55.00 -0.83
N ILE C 257 -10.54 -54.95 -1.26
CA ILE C 257 -11.61 -54.39 -0.44
C ILE C 257 -11.89 -55.26 0.79
N SER C 258 -11.76 -56.57 0.66
CA SER C 258 -12.00 -57.45 1.80
C SER C 258 -11.01 -57.15 2.92
N ARG C 259 -9.72 -57.18 2.60
CA ARG C 259 -8.71 -56.56 3.44
C ARG C 259 -8.97 -55.06 3.46
N GLN C 260 -8.14 -54.30 4.17
CA GLN C 260 -8.23 -52.84 4.09
C GLN C 260 -6.80 -52.37 3.85
N LEU C 261 -6.45 -52.21 2.57
CA LEU C 261 -5.08 -51.90 2.24
C LEU C 261 -5.02 -51.11 0.94
N LEU C 262 -4.36 -49.97 1.00
CA LEU C 262 -3.90 -49.25 -0.18
C LEU C 262 -2.52 -49.80 -0.54
N ILE C 263 -2.38 -50.30 -1.76
CA ILE C 263 -1.13 -50.89 -2.22
C ILE C 263 -0.59 -50.01 -3.35
N PRO C 264 0.58 -49.40 -3.20
CA PRO C 264 1.14 -48.60 -4.29
C PRO C 264 1.44 -49.46 -5.51
N VAL C 265 0.75 -49.18 -6.60
CA VAL C 265 0.94 -49.95 -7.83
C VAL C 265 2.35 -49.68 -8.35
N GLY C 266 3.21 -50.71 -8.29
CA GLY C 266 4.58 -50.55 -8.72
C GLY C 266 5.52 -50.04 -7.65
N GLY C 267 5.06 -49.95 -6.40
CA GLY C 267 5.93 -49.56 -5.30
C GLY C 267 5.77 -48.09 -4.93
N GLU C 268 6.13 -47.79 -3.68
CA GLU C 268 6.01 -46.44 -3.14
C GLU C 268 6.79 -45.43 -3.98
N LYS C 269 8.00 -45.79 -4.40
CA LYS C 269 8.84 -44.83 -5.10
C LYS C 269 8.19 -44.40 -6.41
N GLU C 270 7.57 -45.35 -7.10
CA GLU C 270 6.92 -45.07 -8.37
C GLU C 270 5.69 -44.18 -8.24
N ASN C 271 5.23 -43.89 -7.02
CA ASN C 271 3.97 -43.17 -6.80
C ASN C 271 4.15 -41.87 -6.03
N LYS C 272 5.38 -41.38 -5.86
CA LYS C 272 5.60 -40.14 -5.13
C LYS C 272 5.27 -38.94 -6.03
N GLN C 273 4.45 -38.03 -5.52
CA GLN C 273 4.01 -36.86 -6.27
C GLN C 273 3.66 -37.21 -7.71
N ARG C 274 2.93 -38.29 -7.91
CA ARG C 274 2.46 -38.71 -9.23
C ARG C 274 0.99 -38.37 -9.38
N CYS C 275 0.64 -37.71 -10.47
CA CYS C 275 -0.74 -37.29 -10.76
C CYS C 275 -1.37 -38.21 -11.81
N VAL C 276 -2.23 -39.11 -11.39
CA VAL C 276 -2.89 -40.04 -12.30
C VAL C 276 -4.29 -39.49 -12.61
N GLU C 277 -4.53 -39.14 -13.86
CA GLU C 277 -5.80 -38.53 -14.23
C GLU C 277 -6.82 -39.51 -14.82
N THR C 278 -6.37 -40.52 -15.57
CA THR C 278 -7.24 -41.62 -15.98
C THR C 278 -6.45 -42.93 -15.85
N VAL C 279 -7.17 -44.02 -15.69
CA VAL C 279 -6.56 -45.35 -15.64
C VAL C 279 -7.51 -46.33 -16.30
N GLU C 280 -6.97 -47.16 -17.19
CA GLU C 280 -7.72 -48.26 -17.76
C GLU C 280 -6.97 -49.57 -17.55
N TYR C 281 -7.72 -50.64 -17.30
CA TYR C 281 -7.17 -51.98 -17.09
C TYR C 281 -7.49 -52.85 -18.30
N ASP C 282 -6.46 -53.46 -18.87
CA ASP C 282 -6.62 -54.43 -19.96
C ASP C 282 -6.35 -55.81 -19.37
N GLU C 283 -7.40 -56.50 -18.96
CA GLU C 283 -7.25 -57.80 -18.32
C GLU C 283 -6.61 -58.83 -19.24
N ALA C 284 -6.99 -58.85 -20.51
CA ALA C 284 -6.44 -59.86 -21.42
C ALA C 284 -4.92 -59.72 -21.54
N GLU C 285 -4.42 -58.48 -21.58
CA GLU C 285 -3.00 -58.21 -21.72
C GLU C 285 -2.28 -58.02 -20.39
N GLN C 286 -3.01 -57.92 -19.29
CA GLN C 286 -2.45 -57.64 -17.97
C GLN C 286 -1.61 -56.36 -18.00
N LEU C 287 -2.26 -55.28 -18.45
CA LEU C 287 -1.68 -53.95 -18.56
C LEU C 287 -2.61 -52.89 -18.00
N LEU C 288 -2.01 -51.91 -17.34
CA LEU C 288 -2.69 -50.69 -16.95
C LEU C 288 -2.13 -49.54 -17.77
N MET C 289 -3.01 -48.70 -18.33
CA MET C 289 -2.60 -47.54 -19.09
C MET C 289 -3.17 -46.30 -18.41
N MET C 290 -2.40 -45.21 -18.42
CA MET C 290 -2.75 -44.04 -17.64
C MET C 290 -2.33 -42.77 -18.35
N ILE C 291 -3.20 -41.76 -18.29
CA ILE C 291 -2.78 -40.38 -18.52
C ILE C 291 -2.21 -39.87 -17.21
N VAL C 292 -0.97 -39.42 -17.23
CA VAL C 292 -0.31 -38.90 -16.05
C VAL C 292 -0.16 -37.39 -16.22
N GLY C 293 -0.55 -36.64 -15.21
CA GLY C 293 -0.48 -35.20 -15.23
C GLY C 293 0.82 -34.70 -14.63
N PRO C 294 0.88 -33.39 -14.32
CA PRO C 294 -0.20 -32.42 -14.45
C PRO C 294 -0.32 -31.84 -15.86
N ALA C 295 -1.04 -30.74 -16.02
CA ALA C 295 -1.26 -30.18 -17.35
C ALA C 295 0.06 -29.86 -18.04
N LYS C 296 1.04 -29.36 -17.28
CA LYS C 296 2.33 -28.97 -17.85
C LYS C 296 3.05 -30.14 -18.51
N ASP C 297 2.88 -31.35 -18.00
CA ASP C 297 3.70 -32.49 -18.44
C ASP C 297 2.83 -33.71 -18.68
N ARG C 298 1.63 -33.49 -19.20
CA ARG C 298 0.68 -34.57 -19.41
C ARG C 298 1.17 -35.52 -20.50
N HIS C 299 1.22 -36.81 -20.17
CA HIS C 299 1.68 -37.85 -21.09
C HIS C 299 1.05 -39.17 -20.65
N VAL C 300 1.38 -40.25 -21.35
CA VAL C 300 0.81 -41.58 -21.07
C VAL C 300 1.89 -42.50 -20.51
N ARG C 301 1.55 -43.24 -19.45
CA ARG C 301 2.39 -44.35 -18.99
C ARG C 301 1.58 -45.63 -18.93
N ILE C 302 2.27 -46.76 -19.04
CA ILE C 302 1.67 -48.07 -18.93
C ILE C 302 2.48 -48.93 -17.98
N VAL C 303 1.83 -49.88 -17.34
CA VAL C 303 2.56 -50.76 -16.41
C VAL C 303 1.92 -52.14 -16.39
N PRO C 304 2.74 -53.20 -16.40
CA PRO C 304 2.19 -54.56 -16.24
C PRO C 304 1.36 -54.70 -14.96
N SER C 305 0.23 -55.42 -15.07
CA SER C 305 -0.65 -55.61 -13.91
C SER C 305 0.00 -56.39 -12.78
N ALA C 306 1.09 -57.09 -13.03
CA ALA C 306 1.86 -57.62 -11.91
C ALA C 306 2.15 -56.55 -10.85
N ALA C 307 2.31 -55.29 -11.26
CA ALA C 307 2.62 -54.21 -10.32
C ALA C 307 1.57 -54.08 -9.21
N LEU C 308 0.36 -54.63 -9.40
CA LEU C 308 -0.73 -54.45 -8.46
C LEU C 308 -0.44 -55.01 -7.07
N ASP C 309 0.49 -55.95 -6.94
CA ASP C 309 0.81 -56.49 -5.63
C ASP C 309 1.84 -55.66 -4.89
N GLY C 310 2.18 -54.48 -5.41
CA GLY C 310 3.06 -53.57 -4.70
C GLY C 310 4.54 -53.81 -4.86
N ARG C 311 4.96 -54.79 -5.65
CA ARG C 311 6.38 -54.92 -6.00
C ARG C 311 6.88 -53.64 -6.66
N ASP C 312 8.18 -53.43 -6.64
CA ASP C 312 8.77 -52.29 -7.32
C ASP C 312 8.79 -52.57 -8.82
N LEU C 313 8.14 -51.73 -9.61
CA LEU C 313 8.07 -51.90 -11.06
C LEU C 313 7.91 -50.52 -11.71
N LYS C 314 8.96 -50.06 -12.40
CA LYS C 314 8.95 -48.78 -13.09
C LYS C 314 7.83 -48.71 -14.12
N TRP C 315 7.01 -47.66 -14.05
CA TRP C 315 6.04 -47.44 -15.11
C TRP C 315 6.74 -47.10 -16.43
N ILE C 316 6.25 -47.67 -17.52
CA ILE C 316 6.82 -47.47 -18.84
C ILE C 316 6.25 -46.18 -19.45
N LYS C 317 7.13 -45.25 -19.78
CA LYS C 317 6.72 -44.02 -20.47
C LYS C 317 6.40 -44.33 -21.93
N VAL C 318 5.25 -43.85 -22.42
CA VAL C 318 4.97 -43.98 -23.83
C VAL C 318 5.55 -42.77 -24.54
N ASN C 319 6.50 -43.01 -25.43
CA ASN C 319 7.25 -41.89 -26.01
C ASN C 319 6.33 -40.98 -26.84
N ASP C 320 6.63 -39.70 -26.81
CA ASP C 320 5.95 -38.71 -27.65
C ASP C 320 4.44 -38.75 -27.45
N THR C 321 4.03 -38.73 -26.17
CA THR C 321 2.63 -38.50 -25.83
C THR C 321 2.43 -37.23 -24.99
N LYS C 322 3.39 -36.30 -24.99
CA LYS C 322 3.27 -35.07 -24.21
C LYS C 322 2.14 -34.19 -24.77
N GLY C 323 1.44 -33.51 -23.87
CA GLY C 323 0.32 -32.66 -24.28
C GLY C 323 -0.91 -33.40 -24.78
N CYS C 324 -0.98 -34.72 -24.61
CA CYS C 324 -2.18 -35.46 -24.97
C CYS C 324 -3.36 -35.01 -24.12
N HIS C 325 -4.58 -35.23 -24.62
CA HIS C 325 -5.77 -34.96 -23.79
C HIS C 325 -6.77 -36.10 -23.69
N LEU C 326 -6.70 -37.12 -24.56
CA LEU C 326 -7.51 -38.33 -24.42
C LEU C 326 -6.65 -39.58 -24.58
N LEU C 327 -7.11 -40.68 -23.96
CA LEU C 327 -6.53 -42.01 -24.13
C LEU C 327 -7.65 -43.03 -24.26
N ALA C 328 -7.53 -43.91 -25.26
CA ALA C 328 -8.47 -45.02 -25.49
C ALA C 328 -7.70 -46.32 -25.59
N VAL C 329 -8.14 -47.33 -24.85
CA VAL C 329 -7.64 -48.69 -25.02
C VAL C 329 -8.71 -49.49 -25.76
N GLY C 330 -8.30 -50.21 -26.81
CA GLY C 330 -9.26 -50.99 -27.57
C GLY C 330 -9.90 -52.09 -26.75
N THR C 331 -11.21 -52.26 -26.96
CA THR C 331 -12.03 -53.35 -26.43
C THR C 331 -12.64 -54.15 -27.59
N ASN C 332 -13.10 -55.35 -27.28
CA ASN C 332 -13.63 -56.31 -28.26
C ASN C 332 -12.73 -56.39 -29.48
N ASN C 333 -11.43 -56.57 -29.23
CA ASN C 333 -10.53 -56.72 -30.36
C ASN C 333 -10.85 -58.00 -31.14
N PRO C 334 -10.66 -57.98 -32.47
CA PRO C 334 -11.04 -59.14 -33.29
C PRO C 334 -10.20 -60.35 -32.88
N GLY C 335 -10.88 -61.45 -32.58
CA GLY C 335 -10.18 -62.63 -32.14
C GLY C 335 -9.58 -62.54 -30.75
N GLY C 336 -9.78 -61.42 -30.05
CA GLY C 336 -9.14 -61.26 -28.76
C GLY C 336 -7.67 -60.99 -28.87
N ARG C 337 -7.20 -60.50 -30.03
CA ARG C 337 -5.82 -60.12 -30.22
C ARG C 337 -5.41 -58.99 -29.27
N ALA C 338 -4.09 -58.83 -29.14
CA ALA C 338 -3.53 -57.83 -28.23
C ALA C 338 -4.08 -56.43 -28.53
N GLY C 339 -4.11 -56.05 -29.78
CA GLY C 339 -4.83 -54.84 -30.10
C GLY C 339 -4.07 -53.58 -29.72
N PHE C 340 -4.81 -52.49 -29.64
CA PHE C 340 -4.25 -51.14 -29.71
C PHE C 340 -4.65 -50.29 -28.53
N PHE C 341 -3.92 -49.20 -28.33
CA PHE C 341 -4.46 -48.04 -27.65
C PHE C 341 -4.12 -46.78 -28.45
N ALA C 342 -4.86 -45.71 -28.19
CA ALA C 342 -4.69 -44.50 -28.98
C ALA C 342 -4.68 -43.28 -28.09
N VAL C 343 -3.95 -42.26 -28.53
CA VAL C 343 -3.71 -41.04 -27.78
C VAL C 343 -4.08 -39.85 -28.65
N ALA C 344 -4.93 -38.96 -28.15
CA ALA C 344 -5.35 -37.80 -28.94
C ALA C 344 -4.48 -36.57 -28.62
N PHE C 345 -4.09 -35.87 -29.67
CA PHE C 345 -3.52 -34.53 -29.56
C PHE C 345 -4.48 -33.55 -30.24
N LYS C 346 -4.03 -32.29 -30.36
CA LYS C 346 -4.92 -31.22 -30.82
C LYS C 346 -5.45 -31.48 -32.24
N LYS C 347 -4.59 -31.94 -33.15
CA LYS C 347 -5.06 -32.18 -34.50
C LYS C 347 -4.59 -33.53 -35.04
N SER C 348 -4.37 -34.50 -34.17
CA SER C 348 -3.89 -35.80 -34.63
C SER C 348 -4.08 -36.84 -33.55
N VAL C 349 -3.88 -38.10 -33.92
CA VAL C 349 -3.93 -39.24 -33.02
C VAL C 349 -2.75 -40.14 -33.33
N THR C 350 -2.10 -40.66 -32.29
CA THR C 350 -1.17 -41.76 -32.46
C THR C 350 -1.78 -43.05 -31.91
N ILE C 351 -1.75 -44.09 -32.73
CA ILE C 351 -2.20 -45.43 -32.34
C ILE C 351 -0.97 -46.27 -32.02
N PHE C 352 -1.01 -46.95 -30.88
CA PHE C 352 0.10 -47.79 -30.46
C PHE C 352 -0.35 -49.25 -30.41
N GLN C 353 0.54 -50.14 -30.80
CA GLN C 353 0.29 -51.57 -30.78
C GLN C 353 0.82 -52.16 -29.47
N ILE C 354 -0.06 -52.83 -28.71
CA ILE C 354 0.39 -53.60 -27.54
C ILE C 354 1.11 -54.84 -28.01
N ASP C 355 2.19 -55.22 -27.31
CA ASP C 355 2.95 -56.40 -27.73
C ASP C 355 3.63 -57.03 -26.50
N ARG C 356 4.52 -57.97 -26.79
CA ARG C 356 5.14 -58.76 -25.75
C ARG C 356 6.58 -58.30 -25.47
N SER C 357 7.00 -57.20 -26.09
CA SER C 357 8.32 -56.64 -25.80
C SER C 357 8.36 -56.12 -24.37
N GLU C 358 9.57 -55.81 -23.89
CA GLU C 358 9.72 -55.39 -22.50
C GLU C 358 9.04 -54.04 -22.25
N LYS C 359 9.01 -53.16 -23.23
CA LYS C 359 8.23 -51.94 -23.07
C LYS C 359 6.75 -52.12 -23.45
N ARG C 360 6.38 -53.31 -23.91
CA ARG C 360 5.00 -53.76 -24.02
C ARG C 360 4.17 -52.98 -25.04
N HIS C 361 4.79 -52.11 -25.84
CA HIS C 361 4.04 -51.43 -26.90
C HIS C 361 5.04 -50.93 -27.94
N LYS C 362 4.51 -50.59 -29.11
CA LYS C 362 5.24 -50.05 -30.25
C LYS C 362 4.35 -49.03 -30.94
N LYS C 363 4.94 -47.92 -31.39
CA LYS C 363 4.17 -46.99 -32.20
C LYS C 363 3.74 -47.68 -33.48
N TRP C 364 2.48 -47.52 -33.84
CA TRP C 364 1.94 -48.17 -35.02
C TRP C 364 1.65 -47.18 -36.14
N LYS C 365 1.00 -46.05 -35.84
CA LYS C 365 0.54 -45.20 -36.92
C LYS C 365 0.12 -43.83 -36.39
N ASP C 366 0.52 -42.76 -37.08
CA ASP C 366 -0.06 -41.44 -36.86
C ASP C 366 -1.26 -41.19 -37.78
N LEU C 367 -2.33 -40.61 -37.22
CA LEU C 367 -3.52 -40.25 -38.00
C LEU C 367 -3.78 -38.74 -37.90
N ALA C 368 -3.74 -38.04 -39.03
CA ALA C 368 -4.24 -36.67 -39.06
C ALA C 368 -5.74 -36.63 -38.79
N MET C 369 -6.16 -35.70 -37.98
CA MET C 369 -7.53 -35.47 -37.58
C MET C 369 -8.07 -34.21 -38.28
N PRO C 370 -9.32 -34.22 -38.75
CA PRO C 370 -9.87 -33.01 -39.39
C PRO C 370 -10.10 -31.85 -38.43
N GLY C 371 -10.45 -32.13 -37.18
CA GLY C 371 -10.61 -31.11 -36.18
C GLY C 371 -10.03 -31.61 -34.87
N THR C 372 -10.36 -30.98 -33.76
CA THR C 372 -9.82 -31.43 -32.49
C THR C 372 -10.67 -32.56 -31.94
N PRO C 373 -10.11 -33.73 -31.68
CA PRO C 373 -10.86 -34.81 -31.03
C PRO C 373 -11.52 -34.32 -29.74
N GLN C 374 -12.80 -34.66 -29.61
CA GLN C 374 -13.50 -34.48 -28.34
C GLN C 374 -13.84 -35.79 -27.67
N SER C 375 -13.83 -36.88 -28.43
CA SER C 375 -13.95 -38.22 -27.86
C SER C 375 -13.12 -39.18 -28.70
N ILE C 376 -12.61 -40.23 -28.05
CA ILE C 376 -11.85 -41.25 -28.74
C ILE C 376 -12.18 -42.60 -28.14
N ALA C 377 -12.32 -43.62 -28.99
CA ALA C 377 -12.52 -44.99 -28.54
C ALA C 377 -12.09 -45.95 -29.65
N ILE C 378 -11.67 -47.14 -29.26
CA ILE C 378 -11.36 -48.23 -30.19
C ILE C 378 -12.20 -49.43 -29.78
N PHE C 379 -13.02 -49.94 -30.70
CA PHE C 379 -13.71 -51.19 -30.43
C PHE C 379 -14.05 -51.88 -31.75
N ASN C 380 -14.24 -53.20 -31.67
CA ASN C 380 -14.50 -54.06 -32.82
C ASN C 380 -13.37 -53.96 -33.87
N GLY C 381 -12.17 -53.55 -33.47
CA GLY C 381 -11.10 -53.32 -34.44
C GLY C 381 -11.21 -52.01 -35.21
N ARG C 382 -11.94 -51.01 -34.70
CA ARG C 382 -12.08 -49.72 -35.37
C ARG C 382 -11.81 -48.57 -34.39
N LEU C 383 -11.24 -47.48 -34.91
CA LEU C 383 -11.03 -46.24 -34.16
C LEU C 383 -12.19 -45.29 -34.40
N TYR C 384 -12.78 -44.79 -33.32
CA TYR C 384 -13.87 -43.82 -33.37
C TYR C 384 -13.44 -42.52 -32.73
N VAL C 385 -13.47 -41.43 -33.48
CA VAL C 385 -13.17 -40.11 -32.95
C VAL C 385 -14.40 -39.23 -33.11
N GLY C 386 -14.82 -38.59 -32.02
CA GLY C 386 -15.91 -37.63 -32.06
C GLY C 386 -15.35 -36.22 -32.08
N PHE C 387 -16.08 -35.31 -32.74
CA PHE C 387 -15.66 -33.93 -32.94
C PHE C 387 -16.72 -32.94 -32.43
N SER C 388 -17.05 -31.87 -33.18
CA SER C 388 -18.13 -31.02 -32.68
C SER C 388 -19.49 -31.55 -33.12
N HIS C 389 -19.67 -31.78 -34.42
CA HIS C 389 -20.97 -32.25 -34.88
C HIS C 389 -20.86 -33.51 -35.72
N SER C 390 -19.84 -34.34 -35.46
CA SER C 390 -19.63 -35.49 -36.31
C SER C 390 -18.80 -36.52 -35.55
N PHE C 391 -18.98 -37.79 -35.91
CA PHE C 391 -18.10 -38.86 -35.49
C PHE C 391 -17.48 -39.49 -36.73
N ARG C 392 -16.23 -39.93 -36.59
CA ARG C 392 -15.51 -40.54 -37.69
C ARG C 392 -14.96 -41.88 -37.25
N SER C 393 -14.70 -42.74 -38.23
CA SER C 393 -14.29 -44.10 -37.97
C SER C 393 -13.17 -44.51 -38.92
N TRP C 394 -12.19 -45.24 -38.39
CA TRP C 394 -11.09 -45.77 -39.20
C TRP C 394 -10.92 -47.25 -38.90
N SER C 395 -10.76 -48.06 -39.93
CA SER C 395 -10.64 -49.49 -39.71
C SER C 395 -9.19 -49.83 -39.39
N LEU C 396 -8.94 -50.41 -38.22
CA LEU C 396 -7.59 -50.83 -37.86
C LEU C 396 -7.25 -52.25 -38.29
N VAL C 397 -8.21 -53.04 -38.78
CA VAL C 397 -7.95 -54.46 -39.06
C VAL C 397 -7.52 -54.73 -40.49
N GLY C 398 -7.99 -53.97 -41.49
CA GLY C 398 -7.60 -54.30 -42.85
C GLY C 398 -6.12 -54.09 -43.15
N VAL C 399 -5.43 -53.29 -42.34
CA VAL C 399 -4.08 -52.86 -42.64
C VAL C 399 -3.02 -53.84 -42.16
N SER C 410 1.39 -49.64 -40.18
CA SER C 410 2.68 -48.96 -40.02
C SER C 410 3.13 -48.31 -41.33
N GLY C 411 2.42 -47.27 -41.74
CA GLY C 411 2.75 -46.54 -42.94
C GLY C 411 1.80 -46.72 -44.11
N ALA C 412 0.65 -47.35 -43.91
CA ALA C 412 -0.32 -47.64 -44.96
C ALA C 412 -1.55 -46.77 -44.81
N VAL C 413 -2.30 -46.64 -45.91
CA VAL C 413 -3.46 -45.74 -45.96
C VAL C 413 -4.63 -46.41 -45.24
N LEU C 414 -5.04 -45.87 -44.10
CA LEU C 414 -6.25 -46.34 -43.43
C LEU C 414 -7.47 -45.78 -44.15
N GLN C 415 -8.50 -46.62 -44.27
CA GLN C 415 -9.78 -46.20 -44.82
C GLN C 415 -10.63 -45.60 -43.71
N HIS C 416 -11.34 -44.53 -44.04
CA HIS C 416 -12.05 -43.72 -43.07
C HIS C 416 -13.48 -43.47 -43.57
N ILE C 417 -14.44 -43.49 -42.64
CA ILE C 417 -15.83 -43.15 -42.97
C ILE C 417 -16.42 -42.28 -41.87
N SER C 418 -17.14 -41.24 -42.27
CA SER C 418 -17.96 -40.51 -41.31
C SER C 418 -19.15 -41.38 -40.92
N LEU C 419 -19.48 -41.37 -39.64
CA LEU C 419 -20.70 -42.00 -39.16
C LEU C 419 -21.95 -41.14 -39.42
N VAL C 420 -21.82 -40.02 -40.14
CA VAL C 420 -22.94 -39.15 -40.47
C VAL C 420 -22.81 -38.87 -41.95
N ASN C 421 -23.61 -39.57 -42.76
CA ASN C 421 -23.57 -39.43 -44.20
C ASN C 421 -24.35 -38.19 -44.60
N MET C 422 -23.66 -37.21 -45.16
CA MET C 422 -24.32 -35.95 -45.45
C MET C 422 -25.26 -36.05 -46.65
N GLU C 423 -25.38 -37.22 -47.27
CA GLU C 423 -26.46 -37.44 -48.23
C GLU C 423 -27.80 -37.62 -47.53
N ASP C 424 -27.80 -37.87 -46.23
CA ASP C 424 -29.04 -37.95 -45.48
C ASP C 424 -29.51 -36.54 -45.11
N THR C 425 -30.61 -36.09 -45.74
CA THR C 425 -31.09 -34.73 -45.48
C THR C 425 -31.55 -34.56 -44.03
N SER C 426 -31.96 -35.64 -43.37
CA SER C 426 -32.38 -35.59 -41.97
C SER C 426 -31.23 -35.43 -41.00
N LEU C 427 -29.98 -35.47 -41.48
CA LEU C 427 -28.82 -35.29 -40.63
C LEU C 427 -28.02 -34.02 -40.95
N GLN C 428 -28.37 -33.30 -42.00
CA GLN C 428 -27.60 -32.13 -42.40
C GLN C 428 -27.67 -30.99 -41.38
N PHE C 429 -28.61 -31.05 -40.43
CA PHE C 429 -28.65 -30.04 -39.39
C PHE C 429 -27.35 -30.02 -38.59
N LEU C 430 -26.68 -31.17 -38.48
CA LEU C 430 -25.45 -31.28 -37.72
C LEU C 430 -24.36 -30.38 -38.27
N ASN C 431 -24.32 -30.20 -39.60
CA ASN C 431 -23.29 -29.37 -40.22
C ASN C 431 -23.43 -27.90 -39.85
N GLN C 432 -24.65 -27.45 -39.55
CA GLN C 432 -24.92 -26.06 -39.22
C GLN C 432 -25.14 -25.85 -37.73
N GLN C 433 -24.71 -26.80 -36.90
CA GLN C 433 -24.71 -26.61 -35.46
C GLN C 433 -23.38 -26.02 -35.03
N THR C 434 -23.43 -25.10 -34.08
CA THR C 434 -22.22 -24.57 -33.47
C THR C 434 -22.09 -24.94 -32.00
N SER C 435 -23.12 -25.52 -31.40
CA SER C 435 -23.17 -25.73 -29.97
C SER C 435 -22.90 -27.18 -29.57
N TYR C 436 -22.87 -28.10 -30.53
CA TYR C 436 -22.75 -29.52 -30.24
C TYR C 436 -21.30 -29.87 -29.93
N GLU C 437 -21.12 -30.81 -29.00
CA GLU C 437 -19.83 -31.43 -28.76
C GLU C 437 -20.00 -32.94 -28.59
N ALA C 438 -19.12 -33.71 -29.21
CA ALA C 438 -19.20 -35.17 -29.14
C ALA C 438 -18.79 -35.68 -27.76
N LYS C 439 -19.54 -36.64 -27.23
CA LYS C 439 -19.23 -37.19 -25.92
C LYS C 439 -18.77 -38.64 -25.97
N LEU C 440 -19.49 -39.50 -26.67
CA LEU C 440 -19.09 -40.89 -26.86
C LEU C 440 -19.99 -41.51 -27.94
N ILE C 441 -19.62 -42.70 -28.36
CA ILE C 441 -20.43 -43.42 -29.34
C ILE C 441 -20.63 -44.82 -28.82
N VAL C 442 -21.83 -45.35 -29.03
CA VAL C 442 -22.19 -46.67 -28.56
C VAL C 442 -22.57 -47.53 -29.75
N ASN C 443 -21.97 -48.71 -29.85
CA ASN C 443 -22.47 -49.78 -30.70
C ASN C 443 -23.64 -50.42 -29.98
N VAL C 444 -24.84 -50.23 -30.51
CA VAL C 444 -26.08 -50.52 -29.76
C VAL C 444 -26.22 -52.02 -29.49
N PRO C 445 -26.44 -52.44 -28.23
CA PRO C 445 -26.64 -53.87 -27.96
C PRO C 445 -27.87 -54.41 -28.65
N GLY C 446 -27.72 -55.60 -29.23
CA GLY C 446 -28.77 -56.23 -29.97
C GLY C 446 -28.93 -55.69 -31.37
N SER C 447 -28.17 -54.66 -31.73
CA SER C 447 -28.24 -54.03 -33.06
C SER C 447 -26.82 -53.77 -33.53
N PRO C 448 -26.16 -54.77 -34.09
CA PRO C 448 -24.72 -54.65 -34.34
C PRO C 448 -24.37 -53.61 -35.38
N ASP C 449 -25.27 -53.34 -36.34
CA ASP C 449 -25.03 -52.32 -37.34
C ASP C 449 -25.62 -50.93 -36.95
N GLU C 450 -25.94 -50.72 -35.67
CA GLU C 450 -26.46 -49.44 -35.21
C GLU C 450 -25.50 -48.80 -34.21
N TYR C 451 -25.52 -47.46 -34.18
CA TYR C 451 -24.69 -46.64 -33.31
C TYR C 451 -25.53 -45.52 -32.71
N LEU C 452 -25.34 -45.29 -31.41
CA LEU C 452 -25.86 -44.11 -30.73
C LEU C 452 -24.75 -43.08 -30.65
N LEU C 453 -24.90 -41.97 -31.35
CA LEU C 453 -23.95 -40.86 -31.24
C LEU C 453 -24.43 -39.94 -30.13
N VAL C 454 -23.66 -39.88 -29.05
CA VAL C 454 -24.03 -39.09 -27.89
C VAL C 454 -23.25 -37.79 -27.95
N PHE C 455 -23.97 -36.69 -28.16
CA PHE C 455 -23.47 -35.33 -28.02
C PHE C 455 -23.97 -34.73 -26.70
N ASN C 456 -23.46 -33.53 -26.37
CA ASN C 456 -23.99 -32.82 -25.21
C ASN C 456 -25.50 -32.62 -25.28
N MET C 457 -26.06 -32.47 -26.49
CA MET C 457 -27.44 -31.99 -26.66
C MET C 457 -28.46 -33.08 -26.96
N ILE C 458 -28.10 -34.10 -27.74
CA ILE C 458 -29.01 -35.15 -28.14
C ILE C 458 -28.24 -36.47 -28.23
N GLY C 459 -28.97 -37.57 -28.22
CA GLY C 459 -28.50 -38.87 -28.69
C GLY C 459 -29.12 -39.24 -30.02
N LEU C 460 -28.29 -39.41 -31.04
CA LEU C 460 -28.72 -39.66 -32.41
C LEU C 460 -28.33 -41.08 -32.82
N TYR C 461 -29.30 -41.82 -33.37
CA TYR C 461 -29.05 -43.19 -33.83
C TYR C 461 -28.78 -43.17 -35.32
N VAL C 462 -27.67 -43.79 -35.72
CA VAL C 462 -27.30 -43.96 -37.12
C VAL C 462 -26.93 -45.41 -37.35
N ASN C 463 -26.87 -45.81 -38.61
CA ASN C 463 -26.50 -47.17 -39.01
C ASN C 463 -25.13 -47.15 -39.69
N GLU C 464 -24.67 -48.32 -40.14
CA GLU C 464 -23.32 -48.44 -40.70
C GLU C 464 -23.13 -47.55 -41.92
N MET C 465 -24.21 -47.26 -42.65
CA MET C 465 -24.17 -46.34 -43.78
C MET C 465 -24.06 -44.89 -43.36
N GLY C 466 -24.00 -44.59 -42.07
CA GLY C 466 -24.05 -43.19 -41.65
C GLY C 466 -25.40 -42.54 -41.86
N ARG C 467 -26.45 -43.32 -42.09
CA ARG C 467 -27.79 -42.78 -42.21
C ARG C 467 -28.57 -42.96 -40.92
N ARG C 468 -29.56 -42.08 -40.75
CA ARG C 468 -30.43 -42.14 -39.58
C ARG C 468 -31.15 -43.48 -39.54
N SER C 469 -31.13 -44.12 -38.37
CA SER C 469 -31.78 -45.41 -38.21
C SER C 469 -32.95 -45.36 -37.25
N ARG C 470 -33.05 -44.34 -36.41
CA ARG C 470 -34.29 -44.08 -35.67
C ARG C 470 -34.69 -42.61 -35.82
N LEU C 471 -35.98 -42.36 -35.91
CA LEU C 471 -36.47 -40.98 -36.07
C LEU C 471 -36.38 -40.21 -34.76
N PRO C 472 -36.88 -40.72 -33.64
CA PRO C 472 -36.69 -40.01 -32.38
C PRO C 472 -35.22 -39.99 -31.98
N GLU C 473 -34.86 -38.94 -31.25
CA GLU C 473 -33.55 -38.73 -30.68
C GLU C 473 -33.64 -38.78 -29.16
N VAL C 474 -32.58 -39.27 -28.51
CA VAL C 474 -32.57 -39.34 -27.05
C VAL C 474 -32.49 -37.93 -26.47
N MET C 475 -33.41 -37.60 -25.56
CA MET C 475 -33.51 -36.28 -24.97
C MET C 475 -33.02 -36.33 -23.52
N PHE C 476 -32.13 -35.42 -23.17
CA PHE C 476 -31.65 -35.31 -21.79
C PHE C 476 -32.40 -34.22 -21.07
N PRO C 477 -32.93 -34.45 -19.86
CA PRO C 477 -33.78 -33.43 -19.24
C PRO C 477 -33.01 -32.19 -18.85
N THR C 478 -31.78 -32.33 -18.39
CA THR C 478 -30.99 -31.19 -17.99
C THR C 478 -29.59 -31.25 -18.58
N GLN C 479 -28.91 -30.12 -18.58
CA GLN C 479 -27.58 -30.10 -19.15
C GLN C 479 -26.67 -31.01 -18.35
N ALA C 480 -25.85 -31.76 -19.06
CA ALA C 480 -25.09 -32.86 -18.46
C ALA C 480 -23.71 -32.39 -18.05
N LYS C 481 -23.35 -32.68 -16.80
CA LYS C 481 -21.98 -32.42 -16.36
C LYS C 481 -21.03 -33.52 -16.82
N TYR C 482 -21.47 -34.79 -16.79
CA TYR C 482 -20.65 -35.93 -17.22
C TYR C 482 -21.51 -36.99 -17.90
N PHE C 483 -20.84 -37.79 -18.75
CA PHE C 483 -21.44 -38.90 -19.48
C PHE C 483 -20.63 -40.17 -19.23
N ALA C 484 -21.32 -41.30 -19.12
CA ALA C 484 -20.65 -42.59 -19.04
C ALA C 484 -21.60 -43.64 -19.56
N TYR C 485 -21.04 -44.74 -20.04
CA TYR C 485 -21.82 -45.83 -20.60
C TYR C 485 -21.47 -47.13 -19.90
N HIS C 486 -22.49 -47.83 -19.42
CA HIS C 486 -22.33 -49.15 -18.82
C HIS C 486 -23.43 -50.02 -19.42
N GLU C 487 -23.06 -50.78 -20.44
CA GLU C 487 -23.98 -51.54 -21.28
C GLU C 487 -25.08 -52.20 -20.47
N PRO C 488 -26.36 -52.00 -20.84
CA PRO C 488 -26.71 -51.19 -22.02
C PRO C 488 -27.13 -49.75 -21.70
N TYR C 489 -26.62 -49.17 -20.62
CA TYR C 489 -27.17 -47.96 -20.01
C TYR C 489 -26.29 -46.75 -20.25
N LEU C 490 -26.90 -45.68 -20.78
CA LEU C 490 -26.24 -44.38 -20.87
C LEU C 490 -26.57 -43.60 -19.61
N CYS C 491 -25.54 -43.08 -18.95
CA CYS C 491 -25.66 -42.47 -17.63
C CYS C 491 -25.30 -41.00 -17.75
N VAL C 492 -26.27 -40.13 -17.51
CA VAL C 492 -26.11 -38.70 -17.75
C VAL C 492 -26.14 -38.01 -16.40
N PHE C 493 -24.99 -37.50 -15.96
CA PHE C 493 -24.80 -36.89 -14.65
C PHE C 493 -25.09 -35.39 -14.71
N SER C 494 -25.97 -34.92 -13.84
CA SER C 494 -26.25 -33.49 -13.69
C SER C 494 -26.12 -33.14 -12.22
N GLU C 495 -26.33 -31.87 -11.90
CA GLU C 495 -26.09 -31.40 -10.55
C GLU C 495 -26.89 -32.18 -9.51
N ASN C 496 -28.09 -32.66 -9.86
CA ASN C 496 -28.96 -33.27 -8.87
C ASN C 496 -29.30 -34.72 -9.13
N GLU C 497 -28.85 -35.31 -10.23
CA GLU C 497 -29.25 -36.68 -10.49
C GLU C 497 -28.39 -37.28 -11.57
N VAL C 498 -28.41 -38.61 -11.63
CA VAL C 498 -27.96 -39.37 -12.77
C VAL C 498 -29.21 -39.87 -13.45
N ASP C 499 -29.31 -39.64 -14.76
CA ASP C 499 -30.44 -40.15 -15.53
C ASP C 499 -29.96 -41.31 -16.39
N ILE C 500 -30.72 -42.41 -16.37
CA ILE C 500 -30.33 -43.67 -16.98
C ILE C 500 -31.17 -43.91 -18.21
N PHE C 501 -30.51 -44.10 -19.35
CA PHE C 501 -31.15 -44.38 -20.62
C PHE C 501 -30.72 -45.75 -21.13
N ASN C 502 -31.69 -46.58 -21.47
CA ASN C 502 -31.39 -47.87 -22.10
C ASN C 502 -31.19 -47.63 -23.60
N VAL C 503 -29.95 -47.78 -24.06
CA VAL C 503 -29.58 -47.45 -25.44
C VAL C 503 -30.25 -48.38 -26.43
N THR C 504 -30.52 -49.64 -26.03
CA THR C 504 -31.18 -50.57 -26.93
C THR C 504 -32.61 -50.16 -27.21
N LEU C 505 -33.34 -49.73 -26.18
CA LEU C 505 -34.75 -49.39 -26.36
C LEU C 505 -35.01 -47.90 -26.54
N ALA C 506 -33.97 -47.09 -26.41
CA ALA C 506 -34.05 -45.63 -26.54
C ALA C 506 -34.99 -45.05 -25.48
N GLU C 507 -34.95 -45.62 -24.28
CA GLU C 507 -35.90 -45.29 -23.23
C GLU C 507 -35.18 -44.70 -22.03
N TRP C 508 -35.83 -43.73 -21.41
CA TRP C 508 -35.41 -43.15 -20.13
C TRP C 508 -35.99 -44.03 -19.03
N VAL C 509 -35.15 -44.86 -18.41
CA VAL C 509 -35.64 -45.90 -17.49
C VAL C 509 -35.46 -45.56 -16.01
N GLN C 510 -34.76 -44.48 -15.66
CA GLN C 510 -34.52 -44.24 -14.24
C GLN C 510 -33.96 -42.84 -14.02
N THR C 511 -34.32 -42.25 -12.88
CA THR C 511 -33.65 -41.08 -12.34
C THR C 511 -33.11 -41.44 -10.96
N ILE C 512 -31.81 -41.25 -10.76
CA ILE C 512 -31.12 -41.55 -9.52
C ILE C 512 -30.71 -40.22 -8.91
N ASN C 513 -31.32 -39.85 -7.78
CA ASN C 513 -31.07 -38.53 -7.18
C ASN C 513 -29.84 -38.62 -6.28
N LEU C 514 -28.79 -37.91 -6.67
CA LEU C 514 -27.56 -37.81 -5.89
C LEU C 514 -27.07 -36.37 -5.97
N ARG C 515 -26.30 -35.95 -4.98
CA ARG C 515 -25.82 -34.58 -4.89
C ARG C 515 -24.40 -34.53 -5.46
N SER C 516 -24.27 -33.91 -6.63
CA SER C 516 -22.97 -33.73 -7.29
C SER C 516 -22.31 -35.07 -7.59
N ALA C 517 -23.04 -35.98 -8.24
CA ALA C 517 -22.45 -37.27 -8.57
C ALA C 517 -21.48 -37.11 -9.73
N LYS C 518 -20.34 -37.79 -9.64
CA LYS C 518 -19.31 -37.67 -10.65
C LYS C 518 -18.71 -39.06 -10.85
N PRO C 519 -18.61 -39.55 -12.09
CA PRO C 519 -18.14 -40.92 -12.30
C PRO C 519 -16.62 -41.00 -12.17
N LEU C 520 -16.16 -41.96 -11.37
CA LEU C 520 -14.73 -42.23 -11.20
C LEU C 520 -14.22 -43.29 -12.17
N SER C 521 -15.01 -44.33 -12.43
CA SER C 521 -14.65 -45.36 -13.40
C SER C 521 -15.16 -44.98 -14.79
N GLY C 522 -14.45 -45.47 -15.82
CA GLY C 522 -14.82 -45.13 -17.19
C GLY C 522 -16.28 -45.39 -17.52
N ASP C 523 -16.88 -46.41 -16.91
CA ASP C 523 -18.26 -46.75 -17.21
C ASP C 523 -19.23 -46.22 -16.15
N GLY C 524 -18.76 -45.36 -15.25
CA GLY C 524 -19.61 -44.66 -14.32
C GLY C 524 -20.14 -45.43 -13.14
N ILE C 525 -20.03 -46.76 -13.11
CA ILE C 525 -20.69 -47.49 -12.02
C ILE C 525 -19.98 -47.33 -10.68
N LEU C 526 -18.73 -46.86 -10.68
CA LEU C 526 -18.09 -46.34 -9.48
C LEU C 526 -18.08 -44.82 -9.56
N SER C 527 -18.73 -44.16 -8.60
CA SER C 527 -18.88 -42.72 -8.63
C SER C 527 -18.71 -42.14 -7.24
N THR C 528 -18.39 -40.85 -7.20
CA THR C 528 -18.33 -40.08 -5.98
C THR C 528 -19.51 -39.12 -5.93
N CYS C 529 -20.04 -38.90 -4.74
CA CYS C 529 -21.14 -37.96 -4.55
C CYS C 529 -21.11 -37.50 -3.09
N LEU C 530 -21.87 -36.45 -2.80
CA LEU C 530 -21.92 -35.92 -1.43
C LEU C 530 -23.07 -36.56 -0.66
N CYS C 531 -22.84 -36.77 0.63
CA CYS C 531 -23.84 -37.31 1.54
C CYS C 531 -23.69 -36.59 2.86
N ASN C 532 -24.71 -35.82 3.24
CA ASN C 532 -24.60 -34.86 4.35
C ASN C 532 -23.40 -33.93 4.14
N ASP C 533 -23.20 -33.53 2.88
CA ASP C 533 -22.09 -32.65 2.50
C ASP C 533 -20.74 -33.27 2.84
N SER C 534 -20.59 -34.56 2.59
CA SER C 534 -19.34 -35.29 2.80
C SER C 534 -19.15 -36.19 1.58
N PRO C 535 -17.98 -36.19 0.95
CA PRO C 535 -17.78 -37.09 -0.20
C PRO C 535 -17.89 -38.54 0.24
N ILE C 536 -18.61 -39.32 -0.56
CA ILE C 536 -18.68 -40.77 -0.37
C ILE C 536 -18.40 -41.46 -1.70
N PHE C 537 -18.08 -42.75 -1.60
CA PHE C 537 -17.73 -43.59 -2.73
C PHE C 537 -18.84 -44.60 -2.89
N VAL C 538 -19.52 -44.57 -4.04
CA VAL C 538 -20.74 -45.35 -4.22
C VAL C 538 -20.62 -46.26 -5.42
N LEU C 539 -21.29 -47.40 -5.32
CA LEU C 539 -21.49 -48.33 -6.42
C LEU C 539 -22.90 -48.18 -6.98
N LEU C 540 -23.00 -47.99 -8.29
CA LEU C 540 -24.26 -48.01 -9.04
C LEU C 540 -24.50 -49.45 -9.44
N GLN C 541 -25.23 -50.19 -8.61
CA GLN C 541 -25.30 -51.65 -8.79
C GLN C 541 -26.38 -52.01 -9.82
N ASN C 542 -25.95 -52.47 -10.99
CA ASN C 542 -26.84 -53.04 -11.99
C ASN C 542 -27.67 -54.17 -11.40
N VAL C 543 -28.99 -54.01 -11.39
CA VAL C 543 -29.89 -54.93 -10.70
C VAL C 543 -30.04 -56.25 -11.45
N LEU C 544 -29.43 -56.34 -12.63
CA LEU C 544 -29.48 -57.55 -13.43
C LEU C 544 -28.34 -58.53 -13.16
N GLN C 545 -27.26 -58.09 -12.52
CA GLN C 545 -26.11 -58.96 -12.30
C GLN C 545 -26.33 -59.86 -11.08
N ASP C 546 -25.92 -61.12 -11.20
CA ASP C 546 -26.11 -62.09 -10.12
C ASP C 546 -25.22 -61.85 -8.92
N GLN C 547 -24.27 -60.91 -9.00
CA GLN C 547 -23.37 -60.59 -7.91
C GLN C 547 -23.08 -59.10 -7.94
N ASP C 548 -22.87 -58.52 -6.76
CA ASP C 548 -22.43 -57.13 -6.67
C ASP C 548 -21.18 -56.91 -7.50
N SER C 549 -21.13 -55.78 -8.21
CA SER C 549 -20.04 -55.52 -9.15
C SER C 549 -18.69 -55.53 -8.46
N ILE C 550 -18.63 -55.04 -7.22
CA ILE C 550 -17.47 -55.19 -6.35
C ILE C 550 -17.96 -55.63 -4.99
N GLU C 551 -17.15 -56.43 -4.32
CA GLU C 551 -17.35 -56.69 -2.90
C GLU C 551 -17.65 -55.36 -2.20
N VAL C 552 -18.78 -55.29 -1.52
CA VAL C 552 -19.15 -54.06 -0.84
C VAL C 552 -18.99 -54.30 0.66
N PRO C 553 -18.06 -53.62 1.32
CA PRO C 553 -17.87 -53.83 2.76
C PRO C 553 -19.13 -53.44 3.51
N VAL C 554 -19.68 -54.40 4.25
CA VAL C 554 -20.96 -54.18 4.91
C VAL C 554 -20.79 -53.15 6.01
N ASN C 555 -21.64 -52.13 6.00
CA ASN C 555 -21.70 -51.14 7.07
C ASN C 555 -22.90 -51.44 7.97
N LEU C 556 -22.81 -50.97 9.21
CA LEU C 556 -23.88 -51.16 10.18
C LEU C 556 -24.81 -49.95 10.17
N ALA C 557 -26.12 -50.22 10.22
CA ALA C 557 -27.12 -49.16 10.16
C ALA C 557 -27.37 -48.58 11.55
N GLY D 5 -44.65 -5.80 24.24
CA GLY D 5 -43.22 -5.62 24.39
C GLY D 5 -42.43 -6.05 23.17
N HIS D 6 -41.11 -6.02 23.26
CA HIS D 6 -40.27 -6.42 22.14
C HIS D 6 -40.24 -7.94 21.98
N ASN D 7 -40.06 -8.40 20.75
CA ASN D 7 -39.97 -9.83 20.43
C ASN D 7 -38.59 -10.12 19.83
N PHE D 8 -37.54 -10.03 20.66
CA PHE D 8 -36.16 -10.20 20.19
C PHE D 8 -35.83 -11.67 19.96
N GLU D 9 -35.17 -11.95 18.83
CA GLU D 9 -34.49 -13.22 18.58
C GLU D 9 -33.03 -12.98 18.26
N ARG D 10 -32.18 -13.95 18.63
CA ARG D 10 -30.82 -13.98 18.11
C ARG D 10 -30.90 -14.06 16.58
N MET D 11 -30.01 -13.33 15.91
CA MET D 11 -30.18 -13.17 14.47
C MET D 11 -28.83 -12.96 13.79
N LYS D 12 -28.68 -13.59 12.62
CA LYS D 12 -27.48 -13.46 11.80
C LYS D 12 -27.64 -12.21 10.93
N ILE D 13 -26.84 -11.18 11.21
CA ILE D 13 -26.88 -9.95 10.42
C ILE D 13 -26.13 -10.17 9.13
N LYS D 14 -26.74 -9.79 8.01
CA LYS D 14 -26.16 -10.06 6.71
C LYS D 14 -25.42 -8.86 6.11
N THR D 15 -25.53 -7.69 6.73
CA THR D 15 -24.97 -6.46 6.19
C THR D 15 -24.51 -5.61 7.38
N PRO D 16 -23.51 -4.75 7.20
CA PRO D 16 -23.04 -3.94 8.33
C PRO D 16 -24.16 -3.05 8.86
N THR D 17 -24.53 -3.28 10.12
CA THR D 17 -25.73 -2.67 10.68
C THR D 17 -25.42 -2.00 12.02
N LYS D 18 -25.84 -0.74 12.13
CA LYS D 18 -25.69 0.02 13.36
C LYS D 18 -26.66 -0.46 14.44
N CYS D 19 -26.15 -0.64 15.66
CA CYS D 19 -27.03 -0.93 16.79
C CYS D 19 -28.08 0.17 16.96
N GLY D 20 -29.34 -0.22 17.11
CA GLY D 20 -30.39 0.77 17.30
C GLY D 20 -30.23 1.61 18.57
N HIS D 21 -29.35 1.22 19.48
CA HIS D 21 -29.22 1.88 20.78
C HIS D 21 -27.90 2.62 20.93
N CYS D 22 -26.76 1.98 20.67
CA CYS D 22 -25.47 2.65 20.81
C CYS D 22 -24.87 3.06 19.48
N THR D 23 -25.47 2.69 18.37
CA THR D 23 -25.08 2.99 17.00
C THR D 23 -23.79 2.32 16.53
N SER D 24 -23.12 1.49 17.34
CA SER D 24 -21.95 0.78 16.84
C SER D 24 -22.35 -0.37 15.93
N ILE D 25 -21.43 -0.76 15.03
CA ILE D 25 -21.72 -1.83 14.08
C ILE D 25 -21.84 -3.16 14.80
N LEU D 26 -22.81 -3.98 14.39
CA LEU D 26 -23.00 -5.31 14.98
C LEU D 26 -22.08 -6.26 14.24
N ILE D 27 -20.86 -6.38 14.73
CA ILE D 27 -19.84 -7.15 14.03
C ILE D 27 -19.98 -8.63 14.40
N GLY D 28 -19.34 -9.47 13.59
CA GLY D 28 -19.31 -10.89 13.90
C GLY D 28 -19.61 -11.76 12.71
N LEU D 29 -19.45 -13.05 12.89
CA LEU D 29 -19.64 -14.00 11.80
C LEU D 29 -21.00 -14.66 11.84
N ASP D 30 -21.60 -14.74 13.02
CA ASP D 30 -22.93 -15.31 13.22
C ASP D 30 -23.53 -14.68 14.47
N ARG D 31 -24.87 -14.71 14.54
CA ARG D 31 -25.65 -14.34 15.72
C ARG D 31 -25.16 -13.02 16.31
N GLN D 32 -25.00 -12.04 15.43
CA GLN D 32 -24.29 -10.82 15.80
C GLN D 32 -25.10 -9.90 16.70
N GLY D 33 -26.42 -10.06 16.75
CA GLY D 33 -27.23 -9.25 17.64
C GLY D 33 -28.67 -9.75 17.68
N LEU D 34 -29.51 -8.97 18.35
CA LEU D 34 -30.92 -9.28 18.52
C LEU D 34 -31.74 -8.50 17.51
N PHE D 35 -32.78 -9.14 16.98
CA PHE D 35 -33.64 -8.50 16.00
C PHE D 35 -35.09 -8.71 16.41
N CYS D 36 -35.86 -7.62 16.46
CA CYS D 36 -37.28 -7.66 16.78
C CYS D 36 -38.08 -7.67 15.48
N GLN D 37 -38.82 -8.75 15.26
CA GLN D 37 -39.67 -8.85 14.08
C GLN D 37 -40.70 -7.72 14.05
N SER D 38 -41.46 -7.54 15.15
CA SER D 38 -42.63 -6.66 15.20
C SER D 38 -42.31 -5.20 14.91
N CYS D 39 -41.03 -4.90 14.72
CA CYS D 39 -40.44 -3.64 15.14
C CYS D 39 -39.43 -3.14 14.12
N GLN D 40 -38.64 -4.06 13.55
CA GLN D 40 -37.47 -3.85 12.68
C GLN D 40 -36.23 -3.48 13.49
N TYR D 41 -36.32 -3.49 14.82
CA TYR D 41 -35.25 -3.01 15.67
C TYR D 41 -34.12 -4.04 15.78
N ALA D 42 -32.89 -3.56 15.76
CA ALA D 42 -31.72 -4.44 15.87
C ALA D 42 -30.71 -3.83 16.84
N CYS D 43 -30.14 -4.67 17.71
CA CYS D 43 -29.20 -4.15 18.70
C CYS D 43 -28.28 -5.25 19.19
N HIS D 44 -27.16 -4.83 19.81
CA HIS D 44 -26.31 -5.78 20.49
C HIS D 44 -27.10 -6.51 21.56
N VAL D 45 -26.74 -7.77 21.80
CA VAL D 45 -27.33 -8.53 22.88
C VAL D 45 -27.16 -7.77 24.19
N SER D 46 -25.97 -7.19 24.40
CA SER D 46 -25.68 -6.47 25.63
C SER D 46 -26.48 -5.18 25.74
N CYS D 47 -26.82 -4.56 24.60
CA CYS D 47 -27.58 -3.32 24.60
C CYS D 47 -29.08 -3.53 24.82
N ALA D 48 -29.57 -4.77 24.70
CA ALA D 48 -31.00 -5.01 24.81
C ALA D 48 -31.52 -4.67 26.19
N GLU D 49 -30.70 -4.83 27.24
CA GLU D 49 -31.21 -4.60 28.58
C GLU D 49 -31.33 -3.13 28.94
N ARG D 50 -30.86 -2.22 28.09
CA ARG D 50 -31.11 -0.79 28.23
C ARG D 50 -32.12 -0.26 27.21
N VAL D 51 -32.67 -1.12 26.37
CA VAL D 51 -33.55 -0.67 25.30
C VAL D 51 -34.96 -0.54 25.86
N SER D 52 -35.62 0.58 25.53
CA SER D 52 -36.94 0.86 26.11
C SER D 52 -37.91 -0.26 25.76
N GLN D 53 -38.93 -0.40 26.62
CA GLN D 53 -39.88 -1.48 26.42
C GLN D 53 -40.74 -1.24 25.19
N SER D 54 -40.93 0.03 24.84
CA SER D 54 -41.95 0.43 23.88
C SER D 54 -41.63 -0.09 22.47
N CYS D 55 -42.54 -0.91 21.95
CA CYS D 55 -42.39 -1.50 20.61
C CYS D 55 -43.64 -1.19 19.80
N PRO D 56 -43.54 -0.39 18.72
CA PRO D 56 -42.25 0.15 18.27
C PRO D 56 -41.82 1.33 19.14
N VAL D 57 -40.60 1.80 18.98
CA VAL D 57 -40.08 2.81 19.91
C VAL D 57 -40.21 4.19 19.30
N PRO D 58 -40.68 5.19 20.07
CA PRO D 58 -40.59 6.58 19.60
C PRO D 58 -39.49 7.34 20.32
N GLU D 59 -39.30 8.62 19.99
CA GLU D 59 -38.35 9.47 20.71
C GLU D 59 -39.01 10.78 21.07
N PRO D 64 -28.33 9.71 18.55
CA PRO D 64 -27.85 10.33 17.31
C PRO D 64 -26.60 9.66 16.74
N LEU D 65 -26.10 10.16 15.62
CA LEU D 65 -24.87 9.67 15.03
C LEU D 65 -23.69 10.44 15.64
N GLY D 66 -22.76 9.70 16.24
CA GLY D 66 -21.62 10.27 16.91
C GLY D 66 -20.80 9.21 17.62
N ILE D 67 -19.47 9.35 17.63
CA ILE D 67 -18.62 8.34 18.21
C ILE D 67 -18.85 8.20 19.72
N ASP D 68 -19.45 9.21 20.35
CA ASP D 68 -19.72 9.21 21.79
C ASP D 68 -18.43 8.92 22.56
N PRO D 69 -17.59 9.93 22.79
CA PRO D 69 -16.24 9.66 23.33
C PRO D 69 -16.19 9.29 24.80
N THR D 70 -17.35 9.11 25.43
CA THR D 70 -17.36 8.81 26.87
C THR D 70 -16.94 7.36 27.14
N ARG D 71 -17.35 6.43 26.27
CA ARG D 71 -16.85 5.06 26.32
C ARG D 71 -16.19 4.63 25.00
N GLY D 72 -15.94 5.58 24.10
CA GLY D 72 -15.39 5.26 22.79
C GLY D 72 -16.24 4.28 21.99
N VAL D 73 -17.56 4.52 21.93
CA VAL D 73 -18.51 3.60 21.33
C VAL D 73 -19.50 4.40 20.46
N GLY D 74 -19.52 4.13 19.17
CA GLY D 74 -20.50 4.71 18.28
C GLY D 74 -19.95 4.91 16.87
N THR D 75 -20.86 4.86 15.90
CA THR D 75 -20.50 5.00 14.50
C THR D 75 -20.42 6.47 14.11
N ALA D 76 -19.30 6.87 13.52
CA ALA D 76 -19.06 8.24 13.10
C ALA D 76 -19.20 8.45 11.60
N TYR D 77 -18.92 7.45 10.78
CA TYR D 77 -19.05 7.63 9.34
C TYR D 77 -19.20 6.28 8.65
N GLU D 78 -19.95 6.30 7.54
CA GLU D 78 -20.07 5.18 6.62
C GLU D 78 -19.97 5.74 5.21
N GLY D 79 -19.19 5.11 4.35
CA GLY D 79 -19.02 5.66 3.01
C GLY D 79 -18.19 4.74 2.14
N LEU D 80 -17.83 5.25 0.96
CA LEU D 80 -17.15 4.46 -0.06
C LEU D 80 -15.80 5.08 -0.38
N VAL D 81 -14.77 4.22 -0.45
CA VAL D 81 -13.43 4.61 -0.90
C VAL D 81 -12.82 3.47 -1.68
N LYS D 82 -11.87 3.80 -2.55
CA LYS D 82 -11.06 2.79 -3.21
C LYS D 82 -9.96 2.33 -2.28
N THR D 83 -9.47 1.11 -2.52
CA THR D 83 -8.41 0.51 -1.72
C THR D 83 -7.71 -0.51 -2.60
N PRO D 84 -6.41 -0.72 -2.41
CA PRO D 84 -5.69 -1.67 -3.27
C PRO D 84 -6.16 -3.10 -3.04
N ARG D 85 -6.10 -3.90 -4.09
CA ARG D 85 -6.37 -5.32 -3.95
C ARG D 85 -5.21 -6.00 -3.23
N ALA D 86 -5.50 -7.15 -2.63
CA ALA D 86 -4.48 -7.89 -1.90
C ALA D 86 -3.31 -8.24 -2.82
N GLY D 87 -2.10 -8.20 -2.26
CA GLY D 87 -0.92 -8.28 -3.08
C GLY D 87 -0.30 -6.90 -3.24
N GLY D 88 -1.13 -5.91 -3.54
CA GLY D 88 -0.71 -4.52 -3.53
C GLY D 88 -1.26 -3.76 -4.71
N VAL D 89 -0.78 -2.51 -4.84
CA VAL D 89 -1.17 -1.62 -5.93
C VAL D 89 -0.89 -2.22 -7.29
N ARG D 90 0.06 -3.17 -7.36
CA ARG D 90 0.33 -3.91 -8.59
C ARG D 90 -0.97 -4.43 -9.22
N LYS D 91 -1.83 -5.03 -8.39
CA LYS D 91 -3.02 -5.70 -8.89
C LYS D 91 -4.13 -4.73 -9.26
N GLY D 92 -4.12 -3.52 -8.74
CA GLY D 92 -5.13 -2.53 -9.04
C GLY D 92 -6.03 -2.25 -7.84
N TRP D 93 -6.77 -1.16 -7.96
CA TRP D 93 -7.61 -0.70 -6.87
C TRP D 93 -8.98 -1.38 -6.94
N GLN D 94 -9.77 -1.17 -5.89
CA GLN D 94 -11.12 -1.71 -5.86
C GLN D 94 -11.96 -0.90 -4.89
N THR D 95 -13.26 -0.90 -5.12
CA THR D 95 -14.16 -0.15 -4.26
C THR D 95 -14.32 -0.87 -2.94
N ALA D 96 -14.16 -0.14 -1.85
CA ALA D 96 -14.37 -0.67 -0.52
C ALA D 96 -15.36 0.20 0.23
N TYR D 97 -15.97 -0.38 1.25
CA TYR D 97 -16.92 0.29 2.12
C TYR D 97 -16.27 0.47 3.48
N VAL D 98 -16.15 1.70 3.95
CA VAL D 98 -15.50 2.01 5.22
C VAL D 98 -16.55 2.49 6.22
N VAL D 99 -16.46 1.97 7.45
CA VAL D 99 -17.20 2.50 8.59
C VAL D 99 -16.21 2.96 9.64
N VAL D 100 -16.38 4.18 10.12
CA VAL D 100 -15.66 4.66 11.29
C VAL D 100 -16.54 4.41 12.49
N CYS D 101 -16.06 3.60 13.44
CA CYS D 101 -16.88 3.22 14.58
C CYS D 101 -15.96 2.79 15.71
N ASP D 102 -16.26 3.25 16.92
CA ASP D 102 -15.51 2.87 18.12
C ASP D 102 -14.06 3.34 18.07
N PHE D 103 -13.77 4.44 17.35
CA PHE D 103 -12.40 4.88 17.06
C PHE D 103 -11.62 3.82 16.31
N LYS D 104 -12.30 3.10 15.42
CA LYS D 104 -11.63 2.18 14.50
C LYS D 104 -12.20 2.41 13.10
N LEU D 105 -11.42 2.01 12.10
CA LEU D 105 -11.91 1.86 10.74
C LEU D 105 -12.21 0.39 10.48
N TYR D 106 -13.41 0.12 9.96
CA TYR D 106 -13.78 -1.20 9.46
C TYR D 106 -13.80 -1.14 7.95
N LEU D 107 -13.00 -1.99 7.30
CA LEU D 107 -13.04 -2.17 5.86
C LEU D 107 -13.89 -3.38 5.48
N TYR D 108 -14.85 -3.17 4.58
CA TYR D 108 -15.68 -4.22 4.01
C TYR D 108 -15.46 -4.28 2.50
N ASP D 109 -15.29 -5.48 1.97
CA ASP D 109 -15.35 -5.63 0.52
C ASP D 109 -16.78 -5.47 0.05
N CYS D 110 -16.95 -4.81 -1.10
CA CYS D 110 -18.27 -4.69 -1.67
C CYS D 110 -18.20 -4.74 -3.20
N GLN D 119 -24.96 -2.79 -5.68
CA GLN D 119 -24.16 -3.93 -5.26
C GLN D 119 -24.62 -4.47 -3.90
N ASP D 120 -23.71 -5.04 -3.12
CA ASP D 120 -24.06 -5.60 -1.82
C ASP D 120 -22.81 -5.82 -1.00
N VAL D 121 -22.97 -5.80 0.33
CA VAL D 121 -21.87 -5.88 1.28
C VAL D 121 -22.17 -6.96 2.29
N LYS D 122 -21.32 -7.98 2.36
CA LYS D 122 -21.44 -8.97 3.40
C LYS D 122 -20.94 -8.40 4.72
N ASN D 123 -21.37 -9.03 5.82
CA ASN D 123 -21.05 -8.52 7.15
C ASN D 123 -19.77 -9.12 7.70
N GLU D 124 -18.73 -9.23 6.87
CA GLU D 124 -17.41 -9.64 7.30
C GLU D 124 -16.44 -8.48 7.11
N ILE D 125 -15.72 -8.14 8.16
CA ILE D 125 -14.73 -7.08 8.06
C ILE D 125 -13.47 -7.66 7.46
N ARG D 126 -12.97 -7.00 6.41
CA ARG D 126 -11.73 -7.43 5.81
C ARG D 126 -10.52 -6.93 6.59
N LEU D 127 -10.63 -5.77 7.24
CA LEU D 127 -9.51 -5.11 7.88
C LEU D 127 -10.01 -4.21 9.01
N VAL D 128 -9.37 -4.30 10.16
CA VAL D 128 -9.67 -3.41 11.27
C VAL D 128 -8.44 -2.55 11.53
N LEU D 129 -8.65 -1.24 11.60
CA LEU D 129 -7.60 -0.26 11.90
C LEU D 129 -7.97 0.48 13.18
N ASP D 130 -7.30 0.14 14.28
CA ASP D 130 -7.62 0.71 15.59
C ASP D 130 -6.84 2.00 15.83
N MET D 131 -7.58 3.11 15.97
CA MET D 131 -6.97 4.39 16.31
C MET D 131 -6.28 4.36 17.68
N ARG D 132 -6.60 3.41 18.54
CA ARG D 132 -5.87 3.28 19.80
C ARG D 132 -4.46 2.73 19.63
N ASP D 133 -4.08 2.29 18.44
CA ASP D 133 -2.74 1.78 18.23
C ASP D 133 -1.70 2.84 18.61
N PRO D 134 -0.66 2.49 19.36
CA PRO D 134 0.34 3.48 19.75
C PRO D 134 0.92 4.24 18.56
N ASP D 135 0.85 3.66 17.37
CA ASP D 135 1.45 4.29 16.20
C ASP D 135 0.43 4.73 15.16
N PHE D 136 -0.83 4.93 15.56
CA PHE D 136 -1.83 5.39 14.61
C PHE D 136 -1.48 6.78 14.08
N THR D 137 -1.46 6.92 12.76
CA THR D 137 -1.52 8.23 12.11
C THR D 137 -2.19 8.10 10.76
N VAL D 138 -2.67 9.25 10.25
CA VAL D 138 -3.22 9.36 8.91
C VAL D 138 -2.60 10.59 8.27
N CYS D 139 -2.22 10.48 6.99
CA CYS D 139 -1.80 11.66 6.22
C CYS D 139 -1.91 11.39 4.73
N GLY D 140 -1.70 12.44 3.95
CA GLY D 140 -1.54 12.30 2.52
C GLY D 140 -0.19 11.70 2.16
N VAL D 141 0.01 11.48 0.85
CA VAL D 141 1.20 10.79 0.37
C VAL D 141 1.78 11.53 -0.82
N SER D 142 3.04 11.21 -1.13
CA SER D 142 3.74 11.68 -2.32
C SER D 142 3.82 10.58 -3.37
N GLU D 143 4.33 10.96 -4.55
CA GLU D 143 4.55 10.01 -5.64
C GLU D 143 5.33 8.78 -5.18
N ALA D 144 6.54 9.00 -4.64
CA ALA D 144 7.38 7.88 -4.26
C ALA D 144 6.89 7.15 -3.03
N ASP D 145 5.84 7.65 -2.38
CA ASP D 145 5.24 6.88 -1.29
C ASP D 145 4.52 5.65 -1.82
N VAL D 146 3.96 5.74 -3.03
CA VAL D 146 3.33 4.60 -3.70
C VAL D 146 3.86 4.60 -5.13
N ILE D 147 4.93 3.84 -5.37
CA ILE D 147 5.57 3.86 -6.69
C ILE D 147 4.70 3.24 -7.77
N HIS D 148 3.77 2.36 -7.40
CA HIS D 148 2.96 1.68 -8.39
C HIS D 148 1.60 2.33 -8.62
N ALA D 149 1.20 3.29 -7.80
CA ALA D 149 0.05 4.11 -8.16
C ALA D 149 0.41 4.98 -9.36
N GLN D 150 -0.61 5.57 -9.97
CA GLN D 150 -0.36 6.48 -11.07
C GLN D 150 -0.19 7.90 -10.55
N LYS D 151 0.50 8.71 -11.35
CA LYS D 151 0.82 10.07 -10.93
C LYS D 151 -0.44 10.84 -10.56
N GLY D 152 -1.46 10.77 -11.41
CA GLY D 152 -2.66 11.58 -11.19
C GLY D 152 -3.41 11.20 -9.93
N ASP D 153 -3.46 9.90 -9.63
CA ASP D 153 -4.18 9.43 -8.45
C ASP D 153 -3.48 9.80 -7.14
N ILE D 154 -2.25 10.30 -7.21
CA ILE D 154 -1.49 10.54 -5.97
C ILE D 154 -2.14 11.58 -5.08
N PRO D 155 -2.56 12.75 -5.56
CA PRO D 155 -3.23 13.71 -4.66
C PRO D 155 -4.52 13.19 -4.06
N LYS D 156 -5.00 12.02 -4.48
CA LYS D 156 -6.25 11.47 -3.98
C LYS D 156 -6.06 10.33 -2.98
N ILE D 157 -4.82 9.95 -2.67
CA ILE D 157 -4.56 8.82 -1.79
C ILE D 157 -4.20 9.34 -0.41
N PHE D 158 -4.72 8.68 0.62
CA PHE D 158 -4.23 8.87 1.98
C PHE D 158 -3.89 7.52 2.59
N ARG D 159 -2.97 7.57 3.56
CA ARG D 159 -2.38 6.39 4.17
C ARG D 159 -2.66 6.40 5.66
N VAL D 160 -3.04 5.23 6.20
CA VAL D 160 -3.21 5.07 7.64
C VAL D 160 -2.17 4.08 8.15
N THR D 161 -1.44 4.48 9.18
CA THR D 161 -0.45 3.63 9.83
C THR D 161 -1.04 3.07 11.11
N THR D 162 -0.88 1.76 11.32
CA THR D 162 -1.17 1.20 12.63
C THR D 162 0.03 0.47 13.20
N THR D 163 -0.04 -0.85 13.30
CA THR D 163 0.85 -1.59 14.21
C THR D 163 2.31 -1.56 13.76
N GLN D 164 3.19 -1.25 14.71
CA GLN D 164 4.63 -1.32 14.46
C GLN D 164 5.19 -2.60 15.04
N ILE D 165 6.03 -3.27 14.27
CA ILE D 165 6.83 -4.38 14.76
C ILE D 165 8.09 -3.80 15.40
N LEU D 166 8.23 -3.94 16.72
CA LEU D 166 9.40 -3.44 17.43
C LEU D 166 10.63 -4.31 17.16
N ASN D 167 11.81 -3.70 17.36
CA ASN D 167 13.11 -4.38 17.26
C ASN D 167 13.34 -4.96 15.88
N SER D 168 12.80 -4.30 14.86
CA SER D 168 12.80 -4.82 13.50
C SER D 168 14.02 -4.33 12.73
N SER D 169 14.57 -5.19 11.90
CA SER D 169 15.63 -4.79 10.98
C SER D 169 15.12 -3.96 9.80
N SER D 170 13.82 -3.69 9.73
CA SER D 170 13.27 -2.85 8.68
C SER D 170 12.81 -1.50 9.21
N GLU D 171 13.07 -1.21 10.49
CA GLU D 171 12.61 0.06 11.05
C GLU D 171 13.23 1.24 10.32
N TYR D 172 14.51 1.12 9.95
CA TYR D 172 15.21 2.20 9.26
C TYR D 172 14.67 2.45 7.87
N SER D 173 13.98 1.47 7.28
CA SER D 173 13.39 1.57 5.95
C SER D 173 12.02 2.24 5.97
N SER D 174 11.57 2.72 7.12
CA SER D 174 10.19 3.19 7.29
C SER D 174 9.21 2.08 6.92
N SER D 175 9.59 0.83 7.15
CA SER D 175 8.84 -0.31 6.63
C SER D 175 8.60 -1.38 7.69
N SER D 176 8.57 -1.00 8.97
CA SER D 176 8.22 -1.94 10.03
C SER D 176 6.82 -1.68 10.59
N LYS D 177 6.05 -0.83 9.91
CA LYS D 177 4.73 -0.42 10.35
C LYS D 177 3.70 -0.80 9.30
N PHE D 178 2.55 -1.28 9.76
CA PHE D 178 1.43 -1.60 8.90
C PHE D 178 0.84 -0.34 8.27
N TYR D 179 0.90 -0.26 6.94
CA TYR D 179 0.30 0.82 6.17
C TYR D 179 -0.90 0.30 5.38
N THR D 180 -1.96 1.11 5.32
CA THR D 180 -3.13 0.83 4.51
C THR D 180 -3.47 2.06 3.67
N LEU D 181 -3.68 1.86 2.38
CA LEU D 181 -3.90 2.96 1.47
C LEU D 181 -5.37 3.05 1.07
N PHE D 182 -5.87 4.28 0.93
CA PHE D 182 -7.23 4.55 0.51
C PHE D 182 -7.22 5.64 -0.54
N MET D 183 -8.12 5.53 -1.53
CA MET D 183 -8.30 6.57 -2.52
C MET D 183 -9.70 7.16 -2.40
N ALA D 184 -9.76 8.48 -2.27
CA ALA D 184 -10.98 9.26 -2.36
C ALA D 184 -11.21 9.66 -3.82
N GLU D 185 -12.42 10.08 -4.13
CA GLU D 185 -12.73 10.39 -5.51
C GLU D 185 -12.11 11.69 -5.97
N THR D 186 -11.81 12.61 -5.05
CA THR D 186 -11.09 13.84 -5.40
C THR D 186 -10.12 14.20 -4.28
N GLU D 187 -9.16 15.07 -4.60
CA GLU D 187 -8.23 15.58 -3.61
C GLU D 187 -8.96 16.34 -2.49
N GLU D 188 -10.14 16.90 -2.79
CA GLU D 188 -10.85 17.68 -1.79
C GLU D 188 -11.33 16.79 -0.63
N GLU D 189 -11.79 15.59 -0.93
CA GLU D 189 -12.23 14.69 0.14
C GLU D 189 -11.11 13.79 0.65
N LYS D 190 -10.00 13.67 -0.07
CA LYS D 190 -8.80 13.12 0.55
C LYS D 190 -8.45 13.93 1.79
N ARG D 191 -8.36 15.24 1.63
CA ARG D 191 -7.99 16.13 2.74
C ARG D 191 -9.04 16.11 3.84
N LYS D 192 -10.32 15.94 3.48
CA LYS D 192 -11.36 15.90 4.50
C LYS D 192 -11.30 14.60 5.30
N TRP D 193 -10.96 13.49 4.65
CA TRP D 193 -10.71 12.24 5.36
C TRP D 193 -9.60 12.41 6.39
N VAL D 194 -8.45 12.94 5.94
CA VAL D 194 -7.31 13.14 6.83
C VAL D 194 -7.71 14.00 8.02
N VAL D 195 -8.46 15.07 7.78
CA VAL D 195 -8.87 15.96 8.85
C VAL D 195 -9.81 15.24 9.82
N ALA D 196 -10.79 14.53 9.28
CA ALA D 196 -11.78 13.86 10.12
C ALA D 196 -11.14 12.79 11.00
N LEU D 197 -10.27 11.96 10.43
CA LEU D 197 -9.63 10.91 11.21
C LEU D 197 -8.69 11.50 12.24
N SER D 198 -7.92 12.53 11.85
CA SER D 198 -7.03 13.21 12.78
C SER D 198 -7.80 13.74 13.97
N GLU D 199 -8.89 14.47 13.72
CA GLU D 199 -9.64 15.07 14.81
C GLU D 199 -10.32 14.02 15.68
N LEU D 200 -10.60 12.83 15.13
CA LEU D 200 -11.05 11.74 15.98
C LEU D 200 -9.90 11.18 16.82
N LYS D 201 -8.68 11.15 16.30
CA LYS D 201 -7.56 10.63 17.08
C LYS D 201 -7.23 11.56 18.25
N THR D 202 -7.09 12.87 17.99
CA THR D 202 -6.92 13.82 19.09
C THR D 202 -8.10 13.76 20.05
N LEU D 203 -9.30 13.54 19.55
CA LEU D 203 -10.45 13.38 20.44
C LEU D 203 -10.29 12.14 21.31
N LEU D 204 -9.74 11.07 20.75
CA LEU D 204 -9.43 9.88 21.54
C LEU D 204 -8.29 10.17 22.52
N ARG D 205 -7.21 10.80 22.03
CA ARG D 205 -6.10 11.19 22.90
C ARG D 205 -6.57 11.99 24.11
N ARG D 206 -7.25 13.11 23.87
CA ARG D 206 -7.68 13.97 24.96
C ARG D 206 -8.72 13.30 25.86
N SER D 207 -9.35 12.22 25.38
CA SER D 207 -10.30 11.49 26.19
C SER D 207 -9.63 10.57 27.20
N LYS D 208 -8.36 10.23 27.00
CA LYS D 208 -7.55 9.49 27.97
C LYS D 208 -8.23 8.20 28.43
N LEU D 209 -8.81 7.46 27.48
CA LEU D 209 -9.41 6.17 27.78
C LEU D 209 -8.40 5.24 28.43
N ALA D 210 -8.92 4.21 29.11
CA ALA D 210 -8.05 3.19 29.69
C ALA D 210 -7.35 2.41 28.60
N ASP D 211 -6.04 2.24 28.72
CA ASP D 211 -5.28 1.54 27.70
C ASP D 211 -5.40 0.04 27.93
N ARG D 212 -6.11 -0.64 27.01
CA ARG D 212 -6.45 -2.05 27.17
C ARG D 212 -5.58 -2.98 26.31
N LYS D 213 -4.59 -2.45 25.61
CA LYS D 213 -3.82 -3.28 24.68
C LYS D 213 -3.05 -4.37 25.42
N ALA D 214 -2.99 -5.55 24.81
CA ALA D 214 -2.46 -6.75 25.45
C ALA D 214 -1.00 -7.06 25.11
N PHE D 215 -0.59 -6.80 23.86
CA PHE D 215 0.72 -7.23 23.38
C PHE D 215 1.45 -6.11 22.65
N LEU D 216 2.76 -6.08 22.82
CA LEU D 216 3.64 -5.50 21.81
C LEU D 216 4.08 -6.61 20.87
N VAL D 217 4.56 -6.22 19.68
CA VAL D 217 5.07 -7.18 18.71
C VAL D 217 6.57 -6.96 18.57
N LYS D 218 7.35 -7.97 18.92
CA LYS D 218 8.81 -7.85 18.91
C LYS D 218 9.39 -8.84 17.91
N GLU D 219 10.10 -8.33 16.92
CA GLU D 219 10.79 -9.16 15.96
C GLU D 219 11.96 -9.86 16.68
N VAL D 220 12.04 -11.18 16.53
CA VAL D 220 13.12 -11.94 17.13
C VAL D 220 14.16 -12.35 16.09
N PHE D 221 13.71 -12.81 14.94
CA PHE D 221 14.59 -13.19 13.85
C PHE D 221 14.00 -12.71 12.53
N ASP D 222 14.89 -12.46 11.57
CA ASP D 222 14.49 -12.25 10.18
C ASP D 222 15.07 -13.39 9.36
N VAL D 223 14.88 -13.32 8.03
CA VAL D 223 15.37 -14.40 7.17
C VAL D 223 16.89 -14.47 7.16
N THR D 224 17.57 -13.40 7.56
CA THR D 224 19.01 -13.39 7.57
C THR D 224 19.61 -13.78 8.92
N THR D 225 18.80 -13.87 9.98
CA THR D 225 19.28 -14.44 11.23
C THR D 225 18.85 -15.90 11.42
N LEU D 226 17.61 -16.23 11.07
CA LEU D 226 17.08 -17.59 11.12
C LEU D 226 16.69 -18.00 9.70
N PRO D 227 17.68 -18.27 8.84
CA PRO D 227 17.35 -18.56 7.43
C PRO D 227 16.38 -19.71 7.26
N SER D 228 16.26 -20.59 8.25
CA SER D 228 15.32 -21.70 8.27
C SER D 228 13.88 -21.28 8.60
N ILE D 229 13.57 -19.99 8.63
CA ILE D 229 12.26 -19.55 9.09
C ILE D 229 11.15 -20.01 8.13
N ARG D 230 11.49 -20.25 6.86
CA ARG D 230 10.52 -20.64 5.85
C ARG D 230 10.06 -22.09 5.97
N VAL D 231 10.85 -22.96 6.59
CA VAL D 231 10.42 -24.34 6.79
C VAL D 231 10.16 -24.64 8.27
N ALA D 232 10.00 -23.60 9.08
CA ALA D 232 9.55 -23.77 10.46
C ALA D 232 8.06 -24.08 10.49
N GLN D 233 7.70 -25.16 11.18
CA GLN D 233 6.31 -25.60 11.28
C GLN D 233 5.69 -25.36 12.65
N CYS D 234 6.47 -25.48 13.72
CA CYS D 234 5.96 -25.35 15.08
C CYS D 234 7.11 -24.92 15.97
N CYS D 235 6.80 -24.57 17.21
CA CYS D 235 7.87 -24.35 18.17
C CYS D 235 7.27 -24.32 19.56
N ALA D 236 8.14 -24.33 20.56
CA ALA D 236 7.74 -24.37 21.96
C ALA D 236 8.82 -23.70 22.77
N ILE D 237 8.41 -22.99 23.83
CA ILE D 237 9.37 -22.36 24.74
C ILE D 237 9.86 -23.40 25.72
N ILE D 238 11.16 -23.61 25.76
CA ILE D 238 11.75 -24.43 26.83
C ILE D 238 11.90 -23.59 28.08
N ASP D 239 12.67 -22.51 27.98
CA ASP D 239 12.68 -21.43 28.96
C ASP D 239 13.10 -20.16 28.23
N ARG D 240 13.33 -19.08 29.00
CA ARG D 240 13.65 -17.78 28.41
C ARG D 240 14.78 -17.85 27.38
N SER D 241 15.76 -18.71 27.61
CA SER D 241 16.98 -18.77 26.81
C SER D 241 16.95 -19.80 25.67
N LYS D 242 15.97 -20.70 25.67
CA LYS D 242 15.94 -21.81 24.74
C LYS D 242 14.53 -22.02 24.21
N ILE D 243 14.38 -22.09 22.90
CA ILE D 243 13.17 -22.62 22.30
C ILE D 243 13.57 -23.77 21.38
N VAL D 244 12.60 -24.63 21.08
CA VAL D 244 12.76 -25.69 20.10
C VAL D 244 11.83 -25.38 18.94
N ILE D 245 12.30 -25.62 17.72
CA ILE D 245 11.53 -25.35 16.51
C ILE D 245 11.44 -26.62 15.70
N GLY D 246 10.22 -27.01 15.34
CA GLY D 246 10.02 -28.15 14.47
C GLY D 246 10.02 -27.72 13.01
N PHE D 247 10.61 -28.55 12.16
CA PHE D 247 10.82 -28.19 10.77
C PHE D 247 10.19 -29.23 9.86
N SER D 248 9.97 -28.83 8.60
CA SER D 248 9.25 -29.68 7.67
C SER D 248 10.08 -30.88 7.23
N ASP D 249 11.41 -30.80 7.33
CA ASP D 249 12.24 -31.90 6.88
C ASP D 249 13.53 -32.09 7.67
N HIS D 250 13.79 -31.29 8.72
CA HIS D 250 15.00 -31.42 9.53
C HIS D 250 14.67 -31.63 11.00
N GLY D 251 13.47 -32.10 11.32
CA GLY D 251 13.19 -32.50 12.69
C GLY D 251 13.06 -31.31 13.61
N LEU D 252 13.52 -31.50 14.85
CA LEU D 252 13.38 -30.52 15.92
C LEU D 252 14.76 -30.02 16.31
N TYR D 253 14.90 -28.71 16.40
CA TYR D 253 16.19 -28.11 16.74
C TYR D 253 16.02 -27.23 17.97
N CYS D 254 16.92 -27.39 18.94
CA CYS D 254 16.94 -26.47 20.07
C CYS D 254 17.73 -25.23 19.68
N ILE D 255 17.13 -24.07 19.89
CA ILE D 255 17.77 -22.80 19.59
C ILE D 255 18.09 -22.14 20.92
N GLU D 256 19.37 -21.93 21.19
CA GLU D 256 19.80 -21.22 22.38
C GLU D 256 20.09 -19.80 21.94
N ILE D 257 19.13 -18.90 22.21
CA ILE D 257 19.12 -17.60 21.55
C ILE D 257 20.38 -16.80 21.86
N SER D 258 20.76 -16.73 23.14
CA SER D 258 21.90 -15.91 23.52
C SER D 258 23.21 -16.49 23.01
N ARG D 259 23.41 -17.80 23.20
CA ARG D 259 24.60 -18.46 22.66
C ARG D 259 24.54 -18.61 21.15
N GLN D 260 23.39 -18.35 20.53
CA GLN D 260 23.24 -18.29 19.08
C GLN D 260 23.56 -19.62 18.39
N LEU D 261 23.20 -20.74 19.02
CA LEU D 261 23.46 -22.06 18.45
C LEU D 261 22.15 -22.80 18.19
N LEU D 262 22.16 -23.64 17.13
CA LEU D 262 21.06 -24.55 16.81
C LEU D 262 21.51 -25.97 17.07
N ILE D 263 20.71 -26.74 17.82
CA ILE D 263 21.11 -28.03 18.33
C ILE D 263 20.09 -29.11 17.98
N PRO D 264 20.46 -30.14 17.23
CA PRO D 264 19.49 -31.21 16.94
C PRO D 264 19.14 -32.04 18.16
N VAL D 265 17.88 -31.96 18.59
CA VAL D 265 17.44 -32.64 19.81
C VAL D 265 17.53 -34.14 19.60
N GLY D 266 18.21 -34.82 20.53
CA GLY D 266 18.44 -36.24 20.33
C GLY D 266 19.49 -36.57 19.30
N GLY D 267 20.19 -35.56 18.78
CA GLY D 267 21.33 -35.81 17.93
C GLY D 267 20.97 -35.72 16.45
N GLU D 268 22.03 -35.57 15.64
CA GLU D 268 21.91 -35.37 14.20
C GLU D 268 21.08 -36.46 13.53
N LYS D 269 21.46 -37.73 13.73
CA LYS D 269 20.83 -38.82 12.99
C LYS D 269 19.32 -38.86 13.20
N GLU D 270 18.89 -38.63 14.44
CA GLU D 270 17.47 -38.68 14.78
C GLU D 270 16.65 -37.62 14.06
N ASN D 271 17.30 -36.61 13.48
CA ASN D 271 16.62 -35.47 12.87
C ASN D 271 16.72 -35.45 11.36
N LYS D 272 17.42 -36.39 10.75
CA LYS D 272 17.50 -36.40 9.30
C LYS D 272 16.19 -36.90 8.71
N GLN D 273 15.69 -36.18 7.70
CA GLN D 273 14.50 -36.59 6.95
C GLN D 273 13.29 -36.77 7.86
N ARG D 274 13.12 -35.86 8.82
CA ARG D 274 12.07 -35.94 9.81
C ARG D 274 11.17 -34.73 9.72
N CYS D 275 9.86 -34.94 9.74
CA CYS D 275 8.89 -33.86 9.63
C CYS D 275 8.15 -33.74 10.96
N VAL D 276 8.48 -32.70 11.72
CA VAL D 276 7.83 -32.40 12.99
C VAL D 276 6.71 -31.40 12.71
N GLU D 277 5.46 -31.81 12.95
CA GLU D 277 4.33 -30.93 12.69
C GLU D 277 3.90 -30.15 13.93
N THR D 278 3.92 -30.77 15.12
CA THR D 278 3.70 -30.04 16.36
C THR D 278 4.73 -30.47 17.40
N VAL D 279 4.91 -29.61 18.41
CA VAL D 279 5.79 -29.95 19.52
C VAL D 279 5.24 -29.31 20.78
N GLU D 280 5.14 -30.09 21.84
CA GLU D 280 4.79 -29.64 23.17
C GLU D 280 5.90 -30.05 24.13
N TYR D 281 6.21 -29.17 25.08
CA TYR D 281 7.20 -29.44 26.12
C TYR D 281 6.48 -29.62 27.44
N ASP D 282 6.75 -30.73 28.13
CA ASP D 282 6.20 -31.00 29.46
C ASP D 282 7.34 -30.82 30.45
N GLU D 283 7.42 -29.62 31.04
CA GLU D 283 8.54 -29.29 31.93
C GLU D 283 8.55 -30.16 33.17
N ALA D 284 7.37 -30.44 33.74
CA ALA D 284 7.31 -31.21 34.98
C ALA D 284 7.92 -32.60 34.79
N GLU D 285 7.67 -33.23 33.66
CA GLU D 285 8.13 -34.59 33.40
C GLU D 285 9.35 -34.63 32.50
N GLN D 286 9.80 -33.48 31.99
CA GLN D 286 10.97 -33.38 31.13
C GLN D 286 10.81 -34.24 29.88
N LEU D 287 9.72 -33.98 29.17
CA LEU D 287 9.40 -34.70 27.95
C LEU D 287 8.99 -33.72 26.85
N LEU D 288 9.35 -34.08 25.63
CA LEU D 288 8.80 -33.46 24.43
C LEU D 288 7.89 -34.48 23.77
N MET D 289 6.72 -34.02 23.32
CA MET D 289 5.77 -34.84 22.60
C MET D 289 5.45 -34.17 21.27
N MET D 290 5.40 -34.96 20.20
CA MET D 290 5.28 -34.39 18.87
C MET D 290 4.38 -35.22 17.99
N ILE D 291 3.74 -34.55 17.05
CA ILE D 291 3.22 -35.20 15.86
C ILE D 291 4.32 -35.15 14.81
N VAL D 292 4.59 -36.30 14.19
CA VAL D 292 5.73 -36.45 13.30
C VAL D 292 5.25 -36.88 11.92
N GLY D 293 6.10 -36.60 10.92
CA GLY D 293 6.00 -37.23 9.62
C GLY D 293 4.99 -36.56 8.73
N PRO D 294 5.17 -36.68 7.42
CA PRO D 294 4.12 -36.27 6.49
C PRO D 294 2.82 -37.01 6.79
N ALA D 295 1.72 -36.47 6.24
CA ALA D 295 0.40 -37.01 6.53
C ALA D 295 0.30 -38.50 6.19
N LYS D 296 1.16 -38.99 5.30
CA LYS D 296 1.12 -40.40 4.91
C LYS D 296 1.41 -41.31 6.10
N ASP D 297 2.24 -40.85 7.03
CA ASP D 297 2.68 -41.67 8.16
C ASP D 297 2.69 -40.86 9.45
N ARG D 298 1.67 -40.02 9.65
CA ARG D 298 1.57 -39.19 10.84
C ARG D 298 1.47 -40.05 12.10
N HIS D 299 2.23 -39.68 13.13
CA HIS D 299 2.23 -40.39 14.40
C HIS D 299 2.88 -39.53 15.47
N VAL D 300 2.99 -40.09 16.68
CA VAL D 300 3.43 -39.37 17.87
C VAL D 300 4.78 -39.94 18.31
N ARG D 301 5.71 -39.04 18.62
CA ARG D 301 7.00 -39.39 19.19
C ARG D 301 7.21 -38.65 20.50
N ILE D 302 7.69 -39.37 21.51
CA ILE D 302 7.96 -38.84 22.84
C ILE D 302 9.48 -38.85 23.02
N VAL D 303 10.03 -37.75 23.53
CA VAL D 303 11.48 -37.67 23.74
C VAL D 303 11.78 -37.12 25.12
N PRO D 304 12.66 -37.75 25.88
CA PRO D 304 13.06 -37.18 27.17
C PRO D 304 13.84 -35.89 26.97
N SER D 305 13.55 -34.90 27.81
CA SER D 305 13.99 -33.54 27.54
C SER D 305 15.51 -33.38 27.62
N ALA D 306 16.21 -34.31 28.27
CA ALA D 306 17.66 -34.27 28.26
C ALA D 306 18.24 -34.22 26.84
N ALA D 307 17.48 -34.67 25.84
CA ALA D 307 17.97 -34.68 24.47
C ALA D 307 18.16 -33.29 23.89
N LEU D 308 17.73 -32.23 24.60
CA LEU D 308 17.88 -30.87 24.10
C LEU D 308 19.36 -30.47 23.94
N ASP D 309 20.25 -31.08 24.72
CA ASP D 309 21.65 -30.69 24.59
C ASP D 309 22.33 -31.33 23.39
N GLY D 310 21.59 -32.08 22.58
CA GLY D 310 22.16 -32.70 21.40
C GLY D 310 22.80 -34.06 21.61
N ARG D 311 22.75 -34.62 22.83
CA ARG D 311 23.18 -36.00 23.02
C ARG D 311 22.32 -36.91 22.16
N ASP D 312 22.88 -38.03 21.77
CA ASP D 312 22.14 -38.98 20.94
C ASP D 312 21.07 -39.67 21.79
N LEU D 313 19.82 -39.54 21.37
CA LEU D 313 18.71 -40.15 22.11
C LEU D 313 17.59 -40.43 21.13
N LYS D 314 17.32 -41.72 20.89
CA LYS D 314 16.25 -42.15 20.00
C LYS D 314 14.89 -41.58 20.44
N TRP D 315 14.10 -41.14 19.47
CA TRP D 315 12.76 -40.68 19.76
C TRP D 315 11.86 -41.89 19.97
N ILE D 316 11.19 -41.95 21.11
CA ILE D 316 10.36 -43.10 21.44
C ILE D 316 9.08 -43.06 20.62
N LYS D 317 8.74 -44.20 20.02
CA LYS D 317 7.49 -44.32 19.29
C LYS D 317 6.34 -44.55 20.26
N VAL D 318 5.21 -43.92 19.98
CA VAL D 318 3.97 -44.22 20.67
C VAL D 318 3.14 -45.13 19.76
N ASN D 319 3.04 -46.41 20.12
CA ASN D 319 2.32 -47.37 19.29
C ASN D 319 0.88 -46.93 19.08
N ASP D 320 0.34 -47.29 17.90
CA ASP D 320 -1.08 -47.12 17.58
C ASP D 320 -1.49 -45.67 17.53
N THR D 321 -0.58 -44.78 17.13
CA THR D 321 -0.89 -43.39 16.83
C THR D 321 -0.80 -43.10 15.34
N LYS D 322 -0.59 -44.13 14.52
CA LYS D 322 -0.51 -43.96 13.08
C LYS D 322 -1.82 -43.40 12.55
N GLY D 323 -1.72 -42.35 11.74
CA GLY D 323 -2.89 -41.74 11.14
C GLY D 323 -3.68 -40.84 12.05
N CYS D 324 -3.11 -40.37 13.15
CA CYS D 324 -3.83 -39.45 14.01
C CYS D 324 -3.82 -38.04 13.43
N HIS D 325 -4.67 -37.16 14.00
CA HIS D 325 -4.71 -35.76 13.57
C HIS D 325 -4.65 -34.73 14.69
N LEU D 326 -4.67 -35.13 15.96
CA LEU D 326 -4.49 -34.18 17.06
C LEU D 326 -3.70 -34.81 18.19
N LEU D 327 -2.95 -33.98 18.91
CA LEU D 327 -2.22 -34.40 20.09
C LEU D 327 -2.36 -33.33 21.16
N ALA D 328 -2.75 -33.76 22.36
CA ALA D 328 -2.87 -32.85 23.49
C ALA D 328 -2.11 -33.42 24.67
N VAL D 329 -1.30 -32.58 25.33
CA VAL D 329 -0.58 -32.95 26.53
C VAL D 329 -1.28 -32.31 27.71
N GLY D 330 -1.57 -33.10 28.75
CA GLY D 330 -2.36 -32.60 29.85
C GLY D 330 -1.63 -31.53 30.65
N THR D 331 -2.37 -30.49 31.07
CA THR D 331 -1.83 -29.43 31.90
C THR D 331 -2.65 -29.30 33.19
N ASN D 332 -2.07 -28.61 34.17
CA ASN D 332 -2.67 -28.43 35.50
C ASN D 332 -3.17 -29.75 36.07
N ASN D 333 -2.30 -30.77 36.00
CA ASN D 333 -2.66 -32.07 36.53
C ASN D 333 -2.96 -31.96 38.03
N PRO D 334 -3.93 -32.71 38.52
CA PRO D 334 -4.23 -32.67 39.96
C PRO D 334 -3.00 -33.05 40.77
N GLY D 335 -2.52 -32.10 41.56
CA GLY D 335 -1.40 -32.36 42.45
C GLY D 335 -0.06 -32.38 41.77
N GLY D 336 0.05 -31.90 40.53
CA GLY D 336 1.27 -32.00 39.77
C GLY D 336 1.62 -33.41 39.36
N ARG D 337 0.67 -34.34 39.41
CA ARG D 337 0.96 -35.72 39.04
C ARG D 337 1.40 -35.79 37.57
N ALA D 338 2.07 -36.91 37.24
CA ALA D 338 2.67 -37.08 35.91
C ALA D 338 1.63 -36.91 34.80
N GLY D 339 0.47 -37.55 34.93
CA GLY D 339 -0.63 -37.26 34.04
C GLY D 339 -0.65 -37.96 32.70
N PHE D 340 -1.32 -37.34 31.72
CA PHE D 340 -1.70 -38.01 30.49
C PHE D 340 -1.34 -37.16 29.28
N PHE D 341 -1.43 -37.80 28.11
CA PHE D 341 -1.57 -37.07 26.86
C PHE D 341 -2.56 -37.83 25.98
N ALA D 342 -3.20 -37.11 25.07
CA ALA D 342 -4.28 -37.67 24.28
C ALA D 342 -3.98 -37.52 22.80
N VAL D 343 -4.39 -38.52 22.04
CA VAL D 343 -4.21 -38.55 20.60
C VAL D 343 -5.59 -38.78 19.99
N ALA D 344 -5.94 -38.00 18.97
CA ALA D 344 -7.27 -38.06 18.37
C ALA D 344 -7.23 -38.82 17.04
N PHE D 345 -8.26 -39.63 16.81
CA PHE D 345 -8.47 -40.38 15.57
C PHE D 345 -9.83 -40.00 14.99
N LYS D 346 -10.29 -40.78 14.01
CA LYS D 346 -11.50 -40.44 13.28
C LYS D 346 -12.73 -40.44 14.19
N LYS D 347 -12.93 -41.53 14.95
CA LYS D 347 -14.04 -41.56 15.91
C LYS D 347 -13.57 -42.04 17.27
N SER D 348 -12.30 -41.79 17.61
CA SER D 348 -11.80 -42.25 18.90
C SER D 348 -10.76 -41.27 19.40
N VAL D 349 -10.56 -41.29 20.73
CA VAL D 349 -9.43 -40.66 21.38
C VAL D 349 -8.73 -41.72 22.23
N THR D 350 -7.42 -41.85 22.07
CA THR D 350 -6.63 -42.77 22.88
C THR D 350 -5.84 -41.95 23.90
N ILE D 351 -6.00 -42.29 25.19
CA ILE D 351 -5.31 -41.60 26.27
C ILE D 351 -4.13 -42.45 26.71
N PHE D 352 -2.98 -41.80 26.90
CA PHE D 352 -1.77 -42.44 27.37
C PHE D 352 -1.39 -41.86 28.72
N GLN D 353 -1.00 -42.73 29.63
CA GLN D 353 -0.45 -42.30 30.91
C GLN D 353 1.05 -42.14 30.79
N ILE D 354 1.57 -41.00 31.25
CA ILE D 354 3.00 -40.76 31.33
C ILE D 354 3.55 -41.51 32.53
N ASP D 355 4.61 -42.27 32.33
CA ASP D 355 5.18 -42.95 33.48
C ASP D 355 6.71 -42.82 33.52
N ARG D 356 7.35 -43.61 34.37
CA ARG D 356 8.79 -43.55 34.58
C ARG D 356 9.51 -44.79 34.07
N SER D 357 8.86 -45.56 33.19
CA SER D 357 9.48 -46.70 32.55
C SER D 357 10.43 -46.23 31.44
N GLU D 358 11.12 -47.19 30.81
CA GLU D 358 11.93 -46.90 29.64
C GLU D 358 11.12 -46.19 28.57
N LYS D 359 9.86 -46.58 28.38
CA LYS D 359 9.00 -45.98 27.36
C LYS D 359 8.45 -44.63 27.78
N ARG D 360 8.32 -44.38 29.09
CA ARG D 360 7.86 -43.14 29.70
C ARG D 360 6.38 -42.87 29.45
N HIS D 361 5.65 -43.85 28.93
CA HIS D 361 4.23 -43.72 28.61
C HIS D 361 3.66 -45.11 28.48
N LYS D 362 2.41 -45.27 28.91
CA LYS D 362 1.66 -46.50 28.71
C LYS D 362 0.29 -46.13 28.17
N LYS D 363 -0.27 -46.98 27.32
CA LYS D 363 -1.61 -46.74 26.81
C LYS D 363 -2.63 -46.91 27.94
N TRP D 364 -3.47 -45.90 28.15
CA TRP D 364 -4.39 -45.93 29.27
C TRP D 364 -5.79 -46.41 28.87
N LYS D 365 -6.35 -45.85 27.80
CA LYS D 365 -7.73 -46.12 27.43
C LYS D 365 -7.97 -45.58 26.02
N ASP D 366 -8.69 -46.37 25.22
CA ASP D 366 -9.02 -46.05 23.83
C ASP D 366 -10.50 -45.64 23.81
N LEU D 367 -10.77 -44.33 23.89
CA LEU D 367 -12.13 -43.84 24.12
C LEU D 367 -12.94 -43.74 22.83
N ALA D 368 -14.19 -44.19 22.90
CA ALA D 368 -15.11 -44.04 21.77
C ALA D 368 -15.73 -42.66 21.76
N MET D 369 -15.81 -42.06 20.57
CA MET D 369 -16.22 -40.65 20.48
C MET D 369 -17.59 -40.51 19.82
N PRO D 370 -18.50 -39.72 20.41
CA PRO D 370 -19.80 -39.44 19.74
C PRO D 370 -19.66 -39.09 18.26
N GLY D 371 -18.75 -38.19 17.92
CA GLY D 371 -18.47 -37.83 16.54
C GLY D 371 -16.98 -37.62 16.28
N THR D 372 -16.64 -36.87 15.23
CA THR D 372 -15.23 -36.69 14.87
C THR D 372 -14.61 -35.58 15.72
N PRO D 373 -13.62 -35.88 16.55
CA PRO D 373 -12.97 -34.82 17.33
C PRO D 373 -12.39 -33.77 16.40
N GLN D 374 -12.62 -32.50 16.76
CA GLN D 374 -12.06 -31.36 16.05
C GLN D 374 -11.08 -30.59 16.91
N SER D 375 -11.25 -30.67 18.23
CA SER D 375 -10.33 -30.07 19.18
C SER D 375 -10.17 -31.04 20.35
N ILE D 376 -8.99 -31.04 20.95
CA ILE D 376 -8.68 -31.97 22.02
C ILE D 376 -7.84 -31.24 23.06
N ALA D 377 -8.19 -31.39 24.33
CA ALA D 377 -7.41 -30.82 25.41
C ALA D 377 -7.59 -31.66 26.66
N ILE D 378 -6.54 -31.67 27.50
CA ILE D 378 -6.62 -32.25 28.83
C ILE D 378 -6.14 -31.18 29.79
N PHE D 379 -6.97 -30.85 30.79
CA PHE D 379 -6.51 -30.03 31.89
C PHE D 379 -7.44 -30.27 33.07
N ASN D 380 -6.92 -29.96 34.27
CA ASN D 380 -7.62 -30.09 35.54
C ASN D 380 -7.95 -31.53 35.89
N GLY D 381 -7.38 -32.51 35.19
CA GLY D 381 -7.80 -33.90 35.37
C GLY D 381 -8.96 -34.32 34.49
N ARG D 382 -9.24 -33.58 33.41
CA ARG D 382 -10.37 -33.89 32.54
C ARG D 382 -9.93 -33.87 31.08
N LEU D 383 -10.49 -34.76 30.26
CA LEU D 383 -10.37 -34.68 28.81
C LEU D 383 -11.51 -33.84 28.27
N TYR D 384 -11.18 -32.84 27.45
CA TYR D 384 -12.17 -32.00 26.79
C TYR D 384 -12.02 -32.18 25.29
N VAL D 385 -13.12 -32.56 24.62
CA VAL D 385 -13.14 -32.84 23.19
C VAL D 385 -14.19 -31.95 22.53
N GLY D 386 -13.77 -31.20 21.52
CA GLY D 386 -14.68 -30.33 20.78
C GLY D 386 -15.19 -31.01 19.52
N PHE D 387 -16.48 -30.80 19.24
CA PHE D 387 -17.14 -31.34 18.06
C PHE D 387 -17.86 -30.22 17.33
N SER D 388 -18.47 -30.58 16.20
CA SER D 388 -19.23 -29.65 15.36
C SER D 388 -20.24 -28.83 16.15
N HIS D 389 -21.00 -29.47 17.04
CA HIS D 389 -22.08 -28.77 17.73
C HIS D 389 -21.90 -28.73 19.25
N SER D 390 -20.78 -29.21 19.78
CA SER D 390 -20.71 -29.34 21.22
C SER D 390 -19.26 -29.56 21.64
N PHE D 391 -19.05 -29.44 22.94
CA PHE D 391 -17.86 -29.94 23.63
C PHE D 391 -18.32 -30.95 24.66
N ARG D 392 -17.53 -32.01 24.84
CA ARG D 392 -17.76 -32.99 25.89
C ARG D 392 -16.51 -33.13 26.73
N SER D 393 -16.69 -33.42 28.02
CA SER D 393 -15.55 -33.68 28.90
C SER D 393 -15.68 -35.03 29.58
N TRP D 394 -14.56 -35.76 29.65
CA TRP D 394 -14.45 -37.02 30.37
C TRP D 394 -13.51 -36.86 31.55
N SER D 395 -13.95 -37.27 32.74
CA SER D 395 -13.09 -37.17 33.90
C SER D 395 -12.03 -38.27 33.84
N LEU D 396 -10.76 -37.89 33.85
CA LEU D 396 -9.64 -38.82 33.84
C LEU D 396 -9.16 -39.18 35.24
N VAL D 397 -9.73 -38.57 36.27
CA VAL D 397 -9.30 -38.75 37.64
C VAL D 397 -10.43 -39.47 38.39
N GLY D 398 -10.07 -40.20 39.42
CA GLY D 398 -11.05 -41.04 40.08
C GLY D 398 -11.35 -42.32 39.35
N VAL D 399 -10.49 -42.73 38.41
CA VAL D 399 -10.69 -43.90 37.56
C VAL D 399 -11.96 -43.71 36.74
N GLN D 415 -16.40 -41.25 32.37
CA GLN D 415 -17.50 -40.38 32.77
C GLN D 415 -17.61 -39.21 31.79
N HIS D 416 -18.63 -39.23 30.93
CA HIS D 416 -18.81 -38.23 29.88
C HIS D 416 -19.87 -37.20 30.29
N ILE D 417 -19.49 -35.91 30.26
CA ILE D 417 -20.38 -34.81 30.61
C ILE D 417 -20.39 -33.78 29.49
N SER D 418 -21.58 -33.41 29.02
CA SER D 418 -21.70 -32.41 27.98
C SER D 418 -21.53 -31.01 28.56
N LEU D 419 -20.80 -30.16 27.84
CA LEU D 419 -20.72 -28.76 28.21
C LEU D 419 -21.86 -27.94 27.63
N VAL D 420 -22.80 -28.59 26.94
CA VAL D 420 -23.98 -27.93 26.38
C VAL D 420 -25.18 -28.80 26.75
N ASN D 421 -25.90 -28.39 27.78
CA ASN D 421 -27.08 -29.08 28.27
C ASN D 421 -28.28 -28.66 27.44
N MET D 422 -28.94 -29.61 26.77
CA MET D 422 -29.96 -29.23 25.80
C MET D 422 -31.34 -29.03 26.41
N GLU D 423 -31.44 -29.08 27.74
CA GLU D 423 -32.58 -28.46 28.41
C GLU D 423 -32.47 -26.95 28.46
N ASP D 424 -31.27 -26.39 28.23
CA ASP D 424 -31.13 -24.94 28.10
C ASP D 424 -31.65 -24.55 26.71
N THR D 425 -32.86 -23.99 26.66
CA THR D 425 -33.43 -23.61 25.36
C THR D 425 -32.52 -22.64 24.62
N SER D 426 -31.81 -21.77 25.34
CA SER D 426 -30.94 -20.76 24.73
C SER D 426 -29.68 -21.34 24.11
N LEU D 427 -29.43 -22.64 24.25
CA LEU D 427 -28.30 -23.25 23.58
C LEU D 427 -28.69 -24.20 22.46
N GLN D 428 -29.99 -24.44 22.27
CA GLN D 428 -30.43 -25.42 21.30
C GLN D 428 -30.11 -25.02 19.88
N PHE D 429 -29.80 -23.74 19.64
CA PHE D 429 -29.33 -23.32 18.32
C PHE D 429 -28.11 -24.13 17.87
N LEU D 430 -27.40 -24.79 18.80
CA LEU D 430 -26.17 -25.50 18.44
C LEU D 430 -26.42 -26.78 17.67
N ASN D 431 -27.52 -27.51 17.95
CA ASN D 431 -27.85 -28.66 17.11
C ASN D 431 -28.27 -28.24 15.70
N GLN D 432 -28.83 -27.03 15.55
CA GLN D 432 -29.34 -26.55 14.27
C GLN D 432 -28.27 -25.83 13.46
N GLN D 433 -27.00 -26.07 13.78
CA GLN D 433 -25.87 -25.53 13.03
C GLN D 433 -25.28 -26.62 12.16
N THR D 434 -25.13 -26.33 10.87
CA THR D 434 -24.44 -27.22 9.95
C THR D 434 -22.99 -26.82 9.74
N SER D 435 -22.59 -25.64 10.22
CA SER D 435 -21.38 -24.98 9.78
C SER D 435 -20.39 -24.69 10.90
N TYR D 436 -20.71 -25.02 12.14
CA TYR D 436 -19.80 -24.73 13.24
C TYR D 436 -18.68 -25.76 13.30
N GLU D 437 -17.49 -25.29 13.69
CA GLU D 437 -16.32 -26.11 13.97
C GLU D 437 -15.77 -25.74 15.33
N ALA D 438 -15.59 -26.73 16.21
CA ALA D 438 -14.91 -26.50 17.47
C ALA D 438 -13.43 -26.19 17.22
N LYS D 439 -12.91 -25.21 17.95
CA LYS D 439 -11.52 -24.76 17.85
C LYS D 439 -10.73 -25.00 19.13
N LEU D 440 -11.25 -24.56 20.28
CA LEU D 440 -10.61 -24.79 21.57
C LEU D 440 -11.60 -24.43 22.66
N ILE D 441 -11.27 -24.82 23.90
CA ILE D 441 -12.09 -24.48 25.06
C ILE D 441 -11.17 -23.82 26.08
N VAL D 442 -11.70 -22.83 26.80
CA VAL D 442 -10.94 -22.12 27.83
C VAL D 442 -11.69 -22.24 29.16
N ASN D 443 -11.00 -22.69 30.19
CA ASN D 443 -11.46 -22.51 31.56
C ASN D 443 -11.24 -21.05 31.96
N VAL D 444 -12.32 -20.31 32.24
CA VAL D 444 -12.20 -18.86 32.30
C VAL D 444 -11.44 -18.40 33.54
N PRO D 445 -10.34 -17.69 33.38
CA PRO D 445 -9.58 -17.22 34.54
C PRO D 445 -10.42 -16.30 35.42
N GLY D 446 -10.38 -16.57 36.73
CA GLY D 446 -11.17 -15.85 37.69
C GLY D 446 -12.55 -16.44 37.91
N SER D 447 -12.89 -17.48 37.15
CA SER D 447 -14.25 -18.02 37.12
C SER D 447 -14.14 -19.52 36.94
N PRO D 448 -13.68 -20.23 37.98
CA PRO D 448 -13.29 -21.65 37.78
C PRO D 448 -14.40 -22.53 37.21
N ASP D 449 -15.67 -22.24 37.50
CA ASP D 449 -16.78 -23.08 37.05
C ASP D 449 -17.36 -22.63 35.71
N GLU D 450 -16.59 -21.89 34.91
CA GLU D 450 -17.08 -21.32 33.68
C GLU D 450 -16.10 -21.66 32.57
N TYR D 451 -16.61 -21.81 31.35
CA TYR D 451 -15.82 -22.20 30.19
C TYR D 451 -16.22 -21.34 28.99
N LEU D 452 -15.24 -20.88 28.23
CA LEU D 452 -15.49 -20.30 26.92
C LEU D 452 -15.31 -21.40 25.88
N LEU D 453 -16.37 -21.69 25.13
CA LEU D 453 -16.32 -22.65 24.04
C LEU D 453 -16.08 -21.90 22.74
N VAL D 454 -14.91 -22.04 22.14
CA VAL D 454 -14.54 -21.27 20.97
C VAL D 454 -14.85 -22.08 19.72
N PHE D 455 -15.77 -21.57 18.90
CA PHE D 455 -16.05 -22.13 17.58
C PHE D 455 -15.48 -21.22 16.51
N ASN D 456 -15.45 -21.72 15.28
CA ASN D 456 -15.10 -20.85 14.17
C ASN D 456 -15.96 -19.58 14.15
N MET D 457 -17.22 -19.67 14.57
CA MET D 457 -18.24 -18.64 14.34
C MET D 457 -18.35 -17.66 15.50
N ILE D 458 -18.38 -18.16 16.74
CA ILE D 458 -18.61 -17.38 17.95
C ILE D 458 -17.81 -18.01 19.09
N GLY D 459 -17.78 -17.31 20.23
CA GLY D 459 -17.40 -17.90 21.50
C GLY D 459 -18.58 -17.81 22.47
N LEU D 460 -18.92 -18.94 23.07
CA LEU D 460 -20.04 -19.07 23.98
C LEU D 460 -19.57 -19.40 25.39
N TYR D 461 -20.16 -18.75 26.39
CA TYR D 461 -19.82 -19.01 27.79
C TYR D 461 -20.80 -20.01 28.38
N VAL D 462 -20.28 -21.07 29.00
CA VAL D 462 -21.13 -22.04 29.69
C VAL D 462 -20.56 -22.29 31.07
N ASN D 463 -21.40 -22.84 31.93
CA ASN D 463 -20.94 -23.18 33.26
C ASN D 463 -20.75 -24.69 33.38
N GLU D 464 -20.62 -25.13 34.62
CA GLU D 464 -20.20 -26.49 34.88
C GLU D 464 -21.37 -27.45 34.80
N MET D 465 -22.60 -26.93 34.87
CA MET D 465 -23.80 -27.73 34.62
C MET D 465 -24.29 -27.55 33.19
N GLY D 466 -23.43 -27.07 32.29
CA GLY D 466 -23.71 -26.99 30.88
C GLY D 466 -24.66 -25.89 30.44
N ARG D 467 -25.10 -25.00 31.35
CA ARG D 467 -26.02 -23.91 31.04
C ARG D 467 -25.26 -22.68 30.50
N ARG D 468 -25.97 -21.87 29.72
CA ARG D 468 -25.42 -20.58 29.35
C ARG D 468 -25.14 -19.76 30.60
N SER D 469 -23.98 -19.12 30.64
CA SER D 469 -23.57 -18.36 31.80
C SER D 469 -23.36 -16.88 31.51
N ARG D 470 -23.34 -16.49 30.24
CA ARG D 470 -23.28 -15.09 29.82
C ARG D 470 -24.17 -14.95 28.60
N LEU D 471 -25.06 -13.97 28.62
CA LEU D 471 -25.94 -13.77 27.46
C LEU D 471 -25.15 -13.41 26.21
N PRO D 472 -24.25 -12.42 26.20
CA PRO D 472 -23.52 -12.10 24.97
C PRO D 472 -22.52 -13.17 24.58
N GLU D 473 -22.24 -13.23 23.29
CA GLU D 473 -21.29 -14.19 22.73
C GLU D 473 -20.14 -13.41 22.12
N VAL D 474 -18.94 -13.97 22.25
CA VAL D 474 -17.77 -13.33 21.67
C VAL D 474 -17.97 -13.30 20.17
N MET D 475 -17.63 -12.16 19.57
CA MET D 475 -17.91 -11.89 18.16
C MET D 475 -16.57 -11.70 17.50
N PHE D 476 -16.35 -12.34 16.34
CA PHE D 476 -15.10 -12.16 15.60
C PHE D 476 -15.31 -11.31 14.36
N PRO D 477 -14.46 -10.31 14.09
CA PRO D 477 -14.73 -9.42 12.94
C PRO D 477 -14.54 -10.10 11.59
N THR D 478 -13.69 -11.12 11.52
CA THR D 478 -13.25 -11.70 10.25
C THR D 478 -13.18 -13.21 10.40
N GLN D 479 -13.33 -13.93 9.29
CA GLN D 479 -13.16 -15.38 9.34
C GLN D 479 -11.73 -15.68 9.79
N ALA D 480 -11.59 -16.45 10.84
CA ALA D 480 -10.27 -16.74 11.37
C ALA D 480 -9.57 -17.80 10.54
N LYS D 481 -8.25 -17.71 10.48
CA LYS D 481 -7.40 -18.76 9.95
C LYS D 481 -6.82 -19.62 11.07
N TYR D 482 -6.55 -19.01 12.23
CA TYR D 482 -5.95 -19.70 13.36
C TYR D 482 -6.52 -19.14 14.65
N PHE D 483 -6.59 -19.99 15.67
CA PHE D 483 -6.92 -19.60 17.03
C PHE D 483 -5.80 -20.03 17.95
N ALA D 484 -5.43 -19.16 18.88
CA ALA D 484 -4.43 -19.48 19.89
C ALA D 484 -4.91 -18.89 21.21
N TYR D 485 -4.67 -19.60 22.31
CA TYR D 485 -5.00 -19.07 23.62
C TYR D 485 -3.75 -18.91 24.45
N HIS D 486 -3.59 -17.72 25.04
CA HIS D 486 -2.50 -17.42 25.97
C HIS D 486 -3.12 -16.67 27.15
N GLU D 487 -3.40 -17.39 28.24
CA GLU D 487 -4.13 -16.88 29.39
C GLU D 487 -3.76 -15.43 29.70
N PRO D 488 -4.73 -14.50 29.73
CA PRO D 488 -6.17 -14.73 29.55
C PRO D 488 -6.67 -14.36 28.16
N TYR D 489 -5.80 -14.32 27.15
CA TYR D 489 -6.15 -13.73 25.87
C TYR D 489 -6.42 -14.81 24.83
N LEU D 490 -7.62 -14.79 24.26
CA LEU D 490 -7.91 -15.52 23.04
C LEU D 490 -7.39 -14.74 21.84
N CYS D 491 -6.60 -15.40 21.00
CA CYS D 491 -5.91 -14.78 19.88
C CYS D 491 -6.51 -15.32 18.58
N VAL D 492 -7.09 -14.46 17.78
CA VAL D 492 -7.81 -14.87 16.58
C VAL D 492 -7.08 -14.30 15.37
N PHE D 493 -6.39 -15.17 14.64
CA PHE D 493 -5.51 -14.78 13.53
C PHE D 493 -6.31 -14.72 12.25
N SER D 494 -6.30 -13.57 11.58
CA SER D 494 -6.86 -13.54 10.23
C SER D 494 -5.82 -13.01 9.26
N GLU D 495 -6.24 -12.77 8.01
CA GLU D 495 -5.28 -12.48 6.95
C GLU D 495 -4.47 -11.22 7.26
N ASN D 496 -5.11 -10.17 7.79
CA ASN D 496 -4.46 -8.89 8.01
C ASN D 496 -4.27 -8.52 9.46
N GLU D 497 -4.64 -9.37 10.42
CA GLU D 497 -4.51 -8.92 11.79
C GLU D 497 -4.70 -10.10 12.73
N VAL D 498 -4.25 -9.92 13.96
CA VAL D 498 -4.57 -10.81 15.07
C VAL D 498 -5.47 -10.03 16.02
N ASP D 499 -6.66 -10.54 16.29
CA ASP D 499 -7.56 -9.85 17.20
C ASP D 499 -7.51 -10.51 18.56
N ILE D 500 -7.38 -9.71 19.60
CA ILE D 500 -7.13 -10.19 20.95
C ILE D 500 -8.38 -10.02 21.78
N PHE D 501 -8.78 -11.07 22.49
CA PHE D 501 -9.92 -11.00 23.37
C PHE D 501 -9.55 -11.44 24.77
N ASN D 502 -9.98 -10.68 25.77
CA ASN D 502 -9.80 -11.05 27.16
C ASN D 502 -10.97 -11.95 27.54
N VAL D 503 -10.67 -13.24 27.75
CA VAL D 503 -11.71 -14.23 28.01
C VAL D 503 -12.40 -13.95 29.34
N THR D 504 -11.66 -13.42 30.31
CA THR D 504 -12.26 -13.10 31.61
C THR D 504 -13.30 -11.99 31.46
N LEU D 505 -13.01 -10.98 30.64
CA LEU D 505 -13.84 -9.79 30.50
C LEU D 505 -14.79 -9.87 29.32
N ALA D 506 -14.67 -10.91 28.48
CA ALA D 506 -15.48 -11.03 27.27
C ALA D 506 -15.39 -9.78 26.41
N GLU D 507 -14.17 -9.21 26.35
CA GLU D 507 -13.93 -7.91 25.74
C GLU D 507 -12.87 -8.05 24.66
N TRP D 508 -13.15 -7.48 23.48
CA TRP D 508 -12.18 -7.30 22.42
C TRP D 508 -11.23 -6.17 22.81
N VAL D 509 -9.96 -6.47 23.03
CA VAL D 509 -9.07 -5.48 23.64
C VAL D 509 -7.98 -5.00 22.70
N GLN D 510 -7.73 -5.67 21.59
CA GLN D 510 -6.66 -5.18 20.74
C GLN D 510 -6.81 -5.75 19.33
N THR D 511 -6.34 -4.97 18.36
CA THR D 511 -6.12 -5.43 17.00
C THR D 511 -4.66 -5.21 16.66
N ILE D 512 -3.99 -6.27 16.24
CA ILE D 512 -2.59 -6.25 15.89
C ILE D 512 -2.54 -6.51 14.40
N ASN D 513 -2.34 -5.47 13.61
CA ASN D 513 -2.21 -5.65 12.18
C ASN D 513 -0.86 -6.27 11.85
N LEU D 514 -0.89 -7.43 11.21
CA LEU D 514 0.30 -8.10 10.73
C LEU D 514 -0.09 -8.81 9.45
N ARG D 515 0.87 -8.93 8.53
CA ARG D 515 0.64 -9.53 7.23
C ARG D 515 0.82 -11.03 7.36
N SER D 516 -0.30 -11.76 7.23
CA SER D 516 -0.30 -13.21 7.16
C SER D 516 0.34 -13.85 8.39
N ALA D 517 -0.05 -13.36 9.57
CA ALA D 517 0.46 -13.90 10.82
C ALA D 517 0.01 -15.36 10.99
N LYS D 518 0.84 -16.16 11.64
CA LYS D 518 0.51 -17.56 11.87
C LYS D 518 1.15 -18.00 13.16
N PRO D 519 0.41 -18.54 14.12
CA PRO D 519 1.04 -18.95 15.38
C PRO D 519 1.92 -20.17 15.16
N LEU D 520 3.10 -20.16 15.78
CA LEU D 520 4.04 -21.27 15.69
C LEU D 520 4.11 -22.09 16.96
N SER D 521 4.07 -21.44 18.11
CA SER D 521 3.82 -22.12 19.37
C SER D 521 2.33 -22.35 19.57
N GLY D 522 2.02 -23.35 20.40
CA GLY D 522 0.63 -23.71 20.64
C GLY D 522 -0.19 -22.57 21.20
N ASP D 523 0.46 -21.64 21.90
CA ASP D 523 -0.25 -20.53 22.50
C ASP D 523 -0.10 -19.22 21.73
N GLY D 524 0.46 -19.24 20.52
CA GLY D 524 0.43 -18.10 19.62
C GLY D 524 1.40 -16.98 19.94
N ILE D 525 1.92 -16.93 21.18
CA ILE D 525 2.84 -15.88 21.59
C ILE D 525 4.10 -15.85 20.72
N LEU D 526 4.48 -16.99 20.12
CA LEU D 526 5.52 -17.03 19.12
C LEU D 526 4.88 -17.30 17.78
N SER D 527 5.01 -16.37 16.84
CA SER D 527 4.32 -16.48 15.56
C SER D 527 5.26 -16.07 14.45
N THR D 528 4.84 -16.36 13.22
CA THR D 528 5.54 -15.85 12.05
C THR D 528 4.60 -14.93 11.28
N CYS D 529 5.19 -14.01 10.51
CA CYS D 529 4.43 -13.11 9.66
C CYS D 529 5.40 -12.56 8.62
N LEU D 530 4.87 -11.76 7.68
CA LEU D 530 5.68 -11.14 6.63
C LEU D 530 5.92 -9.69 7.00
N CYS D 531 7.18 -9.29 7.06
CA CYS D 531 7.55 -7.90 7.33
C CYS D 531 8.40 -7.47 6.15
N ASN D 532 7.79 -6.68 5.26
CA ASN D 532 8.41 -6.27 3.99
C ASN D 532 8.60 -7.48 3.08
N ASP D 533 7.51 -8.22 2.86
CA ASP D 533 7.47 -9.37 1.97
C ASP D 533 8.51 -10.44 2.33
N SER D 534 9.08 -10.38 3.52
CA SER D 534 10.03 -11.42 3.90
C SER D 534 9.60 -12.00 5.25
N PRO D 535 9.77 -13.31 5.45
CA PRO D 535 9.28 -13.92 6.68
C PRO D 535 10.14 -13.51 7.88
N ILE D 536 9.49 -13.33 9.02
CA ILE D 536 10.15 -12.99 10.27
C ILE D 536 9.47 -13.76 11.39
N PHE D 537 10.11 -13.71 12.54
CA PHE D 537 9.71 -14.47 13.73
C PHE D 537 9.43 -13.42 14.80
N VAL D 538 8.22 -13.41 15.33
CA VAL D 538 7.84 -12.33 16.22
C VAL D 538 7.35 -12.92 17.53
N LEU D 539 7.62 -12.19 18.60
CA LEU D 539 7.06 -12.45 19.91
C LEU D 539 5.93 -11.47 20.16
N LEU D 540 4.77 -11.99 20.54
CA LEU D 540 3.70 -11.16 21.08
C LEU D 540 3.99 -11.05 22.57
N GLN D 541 4.52 -9.90 22.98
CA GLN D 541 4.99 -9.72 24.35
C GLN D 541 3.87 -9.13 25.18
N ASN D 542 3.43 -9.89 26.17
CA ASN D 542 2.40 -9.49 27.13
C ASN D 542 2.83 -8.23 27.88
N VAL D 543 2.15 -7.10 27.70
CA VAL D 543 2.66 -5.86 28.29
C VAL D 543 2.64 -5.89 29.82
N LEU D 544 1.90 -6.83 30.43
CA LEU D 544 1.85 -6.87 31.88
C LEU D 544 3.17 -7.36 32.49
N GLN D 545 3.91 -8.21 31.80
CA GLN D 545 5.09 -8.82 32.37
C GLN D 545 6.23 -7.81 32.53
N ASP D 546 7.10 -8.06 33.49
CA ASP D 546 8.25 -7.21 33.73
C ASP D 546 9.50 -7.65 32.97
N GLN D 547 9.35 -8.56 32.01
CA GLN D 547 10.45 -9.06 31.19
C GLN D 547 9.87 -9.85 30.03
N ASP D 548 10.62 -9.91 28.93
CA ASP D 548 10.12 -10.62 27.76
C ASP D 548 10.02 -12.12 28.04
N SER D 549 9.05 -12.77 27.38
CA SER D 549 8.82 -14.19 27.58
C SER D 549 9.96 -15.06 27.07
N ILE D 550 10.73 -14.57 26.10
CA ILE D 550 12.04 -15.13 25.74
C ILE D 550 12.98 -13.94 25.56
N GLU D 551 14.28 -14.22 25.63
CA GLU D 551 15.28 -13.18 25.34
C GLU D 551 15.17 -12.76 23.89
N VAL D 552 15.13 -11.46 23.66
CA VAL D 552 15.02 -10.94 22.29
C VAL D 552 16.36 -10.33 21.95
N PRO D 553 17.10 -10.86 20.97
CA PRO D 553 18.37 -10.22 20.61
C PRO D 553 18.09 -8.82 20.08
N VAL D 554 18.86 -7.86 20.57
CA VAL D 554 18.70 -6.46 20.19
C VAL D 554 19.68 -6.19 19.05
N ASN D 555 19.16 -5.95 17.86
CA ASN D 555 20.02 -5.74 16.70
C ASN D 555 20.41 -4.27 16.58
N LEU D 556 21.60 -4.04 16.03
CA LEU D 556 22.13 -2.68 15.91
C LEU D 556 22.52 -2.31 14.47
N GLY E 5 -31.18 78.58 27.30
CA GLY E 5 -30.12 77.65 27.70
C GLY E 5 -30.59 76.42 28.45
N HIS E 6 -29.95 75.27 28.19
CA HIS E 6 -30.33 74.07 28.92
C HIS E 6 -29.87 74.15 30.37
N ASN E 7 -30.54 73.37 31.21
CA ASN E 7 -30.19 73.20 32.61
C ASN E 7 -30.02 71.69 32.78
N PHE E 8 -28.80 71.19 32.63
CA PHE E 8 -28.64 69.74 32.69
C PHE E 8 -28.27 69.31 34.09
N GLU E 9 -28.63 68.07 34.41
CA GLU E 9 -28.31 67.49 35.70
C GLU E 9 -27.97 66.02 35.52
N ARG E 10 -27.01 65.52 36.29
CA ARG E 10 -26.68 64.10 36.21
C ARG E 10 -27.84 63.30 36.78
N MET E 11 -28.23 62.25 36.08
CA MET E 11 -29.47 61.57 36.36
C MET E 11 -29.21 60.08 36.51
N LYS E 12 -29.75 59.48 37.57
CA LYS E 12 -29.88 58.04 37.63
C LYS E 12 -31.13 57.61 36.87
N ILE E 13 -30.94 56.76 35.86
CA ILE E 13 -31.95 56.42 34.86
C ILE E 13 -32.44 55.01 35.16
N LYS E 14 -33.74 54.86 35.44
CA LYS E 14 -34.21 53.63 36.07
C LYS E 14 -34.69 52.55 35.10
N THR E 15 -34.81 52.87 33.81
CA THR E 15 -35.24 51.90 32.82
C THR E 15 -34.39 52.11 31.59
N PRO E 16 -34.33 51.12 30.68
CA PRO E 16 -33.68 51.35 29.39
C PRO E 16 -34.29 52.57 28.71
N THR E 17 -33.43 53.49 28.31
CA THR E 17 -33.86 54.80 27.84
C THR E 17 -32.92 55.23 26.73
N LYS E 18 -33.51 55.64 25.61
CA LYS E 18 -32.74 56.09 24.45
C LYS E 18 -32.25 57.52 24.66
N CYS E 19 -31.05 57.80 24.16
CA CYS E 19 -30.53 59.16 24.21
C CYS E 19 -31.41 60.06 23.36
N GLY E 20 -31.65 61.28 23.83
CA GLY E 20 -32.41 62.21 23.02
C GLY E 20 -31.71 62.59 21.75
N HIS E 21 -30.39 62.41 21.66
CA HIS E 21 -29.63 62.87 20.50
C HIS E 21 -29.24 61.76 19.55
N CYS E 22 -28.61 60.69 20.04
CA CYS E 22 -28.06 59.64 19.19
C CYS E 22 -28.94 58.40 19.12
N THR E 23 -29.92 58.28 20.01
CA THR E 23 -30.90 57.21 20.14
C THR E 23 -30.36 55.95 20.82
N SER E 24 -29.09 55.87 21.19
CA SER E 24 -28.59 54.69 21.89
C SER E 24 -29.10 54.65 23.32
N ILE E 25 -29.17 53.45 23.89
CA ILE E 25 -29.58 53.30 25.28
C ILE E 25 -28.55 54.01 26.15
N LEU E 26 -29.03 54.63 27.23
CA LEU E 26 -28.14 55.21 28.24
C LEU E 26 -27.76 54.10 29.22
N ILE E 27 -26.79 53.30 28.82
CA ILE E 27 -26.43 52.18 29.67
C ILE E 27 -25.63 52.69 30.88
N GLY E 28 -25.64 51.87 31.94
CA GLY E 28 -24.78 52.10 33.08
C GLY E 28 -25.50 51.79 34.36
N LEU E 29 -24.83 51.96 35.50
CA LEU E 29 -25.38 51.61 36.80
C LEU E 29 -25.81 52.83 37.59
N ASP E 30 -25.24 53.99 37.28
CA ASP E 30 -25.56 55.24 37.94
C ASP E 30 -25.12 56.33 36.99
N ARG E 31 -25.72 57.52 37.16
CA ARG E 31 -25.29 58.73 36.45
C ARG E 31 -25.20 58.46 34.95
N GLN E 32 -26.17 57.70 34.44
CA GLN E 32 -26.10 57.23 33.06
C GLN E 32 -26.24 58.34 32.04
N GLY E 33 -26.80 59.50 32.42
CA GLY E 33 -26.93 60.57 31.44
C GLY E 33 -27.23 61.89 32.12
N LEU E 34 -27.45 62.90 31.28
CA LEU E 34 -27.92 64.21 31.72
C LEU E 34 -29.42 64.34 31.51
N PHE E 35 -30.05 65.11 32.39
CA PHE E 35 -31.48 65.36 32.34
C PHE E 35 -31.74 66.85 32.54
N CYS E 36 -32.35 67.49 31.55
CA CYS E 36 -32.74 68.91 31.70
C CYS E 36 -33.98 69.01 32.58
N GLN E 37 -33.85 69.71 33.72
CA GLN E 37 -35.01 69.94 34.57
C GLN E 37 -36.11 70.73 33.86
N SER E 38 -35.77 71.50 32.81
CA SER E 38 -36.73 72.36 32.16
C SER E 38 -37.56 71.63 31.10
N CYS E 39 -36.90 71.04 30.09
CA CYS E 39 -37.59 70.48 28.94
C CYS E 39 -37.70 68.96 28.98
N GLN E 40 -37.15 68.31 30.01
CA GLN E 40 -37.18 66.86 30.19
C GLN E 40 -36.31 66.11 29.18
N TYR E 41 -35.42 66.79 28.49
CA TYR E 41 -34.53 66.12 27.55
C TYR E 41 -33.50 65.26 28.29
N ALA E 42 -33.27 64.04 27.80
CA ALA E 42 -32.30 63.15 28.40
C ALA E 42 -31.31 62.70 27.34
N CYS E 43 -30.02 62.82 27.64
CA CYS E 43 -28.98 62.51 26.68
C CYS E 43 -27.73 62.03 27.40
N HIS E 44 -26.77 61.53 26.62
CA HIS E 44 -25.45 61.21 27.14
C HIS E 44 -24.72 62.49 27.55
N VAL E 45 -23.76 62.33 28.46
CA VAL E 45 -22.91 63.45 28.82
C VAL E 45 -22.11 63.90 27.61
N SER E 46 -21.54 62.94 26.88
CA SER E 46 -20.75 63.27 25.70
C SER E 46 -21.61 63.76 24.55
N CYS E 47 -22.88 63.33 24.50
CA CYS E 47 -23.78 63.77 23.45
C CYS E 47 -24.28 65.20 23.67
N ALA E 48 -24.32 65.64 24.93
CA ALA E 48 -24.82 66.97 25.24
C ALA E 48 -23.97 68.06 24.61
N GLU E 49 -22.75 67.74 24.18
CA GLU E 49 -21.92 68.73 23.50
C GLU E 49 -22.50 69.12 22.15
N ARG E 50 -23.10 68.18 21.43
CA ARG E 50 -23.58 68.42 20.08
C ARG E 50 -25.04 68.81 20.01
N VAL E 51 -25.82 68.61 21.07
CA VAL E 51 -27.24 68.91 21.02
C VAL E 51 -27.44 70.42 21.14
N SER E 52 -28.49 70.92 20.50
CA SER E 52 -28.76 72.35 20.56
C SER E 52 -29.00 72.76 22.00
N GLN E 53 -28.34 73.83 22.42
CA GLN E 53 -28.49 74.33 23.78
C GLN E 53 -29.65 75.31 23.92
N SER E 54 -30.43 75.51 22.85
CA SER E 54 -31.71 76.19 23.02
C SER E 54 -32.69 75.22 23.66
N CYS E 55 -33.39 75.70 24.68
CA CYS E 55 -34.26 74.90 25.53
C CYS E 55 -35.69 75.45 25.45
N PRO E 56 -36.67 74.68 24.94
CA PRO E 56 -36.52 73.25 24.63
C PRO E 56 -35.89 72.99 23.27
N VAL E 57 -35.60 71.72 22.99
CA VAL E 57 -35.07 71.29 21.70
C VAL E 57 -36.21 71.35 20.69
N PRO E 58 -36.12 72.18 19.66
CA PRO E 58 -37.20 72.28 18.66
C PRO E 58 -37.17 71.08 17.71
N GLU E 59 -38.09 71.11 16.75
CA GLU E 59 -38.27 70.02 15.79
C GLU E 59 -38.65 68.72 16.49
N GLY E 66 -32.80 53.49 12.54
CA GLY E 66 -32.30 54.24 13.68
C GLY E 66 -30.84 53.99 14.01
N ILE E 67 -30.28 52.92 13.42
CA ILE E 67 -28.88 52.58 13.60
C ILE E 67 -28.06 53.35 12.57
N ASP E 68 -27.07 54.10 13.04
CA ASP E 68 -26.19 54.84 12.15
C ASP E 68 -25.16 53.88 11.54
N PRO E 69 -25.16 53.69 10.22
CA PRO E 69 -24.17 52.77 9.64
C PRO E 69 -22.74 53.27 9.74
N THR E 70 -22.50 54.57 9.56
CA THR E 70 -21.15 55.11 9.44
C THR E 70 -20.56 55.58 10.78
N ARG E 71 -21.06 55.09 11.91
CA ARG E 71 -20.42 55.35 13.19
C ARG E 71 -20.85 54.35 14.25
N GLY E 72 -21.55 53.30 13.85
CA GLY E 72 -21.94 52.22 14.74
C GLY E 72 -22.68 52.65 15.99
N VAL E 73 -23.74 53.47 15.83
CA VAL E 73 -24.48 54.04 16.95
C VAL E 73 -25.96 54.07 16.58
N GLY E 74 -26.83 53.73 17.54
CA GLY E 74 -28.27 53.92 17.40
C GLY E 74 -29.10 52.73 17.82
N THR E 75 -30.28 53.01 18.37
CA THR E 75 -31.20 51.94 18.71
C THR E 75 -32.00 51.55 17.47
N ALA E 76 -32.00 50.26 17.14
CA ALA E 76 -32.70 49.75 15.98
C ALA E 76 -34.02 49.07 16.32
N TYR E 77 -34.14 48.42 17.47
CA TYR E 77 -35.33 47.64 17.77
C TYR E 77 -35.43 47.47 19.29
N GLU E 78 -36.68 47.43 19.78
CA GLU E 78 -36.99 47.13 21.18
C GLU E 78 -38.22 46.24 21.22
N GLY E 79 -38.19 45.20 22.06
CA GLY E 79 -39.32 44.30 22.13
C GLY E 79 -39.03 43.09 22.99
N LEU E 80 -39.93 42.12 22.89
CA LEU E 80 -39.91 40.95 23.75
C LEU E 80 -39.53 39.70 22.96
N VAL E 81 -38.69 38.86 23.57
CA VAL E 81 -38.45 37.50 23.12
C VAL E 81 -38.47 36.59 24.34
N LYS E 82 -38.40 35.29 24.09
CA LYS E 82 -38.15 34.34 25.14
C LYS E 82 -36.70 33.86 25.06
N THR E 83 -36.07 33.68 26.23
CA THR E 83 -34.76 33.06 26.41
C THR E 83 -34.90 31.92 27.41
N PRO E 84 -33.97 30.98 27.41
CA PRO E 84 -34.04 29.90 28.41
C PRO E 84 -33.86 30.46 29.82
N ARG E 85 -34.56 29.84 30.76
CA ARG E 85 -34.34 30.15 32.17
C ARG E 85 -32.96 29.69 32.58
N ALA E 86 -32.52 30.15 33.74
CA ALA E 86 -31.23 29.69 34.27
C ALA E 86 -31.27 28.18 34.42
N GLY E 87 -30.25 27.51 33.88
CA GLY E 87 -30.22 26.06 33.87
C GLY E 87 -30.57 25.42 32.56
N GLY E 88 -30.81 26.21 31.51
CA GLY E 88 -30.91 25.72 30.15
C GLY E 88 -32.34 25.55 29.68
N VAL E 89 -32.44 25.21 28.39
CA VAL E 89 -33.74 24.93 27.78
C VAL E 89 -34.46 23.83 28.54
N ARG E 90 -33.72 22.92 29.17
CA ARG E 90 -34.31 21.87 29.99
C ARG E 90 -35.18 22.45 31.09
N LYS E 91 -34.89 23.68 31.52
CA LYS E 91 -35.65 24.36 32.56
C LYS E 91 -36.84 25.15 32.03
N GLY E 92 -36.98 25.29 30.72
CA GLY E 92 -38.07 26.06 30.15
C GLY E 92 -37.66 27.48 29.82
N TRP E 93 -38.61 28.22 29.27
CA TRP E 93 -38.35 29.53 28.68
C TRP E 93 -39.01 30.65 29.48
N GLN E 94 -38.32 31.78 29.56
CA GLN E 94 -38.83 32.99 30.18
C GLN E 94 -38.80 34.13 29.18
N THR E 95 -39.77 35.03 29.30
CA THR E 95 -39.83 36.19 28.43
C THR E 95 -38.82 37.25 28.89
N ALA E 96 -38.16 37.87 27.91
CA ALA E 96 -37.18 38.91 28.19
C ALA E 96 -37.40 40.10 27.26
N TYR E 97 -36.88 41.24 27.68
CA TYR E 97 -36.87 42.45 26.87
C TYR E 97 -35.53 42.53 26.15
N VAL E 98 -35.57 42.74 24.84
CA VAL E 98 -34.39 42.76 24.01
C VAL E 98 -34.33 44.11 23.32
N VAL E 99 -33.15 44.73 23.33
CA VAL E 99 -32.92 45.96 22.60
C VAL E 99 -31.76 45.70 21.64
N VAL E 100 -31.94 46.06 20.39
CA VAL E 100 -30.85 46.03 19.43
C VAL E 100 -30.35 47.46 19.24
N CYS E 101 -29.10 47.69 19.63
CA CYS E 101 -28.59 49.05 19.69
C CYS E 101 -27.07 48.99 19.53
N ASP E 102 -26.52 49.93 18.75
CA ASP E 102 -25.07 50.03 18.54
C ASP E 102 -24.49 48.77 17.93
N PHE E 103 -25.28 48.07 17.11
CA PHE E 103 -24.89 46.77 16.55
C PHE E 103 -24.64 45.72 17.63
N LYS E 104 -25.40 45.78 18.72
CA LYS E 104 -25.34 44.78 19.78
C LYS E 104 -26.75 44.42 20.21
N LEU E 105 -26.88 43.23 20.79
CA LEU E 105 -28.11 42.81 21.46
C LEU E 105 -27.94 43.04 22.94
N TYR E 106 -28.89 43.73 23.55
CA TYR E 106 -28.97 43.90 24.98
C TYR E 106 -30.12 43.06 25.48
N LEU E 107 -29.87 42.21 26.47
CA LEU E 107 -30.93 41.45 27.12
C LEU E 107 -31.20 42.02 28.50
N TYR E 108 -32.47 42.32 28.77
CA TYR E 108 -32.92 42.69 30.10
C TYR E 108 -33.91 41.65 30.61
N ASP E 109 -33.86 41.38 31.92
CA ASP E 109 -34.89 40.60 32.57
C ASP E 109 -36.12 41.47 32.76
N CYS E 110 -37.29 40.82 32.83
CA CYS E 110 -38.51 41.56 33.10
C CYS E 110 -39.52 40.66 33.78
N THR E 111 -40.56 41.30 34.32
CA THR E 111 -41.66 40.62 35.01
C THR E 111 -42.96 41.11 34.40
N VAL E 112 -43.61 40.27 33.60
CA VAL E 112 -44.88 40.64 32.95
C VAL E 112 -46.02 40.68 33.97
N MET E 118 -46.37 44.59 30.75
CA MET E 118 -45.35 44.23 31.72
C MET E 118 -45.09 45.37 32.69
N GLN E 119 -44.19 45.14 33.65
CA GLN E 119 -43.84 46.11 34.67
C GLN E 119 -42.51 46.79 34.30
N ASP E 120 -41.98 47.59 35.23
CA ASP E 120 -40.76 48.34 34.96
C ASP E 120 -39.55 47.41 34.92
N VAL E 121 -38.84 47.39 33.80
CA VAL E 121 -37.60 46.64 33.70
C VAL E 121 -36.45 47.56 34.11
N LYS E 122 -35.47 46.97 34.78
CA LYS E 122 -34.40 47.74 35.41
C LYS E 122 -33.28 48.00 34.40
N ASN E 123 -32.70 49.20 34.48
CA ASN E 123 -31.73 49.64 33.48
C ASN E 123 -30.37 48.98 33.71
N GLU E 124 -30.38 47.65 33.65
CA GLU E 124 -29.20 46.84 33.85
C GLU E 124 -29.25 45.69 32.88
N ILE E 125 -28.18 45.51 32.14
CA ILE E 125 -28.16 44.56 31.04
C ILE E 125 -27.77 43.20 31.61
N ARG E 126 -28.59 42.19 31.31
CA ARG E 126 -28.28 40.83 31.74
C ARG E 126 -27.21 40.21 30.86
N LEU E 127 -27.21 40.55 29.57
CA LEU E 127 -26.31 39.94 28.61
C LEU E 127 -26.15 40.88 27.42
N VAL E 128 -24.91 41.03 26.96
CA VAL E 128 -24.57 41.82 25.78
C VAL E 128 -24.04 40.87 24.72
N LEU E 129 -24.61 40.95 23.51
CA LEU E 129 -24.15 40.18 22.36
C LEU E 129 -23.70 41.14 21.28
N ASP E 130 -22.39 41.24 21.07
CA ASP E 130 -21.80 42.19 20.13
C ASP E 130 -21.65 41.57 18.75
N MET E 131 -22.32 42.17 17.76
CA MET E 131 -22.17 41.74 16.38
C MET E 131 -20.76 41.94 15.85
N ARG E 132 -19.94 42.72 16.55
CA ARG E 132 -18.56 42.95 16.14
C ARG E 132 -17.66 41.76 16.46
N ASP E 133 -18.14 40.83 17.28
CA ASP E 133 -17.35 39.66 17.64
C ASP E 133 -16.93 38.92 16.37
N PRO E 134 -15.69 38.41 16.31
CA PRO E 134 -15.23 37.75 15.08
C PRO E 134 -16.17 36.66 14.61
N ASP E 135 -16.83 35.96 15.52
CA ASP E 135 -17.59 34.77 15.16
C ASP E 135 -19.09 34.95 15.30
N PHE E 136 -19.58 36.19 15.16
CA PHE E 136 -21.01 36.43 15.29
C PHE E 136 -21.77 35.78 14.14
N THR E 137 -22.82 35.03 14.48
CA THR E 137 -23.77 34.47 13.52
C THR E 137 -25.14 34.31 14.17
N VAL E 138 -26.17 34.33 13.34
CA VAL E 138 -27.54 34.01 13.74
C VAL E 138 -28.09 32.99 12.75
N CYS E 139 -28.91 32.09 13.25
CA CYS E 139 -29.52 31.07 12.40
C CYS E 139 -30.59 30.36 13.20
N GLY E 140 -31.48 29.66 12.47
CA GLY E 140 -32.39 28.72 13.09
C GLY E 140 -31.71 27.41 13.40
N VAL E 141 -32.41 26.58 14.16
CA VAL E 141 -31.83 25.35 14.69
C VAL E 141 -32.62 24.15 14.19
N SER E 142 -32.04 22.97 14.36
CA SER E 142 -32.71 21.69 14.20
C SER E 142 -32.98 21.10 15.57
N GLU E 143 -33.66 19.95 15.58
CA GLU E 143 -33.66 19.14 16.78
C GLU E 143 -32.25 18.75 17.18
N ALA E 144 -31.33 18.71 16.22
CA ALA E 144 -29.96 18.28 16.48
C ALA E 144 -29.15 19.32 17.23
N ASP E 145 -29.47 20.60 17.08
CA ASP E 145 -28.66 21.66 17.69
C ASP E 145 -29.10 21.98 19.11
N VAL E 146 -30.35 21.72 19.46
CA VAL E 146 -30.87 22.05 20.79
C VAL E 146 -31.66 20.87 21.32
N ILE E 147 -31.00 19.72 21.50
CA ILE E 147 -31.68 18.65 22.19
C ILE E 147 -31.95 19.10 23.61
N HIS E 148 -33.09 18.67 24.15
CA HIS E 148 -33.76 19.11 25.38
C HIS E 148 -34.78 20.20 25.10
N ALA E 149 -34.84 20.73 23.89
CA ALA E 149 -35.97 21.56 23.47
C ALA E 149 -37.16 20.68 23.15
N GLN E 150 -38.35 21.23 23.34
CA GLN E 150 -39.56 20.55 22.92
C GLN E 150 -39.60 20.47 21.40
N LYS E 151 -39.83 19.27 20.89
CA LYS E 151 -39.95 19.03 19.44
C LYS E 151 -40.69 20.18 18.75
N GLY E 152 -41.94 20.41 19.14
CA GLY E 152 -42.76 21.43 18.50
C GLY E 152 -42.25 22.84 18.69
N ASP E 153 -41.28 23.05 19.58
CA ASP E 153 -40.72 24.38 19.83
C ASP E 153 -39.61 24.73 18.84
N ILE E 154 -39.04 23.74 18.16
CA ILE E 154 -37.82 23.98 17.38
C ILE E 154 -38.00 24.97 16.24
N PRO E 155 -39.10 24.95 15.46
CA PRO E 155 -39.25 25.94 14.39
C PRO E 155 -39.19 27.39 14.85
N LYS E 156 -39.43 27.67 16.12
CA LYS E 156 -39.49 29.04 16.63
C LYS E 156 -38.19 29.53 17.27
N ILE E 157 -37.15 28.68 17.36
CA ILE E 157 -35.91 29.01 18.07
C ILE E 157 -34.89 29.57 17.08
N PHE E 158 -34.23 30.66 17.44
CA PHE E 158 -33.01 31.03 16.75
C PHE E 158 -31.87 31.16 17.76
N ARG E 159 -30.64 31.01 17.25
CA ARG E 159 -29.44 30.92 18.07
C ARG E 159 -28.42 31.96 17.60
N VAL E 160 -27.91 32.75 18.54
CA VAL E 160 -26.86 33.72 18.27
C VAL E 160 -25.55 33.17 18.81
N THR E 161 -24.51 33.21 18.00
CA THR E 161 -23.18 32.79 18.41
C THR E 161 -22.28 34.00 18.56
N THR E 162 -21.56 34.09 19.69
CA THR E 162 -20.53 35.11 19.79
C THR E 162 -19.13 34.54 20.02
N THR E 163 -18.59 34.73 21.23
CA THR E 163 -17.15 34.56 21.45
C THR E 163 -16.72 33.10 21.42
N GLN E 164 -15.68 32.80 20.63
CA GLN E 164 -15.09 31.47 20.61
C GLN E 164 -13.86 31.40 21.51
N ILE E 165 -13.83 30.42 22.40
CA ILE E 165 -12.61 30.08 23.13
C ILE E 165 -11.67 29.34 22.18
N LEU E 166 -10.55 29.95 21.82
CA LEU E 166 -9.61 29.26 20.95
C LEU E 166 -8.84 28.18 21.72
N ASN E 167 -8.33 27.20 20.98
CA ASN E 167 -7.50 26.12 21.50
C ASN E 167 -8.26 25.18 22.42
N SER E 168 -9.59 25.12 22.32
CA SER E 168 -10.39 24.38 23.26
C SER E 168 -10.41 22.89 22.93
N SER E 169 -10.49 22.06 23.98
CA SER E 169 -10.78 20.65 23.76
C SER E 169 -12.23 20.44 23.33
N SER E 170 -13.15 21.30 23.79
CA SER E 170 -14.54 21.24 23.38
C SER E 170 -14.74 21.66 21.93
N GLU E 171 -13.66 21.67 21.14
CA GLU E 171 -13.79 22.16 19.78
C GLU E 171 -14.41 21.12 18.85
N TYR E 172 -14.07 19.83 19.02
CA TYR E 172 -14.65 18.83 18.15
C TYR E 172 -16.18 18.83 18.26
N SER E 173 -16.70 18.98 19.47
CA SER E 173 -18.14 19.01 19.70
C SER E 173 -18.76 20.39 19.43
N SER E 174 -18.00 21.35 18.91
CA SER E 174 -18.45 22.71 18.62
C SER E 174 -18.89 23.47 19.86
N SER E 175 -18.72 22.88 21.04
CA SER E 175 -19.11 23.50 22.30
C SER E 175 -18.07 24.49 22.83
N SER E 176 -17.27 25.11 21.95
CA SER E 176 -16.28 26.09 22.35
C SER E 176 -16.73 27.53 22.10
N LYS E 177 -17.88 27.72 21.46
CA LYS E 177 -18.42 29.05 21.20
C LYS E 177 -19.56 29.36 22.17
N PHE E 178 -19.71 30.65 22.47
CA PHE E 178 -20.79 31.13 23.31
C PHE E 178 -22.08 31.21 22.49
N TYR E 179 -23.08 30.43 22.88
CA TYR E 179 -24.34 30.34 22.17
C TYR E 179 -25.44 30.94 23.03
N THR E 180 -26.37 31.66 22.40
CA THR E 180 -27.56 32.15 23.08
C THR E 180 -28.79 31.80 22.27
N LEU E 181 -29.77 31.17 22.93
CA LEU E 181 -30.98 30.70 22.30
C LEU E 181 -32.12 31.69 22.55
N PHE E 182 -32.91 31.95 21.50
CA PHE E 182 -34.13 32.76 21.61
C PHE E 182 -35.30 32.01 20.98
N MET E 183 -36.49 32.26 21.50
CA MET E 183 -37.69 31.65 20.94
C MET E 183 -38.70 32.73 20.56
N ALA E 184 -39.00 32.81 19.27
CA ALA E 184 -40.05 33.67 18.74
C ALA E 184 -41.43 33.06 19.01
N GLU E 185 -42.49 33.81 18.67
CA GLU E 185 -43.83 33.29 18.87
C GLU E 185 -44.25 32.31 17.77
N THR E 186 -43.80 32.57 16.54
CA THR E 186 -44.13 31.75 15.39
C THR E 186 -42.86 31.45 14.62
N GLU E 187 -42.93 30.42 13.77
CA GLU E 187 -41.81 30.11 12.88
C GLU E 187 -41.52 31.29 11.96
N GLU E 188 -42.55 32.02 11.54
CA GLU E 188 -42.33 33.16 10.68
C GLU E 188 -41.67 34.32 11.42
N GLU E 189 -42.03 34.56 12.70
CA GLU E 189 -41.34 35.61 13.42
C GLU E 189 -39.89 35.21 13.68
N LYS E 190 -39.64 33.91 13.88
CA LYS E 190 -38.27 33.38 13.94
C LYS E 190 -37.48 33.78 12.69
N ARG E 191 -38.04 33.51 11.52
CA ARG E 191 -37.34 33.83 10.28
C ARG E 191 -37.09 35.32 10.15
N LYS E 192 -38.04 36.15 10.60
CA LYS E 192 -37.80 37.59 10.56
C LYS E 192 -36.68 37.99 11.49
N TRP E 193 -36.54 37.31 12.64
CA TRP E 193 -35.45 37.62 13.55
C TRP E 193 -34.11 37.32 12.89
N VAL E 194 -34.00 36.18 12.20
CA VAL E 194 -32.73 35.79 11.61
C VAL E 194 -32.34 36.72 10.48
N VAL E 195 -33.30 37.05 9.60
CA VAL E 195 -33.03 37.95 8.48
C VAL E 195 -32.67 39.34 8.99
N ALA E 196 -33.44 39.85 9.97
CA ALA E 196 -33.20 41.21 10.46
C ALA E 196 -31.85 41.32 11.15
N LEU E 197 -31.51 40.34 12.00
CA LEU E 197 -30.21 40.39 12.68
C LEU E 197 -29.07 40.16 11.69
N SER E 198 -29.26 39.31 10.69
CA SER E 198 -28.22 39.12 9.68
C SER E 198 -28.04 40.35 8.80
N GLU E 199 -29.12 41.05 8.49
CA GLU E 199 -28.98 42.25 7.67
C GLU E 199 -28.25 43.35 8.42
N LEU E 200 -28.47 43.45 9.74
CA LEU E 200 -27.69 44.36 10.55
C LEU E 200 -26.21 44.02 10.49
N LYS E 201 -25.88 42.72 10.57
CA LYS E 201 -24.48 42.31 10.54
C LYS E 201 -23.83 42.65 9.21
N THR E 202 -24.54 42.40 8.10
CA THR E 202 -24.03 42.80 6.79
C THR E 202 -23.78 44.29 6.74
N LEU E 203 -24.63 45.09 7.40
CA LEU E 203 -24.43 46.54 7.43
C LEU E 203 -23.17 46.90 8.19
N LEU E 204 -22.89 46.20 9.28
CA LEU E 204 -21.67 46.44 10.04
C LEU E 204 -20.42 46.15 9.19
N ARG E 205 -20.35 44.96 8.60
CA ARG E 205 -19.26 44.63 7.70
C ARG E 205 -19.07 45.71 6.66
N ARG E 206 -20.15 46.09 5.98
CA ARG E 206 -20.09 47.12 4.95
C ARG E 206 -19.55 48.44 5.50
N SER E 207 -19.80 48.74 6.77
CA SER E 207 -19.44 50.03 7.35
C SER E 207 -17.95 50.20 7.57
N LYS E 208 -17.15 49.15 7.32
CA LYS E 208 -15.69 49.25 7.32
C LYS E 208 -15.17 49.89 8.60
N LEU E 209 -15.82 49.58 9.71
CA LEU E 209 -15.38 50.08 11.00
C LEU E 209 -14.10 49.37 11.43
N ALA E 210 -13.18 50.12 12.03
CA ALA E 210 -11.97 49.53 12.54
C ALA E 210 -12.29 48.46 13.59
N ASP E 211 -11.43 47.44 13.65
CA ASP E 211 -11.54 46.42 14.68
C ASP E 211 -10.79 46.86 15.92
N ARG E 212 -11.47 46.84 17.06
CA ARG E 212 -10.91 47.34 18.31
C ARG E 212 -10.96 46.32 19.43
N LYS E 213 -11.18 45.05 19.12
CA LYS E 213 -11.16 44.02 20.15
C LYS E 213 -9.78 43.94 20.78
N ALA E 214 -9.75 43.77 22.10
CA ALA E 214 -8.51 43.77 22.84
C ALA E 214 -7.95 42.38 23.08
N PHE E 215 -8.78 41.35 23.10
CA PHE E 215 -8.37 40.06 23.62
C PHE E 215 -8.88 38.92 22.77
N LEU E 216 -8.05 37.89 22.65
CA LEU E 216 -8.48 36.56 22.29
C LEU E 216 -8.58 35.74 23.57
N VAL E 217 -9.45 34.73 23.56
CA VAL E 217 -9.57 33.79 24.66
C VAL E 217 -8.99 32.48 24.20
N LYS E 218 -8.03 31.95 24.97
CA LYS E 218 -7.38 30.66 24.67
C LYS E 218 -7.45 29.77 25.88
N GLU E 219 -8.12 28.62 25.75
CA GLU E 219 -8.09 27.60 26.79
C GLU E 219 -6.65 27.20 27.08
N VAL E 220 -6.29 27.11 28.35
CA VAL E 220 -4.98 26.62 28.76
C VAL E 220 -5.09 25.22 29.37
N PHE E 221 -6.02 25.03 30.31
CA PHE E 221 -6.27 23.72 30.91
C PHE E 221 -7.78 23.52 31.04
N ASP E 222 -8.19 22.26 30.88
CA ASP E 222 -9.50 21.77 31.30
C ASP E 222 -9.31 20.90 32.54
N VAL E 223 -10.42 20.32 33.03
CA VAL E 223 -10.32 19.49 34.23
C VAL E 223 -9.41 18.28 34.02
N THR E 224 -9.32 17.76 32.80
CA THR E 224 -8.50 16.56 32.60
C THR E 224 -7.00 16.86 32.56
N THR E 225 -6.61 18.09 32.24
CA THR E 225 -5.21 18.49 32.34
C THR E 225 -4.87 18.99 33.74
N LEU E 226 -5.86 19.49 34.47
CA LEU E 226 -5.64 20.16 35.76
C LEU E 226 -6.90 20.00 36.60
N PRO E 227 -7.11 18.82 37.19
CA PRO E 227 -8.35 18.59 37.96
C PRO E 227 -8.50 19.49 39.18
N SER E 228 -7.43 20.09 39.68
CA SER E 228 -7.51 21.00 40.81
C SER E 228 -8.03 22.37 40.45
N ILE E 229 -8.40 22.59 39.18
CA ILE E 229 -9.00 23.87 38.78
C ILE E 229 -10.24 24.15 39.61
N ARG E 230 -10.90 23.10 40.09
CA ARG E 230 -12.10 23.25 40.90
C ARG E 230 -11.83 24.09 42.15
N VAL E 231 -10.65 23.93 42.75
CA VAL E 231 -10.35 24.57 44.03
C VAL E 231 -9.27 25.64 43.88
N ALA E 232 -9.03 26.13 42.66
CA ALA E 232 -8.00 27.12 42.41
C ALA E 232 -8.54 28.51 42.76
N GLN E 233 -7.84 29.22 43.65
CA GLN E 233 -8.28 30.54 44.09
C GLN E 233 -7.50 31.68 43.46
N CYS E 234 -6.24 31.46 43.07
CA CYS E 234 -5.44 32.57 42.58
C CYS E 234 -4.29 32.01 41.75
N CYS E 235 -3.57 32.92 41.10
CA CYS E 235 -2.40 32.52 40.33
C CYS E 235 -1.59 33.75 39.93
N ALA E 236 -0.36 33.50 39.48
CA ALA E 236 0.56 34.57 39.08
C ALA E 236 1.55 34.04 38.06
N ILE E 237 1.93 34.89 37.12
CA ILE E 237 2.93 34.51 36.12
C ILE E 237 4.32 34.61 36.75
N ILE E 238 5.10 33.54 36.61
CA ILE E 238 6.50 33.55 37.01
C ILE E 238 7.33 33.98 35.81
N ASP E 239 7.22 33.24 34.72
CA ASP E 239 7.66 33.70 33.41
C ASP E 239 6.78 33.01 32.37
N ARG E 240 7.09 33.25 31.09
CA ARG E 240 6.27 32.73 30.01
C ARG E 240 6.03 31.23 30.10
N SER E 241 6.95 30.48 30.71
CA SER E 241 6.85 29.03 30.73
C SER E 241 6.27 28.46 32.03
N LYS E 242 6.01 29.29 33.05
CA LYS E 242 5.60 28.74 34.34
C LYS E 242 4.79 29.75 35.14
N ILE E 243 3.78 29.22 35.82
CA ILE E 243 2.88 29.99 36.67
C ILE E 243 2.80 29.27 38.01
N VAL E 244 2.34 30.00 39.02
CA VAL E 244 1.96 29.42 40.30
C VAL E 244 0.44 29.55 40.46
N ILE E 245 -0.17 28.54 41.08
CA ILE E 245 -1.59 28.52 41.36
C ILE E 245 -1.77 28.31 42.86
N GLY E 246 -2.60 29.13 43.49
CA GLY E 246 -2.95 28.98 44.89
C GLY E 246 -4.27 28.25 45.04
N PHE E 247 -4.35 27.39 46.06
CA PHE E 247 -5.52 26.52 46.24
C PHE E 247 -6.13 26.70 47.61
N SER E 248 -7.42 26.37 47.70
CA SER E 248 -8.19 26.53 48.93
C SER E 248 -7.68 25.68 50.07
N ASP E 249 -6.96 24.60 49.79
CA ASP E 249 -6.53 23.75 50.89
C ASP E 249 -5.21 23.03 50.64
N HIS E 250 -4.52 23.30 49.54
CA HIS E 250 -3.34 22.54 49.19
C HIS E 250 -2.15 23.44 48.87
N GLY E 251 -2.24 24.73 49.20
CA GLY E 251 -1.07 25.59 49.14
C GLY E 251 -0.82 26.15 47.75
N LEU E 252 0.46 26.34 47.44
CA LEU E 252 0.91 27.00 46.22
C LEU E 252 1.73 26.03 45.39
N TYR E 253 1.33 25.79 44.15
CA TYR E 253 2.08 24.91 43.26
C TYR E 253 2.61 25.70 42.08
N CYS E 254 3.86 25.44 41.72
CA CYS E 254 4.44 25.93 40.49
C CYS E 254 4.09 24.95 39.37
N ILE E 255 3.81 25.48 38.19
CA ILE E 255 3.41 24.66 37.06
C ILE E 255 4.30 24.99 35.88
N GLU E 256 5.07 24.00 35.42
CA GLU E 256 5.81 24.10 34.16
C GLU E 256 4.84 23.69 33.06
N ILE E 257 4.26 24.67 32.37
CA ILE E 257 3.06 24.43 31.58
C ILE E 257 3.31 23.34 30.54
N SER E 258 4.37 23.50 29.74
CA SER E 258 4.68 22.48 28.75
C SER E 258 4.97 21.15 29.44
N ARG E 259 5.89 21.15 30.41
CA ARG E 259 6.34 19.91 31.04
C ARG E 259 5.20 19.20 31.77
N GLN E 260 4.18 19.95 32.20
CA GLN E 260 3.04 19.40 32.93
C GLN E 260 3.52 18.70 34.22
N LEU E 261 3.97 19.52 35.16
CA LEU E 261 4.35 19.05 36.49
C LEU E 261 3.83 20.02 37.54
N LEU E 262 3.14 19.50 38.54
CA LEU E 262 2.75 20.27 39.71
C LEU E 262 3.83 20.15 40.77
N ILE E 263 4.42 21.27 41.15
CA ILE E 263 5.53 21.28 42.10
C ILE E 263 5.14 22.10 43.32
N PRO E 264 5.04 21.49 44.49
CA PRO E 264 4.69 22.26 45.70
C PRO E 264 5.78 23.28 46.02
N VAL E 265 5.41 24.55 45.98
CA VAL E 265 6.38 25.62 46.23
C VAL E 265 6.83 25.56 47.68
N GLY E 266 8.14 25.36 47.88
CA GLY E 266 8.66 25.17 49.21
C GLY E 266 8.47 23.77 49.75
N GLY E 267 8.13 22.81 48.92
CA GLY E 267 7.99 21.43 49.34
C GLY E 267 6.60 21.15 49.90
N GLU E 268 6.27 19.86 50.00
CA GLU E 268 4.88 19.50 50.22
C GLU E 268 4.45 19.62 51.68
N LYS E 269 5.38 19.45 52.62
CA LYS E 269 5.04 19.63 54.02
C LYS E 269 4.57 21.05 54.30
N GLU E 270 5.20 22.02 53.64
CA GLU E 270 4.85 23.42 53.85
C GLU E 270 3.51 23.78 53.23
N ASN E 271 3.00 22.95 52.31
CA ASN E 271 1.76 23.24 51.63
C ASN E 271 0.58 22.42 52.13
N LYS E 272 0.83 21.46 53.01
CA LYS E 272 -0.26 20.64 53.54
C LYS E 272 -1.29 21.52 54.25
N GLN E 273 -2.56 21.39 53.84
CA GLN E 273 -3.68 22.09 54.45
C GLN E 273 -3.48 23.60 54.46
N ARG E 274 -2.85 24.12 53.40
CA ARG E 274 -2.53 25.53 53.30
C ARG E 274 -3.49 26.22 52.32
N CYS E 275 -4.09 27.32 52.75
CA CYS E 275 -5.10 28.03 51.97
C CYS E 275 -4.49 29.33 51.45
N VAL E 276 -4.26 29.40 50.13
CA VAL E 276 -3.64 30.55 49.49
C VAL E 276 -4.73 31.30 48.72
N GLU E 277 -5.01 32.53 49.15
CA GLU E 277 -6.13 33.33 48.63
C GLU E 277 -5.73 34.34 47.56
N THR E 278 -4.53 34.93 47.66
CA THR E 278 -3.97 35.76 46.62
C THR E 278 -2.47 35.48 46.53
N VAL E 279 -1.90 35.66 45.35
CA VAL E 279 -0.45 35.54 45.20
C VAL E 279 0.02 36.54 44.15
N GLU E 280 1.11 37.23 44.44
CA GLU E 280 1.81 38.05 43.47
C GLU E 280 3.30 37.70 43.53
N TYR E 281 4.01 38.04 42.45
CA TYR E 281 5.42 37.72 42.28
C TYR E 281 6.19 39.01 41.98
N ASP E 282 7.20 39.31 42.80
CA ASP E 282 8.09 40.43 42.56
C ASP E 282 9.34 39.86 41.90
N GLU E 283 9.51 40.11 40.62
CA GLU E 283 10.55 39.37 39.92
C GLU E 283 11.93 39.99 40.06
N ALA E 284 12.03 41.26 40.49
CA ALA E 284 13.35 41.83 40.74
C ALA E 284 13.91 41.35 42.07
N GLU E 285 13.06 41.21 43.07
CA GLU E 285 13.46 40.66 44.35
C GLU E 285 13.31 39.14 44.39
N GLN E 286 12.69 38.55 43.37
CA GLN E 286 12.36 37.14 43.30
C GLN E 286 11.68 36.66 44.59
N LEU E 287 10.55 37.29 44.88
CA LEU E 287 9.74 36.99 46.05
C LEU E 287 8.28 36.77 45.65
N LEU E 288 7.66 35.79 46.30
CA LEU E 288 6.23 35.54 46.16
C LEU E 288 5.55 36.09 47.40
N MET E 289 4.45 36.79 47.21
CA MET E 289 3.75 37.41 48.33
C MET E 289 2.29 36.99 48.26
N MET E 290 1.77 36.49 49.38
CA MET E 290 0.46 35.88 49.40
C MET E 290 -0.28 36.30 50.66
N ILE E 291 -1.60 36.31 50.55
CA ILE E 291 -2.48 36.30 51.70
C ILE E 291 -2.87 34.85 51.95
N VAL E 292 -2.77 34.43 53.19
CA VAL E 292 -2.95 33.04 53.54
C VAL E 292 -4.13 32.98 54.50
N GLY E 293 -5.15 32.21 54.12
CA GLY E 293 -6.33 32.05 54.93
C GLY E 293 -6.18 30.88 55.88
N PRO E 294 -7.30 30.42 56.46
CA PRO E 294 -8.64 30.92 56.18
C PRO E 294 -8.95 32.24 56.90
N ALA E 295 -10.24 32.61 56.91
CA ALA E 295 -10.64 33.90 57.47
C ALA E 295 -10.23 34.02 58.94
N LYS E 296 -10.41 32.96 59.73
CA LYS E 296 -10.10 33.11 61.16
C LYS E 296 -8.61 33.25 61.43
N ASP E 297 -7.76 33.22 60.41
CA ASP E 297 -6.32 33.34 60.60
C ASP E 297 -5.69 33.89 59.33
N ARG E 298 -6.25 34.96 58.78
CA ARG E 298 -5.73 35.53 57.55
C ARG E 298 -4.50 36.36 57.87
N HIS E 299 -3.44 36.19 57.08
CA HIS E 299 -2.19 36.90 57.30
C HIS E 299 -1.37 36.84 56.02
N VAL E 300 -0.19 37.42 56.05
CA VAL E 300 0.67 37.56 54.88
C VAL E 300 1.86 36.65 55.05
N ARG E 301 2.18 35.91 54.00
CA ARG E 301 3.39 35.11 53.96
C ARG E 301 4.13 35.41 52.66
N ILE E 302 5.45 35.35 52.74
CA ILE E 302 6.31 35.54 51.58
C ILE E 302 7.30 34.39 51.56
N VAL E 303 7.73 34.02 50.36
CA VAL E 303 8.71 32.95 50.21
C VAL E 303 9.60 33.31 49.04
N PRO E 304 10.91 33.11 49.14
CA PRO E 304 11.80 33.34 48.00
C PRO E 304 11.47 32.43 46.84
N SER E 305 11.79 32.89 45.63
CA SER E 305 11.48 32.16 44.41
C SER E 305 12.32 30.90 44.24
N ALA E 306 13.42 30.75 44.98
CA ALA E 306 14.14 29.48 45.00
C ALA E 306 13.21 28.32 45.32
N ALA E 307 12.19 28.57 46.16
CA ALA E 307 11.23 27.54 46.52
C ALA E 307 10.50 26.95 45.32
N LEU E 308 10.56 27.59 44.15
CA LEU E 308 9.72 27.16 43.04
C LEU E 308 10.08 25.78 42.53
N ASP E 309 11.31 25.30 42.77
CA ASP E 309 11.70 24.00 42.26
C ASP E 309 11.28 22.85 43.17
N GLY E 310 10.65 23.11 44.31
CA GLY E 310 10.14 22.07 45.16
C GLY E 310 10.96 21.78 46.40
N ARG E 311 12.21 22.27 46.45
CA ARG E 311 13.02 22.12 47.66
C ARG E 311 12.22 22.59 48.86
N ASP E 312 12.50 21.98 50.01
CA ASP E 312 11.81 22.38 51.23
C ASP E 312 12.24 23.80 51.62
N LEU E 313 11.28 24.65 51.93
CA LEU E 313 11.61 26.02 52.30
C LEU E 313 10.42 26.61 53.06
N LYS E 314 10.60 26.84 54.36
CA LYS E 314 9.51 27.37 55.16
C LYS E 314 9.18 28.80 54.73
N TRP E 315 7.93 29.03 54.36
CA TRP E 315 7.49 30.37 54.01
C TRP E 315 7.69 31.31 55.19
N ILE E 316 8.10 32.54 54.89
CA ILE E 316 8.36 33.53 55.93
C ILE E 316 7.04 34.13 56.39
N LYS E 317 6.81 34.13 57.71
CA LYS E 317 5.64 34.79 58.28
C LYS E 317 5.90 36.30 58.40
N VAL E 318 4.98 37.10 57.91
CA VAL E 318 5.06 38.55 58.12
C VAL E 318 4.30 38.88 59.40
N ASN E 319 5.05 39.19 60.45
CA ASN E 319 4.45 39.40 61.78
C ASN E 319 3.42 40.52 61.74
N ASP E 320 2.42 40.39 62.60
CA ASP E 320 1.40 41.42 62.82
C ASP E 320 0.67 41.78 61.52
N THR E 321 0.32 40.74 60.75
CA THR E 321 -0.58 40.90 59.62
C THR E 321 -1.87 40.12 59.79
N LYS E 322 -2.17 39.65 60.99
CA LYS E 322 -3.38 38.89 61.20
C LYS E 322 -4.62 39.75 60.97
N GLY E 323 -5.62 39.16 60.33
CA GLY E 323 -6.88 39.85 60.13
C GLY E 323 -6.87 40.79 58.95
N CYS E 324 -5.81 40.81 58.15
CA CYS E 324 -5.75 41.66 56.98
C CYS E 324 -6.83 41.26 55.97
N HIS E 325 -7.13 42.18 55.04
CA HIS E 325 -8.02 41.85 53.93
C HIS E 325 -7.49 42.32 52.58
N LEU E 326 -6.41 43.07 52.53
CA LEU E 326 -5.82 43.40 51.25
C LEU E 326 -4.31 43.36 51.38
N LEU E 327 -3.66 43.14 50.24
CA LEU E 327 -2.21 43.15 50.11
C LEU E 327 -1.91 43.85 48.80
N ALA E 328 -0.96 44.76 48.81
CA ALA E 328 -0.50 45.39 47.58
C ALA E 328 1.01 45.29 47.51
N VAL E 329 1.52 44.98 46.33
CA VAL E 329 2.95 44.86 46.11
C VAL E 329 3.37 45.96 45.15
N GLY E 330 4.42 46.69 45.52
CA GLY E 330 4.88 47.77 44.66
C GLY E 330 5.24 47.26 43.29
N THR E 331 4.84 48.01 42.27
CA THR E 331 5.12 47.68 40.88
C THR E 331 5.75 48.89 40.20
N ASN E 332 6.73 48.62 39.33
CA ASN E 332 7.57 49.67 38.77
C ASN E 332 8.14 50.55 39.88
N ASN E 333 8.54 49.90 40.98
CA ASN E 333 9.01 50.63 42.15
C ASN E 333 10.18 51.54 41.76
N PRO E 334 10.17 52.81 42.22
CA PRO E 334 11.12 53.89 41.88
C PRO E 334 12.57 53.42 41.70
N ALA E 338 14.44 47.02 46.90
CA ALA E 338 14.29 48.34 47.50
C ALA E 338 12.82 48.73 47.59
N GLY E 339 11.92 47.81 47.24
CA GLY E 339 10.52 48.11 47.06
C GLY E 339 9.66 47.75 48.27
N PHE E 340 8.40 48.15 48.20
CA PHE E 340 7.51 48.11 49.35
C PHE E 340 6.33 47.17 49.07
N PHE E 341 5.69 46.72 50.14
CA PHE E 341 4.37 46.13 50.04
C PHE E 341 3.56 46.64 51.22
N ALA E 342 2.24 46.55 51.08
CA ALA E 342 1.35 47.18 52.04
C ALA E 342 0.22 46.22 52.36
N VAL E 343 -0.17 46.21 53.64
CA VAL E 343 -1.19 45.31 54.15
C VAL E 343 -2.26 46.16 54.81
N ALA E 344 -3.53 45.95 54.42
CA ALA E 344 -4.63 46.74 54.94
C ALA E 344 -5.38 46.01 56.04
N PHE E 345 -5.69 46.74 57.11
CA PHE E 345 -6.55 46.29 58.20
C PHE E 345 -7.82 47.14 58.16
N LYS E 346 -8.67 47.01 59.19
CA LYS E 346 -10.00 47.62 59.11
C LYS E 346 -9.93 49.15 59.06
N LYS E 347 -8.96 49.77 59.75
CA LYS E 347 -8.81 51.22 59.80
C LYS E 347 -7.35 51.65 59.75
N SER E 348 -6.50 50.86 59.10
CA SER E 348 -5.08 51.21 59.03
C SER E 348 -4.43 50.33 57.98
N VAL E 349 -3.20 50.69 57.65
CA VAL E 349 -2.37 49.99 56.67
C VAL E 349 -0.98 49.90 57.27
N THR E 350 -0.35 48.73 57.20
CA THR E 350 1.06 48.65 57.57
C THR E 350 1.87 48.49 56.30
N ILE E 351 2.84 49.38 56.11
CA ILE E 351 3.76 49.37 54.98
C ILE E 351 5.04 48.67 55.40
N PHE E 352 5.52 47.75 54.57
CA PHE E 352 6.73 46.99 54.81
C PHE E 352 7.68 47.21 53.64
N GLN E 353 8.98 47.15 53.92
CA GLN E 353 9.98 47.29 52.88
C GLN E 353 10.74 45.98 52.72
N ILE E 354 10.83 45.49 51.48
CA ILE E 354 11.67 44.32 51.19
C ILE E 354 13.13 44.65 51.43
N ASP E 355 13.87 43.70 52.01
CA ASP E 355 15.29 43.90 52.30
C ASP E 355 16.05 42.60 52.07
N ARG E 356 17.32 42.60 52.44
CA ARG E 356 18.21 41.49 52.18
C ARG E 356 18.50 40.65 53.43
N SER E 357 17.76 40.90 54.51
CA SER E 357 17.85 40.05 55.69
C SER E 357 17.28 38.68 55.39
N GLU E 358 17.42 37.78 56.37
CA GLU E 358 16.88 36.42 56.21
C GLU E 358 15.36 36.43 56.05
N LYS E 359 14.67 37.30 56.78
CA LYS E 359 13.22 37.41 56.69
C LYS E 359 12.75 38.16 55.45
N ARG E 360 13.67 38.83 54.75
CA ARG E 360 13.48 39.49 53.47
C ARG E 360 12.58 40.71 53.53
N HIS E 361 12.17 41.15 54.72
CA HIS E 361 11.33 42.33 54.87
C HIS E 361 11.54 42.95 56.24
N LYS E 362 11.17 44.22 56.34
CA LYS E 362 11.08 44.92 57.61
C LYS E 362 9.83 45.80 57.59
N LYS E 363 9.29 46.06 58.77
CA LYS E 363 8.22 47.03 58.91
C LYS E 363 8.75 48.42 58.61
N TRP E 364 7.99 49.21 57.84
CA TRP E 364 8.37 50.59 57.55
C TRP E 364 7.55 51.58 58.37
N LYS E 365 6.23 51.56 58.26
CA LYS E 365 5.38 52.54 58.93
C LYS E 365 3.94 52.04 59.00
N ASP E 366 3.27 52.36 60.11
CA ASP E 366 1.81 52.25 60.25
C ASP E 366 1.16 53.54 59.78
N LEU E 367 0.06 53.41 59.03
CA LEU E 367 -0.69 54.56 58.54
C LEU E 367 -2.14 54.45 59.02
N ALA E 368 -2.59 55.45 59.76
CA ALA E 368 -3.99 55.53 60.15
C ALA E 368 -4.88 55.75 58.92
N MET E 369 -6.03 55.09 58.89
CA MET E 369 -6.86 55.36 57.73
C MET E 369 -8.13 56.10 58.13
N PRO E 370 -8.64 56.98 57.26
CA PRO E 370 -9.85 57.73 57.61
C PRO E 370 -11.11 56.87 57.53
N GLY E 371 -11.18 55.93 56.58
CA GLY E 371 -12.21 54.92 56.57
C GLY E 371 -11.61 53.53 56.41
N THR E 372 -12.42 52.52 56.03
CA THR E 372 -11.88 51.17 55.82
C THR E 372 -11.38 51.03 54.38
N PRO E 373 -10.13 50.63 54.18
CA PRO E 373 -9.63 50.45 52.82
C PRO E 373 -10.51 49.47 52.05
N GLN E 374 -10.77 49.81 50.79
CA GLN E 374 -11.46 48.93 49.87
C GLN E 374 -10.59 48.52 48.68
N SER E 375 -9.52 49.27 48.41
CA SER E 375 -8.47 48.89 47.46
C SER E 375 -7.17 49.52 47.93
N ILE E 376 -6.05 48.84 47.66
CA ILE E 376 -4.70 49.36 47.92
C ILE E 376 -3.82 49.02 46.74
N ALA E 377 -2.93 49.94 46.41
CA ALA E 377 -1.97 49.71 45.34
C ALA E 377 -0.78 50.62 45.59
N ILE E 378 0.37 50.23 45.06
CA ILE E 378 1.58 51.02 45.19
C ILE E 378 2.20 51.16 43.81
N PHE E 379 2.40 52.41 43.38
CA PHE E 379 3.12 52.73 42.16
C PHE E 379 3.51 54.19 42.25
N ASN E 380 4.47 54.60 41.42
CA ASN E 380 5.03 55.95 41.47
C ASN E 380 5.46 56.32 42.88
N GLY E 381 5.99 55.34 43.62
CA GLY E 381 6.46 55.59 44.97
C GLY E 381 5.42 56.11 45.92
N ARG E 382 4.13 55.92 45.62
CA ARG E 382 3.04 56.32 46.50
C ARG E 382 2.10 55.15 46.73
N LEU E 383 1.47 55.14 47.90
CA LEU E 383 0.41 54.21 48.25
C LEU E 383 -0.95 54.86 47.99
N TYR E 384 -1.72 54.27 47.08
CA TYR E 384 -3.08 54.73 46.75
C TYR E 384 -4.10 53.83 47.43
N VAL E 385 -4.97 54.42 48.26
CA VAL E 385 -6.01 53.68 48.97
C VAL E 385 -7.38 54.17 48.49
N GLY E 386 -8.23 53.23 48.09
CA GLY E 386 -9.63 53.51 47.78
C GLY E 386 -10.55 53.23 48.95
N PHE E 387 -11.55 54.11 49.10
CA PHE E 387 -12.57 54.03 50.14
C PHE E 387 -13.93 54.15 49.46
N SER E 388 -15.01 54.09 50.24
CA SER E 388 -16.33 54.25 49.62
C SER E 388 -16.53 55.66 49.08
N HIS E 389 -15.97 56.68 49.74
CA HIS E 389 -16.18 58.07 49.31
C HIS E 389 -15.06 58.62 48.45
N SER E 390 -13.97 57.89 48.25
CA SER E 390 -12.77 58.64 47.91
C SER E 390 -11.62 57.69 47.62
N PHE E 391 -10.65 58.20 46.86
CA PHE E 391 -9.30 57.67 46.81
C PHE E 391 -8.36 58.69 47.43
N ARG E 392 -7.34 58.19 48.15
CA ARG E 392 -6.33 59.02 48.78
C ARG E 392 -4.97 58.38 48.53
N SER E 393 -3.92 59.19 48.64
CA SER E 393 -2.58 58.66 48.40
C SER E 393 -1.60 59.17 49.46
N TRP E 394 -0.57 58.37 49.71
CA TRP E 394 0.52 58.70 50.61
C TRP E 394 1.85 58.37 49.94
N SER E 395 2.90 59.07 50.35
CA SER E 395 4.23 58.82 49.80
C SER E 395 5.08 57.90 50.70
N HIS E 416 -1.63 63.39 53.98
CA HIS E 416 -1.86 62.71 52.71
C HIS E 416 -2.44 63.65 51.66
N ILE E 417 -2.78 63.09 50.51
CA ILE E 417 -3.34 63.83 49.37
C ILE E 417 -4.63 63.15 48.95
N SER E 418 -5.74 63.87 49.00
CA SER E 418 -6.99 63.32 48.52
C SER E 418 -7.07 63.45 47.00
N LEU E 419 -7.57 62.41 46.34
CA LEU E 419 -7.77 62.39 44.89
C LEU E 419 -9.20 62.71 44.50
N VAL E 420 -10.04 63.03 45.46
CA VAL E 420 -11.37 63.57 45.21
C VAL E 420 -11.37 64.93 45.89
N ASN E 421 -11.13 65.99 45.12
CA ASN E 421 -10.97 67.32 45.67
C ASN E 421 -12.28 67.84 46.26
N MET E 422 -12.22 68.28 47.52
CA MET E 422 -13.42 68.72 48.23
C MET E 422 -14.14 69.85 47.50
N GLU E 423 -13.41 70.72 46.81
CA GLU E 423 -13.99 71.95 46.29
C GLU E 423 -14.39 71.87 44.82
N ASP E 424 -14.27 70.71 44.18
CA ASP E 424 -14.86 70.50 42.86
C ASP E 424 -16.34 70.17 43.08
N THR E 425 -17.22 71.09 42.68
CA THR E 425 -18.64 70.86 42.93
C THR E 425 -19.13 69.65 42.13
N SER E 426 -18.57 69.44 40.95
CA SER E 426 -18.91 68.29 40.12
C SER E 426 -18.51 66.95 40.75
N LEU E 427 -17.88 66.99 41.91
CA LEU E 427 -17.51 65.76 42.61
C LEU E 427 -18.17 65.65 43.98
N GLN E 428 -18.99 66.63 44.36
CA GLN E 428 -19.69 66.60 45.64
C GLN E 428 -20.71 65.47 45.71
N PHE E 429 -21.12 64.91 44.57
CA PHE E 429 -22.04 63.78 44.60
C PHE E 429 -21.43 62.61 45.36
N LEU E 430 -20.11 62.42 45.27
CA LEU E 430 -19.43 61.32 45.96
C LEU E 430 -19.48 61.46 47.47
N ASN E 431 -19.81 62.64 47.98
CA ASN E 431 -19.98 62.84 49.42
C ASN E 431 -21.23 62.15 49.94
N GLN E 432 -22.24 62.02 49.09
CA GLN E 432 -23.54 61.46 49.45
C GLN E 432 -23.82 60.17 48.67
N GLN E 433 -22.80 59.32 48.53
CA GLN E 433 -22.91 58.08 47.75
C GLN E 433 -22.47 56.93 48.63
N THR E 434 -23.35 56.55 49.56
CA THR E 434 -23.14 55.41 50.46
C THR E 434 -23.38 54.06 49.80
N SER E 435 -23.66 54.04 48.50
CA SER E 435 -23.71 52.81 47.74
C SER E 435 -22.43 52.56 46.95
N TYR E 436 -21.47 53.48 46.98
CA TYR E 436 -20.26 53.36 46.18
C TYR E 436 -19.19 52.58 46.92
N GLU E 437 -18.40 51.82 46.17
CA GLU E 437 -17.30 51.03 46.70
C GLU E 437 -16.13 51.20 45.76
N ALA E 438 -14.99 51.61 46.30
CA ALA E 438 -13.79 51.70 45.49
C ALA E 438 -13.35 50.30 45.09
N LYS E 439 -12.83 50.19 43.88
CA LYS E 439 -12.29 48.94 43.41
C LYS E 439 -10.83 49.05 42.97
N LEU E 440 -10.43 50.17 42.40
CA LEU E 440 -9.21 50.14 41.62
C LEU E 440 -8.87 51.54 41.13
N ILE E 441 -7.60 51.95 41.21
CA ILE E 441 -7.17 53.23 40.66
C ILE E 441 -6.16 52.95 39.56
N VAL E 442 -6.22 53.75 38.49
CA VAL E 442 -5.40 53.54 37.31
C VAL E 442 -4.68 54.84 36.97
N ASN E 443 -3.37 54.74 36.79
CA ASN E 443 -2.61 55.78 36.10
C ASN E 443 -2.96 55.72 34.61
N VAL E 444 -3.70 56.71 34.12
CA VAL E 444 -4.12 56.75 32.72
C VAL E 444 -2.89 56.76 31.82
N PRO E 445 -2.65 55.70 31.04
CA PRO E 445 -1.49 55.72 30.14
C PRO E 445 -1.62 56.82 29.10
N GLY E 446 -0.50 57.45 28.77
CA GLY E 446 -0.54 58.59 27.88
C GLY E 446 -0.85 59.88 28.59
N SER E 447 -1.93 59.91 29.36
CA SER E 447 -2.29 61.09 30.13
C SER E 447 -1.37 61.20 31.34
N PRO E 448 -0.46 62.16 31.38
CA PRO E 448 0.56 62.15 32.43
C PRO E 448 -0.04 62.36 33.81
N ASP E 449 -0.88 63.39 33.93
CA ASP E 449 -1.39 63.82 35.21
C ASP E 449 -2.86 63.45 35.40
N GLU E 450 -3.24 62.21 35.06
CA GLU E 450 -4.63 61.78 35.10
C GLU E 450 -4.76 60.41 35.72
N TYR E 451 -5.81 60.22 36.50
CA TYR E 451 -6.16 58.95 37.09
C TYR E 451 -7.58 58.58 36.73
N LEU E 452 -7.83 57.27 36.59
CA LEU E 452 -9.18 56.73 36.54
C LEU E 452 -9.49 56.11 37.89
N LEU E 453 -10.53 56.62 38.54
CA LEU E 453 -11.01 56.06 39.80
C LEU E 453 -12.13 55.08 39.47
N VAL E 454 -11.91 53.80 39.72
CA VAL E 454 -12.88 52.79 39.37
C VAL E 454 -13.66 52.42 40.62
N PHE E 455 -14.95 52.76 40.62
CA PHE E 455 -15.89 52.34 41.64
C PHE E 455 -16.74 51.21 41.07
N ASN E 456 -17.52 50.57 41.94
CA ASN E 456 -18.51 49.62 41.45
C ASN E 456 -19.43 50.28 40.41
N MET E 457 -19.83 51.54 40.62
CA MET E 457 -20.88 52.13 39.79
C MET E 457 -20.35 52.82 38.54
N ILE E 458 -19.22 53.51 38.63
CA ILE E 458 -18.72 54.33 37.53
C ILE E 458 -17.19 54.25 37.55
N GLY E 459 -16.59 54.68 36.43
CA GLY E 459 -15.20 55.10 36.40
C GLY E 459 -15.14 56.61 36.21
N LEU E 460 -14.33 57.27 37.05
CA LEU E 460 -14.30 58.73 37.14
C LEU E 460 -12.88 59.27 36.92
N TYR E 461 -12.73 60.19 35.96
CA TYR E 461 -11.43 60.74 35.61
C TYR E 461 -11.14 62.00 36.41
N VAL E 462 -10.01 61.99 37.14
CA VAL E 462 -9.53 63.13 37.91
C VAL E 462 -8.04 63.33 37.63
N ASN E 463 -7.58 64.57 37.86
CA ASN E 463 -6.19 64.93 37.61
C ASN E 463 -5.38 64.83 38.91
N GLU E 464 -4.15 65.32 38.89
CA GLU E 464 -3.27 65.21 40.05
C GLU E 464 -3.84 65.93 41.28
N MET E 465 -4.72 66.91 41.09
CA MET E 465 -5.26 67.68 42.20
C MET E 465 -6.61 67.17 42.69
N GLY E 466 -7.06 66.02 42.21
CA GLY E 466 -8.38 65.56 42.59
C GLY E 466 -9.51 66.34 41.98
N ARG E 467 -9.26 67.13 40.94
CA ARG E 467 -10.32 67.80 40.20
C ARG E 467 -10.72 66.96 38.98
N ARG E 468 -11.95 67.18 38.50
CA ARG E 468 -12.47 66.40 37.38
C ARG E 468 -11.72 66.76 36.10
N SER E 469 -11.35 65.73 35.32
CA SER E 469 -10.61 65.96 34.08
C SER E 469 -11.35 65.50 32.84
N ARG E 470 -12.35 64.66 32.95
CA ARG E 470 -13.23 64.38 31.82
C ARG E 470 -14.68 64.45 32.30
N LEU E 471 -15.55 65.05 31.48
CA LEU E 471 -16.95 65.16 31.88
C LEU E 471 -17.65 63.81 31.85
N PRO E 472 -17.64 63.03 30.75
CA PRO E 472 -18.27 61.71 30.80
C PRO E 472 -17.53 60.77 31.74
N GLU E 473 -18.27 59.83 32.30
CA GLU E 473 -17.75 58.81 33.19
C GLU E 473 -17.94 57.46 32.53
N VAL E 474 -17.04 56.51 32.85
CA VAL E 474 -17.13 55.17 32.25
C VAL E 474 -18.34 54.46 32.82
N MET E 475 -19.17 53.90 31.94
CA MET E 475 -20.43 53.28 32.31
C MET E 475 -20.32 51.76 32.14
N PHE E 476 -20.83 51.01 33.12
CA PHE E 476 -20.78 49.54 33.09
C PHE E 476 -22.14 48.96 32.77
N PRO E 477 -22.24 48.05 31.81
CA PRO E 477 -23.57 47.58 31.41
C PRO E 477 -24.28 46.79 32.51
N THR E 478 -23.53 46.18 33.42
CA THR E 478 -24.05 45.18 34.34
C THR E 478 -23.28 45.31 35.65
N GLN E 479 -23.97 45.01 36.75
CA GLN E 479 -23.29 44.90 38.03
C GLN E 479 -22.11 43.94 37.92
N ALA E 480 -20.95 44.43 38.34
CA ALA E 480 -19.70 43.70 38.22
C ALA E 480 -19.49 42.77 39.39
N LYS E 481 -18.98 41.56 39.09
CA LYS E 481 -18.55 40.60 40.11
C LYS E 481 -17.06 40.77 40.44
N TYR E 482 -16.23 41.04 39.44
CA TYR E 482 -14.82 41.30 39.67
C TYR E 482 -14.33 42.37 38.70
N PHE E 483 -13.31 43.11 39.13
CA PHE E 483 -12.59 44.10 38.33
C PHE E 483 -11.12 43.72 38.27
N ALA E 484 -10.50 43.95 37.12
CA ALA E 484 -9.07 43.81 37.00
C ALA E 484 -8.59 44.78 35.94
N TYR E 485 -7.28 45.02 35.92
CA TYR E 485 -6.68 45.95 34.98
C TYR E 485 -5.45 45.30 34.36
N HIS E 486 -5.38 45.34 33.03
CA HIS E 486 -4.22 44.90 32.25
C HIS E 486 -3.99 45.98 31.21
N GLU E 487 -3.06 46.89 31.51
CA GLU E 487 -2.77 48.13 30.78
C GLU E 487 -2.92 47.97 29.28
N PRO E 488 -3.77 48.80 28.60
CA PRO E 488 -4.58 49.85 29.21
C PRO E 488 -6.04 49.49 29.46
N TYR E 489 -6.38 48.20 29.52
CA TYR E 489 -7.77 47.77 29.49
C TYR E 489 -8.31 47.53 30.88
N LEU E 490 -9.43 48.19 31.19
CA LEU E 490 -10.22 47.84 32.37
C LEU E 490 -11.12 46.66 32.02
N CYS E 491 -11.06 45.62 32.85
CA CYS E 491 -11.77 44.36 32.62
C CYS E 491 -12.84 44.24 33.70
N VAL E 492 -14.09 44.09 33.28
CA VAL E 492 -15.21 44.11 34.21
C VAL E 492 -15.98 42.81 34.04
N PHE E 493 -15.86 41.93 35.03
CA PHE E 493 -16.39 40.59 34.96
C PHE E 493 -17.81 40.58 35.52
N SER E 494 -18.77 40.12 34.71
CA SER E 494 -20.10 39.85 35.22
C SER E 494 -20.48 38.43 34.83
N GLU E 495 -21.70 38.02 35.20
CA GLU E 495 -22.09 36.62 35.10
C GLU E 495 -21.86 36.03 33.71
N ASN E 496 -22.10 36.82 32.66
CA ASN E 496 -22.13 36.29 31.31
C ASN E 496 -21.05 36.86 30.41
N GLU E 497 -20.23 37.79 30.89
CA GLU E 497 -19.24 38.37 29.99
C GLU E 497 -18.15 39.08 30.78
N VAL E 498 -17.09 39.43 30.06
CA VAL E 498 -16.07 40.34 30.55
C VAL E 498 -16.06 41.55 29.63
N ASP E 499 -16.32 42.71 30.17
CA ASP E 499 -16.40 43.91 29.34
C ASP E 499 -15.10 44.69 29.44
N ILE E 500 -14.53 45.00 28.28
CA ILE E 500 -13.18 45.55 28.16
C ILE E 500 -13.29 47.02 27.82
N PHE E 501 -12.65 47.88 28.62
CA PHE E 501 -12.69 49.32 28.43
C PHE E 501 -11.27 49.83 28.29
N ASN E 502 -10.98 50.47 27.17
CA ASN E 502 -9.70 51.14 27.00
C ASN E 502 -9.68 52.40 27.87
N VAL E 503 -8.85 52.39 28.91
CA VAL E 503 -8.86 53.47 29.89
C VAL E 503 -8.35 54.77 29.29
N THR E 504 -7.41 54.71 28.34
CA THR E 504 -6.93 55.95 27.73
C THR E 504 -8.03 56.60 26.89
N LEU E 505 -8.79 55.80 26.14
CA LEU E 505 -9.84 56.33 25.27
C LEU E 505 -11.19 56.48 25.97
N ALA E 506 -11.32 55.99 27.20
CA ALA E 506 -12.59 55.94 27.91
C ALA E 506 -13.66 55.32 27.01
N GLU E 507 -13.33 54.15 26.46
CA GLU E 507 -14.11 53.57 25.37
C GLU E 507 -14.35 52.10 25.65
N TRP E 508 -15.57 51.64 25.37
CA TRP E 508 -15.97 50.25 25.56
C TRP E 508 -15.60 49.51 24.28
N VAL E 509 -14.55 48.69 24.32
CA VAL E 509 -13.99 48.16 23.08
C VAL E 509 -14.32 46.69 22.84
N GLN E 510 -14.84 45.99 23.83
CA GLN E 510 -15.06 44.57 23.61
C GLN E 510 -15.99 44.03 24.67
N THR E 511 -16.81 43.06 24.26
CA THR E 511 -17.54 42.20 25.17
C THR E 511 -17.05 40.78 24.94
N ILE E 512 -16.47 40.17 25.97
CA ILE E 512 -16.03 38.79 25.93
C ILE E 512 -17.08 37.93 26.63
N ASN E 513 -17.80 37.11 25.87
CA ASN E 513 -18.87 36.29 26.43
C ASN E 513 -18.28 34.99 26.95
N LEU E 514 -18.25 34.85 28.27
CA LEU E 514 -17.85 33.64 28.96
C LEU E 514 -18.81 33.44 30.12
N ARG E 515 -19.08 32.19 30.46
CA ARG E 515 -19.97 31.93 31.58
C ARG E 515 -19.17 31.89 32.89
N SER E 516 -19.50 32.80 33.81
CA SER E 516 -18.99 32.78 35.18
C SER E 516 -17.47 32.88 35.22
N ALA E 517 -16.92 33.81 34.44
CA ALA E 517 -15.50 34.02 34.43
C ALA E 517 -15.04 34.71 35.72
N LYS E 518 -13.90 34.28 36.25
CA LYS E 518 -13.36 34.76 37.53
C LYS E 518 -11.87 34.99 37.31
N PRO E 519 -11.35 36.18 37.63
CA PRO E 519 -9.91 36.40 37.48
C PRO E 519 -9.15 35.65 38.55
N LEU E 520 -7.99 35.09 38.15
CA LEU E 520 -7.05 34.43 39.05
C LEU E 520 -5.75 35.20 39.22
N SER E 521 -5.21 35.77 38.14
CA SER E 521 -4.11 36.70 38.25
C SER E 521 -4.63 38.09 38.63
N GLY E 522 -3.72 38.89 39.19
CA GLY E 522 -4.11 40.23 39.64
C GLY E 522 -4.54 41.13 38.51
N ASP E 523 -4.02 40.91 37.31
CA ASP E 523 -4.40 41.70 36.16
C ASP E 523 -5.46 41.02 35.29
N GLY E 524 -6.07 39.93 35.76
CA GLY E 524 -7.20 39.30 35.11
C GLY E 524 -6.87 38.49 33.87
N ILE E 525 -5.70 38.70 33.29
CA ILE E 525 -5.20 37.97 32.13
C ILE E 525 -5.39 36.46 32.26
N LEU E 526 -5.32 35.92 33.48
CA LEU E 526 -5.47 34.49 33.70
C LEU E 526 -6.73 34.25 34.52
N SER E 527 -7.65 33.45 33.97
CA SER E 527 -8.98 33.36 34.54
C SER E 527 -9.49 31.93 34.48
N THR E 528 -10.52 31.67 35.28
CA THR E 528 -11.32 30.47 35.18
C THR E 528 -12.73 30.81 34.68
N CYS E 529 -13.32 29.87 33.94
CA CYS E 529 -14.70 30.02 33.47
C CYS E 529 -15.24 28.63 33.16
N LEU E 530 -16.53 28.58 32.84
CA LEU E 530 -17.17 27.31 32.53
C LEU E 530 -17.28 27.13 31.02
N CYS E 531 -16.98 25.92 30.56
CA CYS E 531 -17.04 25.57 29.15
C CYS E 531 -17.75 24.22 29.09
N ASN E 532 -18.98 24.22 28.56
CA ASN E 532 -19.86 23.06 28.61
C ASN E 532 -19.97 22.53 30.04
N ASP E 533 -20.29 23.44 30.96
CA ASP E 533 -20.42 23.20 32.39
C ASP E 533 -19.14 22.73 33.08
N SER E 534 -18.02 22.62 32.35
CA SER E 534 -16.85 22.19 33.12
C SER E 534 -15.81 23.30 33.22
N PRO E 535 -15.16 23.45 34.38
CA PRO E 535 -14.26 24.59 34.58
C PRO E 535 -13.00 24.47 33.75
N ILE E 536 -12.57 25.60 33.20
CA ILE E 536 -11.35 25.66 32.40
C ILE E 536 -10.50 26.84 32.85
N PHE E 537 -9.23 26.80 32.44
CA PHE E 537 -8.24 27.85 32.68
C PHE E 537 -8.04 28.56 31.35
N VAL E 538 -8.26 29.86 31.33
CA VAL E 538 -8.24 30.62 30.09
C VAL E 538 -7.27 31.77 30.20
N LEU E 539 -6.64 32.07 29.07
CA LEU E 539 -5.77 33.22 28.91
C LEU E 539 -6.49 34.26 28.07
N LEU E 540 -6.64 35.47 28.62
CA LEU E 540 -7.05 36.62 27.81
C LEU E 540 -5.83 37.19 27.11
N GLN E 541 -5.64 36.86 25.84
CA GLN E 541 -4.42 37.20 25.11
C GLN E 541 -4.55 38.59 24.52
N ASN E 542 -3.82 39.54 25.10
CA ASN E 542 -3.77 40.90 24.60
C ASN E 542 -3.27 40.89 23.16
N VAL E 543 -4.12 41.26 22.20
CA VAL E 543 -3.77 41.14 20.79
C VAL E 543 -2.68 42.11 20.34
N LEU E 544 -2.26 43.03 21.20
CA LEU E 544 -1.15 43.90 20.80
C LEU E 544 0.22 43.26 21.01
N GLN E 545 0.31 42.27 21.91
CA GLN E 545 1.59 41.69 22.31
C GLN E 545 2.20 40.88 21.18
N ASP E 546 3.51 40.66 21.28
CA ASP E 546 4.25 39.96 20.25
C ASP E 546 4.02 38.45 20.32
N GLN E 547 3.95 37.90 21.54
CA GLN E 547 3.66 36.50 21.75
C GLN E 547 2.71 36.39 22.93
N ASP E 548 2.15 35.19 23.12
CA ASP E 548 1.19 34.97 24.20
C ASP E 548 1.86 35.18 25.56
N SER E 549 1.08 35.66 26.53
CA SER E 549 1.64 35.97 27.84
C SER E 549 2.17 34.72 28.54
N ILE E 550 1.62 33.54 28.23
CA ILE E 550 2.17 32.27 28.67
C ILE E 550 2.09 31.30 27.49
N GLU E 551 3.00 30.33 27.50
CA GLU E 551 3.06 29.30 26.45
C GLU E 551 1.84 28.39 26.59
N VAL E 552 0.87 28.55 25.69
CA VAL E 552 -0.31 27.70 25.71
C VAL E 552 0.01 26.37 25.05
N PRO E 553 -0.16 25.25 25.76
CA PRO E 553 0.07 23.94 25.11
C PRO E 553 -0.93 23.76 23.97
N VAL E 554 -0.41 23.32 22.82
CA VAL E 554 -1.22 23.29 21.60
C VAL E 554 -2.24 22.16 21.71
N ASN E 555 -3.52 22.54 21.78
CA ASN E 555 -4.61 21.59 21.99
C ASN E 555 -5.50 21.53 20.74
#